data_9I2W
#
_entry.id   9I2W
#
_cell.length_a   276.476
_cell.length_b   276.476
_cell.length_c   391.895
_cell.angle_alpha   90
_cell.angle_beta   90
_cell.angle_gamma   90
#
_symmetry.space_group_name_H-M   'I 4 2 2'
#
loop_
_entity.id
_entity.type
_entity.pdbx_description
1 polymer 'Alpha-methylacyl-CoA racemase'
2 non-polymer (S)-Flurbiprofenoyl-CoA
3 water water
#
_entity_poly.entity_id   1
_entity_poly.type   'polypeptide(L)'
_entity_poly.pdbx_seq_one_letter_code
;MAGPLSGLRVVELAGIGPGPHAAMILGDLGADVVRIDRPSSVDGISRDAMLRNRRIVTADLKSDQGLELALKLIAKADVL
IEGYRPGVTERLGLGPEECAKVNDRLIYARMTGWGQTGPRSQQAGHDINYISLNGILHAIGRGDERPVPPLNLVGDFGGG
SMFLLVGILAALWERQSSGKGQVVDAAMVDGSSVLIQMMWAMRATGMWTDTRGANMLDGGAPYYDTYECADGRYVAVGAI
EPQFYAAMLAGLGLDAAELPPQNDRARWPELRALLTEAFASHDRDHWGAVFANSDACVTPVLAFGEVHNEPHIIERNTFY
EANGGWQPMPAPRFSRTASSQPRPPAATIDIEAVLTDWDGGSGC
;
_entity_poly.pdbx_strand_id   A,B,C,D,E,F,G,H,I,J,K,L
#
loop_
_chem_comp.id
_chem_comp.type
_chem_comp.name
_chem_comp.formula
A1IZA non-polymer (S)-Flurbiprofenoyl-CoA 'C36 H47 F N7 O17 P3 S'
#
# COMPACT_ATOMS: atom_id res chain seq x y z
N MET A 1 -59.20 -20.96 -31.57
CA MET A 1 -59.25 -20.87 -30.09
C MET A 1 -60.31 -19.85 -29.64
N ALA A 2 -61.29 -20.30 -28.84
CA ALA A 2 -62.45 -19.49 -28.46
C ALA A 2 -62.12 -18.51 -27.32
N GLY A 3 -62.78 -17.34 -27.32
CA GLY A 3 -62.76 -16.48 -26.16
C GLY A 3 -62.18 -15.12 -26.50
N PRO A 4 -62.34 -14.11 -25.63
CA PRO A 4 -62.00 -12.74 -25.99
C PRO A 4 -60.52 -12.49 -26.17
N LEU A 5 -59.69 -13.44 -25.71
CA LEU A 5 -58.25 -13.29 -25.72
C LEU A 5 -57.69 -14.19 -26.80
N SER A 6 -58.50 -14.46 -27.83
CA SER A 6 -58.03 -15.16 -29.01
C SER A 6 -56.93 -14.32 -29.68
N GLY A 7 -55.85 -15.02 -30.07
CA GLY A 7 -54.72 -14.40 -30.74
C GLY A 7 -53.60 -14.04 -29.77
N LEU A 8 -53.93 -13.82 -28.49
CA LEU A 8 -52.94 -13.37 -27.54
C LEU A 8 -51.95 -14.49 -27.25
N ARG A 9 -50.66 -14.15 -27.23
CA ARG A 9 -49.58 -15.13 -27.15
C ARG A 9 -48.78 -14.92 -25.88
N VAL A 10 -48.59 -16.02 -25.13
CA VAL A 10 -48.14 -15.87 -23.76
C VAL A 10 -47.05 -16.90 -23.48
N VAL A 11 -45.95 -16.39 -22.91
CA VAL A 11 -44.89 -17.26 -22.44
C VAL A 11 -44.90 -17.24 -20.92
N GLU A 12 -44.91 -18.45 -20.37
CA GLU A 12 -44.96 -18.65 -18.92
C GLU A 12 -43.76 -19.47 -18.48
N LEU A 13 -42.89 -18.84 -17.70
CA LEU A 13 -41.78 -19.55 -17.07
C LEU A 13 -42.31 -20.25 -15.82
N ALA A 14 -42.37 -21.59 -15.90
CA ALA A 14 -43.03 -22.41 -14.89
C ALA A 14 -42.57 -22.02 -13.48
N GLY A 15 -43.55 -21.59 -12.68
CA GLY A 15 -43.42 -21.40 -11.25
C GLY A 15 -44.53 -22.14 -10.51
N ILE A 16 -44.86 -21.64 -9.31
CA ILE A 16 -45.94 -22.21 -8.51
C ILE A 16 -46.90 -21.12 -8.05
N GLY A 17 -48.19 -21.48 -8.00
CA GLY A 17 -49.17 -20.63 -7.34
C GLY A 17 -49.71 -19.51 -8.25
N PRO A 18 -49.50 -18.23 -7.94
CA PRO A 18 -50.10 -17.15 -8.72
C PRO A 18 -49.77 -17.20 -10.20
N GLY A 19 -48.46 -17.21 -10.50
CA GLY A 19 -47.97 -17.30 -11.86
C GLY A 19 -48.79 -18.26 -12.72
N PRO A 20 -48.91 -19.55 -12.37
CA PRO A 20 -49.74 -20.43 -13.16
C PRO A 20 -51.24 -20.13 -13.12
N HIS A 21 -51.71 -19.43 -12.09
CA HIS A 21 -53.15 -19.20 -11.94
C HIS A 21 -53.54 -18.18 -12.99
N ALA A 22 -52.81 -17.07 -13.01
CA ALA A 22 -52.82 -16.09 -14.10
C ALA A 22 -52.79 -16.74 -15.47
N ALA A 23 -51.79 -17.59 -15.71
CA ALA A 23 -51.63 -18.19 -17.02
C ALA A 23 -52.85 -19.04 -17.35
N MET A 24 -53.33 -19.80 -16.36
CA MET A 24 -54.55 -20.57 -16.55
C MET A 24 -55.68 -19.69 -17.08
N ILE A 25 -55.92 -18.58 -16.39
CA ILE A 25 -57.08 -17.76 -16.74
C ILE A 25 -56.90 -17.26 -18.18
N LEU A 26 -55.73 -16.70 -18.53
CA LEU A 26 -55.45 -16.23 -19.87
C LEU A 26 -55.79 -17.33 -20.88
N GLY A 27 -55.26 -18.52 -20.64
CA GLY A 27 -55.61 -19.68 -21.43
C GLY A 27 -57.12 -19.91 -21.49
N ASP A 28 -57.77 -19.88 -20.31
CA ASP A 28 -59.22 -20.09 -20.17
C ASP A 28 -59.98 -19.20 -21.15
N LEU A 29 -59.56 -17.93 -21.27
CA LEU A 29 -60.25 -16.93 -22.07
C LEU A 29 -59.78 -16.88 -23.53
N GLY A 30 -58.97 -17.85 -24.00
CA GLY A 30 -58.62 -17.90 -25.41
C GLY A 30 -57.14 -17.68 -25.77
N ALA A 31 -56.33 -17.07 -24.89
CA ALA A 31 -54.91 -16.84 -25.14
C ALA A 31 -54.19 -18.13 -25.51
N ASP A 32 -53.09 -17.97 -26.28
CA ASP A 32 -52.18 -19.06 -26.64
C ASP A 32 -51.02 -19.09 -25.66
N VAL A 33 -51.03 -20.11 -24.79
CA VAL A 33 -50.19 -20.10 -23.61
C VAL A 33 -49.16 -21.22 -23.77
N VAL A 34 -47.89 -20.78 -23.75
CA VAL A 34 -46.77 -21.68 -23.86
C VAL A 34 -45.99 -21.63 -22.54
N ARG A 35 -45.90 -22.81 -21.93
CA ARG A 35 -45.26 -22.94 -20.64
C ARG A 35 -43.91 -23.63 -20.81
N ILE A 36 -42.83 -22.92 -20.42
CA ILE A 36 -41.49 -23.48 -20.45
C ILE A 36 -41.15 -24.03 -19.06
N ASP A 37 -41.09 -25.36 -18.93
CA ASP A 37 -40.64 -25.98 -17.68
C ASP A 37 -39.19 -26.47 -17.84
N ARG A 38 -38.50 -26.64 -16.70
CA ARG A 38 -37.20 -27.30 -16.66
C ARG A 38 -37.38 -28.79 -16.96
N PRO A 39 -36.41 -29.49 -17.61
CA PRO A 39 -36.56 -30.91 -17.92
C PRO A 39 -36.39 -31.85 -16.72
N SER A 40 -35.63 -31.41 -15.70
CA SER A 40 -35.34 -32.22 -14.52
C SER A 40 -36.60 -32.47 -13.67
N SER A 41 -37.68 -31.71 -13.90
CA SER A 41 -39.04 -32.15 -13.57
C SER A 41 -39.75 -32.58 -14.86
N VAL A 42 -41.10 -32.60 -14.88
CA VAL A 42 -41.90 -33.06 -16.01
C VAL A 42 -41.62 -34.55 -16.25
N ASP A 43 -42.71 -35.34 -16.27
CA ASP A 43 -42.63 -36.78 -16.19
C ASP A 43 -43.99 -37.37 -16.52
N GLY A 44 -44.33 -37.42 -17.82
CA GLY A 44 -45.64 -37.89 -18.29
C GLY A 44 -46.58 -36.73 -18.59
N ILE A 45 -47.90 -37.01 -18.63
CA ILE A 45 -48.92 -35.97 -18.78
C ILE A 45 -49.37 -35.51 -17.39
N SER A 46 -49.34 -34.18 -17.17
CA SER A 46 -49.41 -33.55 -15.85
C SER A 46 -50.76 -33.75 -15.17
N ARG A 47 -50.73 -33.90 -13.84
CA ARG A 47 -51.90 -34.25 -13.06
C ARG A 47 -52.54 -33.00 -12.46
N ASP A 48 -51.84 -31.85 -12.55
CA ASP A 48 -52.35 -30.58 -12.04
C ASP A 48 -53.31 -29.99 -13.06
N ALA A 49 -54.60 -29.97 -12.72
CA ALA A 49 -55.61 -29.36 -13.56
C ALA A 49 -55.42 -27.86 -13.67
N MET A 50 -54.56 -27.24 -12.83
CA MET A 50 -54.26 -25.82 -12.96
C MET A 50 -53.46 -25.54 -14.24
N LEU A 51 -52.86 -26.58 -14.82
CA LEU A 51 -52.05 -26.44 -16.03
C LEU A 51 -52.87 -26.74 -17.29
N ARG A 52 -54.19 -26.64 -17.22
CA ARG A 52 -55.03 -26.71 -18.40
C ARG A 52 -54.80 -25.48 -19.28
N ASN A 53 -55.34 -25.55 -20.50
CA ASN A 53 -55.23 -24.53 -21.55
C ASN A 53 -53.77 -24.10 -21.79
N ARG A 54 -52.91 -25.10 -22.00
CA ARG A 54 -51.46 -24.97 -21.98
C ARG A 54 -50.83 -25.85 -23.06
N ARG A 55 -49.87 -25.27 -23.78
CA ARG A 55 -48.79 -26.07 -24.36
C ARG A 55 -47.56 -25.99 -23.44
N ILE A 56 -47.09 -27.17 -23.01
CA ILE A 56 -45.88 -27.35 -22.19
C ILE A 56 -44.65 -27.61 -23.06
N VAL A 57 -43.54 -26.93 -22.76
CA VAL A 57 -42.28 -27.26 -23.39
C VAL A 57 -41.19 -27.42 -22.33
N THR A 58 -40.34 -28.42 -22.56
CA THR A 58 -39.10 -28.69 -21.82
C THR A 58 -37.99 -27.80 -22.37
N ALA A 59 -37.08 -27.32 -21.50
CA ALA A 59 -35.97 -26.48 -21.94
C ALA A 59 -35.09 -26.00 -20.77
N ASP A 60 -33.92 -26.64 -20.64
CA ASP A 60 -32.85 -26.23 -19.73
C ASP A 60 -32.45 -24.79 -20.06
N LEU A 61 -32.87 -23.82 -19.24
CA LEU A 61 -32.56 -22.41 -19.47
C LEU A 61 -31.15 -22.11 -19.00
N LYS A 62 -30.48 -23.09 -18.39
CA LYS A 62 -29.10 -22.89 -17.97
C LYS A 62 -28.20 -23.00 -19.20
N SER A 63 -28.47 -23.98 -20.08
CA SER A 63 -27.72 -24.16 -21.31
C SER A 63 -27.89 -22.94 -22.22
N ASP A 64 -26.96 -22.74 -23.15
CA ASP A 64 -27.00 -21.61 -24.07
C ASP A 64 -28.04 -21.81 -25.16
N GLN A 65 -28.27 -23.09 -25.51
CA GLN A 65 -29.32 -23.49 -26.44
C GLN A 65 -30.68 -23.08 -25.88
N GLY A 66 -30.98 -23.56 -24.66
CA GLY A 66 -32.15 -23.17 -23.89
C GLY A 66 -32.37 -21.66 -23.93
N LEU A 67 -31.44 -20.88 -23.39
CA LEU A 67 -31.58 -19.43 -23.32
C LEU A 67 -32.03 -18.91 -24.67
N GLU A 68 -31.41 -19.38 -25.77
CA GLU A 68 -31.63 -18.75 -27.05
C GLU A 68 -33.02 -19.14 -27.55
N LEU A 69 -33.35 -20.43 -27.50
CA LEU A 69 -34.68 -20.91 -27.86
C LEU A 69 -35.77 -20.16 -27.10
N ALA A 70 -35.69 -20.18 -25.76
CA ALA A 70 -36.54 -19.34 -24.94
C ALA A 70 -36.68 -17.96 -25.57
N LEU A 71 -35.53 -17.32 -25.86
CA LEU A 71 -35.48 -15.93 -26.32
C LEU A 71 -36.16 -15.75 -27.68
N LYS A 72 -36.27 -16.82 -28.47
CA LYS A 72 -36.98 -16.79 -29.73
C LYS A 72 -38.49 -16.74 -29.49
N LEU A 73 -39.00 -17.61 -28.60
CA LEU A 73 -40.42 -17.59 -28.23
C LEU A 73 -40.79 -16.20 -27.73
N ILE A 74 -40.04 -15.68 -26.78
CA ILE A 74 -40.41 -14.39 -26.21
C ILE A 74 -40.55 -13.36 -27.33
N ALA A 75 -39.67 -13.41 -28.35
CA ALA A 75 -39.69 -12.43 -29.42
C ALA A 75 -41.05 -12.42 -30.10
N LYS A 76 -41.58 -13.62 -30.34
CA LYS A 76 -42.79 -13.82 -31.13
C LYS A 76 -44.06 -13.78 -30.26
N ALA A 77 -44.01 -13.15 -29.08
CA ALA A 77 -45.08 -13.29 -28.10
C ALA A 77 -45.47 -11.94 -27.53
N ASP A 78 -46.66 -11.91 -26.92
CA ASP A 78 -47.20 -10.67 -26.39
C ASP A 78 -46.82 -10.50 -24.92
N VAL A 79 -46.73 -11.64 -24.22
CA VAL A 79 -46.61 -11.57 -22.77
C VAL A 79 -45.67 -12.66 -22.25
N LEU A 80 -44.87 -12.21 -21.28
CA LEU A 80 -44.09 -13.12 -20.46
C LEU A 80 -44.54 -13.04 -19.00
N ILE A 81 -44.78 -14.23 -18.44
CA ILE A 81 -45.02 -14.39 -17.01
C ILE A 81 -43.85 -15.15 -16.38
N GLU A 82 -43.27 -14.54 -15.35
CA GLU A 82 -42.35 -15.27 -14.49
C GLU A 82 -42.69 -14.97 -13.03
N GLY A 83 -42.59 -15.98 -12.15
CA GLY A 83 -42.75 -15.77 -10.72
C GLY A 83 -41.62 -16.38 -9.88
N TYR A 84 -40.38 -15.90 -10.13
CA TYR A 84 -39.19 -16.32 -9.43
C TYR A 84 -38.73 -15.11 -8.64
N ARG A 85 -37.74 -15.32 -7.75
CA ARG A 85 -37.34 -14.20 -6.92
C ARG A 85 -36.75 -13.16 -7.87
N PRO A 86 -36.71 -11.87 -7.48
CA PRO A 86 -36.02 -10.88 -8.29
C PRO A 86 -34.58 -11.31 -8.58
N GLY A 87 -34.09 -11.02 -9.79
CA GLY A 87 -32.73 -11.34 -10.17
C GLY A 87 -32.62 -12.69 -10.89
N VAL A 88 -33.61 -13.55 -10.76
CA VAL A 88 -33.44 -14.86 -11.35
C VAL A 88 -33.45 -14.79 -12.87
N THR A 89 -34.42 -14.06 -13.45
CA THR A 89 -34.50 -14.08 -14.91
C THR A 89 -33.31 -13.30 -15.47
N GLU A 90 -32.98 -12.14 -14.88
CA GLU A 90 -31.73 -11.44 -15.18
C GLU A 90 -30.56 -12.43 -15.33
N ARG A 91 -30.18 -13.10 -14.25
CA ARG A 91 -29.04 -14.01 -14.22
C ARG A 91 -29.21 -15.19 -15.18
N LEU A 92 -30.42 -15.48 -15.64
CA LEU A 92 -30.61 -16.46 -16.71
C LEU A 92 -30.37 -15.83 -18.09
N GLY A 93 -30.43 -14.49 -18.17
CA GLY A 93 -30.45 -13.73 -19.43
C GLY A 93 -31.82 -13.59 -20.09
N LEU A 94 -32.92 -13.86 -19.33
CA LEU A 94 -34.30 -13.65 -19.74
C LEU A 94 -34.91 -12.46 -18.99
N GLY A 95 -34.09 -11.53 -18.50
CA GLY A 95 -34.59 -10.39 -17.77
C GLY A 95 -35.40 -9.46 -18.65
N PRO A 96 -35.92 -8.33 -18.09
CA PRO A 96 -36.62 -7.36 -18.90
C PRO A 96 -35.76 -6.78 -20.02
N GLU A 97 -34.57 -6.28 -19.64
CA GLU A 97 -33.70 -5.53 -20.53
C GLU A 97 -33.24 -6.38 -21.72
N GLU A 98 -33.02 -7.67 -21.46
CA GLU A 98 -32.68 -8.63 -22.50
C GLU A 98 -33.87 -8.93 -23.40
N CYS A 99 -35.09 -8.85 -22.84
CA CYS A 99 -36.30 -9.15 -23.59
C CYS A 99 -36.66 -7.96 -24.48
N ALA A 100 -36.49 -6.72 -23.95
CA ALA A 100 -36.77 -5.46 -24.64
C ALA A 100 -35.92 -5.28 -25.90
N LYS A 101 -34.92 -6.16 -26.10
CA LYS A 101 -34.00 -6.07 -27.22
C LYS A 101 -34.34 -7.09 -28.30
N VAL A 102 -35.23 -8.05 -28.03
CA VAL A 102 -35.73 -8.93 -29.07
C VAL A 102 -37.23 -8.71 -29.28
N ASN A 103 -37.83 -7.68 -28.66
CA ASN A 103 -39.28 -7.50 -28.68
C ASN A 103 -39.71 -6.39 -27.73
N ASP A 104 -39.73 -5.15 -28.21
CA ASP A 104 -40.09 -3.99 -27.40
C ASP A 104 -41.61 -3.90 -27.26
N ARG A 105 -42.33 -4.94 -27.69
CA ARG A 105 -43.78 -5.01 -27.57
C ARG A 105 -44.21 -5.86 -26.36
N LEU A 106 -43.23 -6.50 -25.70
CA LEU A 106 -43.47 -7.52 -24.69
C LEU A 106 -44.12 -6.92 -23.46
N ILE A 107 -45.14 -7.61 -22.96
CA ILE A 107 -45.56 -7.33 -21.60
C ILE A 107 -44.81 -8.30 -20.70
N TYR A 108 -44.05 -7.70 -19.80
CA TYR A 108 -43.10 -8.43 -18.97
C TYR A 108 -43.71 -8.49 -17.56
N ALA A 109 -44.28 -9.65 -17.21
CA ALA A 109 -45.14 -9.76 -16.02
C ALA A 109 -44.46 -10.57 -14.93
N ARG A 110 -44.23 -9.85 -13.82
CA ARG A 110 -43.40 -10.29 -12.72
C ARG A 110 -44.21 -10.53 -11.44
N MET A 111 -44.38 -11.80 -11.10
CA MET A 111 -45.25 -12.20 -10.01
C MET A 111 -44.43 -12.50 -8.75
N THR A 112 -44.43 -11.62 -7.77
CA THR A 112 -43.81 -11.97 -6.50
C THR A 112 -44.77 -11.76 -5.32
N GLY A 113 -44.32 -12.20 -4.15
CA GLY A 113 -44.96 -11.83 -2.89
C GLY A 113 -44.50 -10.48 -2.39
N TRP A 114 -43.18 -10.29 -2.35
CA TRP A 114 -42.66 -9.16 -1.59
C TRP A 114 -42.35 -7.96 -2.47
N GLY A 115 -42.31 -8.19 -3.79
CA GLY A 115 -41.95 -7.14 -4.72
C GLY A 115 -40.54 -7.33 -5.30
N GLN A 116 -40.10 -6.33 -6.09
CA GLN A 116 -38.86 -6.45 -6.85
C GLN A 116 -37.71 -5.91 -6.01
N THR A 117 -37.99 -5.05 -5.01
CA THR A 117 -36.96 -4.50 -4.16
C THR A 117 -37.40 -4.54 -2.69
N GLY A 118 -36.53 -4.01 -1.81
CA GLY A 118 -36.78 -3.80 -0.37
C GLY A 118 -36.29 -4.98 0.48
N PRO A 119 -36.29 -4.87 1.82
CA PRO A 119 -35.64 -5.87 2.68
C PRO A 119 -36.09 -7.32 2.55
N ARG A 120 -37.35 -7.55 2.19
CA ARG A 120 -37.88 -8.89 2.22
C ARG A 120 -37.87 -9.47 0.82
N SER A 121 -37.39 -8.69 -0.14
CA SER A 121 -37.44 -9.08 -1.55
C SER A 121 -36.75 -10.39 -1.85
N GLN A 122 -35.83 -10.86 -1.01
CA GLN A 122 -35.20 -12.14 -1.30
C GLN A 122 -35.71 -13.26 -0.37
N GLN A 123 -36.51 -12.94 0.67
CA GLN A 123 -37.01 -13.98 1.55
C GLN A 123 -38.00 -14.87 0.81
N ALA A 124 -37.85 -16.18 0.98
CA ALA A 124 -38.90 -17.12 0.63
C ALA A 124 -40.18 -16.82 1.42
N GLY A 125 -41.27 -17.34 0.91
CA GLY A 125 -42.53 -17.02 1.52
C GLY A 125 -43.65 -17.73 0.81
N HIS A 126 -44.82 -17.69 1.46
CA HIS A 126 -46.05 -18.14 0.85
C HIS A 126 -47.17 -17.19 1.25
N ASP A 127 -48.35 -17.47 0.68
CA ASP A 127 -49.56 -16.69 0.90
C ASP A 127 -49.61 -16.19 2.34
N ILE A 128 -49.60 -17.11 3.31
CA ILE A 128 -49.78 -16.74 4.70
C ILE A 128 -48.76 -15.70 5.14
N ASN A 129 -47.55 -15.73 4.56
CA ASN A 129 -46.53 -14.76 4.99
C ASN A 129 -46.87 -13.38 4.45
N TYR A 130 -47.25 -13.31 3.16
CA TYR A 130 -47.53 -12.01 2.58
C TYR A 130 -48.72 -11.32 3.28
N ILE A 131 -49.77 -12.07 3.64
CA ILE A 131 -50.95 -11.46 4.28
C ILE A 131 -50.74 -11.25 5.77
N SER A 132 -49.69 -11.83 6.34
CA SER A 132 -49.39 -11.56 7.73
C SER A 132 -48.86 -10.14 7.89
N LEU A 133 -48.23 -9.59 6.86
CA LEU A 133 -47.48 -8.35 7.02
C LEU A 133 -48.36 -7.11 6.86
N ASN A 134 -49.50 -7.23 6.18
CA ASN A 134 -50.25 -6.05 5.80
C ASN A 134 -51.58 -5.98 6.53
N GLY A 135 -51.69 -6.69 7.66
CA GLY A 135 -52.84 -6.57 8.55
C GLY A 135 -54.00 -7.55 8.24
N ILE A 136 -53.95 -8.23 7.09
CA ILE A 136 -55.08 -9.01 6.66
C ILE A 136 -55.26 -10.26 7.52
N LEU A 137 -54.20 -11.05 7.71
CA LEU A 137 -54.32 -12.33 8.40
C LEU A 137 -54.79 -12.05 9.81
N HIS A 138 -54.26 -10.99 10.42
CA HIS A 138 -54.62 -10.69 11.79
C HIS A 138 -56.13 -10.52 11.93
N ALA A 139 -56.84 -10.18 10.85
CA ALA A 139 -58.26 -9.87 10.97
C ALA A 139 -59.15 -11.10 10.77
N ILE A 140 -58.59 -12.25 10.35
CA ILE A 140 -59.38 -13.43 10.00
C ILE A 140 -59.41 -14.40 11.19
N GLY A 141 -60.62 -14.74 11.66
CA GLY A 141 -60.86 -15.78 12.64
C GLY A 141 -61.64 -15.27 13.86
N ARG A 142 -61.93 -16.17 14.81
CA ARG A 142 -62.69 -15.82 16.00
C ARG A 142 -61.82 -15.00 16.97
N GLY A 143 -62.44 -14.16 17.80
CA GLY A 143 -61.70 -13.22 18.64
C GLY A 143 -60.90 -13.87 19.78
N ASP A 144 -61.33 -15.04 20.20
CA ASP A 144 -60.75 -15.69 21.37
C ASP A 144 -59.60 -16.62 20.97
N GLU A 145 -59.28 -16.71 19.67
CA GLU A 145 -58.33 -17.67 19.14
C GLU A 145 -57.36 -16.99 18.19
N ARG A 146 -56.36 -17.73 17.74
CA ARG A 146 -55.33 -17.16 16.90
C ARG A 146 -55.82 -17.12 15.45
N PRO A 147 -55.32 -16.16 14.64
CA PRO A 147 -55.84 -16.00 13.29
C PRO A 147 -55.84 -17.29 12.50
N VAL A 148 -56.76 -17.40 11.56
CA VAL A 148 -56.83 -18.59 10.76
C VAL A 148 -56.62 -18.16 9.31
N PRO A 149 -55.73 -18.84 8.58
CA PRO A 149 -55.48 -18.49 7.21
C PRO A 149 -56.67 -18.82 6.35
N PRO A 150 -57.08 -17.88 5.48
CA PRO A 150 -58.15 -18.09 4.50
C PRO A 150 -57.70 -18.86 3.28
N LEU A 151 -57.24 -20.09 3.53
CA LEU A 151 -56.49 -20.87 2.57
C LEU A 151 -55.42 -19.97 1.97
N ASN A 152 -55.17 -20.13 0.66
CA ASN A 152 -54.28 -19.25 -0.07
C ASN A 152 -55.07 -18.43 -1.07
N LEU A 153 -56.32 -18.11 -0.70
CA LEU A 153 -57.22 -17.36 -1.57
C LEU A 153 -56.80 -15.90 -1.67
N VAL A 154 -56.39 -15.29 -0.57
CA VAL A 154 -56.31 -13.84 -0.53
C VAL A 154 -54.98 -13.35 -1.07
N GLY A 155 -53.90 -14.11 -0.86
CA GLY A 155 -52.56 -13.68 -1.26
C GLY A 155 -52.19 -14.15 -2.66
N ASP A 156 -52.21 -15.47 -2.88
CA ASP A 156 -51.85 -16.05 -4.16
C ASP A 156 -52.77 -15.55 -5.28
N PHE A 157 -54.07 -15.80 -5.15
CA PHE A 157 -54.98 -15.63 -6.25
C PHE A 157 -55.56 -14.22 -6.16
N GLY A 158 -56.44 -13.99 -5.20
CA GLY A 158 -57.13 -12.72 -5.09
C GLY A 158 -56.22 -11.51 -5.24
N GLY A 159 -55.14 -11.48 -4.47
CA GLY A 159 -54.26 -10.33 -4.43
C GLY A 159 -52.97 -10.57 -5.20
N GLY A 160 -52.90 -11.67 -5.95
CA GLY A 160 -51.69 -12.05 -6.64
C GLY A 160 -51.98 -12.21 -8.12
N SER A 161 -52.31 -13.42 -8.53
CA SER A 161 -52.60 -13.67 -9.92
C SER A 161 -53.57 -12.63 -10.49
N MET A 162 -54.68 -12.33 -9.78
CA MET A 162 -55.70 -11.49 -10.36
C MET A 162 -55.13 -10.10 -10.67
N PHE A 163 -54.25 -9.56 -9.84
CA PHE A 163 -53.63 -8.28 -10.17
C PHE A 163 -52.58 -8.41 -11.28
N LEU A 164 -51.93 -9.57 -11.36
CA LEU A 164 -51.08 -9.87 -12.49
C LEU A 164 -51.89 -9.75 -13.77
N LEU A 165 -53.07 -10.41 -13.81
CA LEU A 165 -53.94 -10.34 -14.97
C LEU A 165 -54.36 -8.90 -15.29
N VAL A 166 -54.78 -8.15 -14.30
CA VAL A 166 -55.22 -6.80 -14.58
C VAL A 166 -54.04 -5.98 -15.13
N GLY A 167 -52.86 -6.16 -14.55
CA GLY A 167 -51.67 -5.44 -15.01
C GLY A 167 -51.32 -5.78 -16.46
N ILE A 168 -51.33 -7.08 -16.78
CA ILE A 168 -51.09 -7.53 -18.13
C ILE A 168 -52.09 -6.84 -19.05
N LEU A 169 -53.38 -6.99 -18.76
CA LEU A 169 -54.43 -6.57 -19.67
C LEU A 169 -54.51 -5.05 -19.73
N ALA A 170 -54.20 -4.36 -18.63
CA ALA A 170 -54.11 -2.91 -18.65
C ALA A 170 -52.91 -2.46 -19.49
N ALA A 171 -51.82 -3.23 -19.47
CA ALA A 171 -50.63 -2.88 -20.24
C ALA A 171 -50.87 -3.10 -21.73
N LEU A 172 -51.63 -4.16 -22.09
CA LEU A 172 -52.02 -4.40 -23.48
C LEU A 172 -52.88 -3.25 -24.01
N TRP A 173 -53.76 -2.71 -23.17
CA TRP A 173 -54.56 -1.58 -23.60
C TRP A 173 -53.65 -0.38 -23.86
N GLU A 174 -52.62 -0.23 -23.03
CA GLU A 174 -51.69 0.88 -23.17
C GLU A 174 -50.92 0.74 -24.49
N ARG A 175 -50.47 -0.48 -24.77
CA ARG A 175 -49.70 -0.80 -25.96
C ARG A 175 -50.49 -0.58 -27.26
N GLN A 176 -51.76 -0.19 -27.16
CA GLN A 176 -52.52 0.11 -28.34
C GLN A 176 -52.21 1.55 -28.74
N SER A 177 -52.01 2.45 -27.77
CA SER A 177 -51.56 3.82 -28.04
C SER A 177 -50.07 3.82 -28.44
N SER A 178 -49.19 3.61 -27.45
CA SER A 178 -47.76 3.89 -27.54
C SER A 178 -47.01 2.95 -28.49
N GLY A 179 -47.53 1.74 -28.74
CA GLY A 179 -46.87 0.76 -29.60
C GLY A 179 -45.80 -0.06 -28.87
N LYS A 180 -45.57 0.21 -27.57
CA LYS A 180 -44.51 -0.46 -26.81
C LYS A 180 -45.04 -1.13 -25.53
N GLY A 181 -44.53 -2.35 -25.28
CA GLY A 181 -44.67 -3.07 -24.02
C GLY A 181 -44.07 -2.37 -22.81
N GLN A 182 -43.96 -3.11 -21.69
CA GLN A 182 -43.50 -2.57 -20.41
C GLN A 182 -43.48 -3.68 -19.36
N VAL A 183 -43.02 -3.31 -18.16
CA VAL A 183 -42.83 -4.24 -17.06
C VAL A 183 -43.97 -4.04 -16.05
N VAL A 184 -44.59 -5.16 -15.69
CA VAL A 184 -45.64 -5.23 -14.67
C VAL A 184 -45.10 -5.92 -13.42
N ASP A 185 -45.03 -5.13 -12.35
CA ASP A 185 -44.56 -5.59 -11.03
C ASP A 185 -45.77 -5.94 -10.15
N ALA A 186 -46.22 -7.20 -10.21
CA ALA A 186 -47.33 -7.63 -9.35
C ALA A 186 -46.84 -8.26 -8.04
N ALA A 187 -46.98 -7.53 -6.92
CA ALA A 187 -46.61 -8.09 -5.61
C ALA A 187 -47.83 -8.44 -4.74
N MET A 188 -47.88 -9.67 -4.21
CA MET A 188 -48.98 -10.12 -3.37
C MET A 188 -49.20 -9.21 -2.18
N VAL A 189 -48.14 -8.62 -1.62
CA VAL A 189 -48.36 -7.86 -0.42
C VAL A 189 -49.12 -6.58 -0.80
N ASP A 190 -49.02 -6.18 -2.06
CA ASP A 190 -49.63 -4.92 -2.49
C ASP A 190 -51.04 -5.17 -3.03
N GLY A 191 -51.18 -6.13 -3.95
CA GLY A 191 -52.49 -6.51 -4.45
C GLY A 191 -53.48 -6.82 -3.33
N SER A 192 -53.06 -7.66 -2.38
CA SER A 192 -53.94 -8.06 -1.29
C SER A 192 -54.33 -6.85 -0.45
N SER A 193 -53.46 -5.84 -0.36
CA SER A 193 -53.81 -4.62 0.36
C SER A 193 -54.93 -3.85 -0.35
N VAL A 194 -54.91 -3.84 -1.69
CA VAL A 194 -55.95 -3.18 -2.45
C VAL A 194 -57.22 -4.01 -2.37
N LEU A 195 -57.05 -5.32 -2.34
CA LEU A 195 -58.15 -6.25 -2.14
C LEU A 195 -58.90 -5.88 -0.86
N ILE A 196 -58.20 -5.44 0.18
CA ILE A 196 -58.90 -5.20 1.43
C ILE A 196 -59.11 -3.72 1.62
N GLN A 197 -59.13 -2.96 0.52
CA GLN A 197 -59.25 -1.52 0.62
C GLN A 197 -60.49 -1.09 1.43
N MET A 198 -61.60 -1.83 1.29
CA MET A 198 -62.81 -1.53 2.05
C MET A 198 -62.51 -1.37 3.54
N MET A 199 -61.71 -2.29 4.10
CA MET A 199 -61.51 -2.29 5.54
C MET A 199 -60.65 -1.10 5.90
N TRP A 200 -59.70 -0.77 5.02
CA TRP A 200 -58.88 0.40 5.24
C TRP A 200 -59.76 1.64 5.20
N ALA A 201 -60.78 1.65 4.34
CA ALA A 201 -61.72 2.77 4.28
C ALA A 201 -62.55 2.90 5.56
N MET A 202 -63.19 1.79 5.94
CA MET A 202 -64.04 1.74 7.13
C MET A 202 -63.21 2.02 8.38
N ARG A 203 -61.96 1.54 8.37
CA ARG A 203 -61.11 1.73 9.55
C ARG A 203 -60.94 3.22 9.81
N ALA A 204 -60.84 3.98 8.69
CA ALA A 204 -60.60 5.42 8.70
C ALA A 204 -61.74 6.19 9.36
N THR A 205 -62.97 5.68 9.18
CA THR A 205 -64.16 6.39 9.60
C THR A 205 -64.76 5.76 10.85
N GLY A 206 -63.96 5.05 11.67
CA GLY A 206 -64.44 4.48 12.93
C GLY A 206 -65.34 3.25 12.76
N MET A 207 -65.52 2.74 11.53
CA MET A 207 -66.44 1.64 11.30
C MET A 207 -65.75 0.26 11.21
N TRP A 208 -64.48 0.17 11.64
CA TRP A 208 -63.78 -1.11 11.70
C TRP A 208 -62.64 -1.05 12.70
N THR A 209 -62.59 -2.00 13.64
CA THR A 209 -61.50 -2.06 14.61
C THR A 209 -60.54 -3.21 14.27
N ASP A 210 -59.42 -3.20 14.97
CA ASP A 210 -58.34 -4.16 14.83
C ASP A 210 -58.60 -5.38 15.69
N THR A 211 -59.66 -5.36 16.50
CA THR A 211 -60.02 -6.51 17.29
C THR A 211 -60.67 -7.57 16.39
N ARG A 212 -60.10 -8.78 16.36
CA ARG A 212 -60.62 -9.87 15.55
C ARG A 212 -61.96 -10.32 16.11
N GLY A 213 -62.94 -10.63 15.25
CA GLY A 213 -64.22 -11.19 15.67
C GLY A 213 -65.16 -10.15 16.29
N ALA A 214 -64.95 -8.86 15.97
CA ALA A 214 -65.76 -7.83 16.56
C ALA A 214 -66.14 -6.74 15.57
N ASN A 215 -66.37 -7.09 14.31
CA ASN A 215 -66.72 -6.15 13.25
C ASN A 215 -67.92 -6.70 12.45
N MET A 216 -68.40 -5.91 11.49
CA MET A 216 -69.64 -6.23 10.80
C MET A 216 -69.45 -7.48 9.94
N LEU A 217 -68.25 -7.62 9.35
CA LEU A 217 -68.03 -8.63 8.33
C LEU A 217 -67.01 -9.70 8.73
N ASP A 218 -66.59 -9.79 9.98
CA ASP A 218 -65.61 -10.81 10.32
C ASP A 218 -66.22 -11.96 11.11
N GLY A 219 -67.53 -11.91 11.33
CA GLY A 219 -68.20 -12.93 12.12
C GLY A 219 -68.69 -12.42 13.48
N GLY A 220 -68.30 -11.21 13.88
CA GLY A 220 -68.76 -10.60 15.11
C GLY A 220 -70.21 -10.09 15.06
N ALA A 221 -70.79 -9.81 13.89
CA ALA A 221 -72.19 -9.46 13.90
C ALA A 221 -73.04 -10.73 13.84
N PRO A 222 -74.01 -10.94 14.78
CA PRO A 222 -74.87 -12.12 14.74
C PRO A 222 -75.66 -12.33 13.45
N TYR A 223 -75.81 -11.27 12.64
CA TYR A 223 -76.49 -11.38 11.36
C TYR A 223 -75.55 -11.53 10.17
N TYR A 224 -74.23 -11.63 10.39
CA TYR A 224 -73.29 -11.96 9.33
C TYR A 224 -72.31 -13.02 9.84
N ASP A 225 -72.75 -14.27 9.83
CA ASP A 225 -71.93 -15.32 10.41
C ASP A 225 -72.51 -16.66 9.99
N THR A 226 -71.85 -17.77 10.39
CA THR A 226 -72.44 -19.07 10.17
C THR A 226 -73.09 -19.53 11.48
N TYR A 227 -74.01 -20.50 11.37
CA TYR A 227 -74.75 -21.04 12.50
C TYR A 227 -74.77 -22.55 12.34
N GLU A 228 -74.60 -23.25 13.46
CA GLU A 228 -74.74 -24.69 13.49
C GLU A 228 -76.22 -25.08 13.58
N CYS A 229 -76.61 -26.08 12.78
CA CYS A 229 -77.95 -26.60 12.71
C CYS A 229 -78.04 -27.90 13.50
N ALA A 230 -79.24 -28.51 13.49
CA ALA A 230 -79.56 -29.61 14.38
C ALA A 230 -78.69 -30.81 14.02
N ASP A 231 -78.27 -30.89 12.75
CA ASP A 231 -77.57 -32.03 12.16
C ASP A 231 -76.06 -31.83 12.17
N GLY A 232 -75.56 -30.78 12.84
CA GLY A 232 -74.13 -30.50 12.85
C GLY A 232 -73.64 -29.81 11.57
N ARG A 233 -74.53 -29.58 10.59
CA ARG A 233 -74.17 -28.85 9.39
C ARG A 233 -74.45 -27.37 9.62
N TYR A 234 -74.10 -26.52 8.65
CA TYR A 234 -74.13 -25.08 8.87
C TYR A 234 -74.94 -24.36 7.79
N VAL A 235 -75.42 -23.18 8.21
CA VAL A 235 -75.91 -22.19 7.28
C VAL A 235 -75.08 -20.92 7.45
N ALA A 236 -75.12 -20.11 6.39
CA ALA A 236 -74.58 -18.76 6.40
C ALA A 236 -75.73 -17.76 6.48
N VAL A 237 -75.55 -16.73 7.32
CA VAL A 237 -76.46 -15.62 7.41
C VAL A 237 -75.70 -14.38 6.99
N GLY A 238 -76.23 -13.64 6.03
CA GLY A 238 -75.69 -12.35 5.63
C GLY A 238 -76.75 -11.26 5.59
N ALA A 239 -77.68 -11.27 6.55
CA ALA A 239 -78.87 -10.42 6.50
C ALA A 239 -78.53 -9.06 7.06
N ILE A 240 -77.76 -8.28 6.31
CA ILE A 240 -77.26 -7.01 6.82
C ILE A 240 -78.38 -5.96 6.75
N GLU A 241 -79.02 -5.87 5.59
CA GLU A 241 -80.04 -4.85 5.40
C GLU A 241 -81.23 -5.22 6.30
N PRO A 242 -81.83 -4.21 6.97
CA PRO A 242 -82.90 -4.45 7.92
C PRO A 242 -84.10 -5.18 7.35
N GLN A 243 -84.39 -4.99 6.05
CA GLN A 243 -85.53 -5.68 5.44
C GLN A 243 -85.22 -7.17 5.30
N PHE A 244 -83.95 -7.51 5.07
CA PHE A 244 -83.57 -8.91 4.87
C PHE A 244 -83.53 -9.56 6.26
N TYR A 245 -83.07 -8.82 7.25
CA TYR A 245 -83.00 -9.34 8.60
C TYR A 245 -84.41 -9.66 9.09
N ALA A 246 -85.37 -8.77 8.80
CA ALA A 246 -86.73 -9.00 9.22
C ALA A 246 -87.25 -10.28 8.57
N ALA A 247 -86.95 -10.47 7.28
CA ALA A 247 -87.40 -11.66 6.56
C ALA A 247 -86.82 -12.91 7.20
N MET A 248 -85.59 -12.80 7.71
CA MET A 248 -84.93 -13.93 8.34
C MET A 248 -85.65 -14.28 9.65
N LEU A 249 -85.91 -13.26 10.49
CA LEU A 249 -86.57 -13.46 11.78
C LEU A 249 -87.91 -14.14 11.60
N ALA A 250 -88.64 -13.72 10.58
CA ALA A 250 -89.95 -14.30 10.37
C ALA A 250 -89.81 -15.76 10.04
N GLY A 251 -88.79 -16.11 9.22
CA GLY A 251 -88.57 -17.51 8.87
C GLY A 251 -88.15 -18.35 10.06
N LEU A 252 -87.49 -17.73 11.05
CA LEU A 252 -86.98 -18.43 12.22
C LEU A 252 -88.06 -18.61 13.28
N GLY A 253 -89.19 -17.90 13.13
CA GLY A 253 -90.25 -17.94 14.11
C GLY A 253 -89.96 -17.04 15.32
N LEU A 254 -89.06 -16.07 15.17
CA LEU A 254 -88.73 -15.15 16.26
C LEU A 254 -89.49 -13.85 16.04
N ASP A 255 -90.09 -13.33 17.10
CA ASP A 255 -90.80 -12.07 17.03
C ASP A 255 -89.78 -10.99 17.33
N ALA A 256 -89.68 -9.98 16.46
CA ALA A 256 -88.79 -8.83 16.65
C ALA A 256 -88.93 -8.17 18.02
N ALA A 257 -90.12 -8.22 18.63
CA ALA A 257 -90.40 -7.58 19.91
C ALA A 257 -89.73 -8.29 21.10
N GLU A 258 -89.32 -9.56 20.93
CA GLU A 258 -88.64 -10.36 21.95
C GLU A 258 -87.10 -10.29 21.84
N LEU A 259 -86.58 -9.69 20.76
CA LEU A 259 -85.15 -9.71 20.50
C LEU A 259 -84.64 -8.32 20.80
N PRO A 260 -83.35 -8.18 21.11
CA PRO A 260 -82.71 -6.88 21.10
C PRO A 260 -82.69 -6.29 19.70
N PRO A 261 -82.41 -4.99 19.55
CA PRO A 261 -82.26 -4.45 18.22
C PRO A 261 -81.07 -5.10 17.50
N GLN A 262 -81.20 -5.20 16.18
CA GLN A 262 -80.25 -5.86 15.30
C GLN A 262 -78.86 -5.25 15.46
N ASN A 263 -78.80 -3.93 15.60
CA ASN A 263 -77.52 -3.24 15.64
C ASN A 263 -77.26 -2.60 17.00
N ASP A 264 -77.87 -3.12 18.08
CA ASP A 264 -77.42 -2.75 19.43
C ASP A 264 -76.30 -3.71 19.84
N ARG A 265 -75.05 -3.28 19.66
CA ARG A 265 -73.91 -4.16 19.77
C ARG A 265 -73.75 -4.62 21.20
N ALA A 266 -74.14 -3.77 22.16
CA ALA A 266 -73.93 -4.15 23.55
C ALA A 266 -74.75 -5.40 23.88
N ARG A 267 -75.80 -5.67 23.06
CA ARG A 267 -76.69 -6.80 23.30
C ARG A 267 -76.58 -7.89 22.23
N TRP A 268 -75.49 -7.86 21.46
CA TRP A 268 -75.16 -8.93 20.52
C TRP A 268 -75.02 -10.30 21.20
N PRO A 269 -74.51 -10.42 22.45
CA PRO A 269 -74.51 -11.68 23.16
C PRO A 269 -75.88 -12.34 23.30
N GLU A 270 -76.87 -11.54 23.75
CA GLU A 270 -78.25 -12.00 23.83
C GLU A 270 -78.77 -12.37 22.45
N LEU A 271 -78.51 -11.52 21.46
CA LEU A 271 -79.08 -11.72 20.14
C LEU A 271 -78.52 -13.01 19.55
N ARG A 272 -77.20 -13.16 19.62
CA ARG A 272 -76.53 -14.36 19.12
C ARG A 272 -77.08 -15.63 19.79
N ALA A 273 -77.29 -15.57 21.09
CA ALA A 273 -77.83 -16.71 21.83
C ALA A 273 -79.22 -17.08 21.31
N LEU A 274 -80.02 -16.06 21.03
CA LEU A 274 -81.36 -16.29 20.53
C LEU A 274 -81.30 -16.94 19.16
N LEU A 275 -80.43 -16.43 18.27
CA LEU A 275 -80.40 -16.91 16.89
C LEU A 275 -79.77 -18.31 16.87
N THR A 276 -78.77 -18.50 17.73
CA THR A 276 -78.10 -19.79 17.85
C THR A 276 -79.13 -20.86 18.20
N GLU A 277 -79.97 -20.62 19.20
CA GLU A 277 -80.98 -21.59 19.58
C GLU A 277 -81.98 -21.83 18.45
N ALA A 278 -82.36 -20.76 17.75
CA ALA A 278 -83.29 -20.92 16.64
C ALA A 278 -82.71 -21.82 15.55
N PHE A 279 -81.53 -21.49 15.02
CA PHE A 279 -80.97 -22.27 13.92
C PHE A 279 -80.66 -23.70 14.35
N ALA A 280 -80.34 -23.90 15.65
CA ALA A 280 -79.99 -25.24 16.13
C ALA A 280 -81.19 -26.17 16.22
N SER A 281 -82.41 -25.67 16.00
CA SER A 281 -83.61 -26.44 16.27
C SER A 281 -84.05 -27.23 15.03
N HIS A 282 -83.49 -26.95 13.86
CA HIS A 282 -83.78 -27.73 12.67
C HIS A 282 -82.49 -27.89 11.87
N ASP A 283 -82.53 -28.77 10.86
CA ASP A 283 -81.34 -29.15 10.15
C ASP A 283 -81.12 -28.22 8.98
N ARG A 284 -79.93 -28.31 8.39
CA ARG A 284 -79.53 -27.35 7.38
C ARG A 284 -80.56 -27.34 6.25
N ASP A 285 -81.02 -28.52 5.84
CA ASP A 285 -81.81 -28.64 4.63
C ASP A 285 -83.22 -28.06 4.87
N HIS A 286 -83.77 -28.26 6.07
CA HIS A 286 -84.91 -27.48 6.50
C HIS A 286 -84.70 -25.99 6.21
N TRP A 287 -83.63 -25.38 6.77
CA TRP A 287 -83.48 -23.93 6.62
C TRP A 287 -83.31 -23.59 5.14
N GLY A 288 -82.78 -24.54 4.37
CA GLY A 288 -82.50 -24.31 2.95
C GLY A 288 -83.81 -24.16 2.16
N ALA A 289 -84.83 -24.94 2.58
CA ALA A 289 -86.12 -24.96 1.91
C ALA A 289 -86.92 -23.75 2.35
N VAL A 290 -87.14 -23.63 3.68
CA VAL A 290 -87.73 -22.46 4.28
C VAL A 290 -87.29 -21.19 3.55
N PHE A 291 -85.98 -21.01 3.24
CA PHE A 291 -85.52 -19.71 2.80
C PHE A 291 -85.24 -19.57 1.29
N ALA A 292 -85.34 -20.65 0.50
CA ALA A 292 -85.07 -20.49 -0.93
C ALA A 292 -86.08 -19.50 -1.52
N ASN A 293 -85.61 -18.72 -2.50
CA ASN A 293 -86.36 -17.63 -3.09
C ASN A 293 -86.61 -16.50 -2.09
N SER A 294 -85.97 -16.52 -0.91
CA SER A 294 -86.22 -15.45 0.03
C SER A 294 -85.06 -14.47 -0.03
N ASP A 295 -85.29 -13.25 0.41
CA ASP A 295 -84.25 -12.27 0.60
C ASP A 295 -83.68 -12.30 2.01
N ALA A 296 -83.93 -13.39 2.75
CA ALA A 296 -83.43 -13.50 4.12
C ALA A 296 -81.89 -13.69 4.19
N CYS A 297 -81.20 -13.94 3.07
CA CYS A 297 -79.75 -14.06 3.05
C CYS A 297 -79.28 -15.19 3.96
N VAL A 298 -79.97 -16.34 3.87
CA VAL A 298 -79.61 -17.56 4.55
C VAL A 298 -79.37 -18.61 3.49
N THR A 299 -78.19 -19.22 3.45
CA THR A 299 -77.88 -20.23 2.44
C THR A 299 -77.21 -21.38 3.16
N PRO A 300 -77.34 -22.61 2.63
CA PRO A 300 -76.59 -23.71 3.19
C PRO A 300 -75.10 -23.56 2.89
N VAL A 301 -74.30 -23.99 3.87
CA VAL A 301 -72.85 -24.03 3.72
C VAL A 301 -72.47 -25.42 3.19
N LEU A 302 -72.31 -25.52 1.88
CA LEU A 302 -72.00 -26.79 1.24
C LEU A 302 -70.49 -27.12 1.28
N ALA A 303 -70.20 -28.41 1.47
CA ALA A 303 -68.86 -28.94 1.27
C ALA A 303 -68.62 -29.14 -0.23
N PHE A 304 -67.36 -29.04 -0.65
CA PHE A 304 -66.97 -29.23 -2.04
C PHE A 304 -67.71 -30.42 -2.67
N GLY A 305 -67.80 -31.50 -1.91
CA GLY A 305 -68.34 -32.74 -2.42
C GLY A 305 -69.81 -32.69 -2.78
N GLU A 306 -70.55 -31.70 -2.25
CA GLU A 306 -71.98 -31.54 -2.43
C GLU A 306 -72.31 -30.42 -3.42
N VAL A 307 -71.31 -29.68 -3.85
CA VAL A 307 -71.57 -28.52 -4.68
C VAL A 307 -72.25 -28.94 -5.99
N HIS A 308 -71.81 -30.08 -6.53
CA HIS A 308 -72.25 -30.55 -7.83
C HIS A 308 -73.75 -30.88 -7.82
N ASN A 309 -74.38 -31.06 -6.64
CA ASN A 309 -75.82 -31.35 -6.60
C ASN A 309 -76.69 -30.12 -6.32
N GLU A 310 -76.11 -28.90 -6.27
CA GLU A 310 -76.90 -27.72 -5.97
C GLU A 310 -77.49 -27.19 -7.28
N PRO A 311 -78.84 -27.06 -7.37
CA PRO A 311 -79.49 -26.64 -8.61
C PRO A 311 -78.88 -25.43 -9.32
N HIS A 312 -78.62 -24.36 -8.58
CA HIS A 312 -78.16 -23.13 -9.20
C HIS A 312 -76.76 -23.29 -9.78
N ILE A 313 -75.99 -24.21 -9.20
CA ILE A 313 -74.64 -24.50 -9.67
C ILE A 313 -74.74 -25.29 -10.96
N ILE A 314 -75.62 -26.31 -10.96
CA ILE A 314 -75.83 -27.20 -12.11
C ILE A 314 -76.30 -26.39 -13.32
N GLU A 315 -77.30 -25.53 -13.13
CA GLU A 315 -77.96 -24.90 -14.25
C GLU A 315 -77.14 -23.83 -14.92
N ARG A 316 -76.27 -23.13 -14.18
CA ARG A 316 -75.42 -22.14 -14.81
C ARG A 316 -74.11 -22.76 -15.34
N ASN A 317 -73.98 -24.08 -15.28
CA ASN A 317 -72.72 -24.77 -15.54
C ASN A 317 -71.54 -24.03 -14.95
N THR A 318 -71.50 -23.85 -13.63
CA THR A 318 -70.36 -23.23 -12.98
C THR A 318 -69.19 -24.23 -13.02
N PHE A 319 -69.49 -25.54 -13.04
CA PHE A 319 -68.50 -26.60 -13.06
C PHE A 319 -68.67 -27.50 -14.29
N TYR A 320 -67.60 -28.24 -14.64
CA TYR A 320 -67.60 -29.33 -15.64
C TYR A 320 -66.78 -30.49 -15.06
N GLU A 321 -66.91 -31.69 -15.64
CA GLU A 321 -66.20 -32.89 -15.18
C GLU A 321 -64.92 -33.09 -15.99
N ALA A 322 -63.88 -33.64 -15.33
CA ALA A 322 -62.59 -33.85 -15.97
C ALA A 322 -61.72 -34.76 -15.08
N ASN A 323 -61.77 -36.07 -15.35
CA ASN A 323 -60.90 -37.02 -14.66
C ASN A 323 -61.27 -37.09 -13.18
N GLY A 324 -62.35 -37.81 -12.86
CA GLY A 324 -62.76 -38.06 -11.48
C GLY A 324 -62.65 -36.82 -10.59
N GLY A 325 -63.05 -35.66 -11.14
CA GLY A 325 -63.16 -34.44 -10.37
C GLY A 325 -63.85 -33.34 -11.17
N TRP A 326 -64.68 -32.53 -10.48
CA TRP A 326 -65.22 -31.32 -11.05
C TRP A 326 -64.16 -30.23 -11.03
N GLN A 327 -64.30 -29.26 -11.93
CA GLN A 327 -63.39 -28.15 -12.02
C GLN A 327 -64.20 -26.92 -12.43
N PRO A 328 -63.87 -25.72 -11.97
CA PRO A 328 -64.59 -24.55 -12.41
C PRO A 328 -64.46 -24.22 -13.89
N MET A 329 -65.60 -23.90 -14.50
CA MET A 329 -65.59 -23.31 -15.82
C MET A 329 -65.01 -21.92 -15.76
N PRO A 330 -64.48 -21.44 -16.90
CA PRO A 330 -63.88 -20.14 -16.95
C PRO A 330 -64.79 -19.04 -16.43
N ALA A 331 -64.17 -17.95 -16.02
CA ALA A 331 -64.93 -16.82 -15.57
C ALA A 331 -64.13 -15.59 -15.93
N PRO A 332 -64.74 -14.43 -16.17
CA PRO A 332 -66.19 -14.28 -16.23
C PRO A 332 -66.74 -14.81 -17.54
N ARG A 333 -68.01 -14.50 -17.84
CA ARG A 333 -68.63 -14.99 -19.08
C ARG A 333 -68.80 -13.84 -20.07
N PHE A 334 -68.77 -14.18 -21.37
CA PHE A 334 -68.83 -13.16 -22.40
C PHE A 334 -69.97 -13.48 -23.38
N SER A 335 -70.78 -12.46 -23.71
CA SER A 335 -71.93 -12.58 -24.61
C SER A 335 -71.56 -13.06 -26.02
N ARG A 336 -70.63 -12.37 -26.71
CA ARG A 336 -70.31 -12.69 -28.11
C ARG A 336 -69.16 -13.70 -28.24
N THR A 337 -68.01 -13.45 -27.61
CA THR A 337 -66.85 -14.35 -27.75
C THR A 337 -66.73 -15.27 -26.55
N ALA A 338 -67.62 -16.26 -26.46
CA ALA A 338 -67.66 -17.13 -25.29
C ALA A 338 -66.40 -18.00 -25.24
N SER A 339 -65.96 -18.29 -24.01
CA SER A 339 -64.89 -19.24 -23.75
C SER A 339 -65.40 -20.64 -24.02
N SER A 340 -64.48 -21.58 -24.23
CA SER A 340 -64.83 -22.99 -24.32
C SER A 340 -64.47 -23.67 -23.03
N GLN A 341 -64.97 -24.90 -22.94
CA GLN A 341 -64.45 -25.87 -22.01
C GLN A 341 -62.93 -25.81 -22.11
N PRO A 342 -62.22 -25.79 -20.97
CA PRO A 342 -60.77 -25.89 -20.99
C PRO A 342 -60.34 -27.26 -21.51
N ARG A 343 -59.21 -27.25 -22.22
CA ARG A 343 -58.56 -28.46 -22.71
C ARG A 343 -57.67 -28.99 -21.60
N PRO A 344 -57.61 -30.32 -21.35
CA PRO A 344 -56.82 -30.84 -20.24
C PRO A 344 -55.34 -30.62 -20.51
N PRO A 345 -54.43 -30.74 -19.49
CA PRO A 345 -53.00 -30.60 -19.74
C PRO A 345 -52.51 -31.49 -20.89
N ALA A 346 -51.67 -30.90 -21.76
CA ALA A 346 -51.32 -31.48 -23.05
C ALA A 346 -49.85 -31.92 -23.04
N ALA A 347 -49.65 -33.25 -22.96
CA ALA A 347 -48.37 -33.90 -23.15
C ALA A 347 -47.38 -32.99 -23.90
N THR A 348 -46.10 -33.08 -23.51
CA THR A 348 -45.09 -32.08 -23.87
C THR A 348 -44.92 -31.99 -25.38
N ILE A 349 -44.30 -30.89 -25.80
CA ILE A 349 -44.17 -30.53 -27.19
C ILE A 349 -42.74 -30.00 -27.36
N ASP A 350 -42.20 -30.12 -28.59
CA ASP A 350 -40.88 -29.58 -28.88
C ASP A 350 -40.98 -28.07 -29.08
N ILE A 351 -40.03 -27.34 -28.50
CA ILE A 351 -40.01 -25.90 -28.59
C ILE A 351 -39.80 -25.44 -30.05
N GLU A 352 -39.34 -26.37 -30.90
CA GLU A 352 -39.19 -26.13 -32.33
C GLU A 352 -40.56 -26.09 -32.99
N ALA A 353 -41.35 -27.16 -32.81
CA ALA A 353 -42.70 -27.27 -33.36
C ALA A 353 -43.53 -26.00 -33.08
N VAL A 354 -43.26 -25.32 -31.95
CA VAL A 354 -44.01 -24.14 -31.54
C VAL A 354 -43.54 -22.93 -32.34
N LEU A 355 -42.21 -22.80 -32.52
CA LEU A 355 -41.63 -21.66 -33.21
C LEU A 355 -41.99 -21.69 -34.70
N THR A 356 -42.20 -22.91 -35.23
CA THR A 356 -42.79 -23.17 -36.55
C THR A 356 -44.22 -22.60 -36.61
N ASP A 357 -45.17 -23.33 -35.99
CA ASP A 357 -46.58 -22.94 -35.81
C ASP A 357 -46.73 -21.43 -35.65
N TRP A 358 -45.92 -20.81 -34.78
CA TRP A 358 -45.87 -19.35 -34.68
C TRP A 358 -45.08 -18.78 -35.85
N ASP A 359 -45.77 -18.05 -36.74
CA ASP A 359 -45.19 -17.55 -37.98
C ASP A 359 -46.14 -16.54 -38.64
N MET B 1 -54.01 12.36 -16.66
CA MET B 1 -54.28 11.22 -15.73
C MET B 1 -53.26 10.09 -15.96
N ALA B 2 -52.51 9.76 -14.91
CA ALA B 2 -51.39 8.82 -15.00
C ALA B 2 -51.90 7.38 -14.94
N GLY B 3 -51.26 6.48 -15.69
CA GLY B 3 -51.45 5.05 -15.54
C GLY B 3 -51.66 4.39 -16.91
N PRO B 4 -51.63 3.04 -17.01
CA PRO B 4 -51.82 2.37 -18.29
C PRO B 4 -53.19 2.55 -18.94
N LEU B 5 -54.17 3.01 -18.17
CA LEU B 5 -55.52 3.10 -18.71
C LEU B 5 -55.87 4.57 -18.92
N SER B 6 -54.91 5.32 -19.43
CA SER B 6 -55.15 6.74 -19.56
C SER B 6 -56.18 6.91 -20.67
N GLY B 7 -57.23 7.68 -20.36
CA GLY B 7 -58.34 7.95 -21.28
C GLY B 7 -59.18 6.73 -21.65
N LEU B 8 -59.15 5.66 -20.84
CA LEU B 8 -60.27 4.72 -20.81
C LEU B 8 -61.41 5.43 -20.09
N ARG B 9 -62.62 5.31 -20.66
CA ARG B 9 -63.78 5.99 -20.11
C ARG B 9 -64.79 4.97 -19.60
N VAL B 10 -65.21 5.23 -18.35
CA VAL B 10 -65.91 4.23 -17.54
C VAL B 10 -67.08 4.94 -16.89
N VAL B 11 -68.28 4.36 -17.07
CA VAL B 11 -69.45 4.85 -16.36
C VAL B 11 -69.82 3.79 -15.32
N GLU B 12 -70.04 4.23 -14.08
CA GLU B 12 -70.34 3.33 -13.00
C GLU B 12 -71.71 3.72 -12.43
N LEU B 13 -72.67 2.78 -12.48
CA LEU B 13 -73.93 2.93 -11.77
C LEU B 13 -73.73 2.53 -10.32
N ALA B 14 -74.07 3.40 -9.38
CA ALA B 14 -73.61 3.24 -8.01
C ALA B 14 -74.26 2.02 -7.33
N GLY B 15 -73.40 1.14 -6.80
CA GLY B 15 -73.83 0.04 -5.95
C GLY B 15 -72.92 -0.09 -4.73
N ILE B 16 -72.82 -1.32 -4.22
CA ILE B 16 -71.97 -1.62 -3.07
C ILE B 16 -71.07 -2.81 -3.40
N GLY B 17 -69.90 -2.81 -2.76
CA GLY B 17 -68.99 -3.93 -2.78
C GLY B 17 -68.24 -4.03 -4.10
N PRO B 18 -68.49 -5.07 -4.92
CA PRO B 18 -67.62 -5.38 -6.02
C PRO B 18 -67.56 -4.30 -7.10
N GLY B 19 -68.72 -3.85 -7.58
CA GLY B 19 -68.80 -2.85 -8.65
C GLY B 19 -67.97 -1.61 -8.32
N PRO B 20 -68.13 -1.01 -7.12
CA PRO B 20 -67.31 0.12 -6.72
C PRO B 20 -65.80 -0.18 -6.61
N HIS B 21 -65.47 -1.40 -6.17
CA HIS B 21 -64.07 -1.82 -6.06
C HIS B 21 -63.43 -1.91 -7.44
N ALA B 22 -64.10 -2.52 -8.42
CA ALA B 22 -63.59 -2.63 -9.78
C ALA B 22 -63.39 -1.23 -10.36
N ALA B 23 -64.38 -0.36 -10.12
CA ALA B 23 -64.34 0.99 -10.63
C ALA B 23 -63.14 1.73 -10.04
N MET B 24 -62.85 1.46 -8.77
CA MET B 24 -61.74 2.06 -8.07
C MET B 24 -60.45 1.71 -8.79
N ILE B 25 -60.27 0.43 -9.10
CA ILE B 25 -59.00 -0.01 -9.63
C ILE B 25 -58.82 0.58 -11.02
N LEU B 26 -59.93 0.72 -11.75
CA LEU B 26 -59.83 1.31 -13.08
C LEU B 26 -59.36 2.74 -12.92
N GLY B 27 -60.01 3.49 -12.03
CA GLY B 27 -59.55 4.80 -11.63
C GLY B 27 -58.06 4.79 -11.28
N ASP B 28 -57.71 3.88 -10.36
CA ASP B 28 -56.38 3.79 -9.80
C ASP B 28 -55.34 3.80 -10.92
N LEU B 29 -55.63 3.08 -11.99
CA LEU B 29 -54.75 2.89 -13.13
C LEU B 29 -55.01 3.90 -14.27
N GLY B 30 -55.59 5.08 -13.95
CA GLY B 30 -55.67 6.18 -14.89
C GLY B 30 -57.04 6.43 -15.53
N ALA B 31 -57.94 5.45 -15.54
CA ALA B 31 -59.21 5.55 -16.23
C ALA B 31 -60.04 6.72 -15.73
N ASP B 32 -60.85 7.21 -16.68
CA ASP B 32 -61.79 8.29 -16.43
C ASP B 32 -63.11 7.66 -15.96
N VAL B 33 -63.45 7.89 -14.68
CA VAL B 33 -64.52 7.13 -14.07
C VAL B 33 -65.56 8.10 -13.55
N VAL B 34 -66.79 7.94 -14.08
CA VAL B 34 -67.91 8.76 -13.64
C VAL B 34 -68.92 7.84 -12.97
N ARG B 35 -69.25 8.19 -11.73
CA ARG B 35 -70.16 7.38 -10.96
C ARG B 35 -71.50 8.13 -10.83
N ILE B 36 -72.55 7.50 -11.39
CA ILE B 36 -73.93 7.96 -11.28
C ILE B 36 -74.55 7.35 -10.02
N ASP B 37 -74.75 8.20 -9.01
CA ASP B 37 -75.48 7.85 -7.80
C ASP B 37 -76.92 8.40 -7.91
N ARG B 38 -77.72 8.23 -6.86
CA ARG B 38 -79.07 8.74 -6.87
C ARG B 38 -79.13 9.97 -5.97
N PRO B 39 -79.94 11.01 -6.30
CA PRO B 39 -79.82 12.30 -5.64
C PRO B 39 -80.05 12.23 -4.14
N SER B 40 -80.85 11.25 -3.71
CA SER B 40 -81.19 11.09 -2.30
C SER B 40 -79.97 10.74 -1.44
N SER B 41 -78.91 10.17 -2.06
CA SER B 41 -77.78 9.64 -1.31
C SER B 41 -76.79 10.71 -0.90
N VAL B 42 -76.19 11.44 -1.87
CA VAL B 42 -75.04 12.30 -1.59
C VAL B 42 -75.46 13.52 -0.76
N ASP B 43 -74.73 13.76 0.34
CA ASP B 43 -74.92 14.87 1.26
C ASP B 43 -73.77 15.88 1.11
N GLY B 44 -72.59 15.53 1.67
CA GLY B 44 -71.39 16.33 1.55
C GLY B 44 -70.45 15.71 0.52
N ILE B 45 -69.19 15.48 0.91
CA ILE B 45 -68.24 14.71 0.11
C ILE B 45 -68.18 13.30 0.71
N SER B 46 -68.47 12.26 -0.10
CA SER B 46 -68.65 10.91 0.41
C SER B 46 -67.38 10.44 1.12
N ARG B 47 -67.53 9.90 2.32
CA ARG B 47 -66.41 9.67 3.21
C ARG B 47 -65.77 8.30 2.99
N ASP B 48 -66.31 7.54 2.00
CA ASP B 48 -65.77 6.24 1.63
C ASP B 48 -64.62 6.43 0.64
N ALA B 49 -63.39 6.14 1.11
CA ALA B 49 -62.21 6.22 0.28
C ALA B 49 -62.23 5.20 -0.87
N MET B 50 -63.23 4.30 -0.92
CA MET B 50 -63.36 3.43 -2.08
C MET B 50 -63.88 4.23 -3.27
N LEU B 51 -64.42 5.44 -3.00
CA LEU B 51 -64.99 6.29 -4.04
C LEU B 51 -63.95 7.29 -4.53
N ARG B 52 -62.67 6.88 -4.49
CA ARG B 52 -61.54 7.67 -4.93
C ARG B 52 -61.33 7.44 -6.42
N ASN B 53 -60.71 8.44 -7.09
CA ASN B 53 -60.43 8.40 -8.52
C ASN B 53 -61.71 8.35 -9.34
N ARG B 54 -62.70 9.11 -8.89
CA ARG B 54 -63.99 9.21 -9.55
C ARG B 54 -64.43 10.66 -9.68
N ARG B 55 -65.29 10.89 -10.68
CA ARG B 55 -66.27 11.97 -10.60
C ARG B 55 -67.65 11.41 -10.20
N ILE B 56 -68.26 12.02 -9.19
CA ILE B 56 -69.61 11.69 -8.71
C ILE B 56 -70.63 12.66 -9.33
N VAL B 57 -71.75 12.11 -9.81
CA VAL B 57 -72.86 12.89 -10.33
C VAL B 57 -74.16 12.26 -9.84
N THR B 58 -75.19 13.10 -9.58
CA THR B 58 -76.52 12.61 -9.24
C THR B 58 -77.41 12.58 -10.49
N ALA B 59 -78.48 11.78 -10.40
CA ALA B 59 -79.44 11.61 -11.47
C ALA B 59 -80.48 10.54 -11.10
N ASP B 60 -81.74 10.97 -10.90
CA ASP B 60 -82.89 10.07 -10.86
C ASP B 60 -82.95 9.32 -12.19
N LEU B 61 -82.48 8.07 -12.24
CA LEU B 61 -82.52 7.27 -13.45
C LEU B 61 -83.96 6.87 -13.79
N LYS B 62 -84.90 7.14 -12.88
CA LYS B 62 -86.30 6.85 -13.11
C LYS B 62 -87.04 8.05 -13.70
N SER B 63 -86.46 9.26 -13.63
CA SER B 63 -87.00 10.42 -14.34
C SER B 63 -86.68 10.26 -15.82
N ASP B 64 -87.26 11.13 -16.66
CA ASP B 64 -87.09 11.02 -18.10
C ASP B 64 -85.75 11.63 -18.50
N GLN B 65 -85.41 12.70 -17.77
CA GLN B 65 -84.22 13.50 -17.96
C GLN B 65 -82.98 12.76 -17.42
N GLY B 66 -83.08 12.25 -16.19
CA GLY B 66 -82.06 11.41 -15.61
C GLY B 66 -81.62 10.27 -16.55
N LEU B 67 -82.59 9.61 -17.20
CA LEU B 67 -82.25 8.55 -18.15
C LEU B 67 -81.52 9.14 -19.34
N GLU B 68 -82.09 10.20 -19.95
CA GLU B 68 -81.57 10.74 -21.21
C GLU B 68 -80.09 11.06 -21.03
N LEU B 69 -79.80 11.80 -19.95
CA LEU B 69 -78.47 12.24 -19.58
C LEU B 69 -77.52 11.04 -19.45
N ALA B 70 -77.97 9.97 -18.78
CA ALA B 70 -77.12 8.81 -18.50
C ALA B 70 -76.75 8.11 -19.80
N LEU B 71 -77.70 8.02 -20.73
CA LEU B 71 -77.47 7.40 -22.03
C LEU B 71 -76.52 8.25 -22.87
N LYS B 72 -76.48 9.55 -22.58
CA LYS B 72 -75.54 10.43 -23.26
C LYS B 72 -74.12 10.18 -22.75
N LEU B 73 -73.93 9.99 -21.43
CA LEU B 73 -72.64 9.53 -20.90
C LEU B 73 -72.20 8.22 -21.56
N ILE B 74 -73.10 7.25 -21.64
CA ILE B 74 -72.74 5.88 -21.96
C ILE B 74 -72.32 5.80 -23.43
N ALA B 75 -72.97 6.65 -24.23
CA ALA B 75 -72.68 6.78 -25.66
C ALA B 75 -71.21 7.18 -25.86
N LYS B 76 -70.69 8.02 -24.96
CA LYS B 76 -69.35 8.56 -25.07
C LYS B 76 -68.30 7.62 -24.49
N ALA B 77 -68.70 6.61 -23.70
CA ALA B 77 -67.80 5.87 -22.84
C ALA B 77 -67.40 4.52 -23.43
N ASP B 78 -66.44 3.86 -22.78
CA ASP B 78 -65.93 2.59 -23.25
C ASP B 78 -66.56 1.44 -22.48
N VAL B 79 -66.74 1.66 -21.15
CA VAL B 79 -67.18 0.61 -20.25
C VAL B 79 -68.33 1.14 -19.38
N LEU B 80 -69.34 0.29 -19.21
CA LEU B 80 -70.36 0.52 -18.20
C LEU B 80 -70.26 -0.58 -17.15
N ILE B 81 -70.35 -0.15 -15.89
CA ILE B 81 -70.36 -1.08 -14.77
C ILE B 81 -71.69 -0.95 -14.05
N GLU B 82 -72.45 -2.05 -13.94
CA GLU B 82 -73.62 -2.06 -13.06
C GLU B 82 -73.66 -3.27 -12.15
N GLY B 83 -74.02 -3.06 -10.89
CA GLY B 83 -74.01 -4.15 -9.94
C GLY B 83 -75.37 -4.36 -9.27
N TYR B 84 -76.44 -4.32 -10.07
CA TYR B 84 -77.77 -4.50 -9.53
C TYR B 84 -78.24 -5.90 -9.87
N ARG B 85 -79.37 -6.28 -9.25
CA ARG B 85 -79.97 -7.56 -9.54
C ARG B 85 -80.32 -7.55 -11.01
N PRO B 86 -80.32 -8.72 -11.67
CA PRO B 86 -80.73 -8.81 -13.06
C PRO B 86 -82.13 -8.23 -13.29
N GLY B 87 -82.31 -7.66 -14.49
CA GLY B 87 -83.56 -7.04 -14.89
C GLY B 87 -83.57 -5.58 -14.50
N VAL B 88 -82.79 -5.19 -13.49
CA VAL B 88 -82.95 -3.84 -12.97
C VAL B 88 -82.58 -2.79 -14.03
N THR B 89 -81.44 -2.94 -14.71
CA THR B 89 -81.04 -1.91 -15.66
C THR B 89 -81.97 -1.96 -16.87
N GLU B 90 -82.47 -3.16 -17.23
CA GLU B 90 -83.39 -3.29 -18.34
C GLU B 90 -84.60 -2.39 -18.12
N ARG B 91 -85.19 -2.44 -16.92
CA ARG B 91 -86.37 -1.66 -16.57
C ARG B 91 -86.07 -0.18 -16.43
N LEU B 92 -84.81 0.20 -16.19
CA LEU B 92 -84.51 1.62 -16.19
C LEU B 92 -84.39 2.14 -17.63
N GLY B 93 -84.32 1.24 -18.60
CA GLY B 93 -83.98 1.58 -19.98
C GLY B 93 -82.48 1.78 -20.19
N LEU B 94 -81.65 1.11 -19.36
CA LEU B 94 -80.21 1.11 -19.46
C LEU B 94 -79.69 -0.30 -19.74
N GLY B 95 -80.56 -1.16 -20.25
CA GLY B 95 -80.21 -2.55 -20.48
C GLY B 95 -79.04 -2.63 -21.45
N PRO B 96 -78.48 -3.83 -21.70
CA PRO B 96 -77.46 -3.95 -22.72
C PRO B 96 -77.98 -3.54 -24.11
N GLU B 97 -79.17 -4.01 -24.47
CA GLU B 97 -79.67 -3.75 -25.81
C GLU B 97 -79.91 -2.24 -26.00
N GLU B 98 -80.35 -1.53 -24.96
CA GLU B 98 -80.62 -0.11 -25.10
C GLU B 98 -79.32 0.68 -25.28
N CYS B 99 -78.27 0.19 -24.63
CA CYS B 99 -76.97 0.84 -24.62
C CYS B 99 -76.24 0.56 -25.94
N ALA B 100 -76.53 -0.60 -26.56
CA ALA B 100 -75.94 -1.01 -27.83
C ALA B 100 -76.48 -0.19 -29.00
N LYS B 101 -77.63 0.45 -28.80
CA LYS B 101 -78.21 1.30 -29.83
C LYS B 101 -77.38 2.58 -29.92
N VAL B 102 -76.94 3.13 -28.78
CA VAL B 102 -76.24 4.41 -28.74
C VAL B 102 -74.72 4.23 -28.81
N ASN B 103 -74.22 2.97 -28.85
CA ASN B 103 -72.79 2.71 -28.75
C ASN B 103 -72.51 1.20 -28.84
N ASP B 104 -72.29 0.70 -30.05
CA ASP B 104 -72.10 -0.73 -30.24
C ASP B 104 -70.68 -1.14 -29.82
N ARG B 105 -69.90 -0.19 -29.30
CA ARG B 105 -68.54 -0.42 -28.86
C ARG B 105 -68.47 -0.70 -27.36
N LEU B 106 -69.52 -0.31 -26.62
CA LEU B 106 -69.55 -0.35 -25.16
C LEU B 106 -69.22 -1.75 -24.63
N ILE B 107 -68.35 -1.78 -23.61
CA ILE B 107 -68.18 -2.98 -22.79
C ILE B 107 -69.17 -2.90 -21.63
N TYR B 108 -70.13 -3.86 -21.64
CA TYR B 108 -71.23 -3.85 -20.68
C TYR B 108 -70.93 -4.88 -19.58
N ALA B 109 -70.61 -4.37 -18.38
CA ALA B 109 -70.04 -5.18 -17.32
C ALA B 109 -71.04 -5.38 -16.18
N ARG B 110 -71.58 -6.59 -16.05
CA ARG B 110 -72.60 -6.87 -15.05
C ARG B 110 -72.03 -7.69 -13.88
N MET B 111 -72.04 -7.06 -12.70
CA MET B 111 -71.45 -7.61 -11.49
C MET B 111 -72.56 -8.14 -10.56
N THR B 112 -72.76 -9.45 -10.52
CA THR B 112 -73.68 -10.00 -9.54
C THR B 112 -73.02 -11.05 -8.66
N GLY B 113 -73.78 -11.58 -7.70
CA GLY B 113 -73.31 -12.69 -6.91
C GLY B 113 -73.71 -14.00 -7.58
N TRP B 114 -74.98 -14.11 -7.93
CA TRP B 114 -75.50 -15.39 -8.34
C TRP B 114 -75.48 -15.56 -9.86
N GLY B 115 -75.27 -14.46 -10.60
CA GLY B 115 -75.33 -14.52 -12.06
C GLY B 115 -76.61 -13.90 -12.64
N GLN B 116 -76.76 -14.03 -13.96
CA GLN B 116 -77.78 -13.28 -14.69
C GLN B 116 -79.09 -14.06 -14.78
N THR B 117 -79.01 -15.39 -14.70
CA THR B 117 -80.15 -16.29 -14.79
C THR B 117 -80.01 -17.39 -13.74
N GLY B 118 -81.05 -18.23 -13.61
CA GLY B 118 -81.05 -19.37 -12.72
C GLY B 118 -81.83 -19.11 -11.45
N PRO B 119 -82.08 -20.16 -10.64
CA PRO B 119 -83.05 -20.12 -9.56
C PRO B 119 -82.75 -19.14 -8.44
N ARG B 120 -81.48 -18.75 -8.30
CA ARG B 120 -81.17 -17.86 -7.21
C ARG B 120 -80.92 -16.47 -7.73
N SER B 121 -81.13 -16.26 -9.03
CA SER B 121 -80.73 -14.99 -9.65
C SER B 121 -81.44 -13.81 -9.07
N GLN B 122 -82.62 -13.97 -8.46
CA GLN B 122 -83.29 -12.81 -7.91
C GLN B 122 -83.15 -12.69 -6.40
N GLN B 123 -82.37 -13.59 -5.80
CA GLN B 123 -82.24 -13.63 -4.36
C GLN B 123 -81.18 -12.63 -3.93
N ALA B 124 -81.54 -11.81 -2.93
CA ALA B 124 -80.57 -11.01 -2.23
C ALA B 124 -79.53 -11.91 -1.59
N GLY B 125 -78.35 -11.33 -1.39
CA GLY B 125 -77.25 -12.02 -0.77
C GLY B 125 -76.06 -11.10 -0.55
N HIS B 126 -75.11 -11.60 0.20
CA HIS B 126 -73.83 -10.95 0.32
C HIS B 126 -72.74 -12.00 0.19
N ASP B 127 -71.52 -11.52 0.23
CA ASP B 127 -70.33 -12.33 0.08
C ASP B 127 -70.53 -13.69 0.75
N ILE B 128 -70.84 -13.66 2.04
CA ILE B 128 -70.85 -14.90 2.82
C ILE B 128 -71.80 -15.92 2.21
N ASN B 129 -72.85 -15.48 1.50
CA ASN B 129 -73.78 -16.41 0.90
C ASN B 129 -73.22 -17.03 -0.37
N TYR B 130 -72.57 -16.21 -1.24
CA TYR B 130 -72.07 -16.71 -2.52
C TYR B 130 -71.01 -17.77 -2.25
N ILE B 131 -70.18 -17.59 -1.21
CA ILE B 131 -69.12 -18.55 -0.94
C ILE B 131 -69.64 -19.74 -0.11
N SER B 132 -70.85 -19.66 0.42
CA SER B 132 -71.39 -20.83 1.11
C SER B 132 -71.81 -21.88 0.09
N LEU B 133 -72.17 -21.42 -1.12
CA LEU B 133 -72.83 -22.32 -2.03
C LEU B 133 -71.84 -23.19 -2.81
N ASN B 134 -70.59 -22.75 -2.89
CA ASN B 134 -69.65 -23.34 -3.81
C ASN B 134 -68.47 -24.02 -3.09
N GLY B 135 -68.62 -24.32 -1.79
CA GLY B 135 -67.65 -25.12 -1.07
C GLY B 135 -66.59 -24.28 -0.35
N ILE B 136 -66.51 -22.99 -0.64
CA ILE B 136 -65.37 -22.22 -0.18
C ILE B 136 -65.49 -21.98 1.31
N LEU B 137 -66.65 -21.49 1.77
CA LEU B 137 -66.79 -21.10 3.17
C LEU B 137 -66.65 -22.32 4.09
N HIS B 138 -67.10 -23.46 3.62
CA HIS B 138 -67.04 -24.68 4.41
C HIS B 138 -65.59 -25.01 4.77
N ALA B 139 -64.67 -24.56 3.91
CA ALA B 139 -63.30 -25.01 3.96
C ALA B 139 -62.45 -24.11 4.85
N ILE B 140 -63.04 -23.06 5.41
CA ILE B 140 -62.27 -22.08 6.14
C ILE B 140 -62.60 -22.07 7.63
N GLY B 141 -61.56 -22.17 8.47
CA GLY B 141 -61.71 -22.10 9.92
C GLY B 141 -61.11 -23.35 10.58
N ARG B 142 -61.17 -23.43 11.90
CA ARG B 142 -60.71 -24.61 12.62
C ARG B 142 -61.75 -25.73 12.52
N GLY B 143 -61.29 -26.98 12.68
CA GLY B 143 -62.11 -28.16 12.48
C GLY B 143 -63.17 -28.39 13.58
N ASP B 144 -62.86 -27.92 14.79
CA ASP B 144 -63.70 -28.24 15.94
C ASP B 144 -64.86 -27.24 16.05
N GLU B 145 -65.14 -26.51 14.97
CA GLU B 145 -65.80 -25.23 15.11
C GLU B 145 -66.46 -24.82 13.81
N ARG B 146 -67.37 -23.87 13.89
CA ARG B 146 -68.09 -23.50 12.71
C ARG B 146 -67.24 -22.61 11.79
N PRO B 147 -67.53 -22.70 10.48
CA PRO B 147 -66.74 -22.01 9.48
C PRO B 147 -66.68 -20.52 9.73
N VAL B 148 -65.59 -19.89 9.32
CA VAL B 148 -65.43 -18.48 9.65
C VAL B 148 -65.33 -17.73 8.34
N PRO B 149 -66.04 -16.59 8.20
CA PRO B 149 -65.97 -15.82 6.99
C PRO B 149 -64.63 -15.12 6.88
N PRO B 150 -63.96 -15.26 5.72
CA PRO B 150 -62.72 -14.55 5.44
C PRO B 150 -63.02 -13.12 5.02
N LEU B 151 -63.51 -12.38 5.99
CA LEU B 151 -64.15 -11.12 5.71
C LEU B 151 -64.96 -11.29 4.43
N ASN B 152 -64.97 -10.26 3.59
CA ASN B 152 -65.63 -10.34 2.31
C ASN B 152 -64.59 -10.23 1.20
N LEU B 153 -63.44 -10.89 1.36
CA LEU B 153 -62.34 -10.73 0.43
C LEU B 153 -62.47 -11.69 -0.75
N VAL B 154 -63.22 -12.78 -0.58
CA VAL B 154 -63.15 -13.86 -1.54
C VAL B 154 -64.32 -13.78 -2.51
N GLY B 155 -65.48 -13.32 -2.03
CA GLY B 155 -66.62 -13.23 -2.93
C GLY B 155 -66.69 -11.86 -3.59
N ASP B 156 -66.62 -10.81 -2.78
CA ASP B 156 -66.76 -9.46 -3.30
C ASP B 156 -65.61 -9.10 -4.23
N PHE B 157 -64.37 -9.34 -3.78
CA PHE B 157 -63.20 -8.72 -4.38
C PHE B 157 -62.44 -9.77 -5.17
N GLY B 158 -61.83 -10.71 -4.47
CA GLY B 158 -61.06 -11.75 -5.10
C GLY B 158 -61.83 -12.45 -6.21
N GLY B 159 -63.04 -12.93 -5.90
CA GLY B 159 -63.82 -13.71 -6.84
C GLY B 159 -64.88 -12.87 -7.58
N GLY B 160 -64.83 -11.55 -7.36
CA GLY B 160 -65.92 -10.66 -7.72
C GLY B 160 -65.42 -9.52 -8.60
N SER B 161 -65.00 -8.42 -7.96
CA SER B 161 -64.47 -7.26 -8.66
C SER B 161 -63.33 -7.68 -9.59
N MET B 162 -62.45 -8.57 -9.16
CA MET B 162 -61.23 -8.80 -9.90
C MET B 162 -61.58 -9.52 -11.20
N PHE B 163 -62.62 -10.37 -11.18
CA PHE B 163 -63.06 -11.04 -12.39
C PHE B 163 -63.85 -10.07 -13.27
N LEU B 164 -64.61 -9.13 -12.69
CA LEU B 164 -65.20 -8.09 -13.51
C LEU B 164 -64.07 -7.38 -14.30
N LEU B 165 -62.99 -7.01 -13.60
CA LEU B 165 -61.85 -6.33 -14.21
C LEU B 165 -61.21 -7.17 -15.31
N VAL B 166 -60.89 -8.42 -15.00
CA VAL B 166 -60.32 -9.25 -16.03
C VAL B 166 -61.24 -9.28 -17.26
N GLY B 167 -62.55 -9.21 -17.05
CA GLY B 167 -63.50 -9.35 -18.13
C GLY B 167 -63.62 -8.05 -18.93
N ILE B 168 -63.65 -6.92 -18.23
CA ILE B 168 -63.66 -5.62 -18.87
C ILE B 168 -62.44 -5.44 -19.78
N LEU B 169 -61.27 -5.88 -19.31
CA LEU B 169 -60.02 -5.59 -19.99
C LEU B 169 -59.77 -6.65 -21.05
N ALA B 170 -60.20 -7.88 -20.82
CA ALA B 170 -60.13 -8.88 -21.87
C ALA B 170 -61.02 -8.50 -23.05
N ALA B 171 -62.13 -7.79 -22.79
CA ALA B 171 -63.12 -7.53 -23.82
C ALA B 171 -62.69 -6.30 -24.60
N LEU B 172 -61.97 -5.39 -23.94
CA LEU B 172 -61.32 -4.27 -24.60
C LEU B 172 -60.26 -4.76 -25.59
N TRP B 173 -59.51 -5.80 -25.22
CA TRP B 173 -58.54 -6.39 -26.13
C TRP B 173 -59.25 -7.00 -27.33
N GLU B 174 -60.35 -7.74 -27.08
CA GLU B 174 -61.06 -8.40 -28.16
C GLU B 174 -61.63 -7.35 -29.15
N ARG B 175 -62.04 -6.19 -28.62
CA ARG B 175 -62.64 -5.12 -29.41
C ARG B 175 -61.66 -4.63 -30.47
N GLN B 176 -60.38 -4.56 -30.05
CA GLN B 176 -59.29 -4.07 -30.87
C GLN B 176 -59.26 -4.77 -32.25
N SER B 177 -59.62 -6.06 -32.34
CA SER B 177 -59.74 -6.72 -33.63
C SER B 177 -61.16 -7.19 -33.94
N SER B 178 -62.17 -6.37 -33.63
CA SER B 178 -63.54 -6.70 -34.02
C SER B 178 -64.40 -5.46 -34.14
N GLY B 179 -64.02 -4.36 -33.48
CA GLY B 179 -64.69 -3.07 -33.57
C GLY B 179 -65.87 -2.96 -32.61
N LYS B 180 -66.17 -4.06 -31.91
CA LYS B 180 -67.44 -4.26 -31.23
C LYS B 180 -67.24 -4.51 -29.73
N GLY B 181 -68.15 -3.94 -28.93
CA GLY B 181 -68.26 -4.26 -27.51
C GLY B 181 -68.96 -5.61 -27.27
N GLN B 182 -69.30 -5.85 -26.00
CA GLN B 182 -70.08 -7.03 -25.61
C GLN B 182 -70.35 -6.99 -24.11
N VAL B 183 -71.07 -8.02 -23.64
CA VAL B 183 -71.56 -8.08 -22.26
C VAL B 183 -70.69 -9.07 -21.48
N VAL B 184 -70.23 -8.57 -20.33
CA VAL B 184 -69.46 -9.34 -19.38
C VAL B 184 -70.34 -9.64 -18.18
N ASP B 185 -70.55 -10.94 -17.94
CA ASP B 185 -71.38 -11.43 -16.85
C ASP B 185 -70.44 -12.01 -15.80
N ALA B 186 -70.16 -11.19 -14.78
CA ALA B 186 -69.26 -11.58 -13.72
C ALA B 186 -70.05 -11.94 -12.47
N ALA B 187 -70.13 -13.23 -12.18
CA ALA B 187 -70.86 -13.68 -11.03
C ALA B 187 -69.91 -14.14 -9.93
N MET B 188 -70.10 -13.64 -8.70
CA MET B 188 -69.18 -13.94 -7.61
C MET B 188 -69.11 -15.45 -7.36
N VAL B 189 -70.19 -16.19 -7.58
CA VAL B 189 -70.16 -17.62 -7.29
C VAL B 189 -69.24 -18.36 -8.28
N ASP B 190 -69.08 -17.78 -9.48
CA ASP B 190 -68.21 -18.28 -10.54
C ASP B 190 -66.75 -17.86 -10.30
N GLY B 191 -66.52 -16.56 -10.16
CA GLY B 191 -65.17 -16.03 -10.03
C GLY B 191 -64.47 -16.68 -8.83
N SER B 192 -65.23 -16.80 -7.74
CA SER B 192 -64.68 -17.31 -6.50
C SER B 192 -64.39 -18.79 -6.70
N SER B 193 -65.18 -19.49 -7.55
CA SER B 193 -64.86 -20.89 -7.84
C SER B 193 -63.54 -21.03 -8.63
N VAL B 194 -63.27 -20.14 -9.55
CA VAL B 194 -62.03 -20.16 -10.31
C VAL B 194 -60.89 -19.76 -9.39
N LEU B 195 -61.13 -18.78 -8.51
CA LEU B 195 -60.11 -18.33 -7.60
C LEU B 195 -59.60 -19.48 -6.74
N ILE B 196 -60.46 -20.49 -6.48
CA ILE B 196 -60.12 -21.61 -5.61
C ILE B 196 -59.85 -22.84 -6.45
N GLN B 197 -59.46 -22.64 -7.70
CA GLN B 197 -59.26 -23.76 -8.60
C GLN B 197 -58.22 -24.77 -8.08
N MET B 198 -57.19 -24.26 -7.40
CA MET B 198 -56.13 -25.11 -6.86
C MET B 198 -56.69 -26.19 -5.94
N MET B 199 -57.65 -25.83 -5.07
CA MET B 199 -58.22 -26.82 -4.17
C MET B 199 -58.98 -27.85 -4.99
N TRP B 200 -59.64 -27.44 -6.06
CA TRP B 200 -60.38 -28.40 -6.85
C TRP B 200 -59.40 -29.35 -7.57
N ALA B 201 -58.27 -28.82 -8.03
CA ALA B 201 -57.20 -29.63 -8.62
C ALA B 201 -56.69 -30.67 -7.62
N MET B 202 -56.23 -30.16 -6.47
CA MET B 202 -55.83 -30.95 -5.31
C MET B 202 -56.88 -31.98 -4.90
N ARG B 203 -58.18 -31.68 -4.84
CA ARG B 203 -59.09 -32.74 -4.41
C ARG B 203 -59.16 -33.81 -5.49
N ALA B 204 -58.99 -33.42 -6.76
CA ALA B 204 -59.14 -34.38 -7.86
C ALA B 204 -58.06 -35.48 -7.73
N THR B 205 -56.83 -35.08 -7.38
CA THR B 205 -55.71 -35.99 -7.18
C THR B 205 -55.56 -36.46 -5.73
N GLY B 206 -56.65 -36.52 -4.94
CA GLY B 206 -56.59 -37.02 -3.57
C GLY B 206 -55.71 -36.20 -2.60
N MET B 207 -55.36 -34.93 -2.89
CA MET B 207 -54.51 -34.13 -2.01
C MET B 207 -55.27 -32.99 -1.28
N TRP B 208 -56.60 -33.06 -1.22
CA TRP B 208 -57.39 -32.15 -0.41
C TRP B 208 -58.63 -32.91 0.03
N THR B 209 -59.01 -32.82 1.31
CA THR B 209 -60.30 -33.35 1.75
C THR B 209 -61.24 -32.24 2.24
N ASP B 210 -62.52 -32.63 2.28
CA ASP B 210 -63.61 -31.75 2.70
C ASP B 210 -63.65 -31.56 4.23
N THR B 211 -62.83 -32.30 4.99
CA THR B 211 -62.67 -32.02 6.42
C THR B 211 -61.97 -30.67 6.61
N ARG B 212 -62.61 -29.77 7.33
CA ARG B 212 -62.01 -28.49 7.66
C ARG B 212 -60.89 -28.71 8.69
N GLY B 213 -59.79 -27.98 8.52
CA GLY B 213 -58.69 -27.98 9.45
C GLY B 213 -57.78 -29.19 9.31
N ALA B 214 -57.83 -29.84 8.15
CA ALA B 214 -57.10 -31.09 7.94
C ALA B 214 -56.26 -31.09 6.64
N ASN B 215 -55.85 -29.92 6.13
CA ASN B 215 -55.22 -29.83 4.82
C ASN B 215 -53.90 -29.04 4.88
N MET B 216 -53.20 -28.99 3.75
CA MET B 216 -51.86 -28.39 3.69
C MET B 216 -51.96 -26.88 3.95
N LEU B 217 -53.03 -26.23 3.48
CA LEU B 217 -53.13 -24.78 3.44
C LEU B 217 -54.32 -24.19 4.21
N ASP B 218 -55.02 -24.97 5.01
CA ASP B 218 -56.22 -24.47 5.67
C ASP B 218 -55.93 -24.21 7.14
N GLY B 219 -54.71 -24.52 7.57
CA GLY B 219 -54.32 -24.25 8.94
C GLY B 219 -54.10 -25.54 9.71
N GLY B 220 -54.45 -26.68 9.10
CA GLY B 220 -54.22 -27.97 9.72
C GLY B 220 -52.76 -28.43 9.69
N ALA B 221 -51.95 -27.96 8.75
CA ALA B 221 -50.54 -28.32 8.70
C ALA B 221 -49.76 -27.45 9.68
N PRO B 222 -48.93 -28.04 10.55
CA PRO B 222 -48.23 -27.27 11.56
C PRO B 222 -47.17 -26.33 11.03
N TYR B 223 -46.76 -26.56 9.80
CA TYR B 223 -45.82 -25.69 9.11
C TYR B 223 -46.53 -24.68 8.21
N TYR B 224 -47.86 -24.65 8.24
CA TYR B 224 -48.62 -23.61 7.54
C TYR B 224 -49.80 -23.15 8.41
N ASP B 225 -49.50 -22.25 9.34
CA ASP B 225 -50.48 -21.79 10.31
C ASP B 225 -49.86 -20.67 11.12
N THR B 226 -50.65 -20.06 12.00
CA THR B 226 -50.13 -19.07 12.91
C THR B 226 -49.85 -19.69 14.28
N TYR B 227 -49.01 -19.02 15.07
CA TYR B 227 -48.65 -19.50 16.38
C TYR B 227 -48.66 -18.32 17.31
N GLU B 228 -49.12 -18.57 18.53
CA GLU B 228 -49.15 -17.54 19.55
C GLU B 228 -47.77 -17.45 20.21
N CYS B 229 -47.32 -16.23 20.49
CA CYS B 229 -46.00 -16.01 21.04
C CYS B 229 -46.14 -15.65 22.52
N ALA B 230 -45.02 -15.27 23.17
CA ALA B 230 -44.96 -15.10 24.61
C ALA B 230 -45.74 -13.88 25.03
N ASP B 231 -45.88 -12.89 24.14
CA ASP B 231 -46.53 -11.63 24.47
C ASP B 231 -48.01 -11.66 24.03
N GLY B 232 -48.51 -12.80 23.56
CA GLY B 232 -49.89 -12.91 23.11
C GLY B 232 -50.11 -12.43 21.68
N ARG B 233 -49.03 -12.02 20.97
CA ARG B 233 -49.09 -11.68 19.55
C ARG B 233 -48.75 -12.91 18.73
N TYR B 234 -48.73 -12.81 17.39
CA TYR B 234 -48.65 -14.02 16.59
C TYR B 234 -47.57 -13.94 15.51
N VAL B 235 -47.12 -15.12 15.08
CA VAL B 235 -46.32 -15.25 13.88
C VAL B 235 -47.06 -16.16 12.93
N ALA B 236 -46.76 -15.99 11.64
CA ALA B 236 -47.23 -16.88 10.61
C ALA B 236 -46.08 -17.76 10.13
N VAL B 237 -46.35 -19.05 10.00
CA VAL B 237 -45.39 -19.97 9.46
C VAL B 237 -45.92 -20.55 8.17
N GLY B 238 -45.07 -20.53 7.13
CA GLY B 238 -45.44 -20.93 5.79
C GLY B 238 -44.37 -21.80 5.14
N ALA B 239 -43.73 -22.62 5.98
CA ALA B 239 -42.52 -23.34 5.61
C ALA B 239 -42.84 -24.67 4.97
N ILE B 240 -43.39 -24.61 3.77
CA ILE B 240 -43.84 -25.82 3.09
C ILE B 240 -42.65 -26.65 2.60
N GLU B 241 -41.72 -25.98 1.89
CA GLU B 241 -40.58 -26.66 1.29
C GLU B 241 -39.67 -27.17 2.41
N PRO B 242 -39.24 -28.45 2.33
CA PRO B 242 -38.51 -29.09 3.41
C PRO B 242 -37.27 -28.33 3.87
N GLN B 243 -36.64 -27.61 2.93
CA GLN B 243 -35.46 -26.81 3.22
C GLN B 243 -35.85 -25.58 4.04
N PHE B 244 -36.93 -24.88 3.65
CA PHE B 244 -37.40 -23.77 4.45
C PHE B 244 -37.80 -24.30 5.82
N TYR B 245 -38.51 -25.45 5.84
CA TYR B 245 -38.93 -26.04 7.10
C TYR B 245 -37.72 -26.27 8.00
N ALA B 246 -36.68 -26.90 7.45
CA ALA B 246 -35.48 -27.22 8.23
C ALA B 246 -34.82 -25.95 8.77
N ALA B 247 -34.91 -24.86 8.01
CA ALA B 247 -34.31 -23.61 8.43
C ALA B 247 -35.04 -23.11 9.65
N MET B 248 -36.39 -23.25 9.61
CA MET B 248 -37.21 -22.81 10.71
C MET B 248 -36.90 -23.59 11.98
N LEU B 249 -36.84 -24.93 11.87
CA LEU B 249 -36.53 -25.78 13.03
C LEU B 249 -35.22 -25.32 13.69
N ALA B 250 -34.15 -25.09 12.90
CA ALA B 250 -32.88 -24.66 13.49
C ALA B 250 -33.01 -23.33 14.23
N GLY B 251 -33.79 -22.39 13.68
CA GLY B 251 -33.96 -21.11 14.34
C GLY B 251 -34.88 -21.21 15.57
N LEU B 252 -35.74 -22.23 15.60
CA LEU B 252 -36.50 -22.50 16.82
C LEU B 252 -35.65 -23.16 17.90
N GLY B 253 -34.49 -23.72 17.54
CA GLY B 253 -33.68 -24.46 18.50
C GLY B 253 -34.10 -25.93 18.56
N LEU B 254 -34.64 -26.47 17.48
CA LEU B 254 -35.30 -27.76 17.54
C LEU B 254 -34.52 -28.71 16.65
N ASP B 255 -34.30 -29.89 17.19
CA ASP B 255 -33.42 -30.85 16.56
C ASP B 255 -34.33 -31.71 15.70
N ALA B 256 -34.14 -31.71 14.39
CA ALA B 256 -35.01 -32.43 13.48
C ALA B 256 -35.23 -33.89 13.91
N ALA B 257 -34.24 -34.49 14.57
CA ALA B 257 -34.26 -35.92 14.93
C ALA B 257 -35.31 -36.23 16.01
N GLU B 258 -35.63 -35.27 16.90
CA GLU B 258 -36.58 -35.41 18.00
C GLU B 258 -38.05 -35.29 17.57
N LEU B 259 -38.30 -34.72 16.39
CA LEU B 259 -39.64 -34.34 15.95
C LEU B 259 -40.19 -35.45 15.07
N PRO B 260 -41.52 -35.54 14.89
CA PRO B 260 -42.07 -36.38 13.85
C PRO B 260 -41.80 -35.82 12.47
N PRO B 261 -41.91 -36.63 11.40
CA PRO B 261 -41.78 -36.12 10.05
C PRO B 261 -42.72 -34.95 9.76
N GLN B 262 -42.21 -34.01 8.95
CA GLN B 262 -42.93 -32.80 8.59
C GLN B 262 -44.31 -33.15 8.05
N ASN B 263 -44.39 -34.23 7.28
CA ASN B 263 -45.59 -34.54 6.55
C ASN B 263 -46.19 -35.87 6.98
N ASP B 264 -45.88 -36.33 8.20
CA ASP B 264 -46.66 -37.43 8.76
C ASP B 264 -47.91 -36.85 9.46
N ARG B 265 -49.05 -36.91 8.76
CA ARG B 265 -50.26 -36.20 9.15
C ARG B 265 -50.82 -36.79 10.43
N ALA B 266 -50.62 -38.09 10.64
CA ALA B 266 -51.13 -38.68 11.85
C ALA B 266 -50.45 -38.07 13.06
N ARG B 267 -49.24 -37.52 12.88
CA ARG B 267 -48.48 -37.00 14.02
C ARG B 267 -48.48 -35.47 14.06
N TRP B 268 -49.23 -34.83 13.18
CA TRP B 268 -49.31 -33.39 13.19
C TRP B 268 -49.67 -32.82 14.55
N PRO B 269 -50.69 -33.35 15.29
CA PRO B 269 -51.00 -32.84 16.62
C PRO B 269 -49.80 -32.77 17.55
N GLU B 270 -48.97 -33.81 17.51
CA GLU B 270 -47.75 -33.91 18.32
C GLU B 270 -46.72 -32.87 17.86
N LEU B 271 -46.53 -32.77 16.53
CA LEU B 271 -45.59 -31.81 15.96
C LEU B 271 -45.99 -30.38 16.34
N ARG B 272 -47.29 -30.10 16.28
CA ARG B 272 -47.80 -28.76 16.56
C ARG B 272 -47.59 -28.38 18.01
N ALA B 273 -47.66 -29.37 18.92
CA ALA B 273 -47.47 -29.10 20.34
C ALA B 273 -46.01 -28.72 20.62
N LEU B 274 -45.06 -29.38 19.96
CA LEU B 274 -43.64 -29.01 20.08
C LEU B 274 -43.35 -27.62 19.49
N LEU B 275 -43.83 -27.36 18.27
CA LEU B 275 -43.69 -26.03 17.69
C LEU B 275 -44.39 -24.95 18.53
N THR B 276 -45.58 -25.28 19.05
CA THR B 276 -46.35 -24.33 19.86
C THR B 276 -45.50 -23.89 21.06
N GLU B 277 -44.87 -24.84 21.73
CA GLU B 277 -44.09 -24.58 22.93
C GLU B 277 -42.90 -23.71 22.58
N ALA B 278 -42.23 -24.04 21.47
CA ALA B 278 -41.08 -23.26 21.03
C ALA B 278 -41.47 -21.81 20.74
N PHE B 279 -42.49 -21.58 19.92
CA PHE B 279 -42.88 -20.22 19.57
C PHE B 279 -43.38 -19.47 20.81
N ALA B 280 -43.89 -20.18 21.82
CA ALA B 280 -44.45 -19.52 23.00
C ALA B 280 -43.37 -18.96 23.92
N SER B 281 -42.13 -19.36 23.70
CA SER B 281 -41.06 -19.09 24.65
C SER B 281 -40.42 -17.73 24.41
N HIS B 282 -40.71 -17.07 23.29
CA HIS B 282 -40.26 -15.70 23.00
C HIS B 282 -41.37 -14.89 22.35
N ASP B 283 -41.24 -13.56 22.36
CA ASP B 283 -42.25 -12.67 21.81
C ASP B 283 -42.15 -12.58 20.28
N ARG B 284 -43.18 -11.99 19.67
CA ARG B 284 -43.30 -11.90 18.22
C ARG B 284 -42.10 -11.16 17.60
N ASP B 285 -41.68 -10.06 18.19
CA ASP B 285 -40.66 -9.21 17.58
C ASP B 285 -39.34 -9.96 17.58
N HIS B 286 -39.13 -10.75 18.64
CA HIS B 286 -37.98 -11.62 18.73
C HIS B 286 -37.89 -12.55 17.53
N TRP B 287 -39.00 -13.18 17.15
CA TRP B 287 -38.98 -14.10 16.03
C TRP B 287 -38.80 -13.35 14.72
N GLY B 288 -39.42 -12.17 14.62
CA GLY B 288 -39.24 -11.33 13.45
C GLY B 288 -37.77 -11.01 13.20
N ALA B 289 -37.03 -10.71 14.28
CA ALA B 289 -35.61 -10.46 14.19
C ALA B 289 -34.85 -11.71 13.76
N VAL B 290 -34.94 -12.78 14.55
CA VAL B 290 -34.29 -14.06 14.29
C VAL B 290 -34.45 -14.55 12.85
N PHE B 291 -35.61 -14.32 12.21
CA PHE B 291 -35.89 -14.94 10.93
C PHE B 291 -35.82 -13.94 9.76
N ALA B 292 -35.46 -12.70 10.04
CA ALA B 292 -35.17 -11.74 8.97
C ALA B 292 -34.02 -12.25 8.10
N ASN B 293 -34.17 -12.09 6.76
CA ASN B 293 -33.18 -12.49 5.77
C ASN B 293 -33.15 -14.01 5.63
N SER B 294 -34.06 -14.69 6.30
CA SER B 294 -34.14 -16.14 6.31
C SER B 294 -35.15 -16.66 5.30
N ASP B 295 -34.97 -17.89 4.86
CA ASP B 295 -35.95 -18.60 4.04
C ASP B 295 -36.88 -19.47 4.91
N ALA B 296 -37.00 -19.15 6.19
CA ALA B 296 -37.71 -19.99 7.13
C ALA B 296 -39.24 -19.83 7.01
N CYS B 297 -39.68 -18.80 6.25
CA CYS B 297 -41.08 -18.43 6.00
C CYS B 297 -41.83 -18.21 7.31
N VAL B 298 -41.26 -17.35 8.17
CA VAL B 298 -41.81 -17.01 9.46
C VAL B 298 -41.92 -15.48 9.47
N THR B 299 -43.12 -14.92 9.68
CA THR B 299 -43.30 -13.47 9.61
C THR B 299 -44.17 -13.03 10.77
N PRO B 300 -43.97 -11.82 11.30
CA PRO B 300 -44.89 -11.28 12.28
C PRO B 300 -46.30 -11.11 11.72
N VAL B 301 -47.33 -11.41 12.52
CA VAL B 301 -48.69 -11.13 12.10
C VAL B 301 -49.06 -9.76 12.63
N LEU B 302 -49.06 -8.76 11.74
CA LEU B 302 -49.29 -7.37 12.14
C LEU B 302 -50.78 -7.06 12.05
N ALA B 303 -51.27 -6.33 13.04
CA ALA B 303 -52.55 -5.65 12.98
C ALA B 303 -52.48 -4.43 12.07
N PHE B 304 -53.63 -3.97 11.60
CA PHE B 304 -53.69 -2.86 10.67
C PHE B 304 -52.90 -1.66 11.20
N GLY B 305 -53.11 -1.31 12.47
CA GLY B 305 -52.48 -0.15 13.09
C GLY B 305 -50.94 -0.19 13.19
N GLU B 306 -50.31 -1.34 12.92
CA GLU B 306 -48.86 -1.53 13.01
C GLU B 306 -48.20 -1.54 11.62
N VAL B 307 -49.01 -1.60 10.56
CA VAL B 307 -48.50 -1.85 9.21
C VAL B 307 -47.66 -0.68 8.72
N HIS B 308 -48.00 0.55 9.13
CA HIS B 308 -47.28 1.73 8.71
C HIS B 308 -45.86 1.78 9.32
N ASN B 309 -45.57 0.94 10.34
CA ASN B 309 -44.27 0.91 10.98
C ASN B 309 -43.37 -0.21 10.47
N GLU B 310 -43.79 -0.95 9.43
CA GLU B 310 -43.02 -2.09 8.96
C GLU B 310 -42.06 -1.68 7.85
N PRO B 311 -40.73 -1.89 7.99
CA PRO B 311 -39.78 -1.44 6.99
C PRO B 311 -40.20 -1.81 5.58
N HIS B 312 -40.52 -3.07 5.33
CA HIS B 312 -40.72 -3.46 3.94
C HIS B 312 -41.90 -2.71 3.34
N ILE B 313 -42.89 -2.38 4.21
CA ILE B 313 -44.08 -1.65 3.80
C ILE B 313 -43.70 -0.20 3.53
N ILE B 314 -43.00 0.47 4.46
CA ILE B 314 -42.64 1.87 4.32
C ILE B 314 -41.87 2.07 3.02
N GLU B 315 -40.84 1.25 2.80
CA GLU B 315 -39.87 1.48 1.75
C GLU B 315 -40.40 1.19 0.35
N ARG B 316 -41.46 0.39 0.22
CA ARG B 316 -42.01 0.20 -1.12
C ARG B 316 -43.25 1.08 -1.33
N ASN B 317 -43.58 1.94 -0.37
CA ASN B 317 -44.76 2.79 -0.43
C ASN B 317 -45.98 1.98 -0.89
N THR B 318 -46.35 0.97 -0.09
CA THR B 318 -47.47 0.10 -0.39
C THR B 318 -48.75 0.87 -0.03
N PHE B 319 -48.62 1.78 0.97
CA PHE B 319 -49.68 2.65 1.46
C PHE B 319 -49.29 4.12 1.26
N TYR B 320 -50.29 5.02 1.35
CA TYR B 320 -50.10 6.47 1.40
C TYR B 320 -50.99 7.02 2.50
N GLU B 321 -50.57 8.10 3.17
CA GLU B 321 -51.40 8.76 4.17
C GLU B 321 -52.55 9.51 3.48
N ALA B 322 -53.71 9.61 4.12
CA ALA B 322 -54.83 10.41 3.64
C ALA B 322 -55.95 10.44 4.68
N ASN B 323 -56.61 11.58 4.84
CA ASN B 323 -57.91 11.63 5.51
C ASN B 323 -57.76 11.21 6.98
N GLY B 324 -58.47 10.14 7.38
CA GLY B 324 -58.31 9.56 8.72
C GLY B 324 -56.94 8.93 8.90
N GLY B 325 -56.64 7.91 8.06
CA GLY B 325 -55.38 7.18 8.13
C GLY B 325 -54.96 6.62 6.78
N TRP B 326 -54.25 5.49 6.81
CA TRP B 326 -53.57 4.94 5.65
C TRP B 326 -54.52 4.25 4.69
N GLN B 327 -54.12 4.15 3.43
CA GLN B 327 -54.84 3.45 2.40
C GLN B 327 -53.84 2.82 1.44
N PRO B 328 -54.22 1.74 0.74
CA PRO B 328 -53.32 1.11 -0.21
C PRO B 328 -53.15 1.89 -1.51
N MET B 329 -51.88 2.07 -1.90
CA MET B 329 -51.53 2.63 -3.18
C MET B 329 -51.92 1.64 -4.28
N PRO B 330 -52.08 2.11 -5.53
CA PRO B 330 -52.49 1.25 -6.62
C PRO B 330 -51.65 -0.01 -6.78
N ALA B 331 -52.26 -1.03 -7.37
CA ALA B 331 -51.57 -2.23 -7.74
C ALA B 331 -52.14 -2.71 -9.06
N PRO B 332 -51.43 -3.48 -9.89
CA PRO B 332 -50.00 -3.71 -9.73
C PRO B 332 -49.24 -2.47 -10.20
N ARG B 333 -47.91 -2.55 -10.24
CA ARG B 333 -47.10 -1.39 -10.63
C ARG B 333 -46.58 -1.57 -12.05
N PHE B 334 -46.28 -0.42 -12.69
CA PHE B 334 -45.99 -0.35 -14.13
C PHE B 334 -44.72 0.47 -14.36
N SER B 335 -43.78 -0.03 -15.17
CA SER B 335 -42.46 0.61 -15.32
C SER B 335 -42.56 1.97 -16.01
N ARG B 336 -43.17 1.97 -17.23
CA ARG B 336 -43.26 3.16 -18.08
C ARG B 336 -44.44 4.06 -17.68
N THR B 337 -45.67 3.53 -17.70
CA THR B 337 -46.87 4.34 -17.46
C THR B 337 -47.34 4.13 -16.04
N ALA B 338 -46.71 4.81 -15.09
CA ALA B 338 -46.90 4.51 -13.68
C ALA B 338 -48.15 5.21 -13.16
N SER B 339 -48.91 4.52 -12.31
CA SER B 339 -50.07 5.13 -11.66
C SER B 339 -49.60 6.22 -10.72
N SER B 340 -50.53 7.09 -10.34
CA SER B 340 -50.25 8.21 -9.46
C SER B 340 -50.97 7.96 -8.15
N GLN B 341 -50.66 8.77 -7.15
CA GLN B 341 -51.36 8.74 -5.89
C GLN B 341 -52.83 9.08 -6.09
N PRO B 342 -53.78 8.20 -5.71
CA PRO B 342 -55.21 8.46 -5.83
C PRO B 342 -55.69 9.81 -5.33
N ARG B 343 -56.58 10.41 -6.13
CA ARG B 343 -57.26 11.65 -5.80
C ARG B 343 -58.43 11.31 -4.89
N PRO B 344 -58.64 12.02 -3.76
CA PRO B 344 -59.82 11.81 -2.93
C PRO B 344 -61.15 11.93 -3.68
N PRO B 345 -62.28 11.55 -3.03
CA PRO B 345 -63.57 11.54 -3.72
C PRO B 345 -64.01 12.94 -4.15
N ALA B 346 -64.37 13.05 -5.43
CA ALA B 346 -64.56 14.34 -6.08
C ALA B 346 -65.99 14.84 -5.88
N ALA B 347 -66.21 15.63 -4.80
CA ALA B 347 -67.46 16.33 -4.50
C ALA B 347 -68.34 16.50 -5.74
N THR B 348 -69.67 16.37 -5.53
CA THR B 348 -70.64 16.14 -6.60
C THR B 348 -70.49 17.19 -7.69
N ILE B 349 -69.97 16.81 -8.87
CA ILE B 349 -69.98 17.72 -10.00
C ILE B 349 -71.26 17.44 -10.78
N ASP B 350 -71.68 18.37 -11.66
CA ASP B 350 -72.95 18.24 -12.36
C ASP B 350 -72.74 17.61 -13.73
N ILE B 351 -73.67 16.71 -14.07
CA ILE B 351 -73.53 15.76 -15.17
C ILE B 351 -73.29 16.43 -16.52
N GLU B 352 -73.78 17.66 -16.68
CA GLU B 352 -73.65 18.40 -17.94
C GLU B 352 -72.20 18.81 -18.18
N ALA B 353 -71.50 19.26 -17.12
CA ALA B 353 -70.08 19.58 -17.20
C ALA B 353 -69.30 18.43 -17.83
N VAL B 354 -69.60 17.20 -17.38
CA VAL B 354 -68.88 16.02 -17.82
C VAL B 354 -69.10 15.84 -19.31
N LEU B 355 -70.32 16.16 -19.77
CA LEU B 355 -70.66 15.99 -21.16
C LEU B 355 -69.94 17.03 -22.02
N THR B 356 -69.74 18.24 -21.48
CA THR B 356 -68.92 19.27 -22.13
C THR B 356 -67.49 18.74 -22.27
N ASP B 357 -66.90 18.37 -21.11
CA ASP B 357 -65.57 17.80 -20.98
C ASP B 357 -65.34 16.62 -21.94
N TRP B 358 -66.28 15.66 -22.02
CA TRP B 358 -66.26 14.64 -23.06
C TRP B 358 -66.97 15.15 -24.32
N ASP B 359 -66.32 16.04 -25.07
CA ASP B 359 -66.85 16.54 -26.35
C ASP B 359 -68.13 17.34 -26.10
N MET C 1 52.97 27.05 40.85
CA MET C 1 51.53 27.35 41.10
C MET C 1 51.10 26.84 42.47
N ALA C 2 50.43 27.69 43.25
CA ALA C 2 50.17 27.43 44.67
C ALA C 2 48.82 26.75 44.89
N GLY C 3 48.82 25.75 45.77
CA GLY C 3 47.59 25.22 46.35
C GLY C 3 47.60 23.72 46.26
N PRO C 4 46.58 23.02 46.79
CA PRO C 4 46.60 21.56 46.79
C PRO C 4 46.38 20.90 45.43
N LEU C 5 46.01 21.69 44.41
CA LEU C 5 45.78 21.15 43.08
C LEU C 5 46.83 21.72 42.12
N SER C 6 48.06 21.91 42.62
CA SER C 6 49.19 22.19 41.75
C SER C 6 49.40 20.95 40.90
N GLY C 7 49.48 21.15 39.58
CA GLY C 7 49.76 20.06 38.66
C GLY C 7 48.51 19.48 37.97
N LEU C 8 47.31 19.74 38.50
CA LEU C 8 46.08 19.34 37.81
C LEU C 8 45.86 20.29 36.64
N ARG C 9 45.48 19.69 35.51
CA ARG C 9 45.31 20.42 34.27
C ARG C 9 43.86 20.32 33.84
N VAL C 10 43.28 21.48 33.53
CA VAL C 10 41.85 21.52 33.28
C VAL C 10 41.58 22.28 31.98
N VAL C 11 40.75 21.64 31.15
CA VAL C 11 40.24 22.36 29.98
C VAL C 11 38.78 22.69 30.21
N GLU C 12 38.49 24.00 30.16
CA GLU C 12 37.15 24.53 30.28
C GLU C 12 36.62 24.99 28.92
N LEU C 13 35.52 24.39 28.44
CA LEU C 13 34.81 24.94 27.29
C LEU C 13 33.91 26.07 27.78
N ALA C 14 34.20 27.30 27.35
CA ALA C 14 33.51 28.45 27.93
C ALA C 14 31.99 28.30 27.85
N GLY C 15 31.33 28.35 29.02
CA GLY C 15 29.90 28.52 29.16
C GLY C 15 29.58 29.59 30.20
N ILE C 16 28.40 29.49 30.85
CA ILE C 16 27.91 30.50 31.79
C ILE C 16 27.46 29.84 33.10
N GLY C 17 27.67 30.55 34.21
CA GLY C 17 27.14 30.12 35.48
C GLY C 17 27.99 29.02 36.13
N PRO C 18 27.47 27.81 36.34
CA PRO C 18 28.18 26.83 37.17
C PRO C 18 29.53 26.37 36.62
N GLY C 19 29.70 26.33 35.29
CA GLY C 19 30.85 25.70 34.67
C GLY C 19 32.08 26.52 34.98
N PRO C 20 32.01 27.82 34.71
CA PRO C 20 33.09 28.74 35.06
C PRO C 20 33.34 28.87 36.56
N HIS C 21 32.35 28.54 37.38
CA HIS C 21 32.50 28.68 38.82
C HIS C 21 33.30 27.49 39.33
N ALA C 22 32.98 26.30 38.85
CA ALA C 22 33.77 25.11 39.15
C ALA C 22 35.22 25.30 38.68
N ALA C 23 35.35 25.88 37.49
CA ALA C 23 36.65 26.08 36.89
C ALA C 23 37.41 27.05 37.76
N MET C 24 36.74 28.14 38.15
CA MET C 24 37.39 29.17 38.94
C MET C 24 37.92 28.57 40.24
N ILE C 25 37.14 27.69 40.88
CA ILE C 25 37.54 27.16 42.17
C ILE C 25 38.71 26.20 41.99
N LEU C 26 38.74 25.49 40.85
CA LEU C 26 39.82 24.54 40.62
C LEU C 26 41.12 25.35 40.55
N GLY C 27 41.09 26.43 39.79
CA GLY C 27 42.25 27.29 39.58
C GLY C 27 42.57 28.16 40.80
N ASP C 28 41.59 28.33 41.70
CA ASP C 28 41.81 29.05 42.94
C ASP C 28 42.76 28.23 43.79
N LEU C 29 42.52 26.91 43.79
CA LEU C 29 43.29 25.96 44.58
C LEU C 29 44.53 25.47 43.82
N GLY C 30 44.89 26.16 42.73
CA GLY C 30 46.17 25.97 42.05
C GLY C 30 46.12 25.23 40.70
N ALA C 31 44.96 24.68 40.31
CA ALA C 31 44.88 23.97 39.05
C ALA C 31 45.25 24.90 37.90
N ASP C 32 45.70 24.25 36.82
CA ASP C 32 46.12 24.92 35.61
C ASP C 32 44.93 24.90 34.67
N VAL C 33 44.33 26.08 34.46
CA VAL C 33 43.00 26.08 33.86
C VAL C 33 43.09 26.82 32.55
N VAL C 34 42.80 26.07 31.48
CA VAL C 34 42.74 26.63 30.14
C VAL C 34 41.30 26.58 29.65
N ARG C 35 40.83 27.79 29.30
CA ARG C 35 39.47 28.01 28.88
C ARG C 35 39.46 28.40 27.41
N ILE C 36 38.74 27.59 26.62
CA ILE C 36 38.57 27.80 25.19
C ILE C 36 37.28 28.60 24.97
N ASP C 37 37.41 29.84 24.48
CA ASP C 37 36.24 30.66 24.18
C ASP C 37 36.16 30.86 22.66
N ARG C 38 34.99 31.30 22.17
CA ARG C 38 34.81 31.65 20.77
C ARG C 38 35.52 32.97 20.45
N PRO C 39 36.09 33.14 19.23
CA PRO C 39 36.70 34.42 18.86
C PRO C 39 35.70 35.57 18.83
N SER C 40 34.45 35.27 18.45
CA SER C 40 33.40 36.26 18.38
C SER C 40 33.16 36.98 19.73
N SER C 41 33.62 36.38 20.85
CA SER C 41 33.25 36.88 22.18
C SER C 41 34.27 37.87 22.75
N VAL C 42 35.58 37.60 22.67
CA VAL C 42 36.54 38.31 23.51
C VAL C 42 36.81 39.73 22.96
N ILE C 45 40.73 41.86 27.52
CA ILE C 45 40.69 41.11 28.81
C ILE C 45 39.27 41.22 29.39
N SER C 46 38.76 40.09 29.91
CA SER C 46 37.41 40.06 30.48
C SER C 46 37.37 40.85 31.78
N ARG C 47 36.25 41.55 32.03
CA ARG C 47 36.06 42.26 33.28
C ARG C 47 35.33 41.36 34.29
N ASP C 48 34.98 40.13 33.90
CA ASP C 48 34.34 39.19 34.80
C ASP C 48 35.40 38.58 35.72
N ALA C 49 35.41 39.01 36.99
CA ALA C 49 36.34 38.50 37.98
C ALA C 49 36.16 37.00 38.21
N MET C 50 35.10 36.38 37.63
CA MET C 50 34.91 34.93 37.74
C MET C 50 35.91 34.21 36.84
N LEU C 51 36.59 34.96 35.95
CA LEU C 51 37.52 34.36 35.01
C LEU C 51 38.95 34.55 35.50
N ARG C 52 39.11 34.50 36.82
CA ARG C 52 40.41 34.65 37.44
C ARG C 52 41.03 33.25 37.44
N ASN C 53 42.35 33.18 37.69
CA ASN C 53 43.12 31.92 37.73
C ASN C 53 42.92 31.11 36.45
N ARG C 54 42.95 31.79 35.31
CA ARG C 54 42.67 31.22 34.00
C ARG C 54 43.75 31.55 32.97
N ARG C 55 43.96 30.62 32.03
CA ARG C 55 44.42 31.00 30.69
C ARG C 55 43.25 30.94 29.68
N ILE C 56 43.02 32.07 29.00
CA ILE C 56 41.96 32.23 28.02
C ILE C 56 42.55 31.99 26.62
N VAL C 57 42.04 30.99 25.89
CA VAL C 57 42.44 30.80 24.50
C VAL C 57 41.20 30.78 23.62
N THR C 58 41.33 31.45 22.46
CA THR C 58 40.33 31.53 21.41
C THR C 58 40.50 30.36 20.43
N ALA C 59 39.37 29.80 19.97
CA ALA C 59 39.33 28.79 18.92
C ALA C 59 37.89 28.55 18.47
N ASP C 60 37.69 28.56 17.15
CA ASP C 60 36.43 28.18 16.52
C ASP C 60 36.36 26.67 16.43
N LEU C 61 35.50 26.04 17.26
CA LEU C 61 35.44 24.59 17.41
C LEU C 61 34.59 23.96 16.32
N LYS C 62 34.03 24.79 15.45
CA LYS C 62 33.38 24.29 14.25
C LYS C 62 34.42 24.08 13.15
N SER C 63 35.49 24.90 13.11
CA SER C 63 36.54 24.78 12.10
C SER C 63 37.38 23.53 12.40
N ASP C 64 38.06 22.98 11.38
CA ASP C 64 38.80 21.73 11.54
C ASP C 64 40.05 21.95 12.35
N GLN C 65 40.61 23.16 12.22
CA GLN C 65 41.79 23.60 12.96
C GLN C 65 41.45 23.76 14.44
N GLY C 66 40.46 24.62 14.73
CA GLY C 66 39.77 24.68 16.02
C GLY C 66 39.70 23.30 16.69
N LEU C 67 38.96 22.35 16.10
CA LEU C 67 38.74 21.04 16.71
C LEU C 67 40.07 20.31 16.95
N GLU C 68 41.06 20.57 16.07
CA GLU C 68 42.31 19.84 16.14
C GLU C 68 43.14 20.35 17.31
N LEU C 69 43.24 21.68 17.49
CA LEU C 69 43.92 22.29 18.63
C LEU C 69 43.30 21.83 19.97
N ALA C 70 42.00 22.12 20.17
CA ALA C 70 41.25 21.66 21.32
C ALA C 70 41.52 20.19 21.67
N LEU C 71 41.55 19.31 20.66
CA LEU C 71 41.76 17.89 20.92
C LEU C 71 43.18 17.60 21.42
N LYS C 72 44.12 18.49 21.08
CA LYS C 72 45.50 18.34 21.54
C LYS C 72 45.65 18.81 22.98
N LEU C 73 45.01 19.93 23.36
CA LEU C 73 44.91 20.33 24.77
C LEU C 73 44.32 19.17 25.57
N ILE C 74 43.21 18.62 25.10
CA ILE C 74 42.48 17.65 25.90
C ILE C 74 43.34 16.40 26.11
N ALA C 75 44.28 16.13 25.19
CA ALA C 75 45.10 14.92 25.26
C ALA C 75 46.10 15.01 26.41
N LYS C 76 46.57 16.23 26.66
CA LYS C 76 47.60 16.55 27.63
C LYS C 76 47.01 16.97 28.99
N ALA C 77 45.72 16.69 29.25
CA ALA C 77 44.97 17.31 30.35
C ALA C 77 44.26 16.27 31.18
N ASP C 78 43.86 16.65 32.41
CA ASP C 78 43.25 15.70 33.35
C ASP C 78 41.73 15.82 33.37
N VAL C 79 41.22 17.04 33.13
CA VAL C 79 39.80 17.29 33.30
C VAL C 79 39.27 18.18 32.18
N LEU C 80 38.15 17.74 31.63
CA LEU C 80 37.40 18.60 30.74
C LEU C 80 36.09 19.03 31.41
N ILE C 81 35.82 20.32 31.33
CA ILE C 81 34.57 20.86 31.84
C ILE C 81 33.81 21.43 30.66
N GLU C 82 32.58 20.93 30.46
CA GLU C 82 31.65 21.54 29.51
C GLU C 82 30.25 21.68 30.12
N GLY C 83 29.63 22.85 29.88
CA GLY C 83 28.26 23.08 30.35
C GLY C 83 27.30 23.55 29.25
N TYR C 84 27.23 22.78 28.16
CA TYR C 84 26.31 23.03 27.07
C TYR C 84 25.18 22.01 27.15
N ARG C 85 24.18 22.18 26.27
CA ARG C 85 23.06 21.26 26.29
C ARG C 85 23.62 19.91 25.91
N PRO C 86 23.04 18.78 26.39
CA PRO C 86 23.47 17.48 25.92
C PRO C 86 23.44 17.39 24.41
N GLY C 87 24.47 16.78 23.83
CA GLY C 87 24.58 16.55 22.40
C GLY C 87 25.57 17.53 21.77
N VAL C 88 25.89 18.61 22.48
CA VAL C 88 26.58 19.71 21.83
C VAL C 88 28.06 19.41 21.63
N THR C 89 28.66 18.62 22.52
CA THR C 89 30.08 18.38 22.37
C THR C 89 30.23 17.21 21.38
N GLU C 90 29.30 16.26 21.43
CA GLU C 90 29.29 15.15 20.51
C GLU C 90 29.43 15.71 19.08
N ARG C 91 28.47 16.56 18.70
CA ARG C 91 28.40 17.14 17.37
C ARG C 91 29.66 17.93 17.05
N LEU C 92 30.29 18.56 18.05
CA LEU C 92 31.47 19.35 17.73
C LEU C 92 32.66 18.45 17.38
N GLY C 93 32.58 17.17 17.79
CA GLY C 93 33.72 16.26 17.73
C GLY C 93 34.46 16.13 19.06
N LEU C 94 33.94 16.78 20.12
CA LEU C 94 34.57 16.88 21.44
C LEU C 94 33.79 16.08 22.48
N GLY C 95 32.99 15.10 22.05
CA GLY C 95 32.23 14.28 22.97
C GLY C 95 33.15 13.45 23.86
N PRO C 96 32.60 12.74 24.87
CA PRO C 96 33.41 11.84 25.68
C PRO C 96 34.09 10.76 24.85
N GLU C 97 33.35 10.09 23.97
CA GLU C 97 33.87 8.95 23.22
C GLU C 97 35.05 9.37 22.37
N GLU C 98 34.95 10.52 21.71
CA GLU C 98 36.06 11.08 20.96
C GLU C 98 37.21 11.45 21.91
N CYS C 99 36.86 12.02 23.06
CA CYS C 99 37.85 12.56 23.98
C CYS C 99 38.63 11.39 24.57
N ALA C 100 37.91 10.30 24.90
CA ALA C 100 38.51 9.06 25.39
C ALA C 100 39.55 8.50 24.42
N LYS C 101 39.25 8.49 23.10
CA LYS C 101 40.15 7.96 22.08
C LYS C 101 41.55 8.56 22.24
N VAL C 102 41.65 9.84 22.61
CA VAL C 102 42.96 10.50 22.65
C VAL C 102 43.46 10.70 24.07
N ASN C 103 42.82 10.04 25.07
CA ASN C 103 43.13 10.24 26.49
C ASN C 103 42.12 9.48 27.37
N ASP C 104 42.44 8.21 27.65
CA ASP C 104 41.55 7.33 28.41
C ASP C 104 41.61 7.69 29.89
N ARG C 105 42.41 8.70 30.24
CA ARG C 105 42.57 9.08 31.62
C ARG C 105 41.60 10.22 31.97
N LEU C 106 40.92 10.79 30.96
CA LEU C 106 40.24 12.07 31.11
C LEU C 106 39.06 11.96 32.09
N ILE C 107 38.96 12.98 32.97
CA ILE C 107 37.73 13.23 33.70
C ILE C 107 36.86 14.18 32.86
N TYR C 108 35.74 13.62 32.38
CA TYR C 108 34.85 14.33 31.48
C TYR C 108 33.70 14.90 32.31
N ALA C 109 33.73 16.22 32.53
CA ALA C 109 32.76 16.83 33.45
C ALA C 109 31.65 17.58 32.70
N ARG C 110 30.43 17.08 32.81
CA ARG C 110 29.29 17.65 32.10
C ARG C 110 28.32 18.36 33.05
N MET C 111 28.16 19.66 32.87
CA MET C 111 27.45 20.52 33.82
C MET C 111 26.16 21.03 33.20
N THR C 112 25.01 20.45 33.60
CA THR C 112 23.73 20.87 33.05
C THR C 112 22.78 21.20 34.20
N GLY C 113 21.62 21.74 33.82
CA GLY C 113 20.52 21.90 34.75
C GLY C 113 19.70 20.63 34.90
N TRP C 114 19.28 20.07 33.76
CA TRP C 114 18.26 19.04 33.79
C TRP C 114 18.87 17.64 33.70
N GLY C 115 20.18 17.54 33.43
CA GLY C 115 20.82 16.24 33.24
C GLY C 115 21.03 15.87 31.76
N GLN C 116 21.51 14.65 31.50
CA GLN C 116 22.00 14.28 30.17
C GLN C 116 20.86 13.71 29.34
N THR C 117 19.89 13.08 29.99
CA THR C 117 18.72 12.58 29.30
C THR C 117 17.43 13.04 29.98
N GLY C 118 16.31 12.60 29.42
CA GLY C 118 14.98 12.73 29.98
C GLY C 118 14.25 13.88 29.31
N PRO C 119 12.95 14.06 29.61
CA PRO C 119 12.06 14.96 28.86
C PRO C 119 12.41 16.45 28.82
N ARG C 120 13.10 16.93 29.86
CA ARG C 120 13.45 18.34 29.97
C ARG C 120 14.87 18.61 29.50
N SER C 121 15.56 17.57 28.99
CA SER C 121 17.02 17.65 28.85
C SER C 121 17.46 18.61 27.76
N GLN C 122 16.57 19.06 26.87
CA GLN C 122 16.98 20.05 25.89
C GLN C 122 16.33 21.43 26.14
N GLN C 123 15.50 21.53 27.18
CA GLN C 123 14.91 22.79 27.59
C GLN C 123 15.95 23.76 28.16
N ALA C 124 16.07 24.92 27.52
CA ALA C 124 16.74 26.04 28.13
C ALA C 124 16.18 26.21 29.53
N GLY C 125 17.02 26.73 30.41
CA GLY C 125 16.58 27.07 31.73
C GLY C 125 17.67 27.83 32.49
N HIS C 126 17.27 28.35 33.66
CA HIS C 126 18.22 28.95 34.58
C HIS C 126 17.92 28.47 35.99
N ASP C 127 18.76 28.92 36.92
CA ASP C 127 18.72 28.48 38.31
C ASP C 127 17.28 28.37 38.78
N ILE C 128 16.52 29.47 38.65
CA ILE C 128 15.16 29.52 39.18
C ILE C 128 14.30 28.37 38.64
N ASN C 129 14.53 27.94 37.40
CA ASN C 129 13.80 26.82 36.82
C ASN C 129 14.18 25.50 37.49
N TYR C 130 15.47 25.30 37.73
CA TYR C 130 15.88 23.98 38.19
C TYR C 130 15.35 23.77 39.61
N ILE C 131 15.39 24.81 40.44
CA ILE C 131 14.94 24.70 41.84
C ILE C 131 13.42 24.80 41.96
N SER C 132 12.73 25.21 40.88
CA SER C 132 11.28 25.27 40.95
C SER C 132 10.71 23.86 40.93
N LEU C 133 11.41 22.91 40.31
CA LEU C 133 10.83 21.62 39.99
C LEU C 133 11.03 20.61 41.12
N ASN C 134 11.91 20.90 42.09
CA ASN C 134 12.27 19.87 43.04
C ASN C 134 11.87 20.29 44.44
N GLY C 135 11.04 21.36 44.56
CA GLY C 135 10.45 21.79 45.83
C GLY C 135 11.22 22.92 46.51
N ILE C 136 12.43 23.20 46.06
CA ILE C 136 13.25 24.15 46.77
C ILE C 136 12.64 25.54 46.74
N LEU C 137 12.33 26.06 45.55
CA LEU C 137 11.88 27.42 45.41
C LEU C 137 10.57 27.59 46.17
N HIS C 138 9.73 26.57 46.15
CA HIS C 138 8.44 26.72 46.78
C HIS C 138 8.57 27.01 48.27
N ALA C 139 9.70 26.64 48.85
CA ALA C 139 9.87 26.63 50.29
C ALA C 139 10.43 27.95 50.79
N ILE C 140 10.74 28.89 49.87
CA ILE C 140 11.55 30.05 50.20
C ILE C 140 10.72 31.32 50.11
N GLY C 141 10.62 32.06 51.23
CA GLY C 141 9.92 33.34 51.31
C GLY C 141 8.92 33.39 52.46
N ARG C 142 8.19 34.50 52.54
CA ARG C 142 7.12 34.59 53.52
C ARG C 142 5.89 33.85 52.99
N GLY C 143 5.01 33.44 53.91
CA GLY C 143 3.92 32.55 53.58
C GLY C 143 2.75 33.27 52.92
N ASP C 144 2.72 34.59 53.02
CA ASP C 144 1.56 35.31 52.50
C ASP C 144 1.89 35.88 51.12
N GLU C 145 2.80 35.22 50.40
CA GLU C 145 3.53 35.86 49.32
C GLU C 145 4.12 34.79 48.41
N ARG C 146 4.40 35.23 47.19
CA ARG C 146 4.93 34.31 46.21
C ARG C 146 6.40 34.02 46.51
N PRO C 147 6.88 32.83 46.13
CA PRO C 147 8.22 32.39 46.48
C PRO C 147 9.27 33.33 45.92
N VAL C 148 10.39 33.45 46.60
CA VAL C 148 11.38 34.43 46.17
C VAL C 148 12.64 33.66 45.82
N PRO C 149 13.29 34.01 44.71
CA PRO C 149 14.48 33.28 44.32
C PRO C 149 15.64 33.63 45.26
N PRO C 150 16.32 32.62 45.81
CA PRO C 150 17.51 32.89 46.60
C PRO C 150 18.71 33.19 45.73
N LEU C 151 18.62 34.29 44.96
CA LEU C 151 19.56 34.56 43.88
C LEU C 151 19.74 33.30 43.03
N ASN C 152 20.95 33.10 42.48
CA ASN C 152 21.25 31.85 41.83
C ASN C 152 22.24 31.05 42.67
N LEU C 153 22.09 31.07 43.99
CA LEU C 153 23.05 30.43 44.88
C LEU C 153 22.78 28.94 44.96
N VAL C 154 21.52 28.52 44.87
CA VAL C 154 21.19 27.15 45.19
C VAL C 154 21.30 26.24 43.96
N GLY C 155 20.92 26.69 42.76
CA GLY C 155 20.98 25.83 41.58
C GLY C 155 22.34 25.86 40.91
N ASP C 156 22.75 27.07 40.52
CA ASP C 156 24.02 27.29 39.89
C ASP C 156 25.16 26.79 40.76
N PHE C 157 25.29 27.33 41.98
CA PHE C 157 26.54 27.15 42.69
C PHE C 157 26.37 26.01 43.69
N GLY C 158 25.56 26.22 44.71
CA GLY C 158 25.48 25.26 45.78
C GLY C 158 25.23 23.86 45.26
N GLY C 159 24.26 23.74 44.37
CA GLY C 159 23.79 22.45 43.90
C GLY C 159 24.28 22.16 42.48
N GLY C 160 25.20 22.98 41.98
CA GLY C 160 25.65 22.87 40.61
C GLY C 160 27.16 22.80 40.51
N SER C 161 27.81 23.95 40.41
CA SER C 161 29.26 23.99 40.40
C SER C 161 29.81 23.10 41.50
N MET C 162 29.21 23.12 42.70
CA MET C 162 29.87 22.46 43.81
C MET C 162 29.77 20.94 43.66
N PHE C 163 28.66 20.41 43.16
CA PHE C 163 28.57 18.98 42.88
C PHE C 163 29.43 18.58 41.67
N LEU C 164 29.64 19.50 40.73
CA LEU C 164 30.54 19.21 39.63
C LEU C 164 31.94 18.98 40.19
N LEU C 165 32.38 19.91 41.06
CA LEU C 165 33.64 19.87 41.77
C LEU C 165 33.79 18.57 42.55
N VAL C 166 32.78 18.18 43.30
CA VAL C 166 32.92 16.95 44.05
C VAL C 166 33.07 15.76 43.11
N GLY C 167 32.38 15.76 41.98
CA GLY C 167 32.43 14.63 41.06
C GLY C 167 33.80 14.49 40.38
N ILE C 168 34.34 15.60 39.87
CA ILE C 168 35.69 15.64 39.35
C ILE C 168 36.65 15.02 40.37
N LEU C 169 36.73 15.65 41.56
CA LEU C 169 37.73 15.33 42.55
C LEU C 169 37.51 13.90 43.05
N ALA C 170 36.26 13.48 43.22
CA ALA C 170 35.98 12.10 43.61
C ALA C 170 36.45 11.11 42.54
N ALA C 171 36.36 11.49 41.25
CA ALA C 171 36.69 10.56 40.19
C ALA C 171 38.20 10.56 39.97
N LEU C 172 38.86 11.69 40.30
CA LEU C 172 40.32 11.80 40.34
C LEU C 172 40.89 10.88 41.43
N TRP C 173 40.26 10.82 42.58
CA TRP C 173 40.60 9.79 43.56
C TRP C 173 40.44 8.42 42.91
N GLU C 174 39.28 8.15 42.29
CA GLU C 174 39.02 6.84 41.72
C GLU C 174 40.11 6.43 40.72
N ARG C 175 40.60 7.38 39.92
CA ARG C 175 41.56 7.15 38.85
C ARG C 175 42.95 6.73 39.35
N GLN C 176 43.35 7.16 40.56
CA GLN C 176 44.61 6.75 41.16
C GLN C 176 44.62 5.23 41.28
N SER C 177 43.50 4.68 41.75
CA SER C 177 43.34 3.25 41.96
C SER C 177 43.14 2.47 40.66
N SER C 178 42.53 3.05 39.61
CA SER C 178 42.08 2.22 38.49
C SER C 178 42.74 2.58 37.16
N GLY C 179 43.46 3.71 37.08
CA GLY C 179 44.16 4.14 35.88
C GLY C 179 43.27 4.89 34.87
N LYS C 180 41.93 4.82 35.08
CA LYS C 180 40.93 5.18 34.10
C LYS C 180 40.11 6.41 34.49
N GLY C 181 39.84 7.27 33.48
CA GLY C 181 38.90 8.37 33.60
C GLY C 181 37.44 7.90 33.56
N GLN C 182 36.53 8.87 33.50
CA GLN C 182 35.11 8.62 33.31
C GLN C 182 34.38 9.95 33.13
N VAL C 183 33.04 9.84 33.07
CA VAL C 183 32.16 10.98 32.84
C VAL C 183 31.42 11.31 34.13
N VAL C 184 31.40 12.60 34.45
CA VAL C 184 30.63 13.11 35.58
C VAL C 184 29.44 13.89 35.03
N ASP C 185 28.23 13.39 35.38
CA ASP C 185 26.95 13.99 35.04
C ASP C 185 26.47 14.79 36.25
N ALA C 186 26.74 16.10 36.24
CA ALA C 186 26.30 16.97 37.30
C ALA C 186 25.13 17.83 36.82
N ALA C 187 23.92 17.44 37.24
CA ALA C 187 22.70 18.19 36.98
C ALA C 187 22.25 18.99 38.22
N MET C 188 21.92 20.27 38.02
CA MET C 188 21.51 21.16 39.11
C MET C 188 20.26 20.65 39.83
N VAL C 189 19.40 19.95 39.12
CA VAL C 189 18.16 19.52 39.73
C VAL C 189 18.47 18.40 40.72
N ASP C 190 19.56 17.66 40.50
CA ASP C 190 20.01 16.59 41.40
C ASP C 190 20.83 17.15 42.56
N GLY C 191 21.87 17.92 42.24
CA GLY C 191 22.71 18.50 43.28
C GLY C 191 21.91 19.33 44.30
N SER C 192 21.01 20.18 43.79
CA SER C 192 20.25 21.07 44.65
C SER C 192 19.36 20.20 45.54
N SER C 193 18.94 19.02 45.05
CA SER C 193 18.08 18.15 45.87
C SER C 193 18.88 17.50 47.01
N VAL C 194 20.14 17.19 46.77
CA VAL C 194 20.97 16.61 47.80
C VAL C 194 21.35 17.72 48.77
N LEU C 195 21.52 18.92 48.21
CA LEU C 195 21.84 20.07 49.04
C LEU C 195 20.76 20.28 50.10
N ILE C 196 19.49 19.95 49.78
CA ILE C 196 18.37 20.22 50.66
C ILE C 196 17.92 18.92 51.32
N GLN C 197 18.81 17.92 51.41
CA GLN C 197 18.44 16.65 52.02
C GLN C 197 17.90 16.81 53.44
N MET C 198 18.43 17.76 54.22
CA MET C 198 17.91 17.99 55.56
C MET C 198 16.38 18.15 55.59
N MET C 199 15.84 18.91 54.62
CA MET C 199 14.41 19.19 54.63
C MET C 199 13.63 17.92 54.28
N TRP C 200 14.17 17.11 53.37
CA TRP C 200 13.56 15.83 53.06
C TRP C 200 13.62 14.93 54.28
N ALA C 201 14.74 14.87 54.98
CA ALA C 201 14.79 14.13 56.23
C ALA C 201 13.75 14.66 57.21
N MET C 202 13.68 15.99 57.36
CA MET C 202 12.77 16.56 58.35
C MET C 202 11.32 16.30 57.98
N ARG C 203 10.99 16.14 56.69
CA ARG C 203 9.58 16.00 56.33
C ARG C 203 9.10 14.58 56.65
N ALA C 204 9.99 13.61 56.54
CA ALA C 204 9.68 12.20 56.78
C ALA C 204 9.31 11.95 58.25
N THR C 205 9.97 12.68 59.16
CA THR C 205 9.70 12.57 60.58
C THR C 205 8.70 13.63 61.03
N GLY C 206 7.90 14.20 60.12
CA GLY C 206 6.88 15.19 60.49
C GLY C 206 7.43 16.50 61.06
N MET C 207 8.70 16.83 60.81
CA MET C 207 9.32 18.04 61.36
C MET C 207 9.45 19.16 60.31
N TRP C 208 8.77 19.05 59.18
CA TRP C 208 8.84 20.09 58.16
C TRP C 208 7.59 20.00 57.28
N THR C 209 6.89 21.12 57.05
CA THR C 209 5.66 21.16 56.26
C THR C 209 5.90 21.91 54.95
N ASP C 210 5.02 21.60 54.00
CA ASP C 210 5.09 22.15 52.67
C ASP C 210 4.58 23.59 52.72
N THR C 211 4.08 24.05 53.87
CA THR C 211 3.66 25.43 54.01
C THR C 211 4.86 26.37 54.14
N ARG C 212 4.86 27.43 53.35
CA ARG C 212 5.93 28.40 53.38
C ARG C 212 5.79 29.31 54.61
N GLY C 213 6.93 29.69 55.19
CA GLY C 213 6.97 30.62 56.32
C GLY C 213 6.44 29.97 57.59
N ALA C 214 6.52 28.65 57.71
CA ALA C 214 5.91 27.98 58.85
C ALA C 214 6.80 26.88 59.44
N ASN C 215 8.12 26.95 59.27
CA ASN C 215 9.03 25.93 59.77
C ASN C 215 10.17 26.58 60.56
N MET C 216 11.09 25.74 61.03
CA MET C 216 12.11 26.14 61.98
C MET C 216 13.13 27.03 61.27
N LEU C 217 13.34 26.77 59.98
CA LEU C 217 14.46 27.40 59.30
C LEU C 217 14.08 28.26 58.10
N ASP C 218 12.79 28.50 57.84
CA ASP C 218 12.39 29.22 56.65
C ASP C 218 12.03 30.65 56.99
N GLY C 219 12.17 30.98 58.27
CA GLY C 219 11.83 32.31 58.76
C GLY C 219 10.54 32.32 59.56
N GLY C 220 9.84 31.19 59.65
CA GLY C 220 8.60 31.09 60.42
C GLY C 220 8.84 31.11 61.95
N ALA C 221 9.98 30.60 62.43
CA ALA C 221 10.26 30.63 63.86
C ALA C 221 10.78 32.02 64.26
N PRO C 222 10.23 32.62 65.33
CA PRO C 222 10.69 33.92 65.78
C PRO C 222 12.15 33.96 66.21
N TYR C 223 12.69 32.80 66.59
CA TYR C 223 14.10 32.72 66.98
C TYR C 223 15.04 32.39 65.81
N TYR C 224 14.50 32.22 64.60
CA TYR C 224 15.33 32.04 63.40
C TYR C 224 14.79 32.92 62.29
N ASP C 225 15.14 34.21 62.33
CA ASP C 225 14.59 35.18 61.40
C ASP C 225 15.36 36.48 61.51
N THR C 226 15.06 37.45 60.64
CA THR C 226 15.66 38.76 60.80
C THR C 226 14.66 39.64 61.55
N TYR C 227 15.14 40.73 62.12
CA TYR C 227 14.30 41.70 62.81
C TYR C 227 14.78 43.06 62.36
N GLU C 228 13.82 43.97 62.19
CA GLU C 228 14.18 45.35 61.90
C GLU C 228 14.49 46.08 63.21
N CYS C 229 15.48 46.97 63.14
CA CYS C 229 15.98 47.76 64.24
C CYS C 229 15.56 49.21 64.09
N ALA C 230 15.86 50.01 65.12
CA ALA C 230 15.36 51.36 65.25
C ALA C 230 15.79 52.20 64.04
N ASP C 231 16.89 51.80 63.40
CA ASP C 231 17.51 52.60 62.36
C ASP C 231 17.05 52.15 60.98
N GLY C 232 16.10 51.22 60.89
CA GLY C 232 15.76 50.64 59.60
C GLY C 232 16.74 49.55 59.12
N ARG C 233 17.84 49.26 59.83
CA ARG C 233 18.72 48.15 59.50
C ARG C 233 18.26 46.88 60.23
N TYR C 234 18.92 45.74 59.97
CA TYR C 234 18.43 44.47 60.47
C TYR C 234 19.49 43.74 61.28
N VAL C 235 18.99 42.85 62.13
CA VAL C 235 19.80 41.80 62.69
C VAL C 235 19.21 40.45 62.34
N ALA C 236 20.06 39.42 62.43
CA ALA C 236 19.64 38.05 62.28
C ALA C 236 19.76 37.36 63.63
N VAL C 237 18.73 36.57 63.92
CA VAL C 237 18.62 35.80 65.13
C VAL C 237 18.57 34.34 64.71
N GLY C 238 19.48 33.52 65.27
CA GLY C 238 19.58 32.10 64.96
C GLY C 238 19.62 31.23 66.22
N ALA C 239 18.97 31.70 67.29
CA ALA C 239 19.05 31.09 68.62
C ALA C 239 18.10 29.91 68.73
N ILE C 240 18.47 28.80 68.10
CA ILE C 240 17.65 27.60 68.11
C ILE C 240 17.80 26.86 69.44
N GLU C 241 19.03 26.72 69.90
CA GLU C 241 19.27 26.00 71.16
C GLU C 241 18.71 26.84 72.29
N PRO C 242 18.01 26.16 73.23
CA PRO C 242 17.33 26.85 74.33
C PRO C 242 18.23 27.72 75.20
N GLN C 243 19.50 27.35 75.38
CA GLN C 243 20.41 28.14 76.18
CA GLN C 243 20.40 28.17 76.19
C GLN C 243 20.73 29.44 75.43
N PHE C 244 20.92 29.33 74.10
CA PHE C 244 21.21 30.52 73.29
C PHE C 244 19.99 31.44 73.26
N TYR C 245 18.79 30.85 73.10
CA TYR C 245 17.55 31.60 73.07
C TYR C 245 17.42 32.41 74.37
N ALA C 246 17.67 31.75 75.51
CA ALA C 246 17.55 32.38 76.84
C ALA C 246 18.51 33.55 76.97
N ALA C 247 19.75 33.35 76.51
CA ALA C 247 20.72 34.43 76.54
C ALA C 247 20.23 35.58 75.66
N MET C 248 19.62 35.25 74.51
CA MET C 248 19.04 36.27 73.66
C MET C 248 17.98 37.10 74.41
N LEU C 249 16.98 36.45 75.03
CA LEU C 249 15.94 37.15 75.77
C LEU C 249 16.54 38.08 76.84
N ALA C 250 17.53 37.61 77.63
CA ALA C 250 18.07 38.47 78.68
C ALA C 250 18.74 39.71 78.08
N GLY C 251 19.41 39.57 76.94
CA GLY C 251 20.04 40.71 76.30
C GLY C 251 19.03 41.75 75.80
N LEU C 252 17.84 41.30 75.38
CA LEU C 252 16.76 42.18 74.94
C LEU C 252 16.07 42.89 76.09
N GLY C 253 16.32 42.40 77.32
CA GLY C 253 15.69 42.95 78.51
C GLY C 253 14.35 42.28 78.76
N LEU C 254 14.12 41.09 78.18
CA LEU C 254 12.86 40.40 78.35
C LEU C 254 13.01 39.31 79.39
N ASP C 255 11.93 39.15 80.13
CA ASP C 255 11.88 38.17 81.20
C ASP C 255 11.12 36.96 80.66
N ALA C 256 11.79 35.81 80.59
CA ALA C 256 11.25 34.60 79.98
C ALA C 256 9.88 34.22 80.53
N ALA C 257 9.62 34.49 81.81
CA ALA C 257 8.39 34.05 82.45
C ALA C 257 7.18 34.84 81.95
N GLU C 258 7.37 35.94 81.18
CA GLU C 258 6.26 36.72 80.65
C GLU C 258 6.04 36.43 79.16
N LEU C 259 6.59 35.31 78.67
CA LEU C 259 6.59 35.07 77.24
C LEU C 259 6.01 33.70 76.97
N PRO C 260 5.48 33.44 75.76
CA PRO C 260 5.12 32.11 75.38
C PRO C 260 6.36 31.24 75.27
N PRO C 261 6.23 29.91 75.41
CA PRO C 261 7.36 29.04 75.19
C PRO C 261 7.97 29.20 73.80
N GLN C 262 9.29 29.02 73.73
CA GLN C 262 10.03 29.15 72.48
C GLN C 262 9.41 28.30 71.38
N ASN C 263 8.93 27.10 71.70
CA ASN C 263 8.52 26.20 70.64
C ASN C 263 7.03 25.87 70.70
N ASP C 264 6.21 26.77 71.27
CA ASP C 264 4.76 26.73 71.07
C ASP C 264 4.39 27.46 69.77
N ARG C 265 4.22 26.69 68.68
CA ARG C 265 4.07 27.26 67.35
C ARG C 265 2.81 28.12 67.31
N ALA C 266 1.77 27.71 68.01
CA ALA C 266 0.51 28.43 68.00
C ALA C 266 0.69 29.87 68.49
N ARG C 267 1.77 30.18 69.24
CA ARG C 267 1.93 31.51 69.82
C ARG C 267 3.14 32.22 69.23
N TRP C 268 3.65 31.68 68.13
CA TRP C 268 4.76 32.35 67.48
C TRP C 268 4.40 33.78 67.12
N PRO C 269 3.18 34.07 66.64
CA PRO C 269 2.81 35.45 66.31
C PRO C 269 2.92 36.41 67.49
N GLU C 270 2.45 35.96 68.66
CA GLU C 270 2.57 36.68 69.90
C GLU C 270 4.03 36.87 70.28
N LEU C 271 4.82 35.79 70.20
CA LEU C 271 6.22 35.84 70.58
C LEU C 271 6.99 36.76 69.63
N ARG C 272 6.71 36.64 68.33
CA ARG C 272 7.32 37.51 67.33
C ARG C 272 7.02 38.97 67.60
N ALA C 273 5.79 39.25 68.03
CA ALA C 273 5.41 40.64 68.30
C ALA C 273 6.26 41.21 69.44
N LEU C 274 6.49 40.40 70.48
CA LEU C 274 7.32 40.84 71.61
C LEU C 274 8.78 41.07 71.20
N LEU C 275 9.33 40.15 70.39
CA LEU C 275 10.70 40.26 69.96
C LEU C 275 10.83 41.43 69.01
N THR C 276 9.81 41.60 68.17
CA THR C 276 9.83 42.68 67.19
C THR C 276 9.91 44.01 67.93
N GLU C 277 9.15 44.15 69.01
CA GLU C 277 9.12 45.41 69.73
C GLU C 277 10.48 45.62 70.39
N ALA C 278 11.09 44.56 70.93
CA ALA C 278 12.37 44.70 71.61
C ALA C 278 13.46 45.15 70.64
N PHE C 279 13.64 44.43 69.50
CA PHE C 279 14.69 44.76 68.55
C PHE C 279 14.51 46.16 67.97
N ALA C 280 13.25 46.61 67.77
CA ALA C 280 13.02 47.93 67.19
C ALA C 280 13.35 49.07 68.15
N SER C 281 13.66 48.80 69.42
CA SER C 281 13.92 49.86 70.39
C SER C 281 15.35 50.40 70.29
N HIS C 282 16.25 49.70 69.59
CA HIS C 282 17.61 50.20 69.40
C HIS C 282 18.12 49.84 68.00
N ASP C 283 19.15 50.55 67.54
CA ASP C 283 19.72 50.41 66.21
C ASP C 283 20.61 49.17 66.12
N ARG C 284 20.99 48.78 64.89
CA ARG C 284 21.61 47.49 64.67
C ARG C 284 22.94 47.39 65.43
N ASP C 285 23.67 48.51 65.50
CA ASP C 285 25.03 48.48 66.01
C ASP C 285 25.00 48.37 67.54
N HIS C 286 23.93 48.86 68.16
CA HIS C 286 23.67 48.55 69.55
C HIS C 286 23.63 47.04 69.76
N TRP C 287 22.81 46.33 69.00
CA TRP C 287 22.66 44.91 69.24
C TRP C 287 23.97 44.20 68.92
N GLY C 288 24.70 44.68 67.91
CA GLY C 288 26.03 44.16 67.59
C GLY C 288 26.97 44.21 68.79
N ALA C 289 27.02 45.37 69.46
CA ALA C 289 27.79 45.55 70.67
C ALA C 289 27.28 44.66 71.81
N VAL C 290 26.03 44.84 72.22
CA VAL C 290 25.42 44.09 73.32
C VAL C 290 25.67 42.59 73.20
N PHE C 291 25.70 42.03 71.98
CA PHE C 291 25.76 40.58 71.84
C PHE C 291 27.11 40.07 71.34
N ALA C 292 28.12 40.95 71.27
CA ALA C 292 29.47 40.51 70.98
C ALA C 292 29.94 39.61 72.12
N ASN C 293 30.58 38.50 71.74
CA ASN C 293 31.14 37.52 72.65
C ASN C 293 30.03 36.66 73.26
N SER C 294 28.78 36.88 72.86
CA SER C 294 27.67 36.12 73.39
C SER C 294 27.31 34.93 72.50
N ASP C 295 26.65 33.93 73.11
CA ASP C 295 26.08 32.80 72.42
C ASP C 295 24.63 33.08 72.01
N ALA C 296 24.21 34.34 71.99
CA ALA C 296 22.82 34.65 71.72
C ALA C 296 22.42 34.39 70.26
N CYS C 297 23.41 34.21 69.36
CA CYS C 297 23.15 33.98 67.94
C CYS C 297 22.44 35.19 67.35
N VAL C 298 22.98 36.38 67.65
CA VAL C 298 22.48 37.61 67.08
C VAL C 298 23.63 38.30 66.36
N THR C 299 23.45 38.55 65.05
CA THR C 299 24.47 39.18 64.23
C THR C 299 23.84 40.30 63.44
N PRO C 300 24.62 41.35 63.13
CA PRO C 300 24.17 42.38 62.20
C PRO C 300 24.06 41.82 60.78
N VAL C 301 23.01 42.22 60.07
CA VAL C 301 22.85 41.81 58.68
C VAL C 301 23.48 42.89 57.81
N LEU C 302 24.69 42.63 57.33
CA LEU C 302 25.47 43.64 56.60
C LEU C 302 25.22 43.54 55.10
N ALA C 303 25.19 44.71 54.48
CA ALA C 303 25.16 44.83 53.03
C ALA C 303 26.58 44.71 52.48
N PHE C 304 26.67 44.28 51.21
CA PHE C 304 27.94 43.96 50.58
C PHE C 304 28.94 45.07 50.85
N GLY C 305 28.52 46.32 50.61
CA GLY C 305 29.39 47.47 50.73
C GLY C 305 29.95 47.71 52.13
N GLU C 306 29.41 47.05 53.17
CA GLU C 306 29.83 47.25 54.54
C GLU C 306 30.73 46.12 55.04
N VAL C 307 30.86 45.05 54.25
CA VAL C 307 31.48 43.83 54.72
C VAL C 307 32.97 44.01 54.99
N HIS C 308 33.62 44.88 54.20
CA HIS C 308 35.04 45.18 54.32
C HIS C 308 35.37 45.90 55.63
N ASN C 309 34.39 46.53 56.29
CA ASN C 309 34.61 47.21 57.55
C ASN C 309 34.35 46.31 58.77
N GLU C 310 34.07 45.02 58.58
CA GLU C 310 33.71 44.19 59.70
C GLU C 310 34.94 43.46 60.22
N PRO C 311 35.33 43.67 61.51
CA PRO C 311 36.52 43.06 62.11
C PRO C 311 36.74 41.57 61.84
N HIS C 312 35.72 40.73 61.93
CA HIS C 312 35.97 39.30 61.73
C HIS C 312 36.29 38.96 60.26
N ILE C 313 35.80 39.78 59.33
CA ILE C 313 36.06 39.62 57.90
C ILE C 313 37.48 40.12 57.58
N ILE C 314 37.82 41.31 58.10
CA ILE C 314 39.15 41.90 57.92
C ILE C 314 40.21 40.96 58.51
N GLU C 315 40.05 40.57 59.77
CA GLU C 315 41.09 39.87 60.48
C GLU C 315 41.43 38.56 59.78
N ARG C 316 40.43 37.84 59.25
CA ARG C 316 40.70 36.54 58.63
C ARG C 316 40.97 36.62 57.13
N ASN C 317 41.03 37.83 56.55
CA ASN C 317 41.32 38.00 55.13
C ASN C 317 40.36 37.19 54.27
N THR C 318 39.06 37.34 54.51
CA THR C 318 38.09 36.59 53.72
C THR C 318 38.02 37.18 52.32
N PHE C 319 38.32 38.48 52.19
CA PHE C 319 38.32 39.19 50.93
C PHE C 319 39.70 39.78 50.62
N TYR C 320 39.94 40.10 49.33
CA TYR C 320 41.13 40.79 48.83
C TYR C 320 40.61 41.89 47.92
N GLU C 321 41.31 43.03 47.84
CA GLU C 321 40.96 44.10 46.90
C GLU C 321 41.48 43.73 45.52
N ALA C 322 40.75 44.15 44.48
CA ALA C 322 41.13 43.85 43.11
C ALA C 322 40.25 44.61 42.15
N ASN C 323 40.87 45.38 41.25
CA ASN C 323 40.16 45.91 40.10
C ASN C 323 38.91 46.65 40.57
N GLY C 324 39.09 47.62 41.48
CA GLY C 324 38.02 48.49 41.97
C GLY C 324 36.83 47.74 42.57
N GLY C 325 37.08 46.93 43.62
CA GLY C 325 36.03 46.17 44.27
C GLY C 325 36.57 44.90 44.93
N TRP C 326 35.98 44.54 46.07
CA TRP C 326 36.41 43.39 46.82
C TRP C 326 35.92 42.09 46.16
N GLN C 327 36.74 41.04 46.28
CA GLN C 327 36.45 39.71 45.81
C GLN C 327 36.88 38.74 46.90
N PRO C 328 36.20 37.59 47.05
CA PRO C 328 36.53 36.63 48.08
C PRO C 328 37.75 35.80 47.74
N MET C 329 38.57 35.56 48.76
CA MET C 329 39.75 34.74 48.65
C MET C 329 39.30 33.30 48.54
N PRO C 330 40.18 32.42 48.03
CA PRO C 330 39.86 31.01 47.89
C PRO C 330 39.37 30.40 49.19
N ALA C 331 38.56 29.35 49.03
CA ALA C 331 38.09 28.56 50.14
C ALA C 331 37.98 27.14 49.64
N PRO C 332 38.10 26.11 50.52
CA PRO C 332 38.45 26.29 51.92
C PRO C 332 39.95 26.60 52.04
N ARG C 333 40.49 26.45 53.26
CA ARG C 333 41.89 26.81 53.51
C ARG C 333 42.67 25.56 53.87
N PHE C 334 43.99 25.62 53.57
CA PHE C 334 44.87 24.46 53.66
C PHE C 334 46.06 24.79 54.56
N SER C 335 46.40 23.89 55.51
CA SER C 335 47.51 24.12 56.42
C SER C 335 48.86 24.16 55.68
N ARG C 336 49.15 23.15 54.84
CA ARG C 336 50.46 23.01 54.17
C ARG C 336 50.50 23.66 52.78
N THR C 337 49.59 23.27 51.86
CA THR C 337 49.63 23.73 50.47
C THR C 337 48.66 24.90 50.30
N ALA C 338 49.05 26.09 50.77
CA ALA C 338 48.13 27.20 50.83
C ALA C 338 47.93 27.79 49.44
N SER C 339 46.67 28.05 49.08
CA SER C 339 46.33 28.85 47.91
C SER C 339 46.92 30.24 48.04
N SER C 340 47.15 30.88 46.90
CA SER C 340 47.59 32.26 46.91
C SER C 340 46.46 33.15 46.41
N GLN C 341 46.71 34.45 46.47
CA GLN C 341 45.79 35.42 45.93
C GLN C 341 45.51 35.05 44.48
N PRO C 342 44.25 35.15 44.02
CA PRO C 342 43.93 34.88 42.61
C PRO C 342 44.60 35.83 41.61
N ARG C 343 45.06 35.26 40.47
CA ARG C 343 45.55 36.03 39.33
C ARG C 343 44.34 36.59 38.59
N PRO C 344 44.31 37.91 38.27
CA PRO C 344 43.20 38.46 37.51
C PRO C 344 43.11 37.88 36.09
N PRO C 345 41.99 38.07 35.38
CA PRO C 345 41.81 37.47 34.07
C PRO C 345 42.98 37.72 33.12
N ALA C 346 43.52 36.61 32.55
CA ALA C 346 44.77 36.63 31.81
C ALA C 346 44.52 36.85 30.32
N ALA C 347 45.07 37.96 29.79
CA ALA C 347 45.00 38.33 28.38
C ALA C 347 45.05 37.10 27.48
N THR C 348 44.43 37.20 26.29
CA THR C 348 44.28 36.06 25.39
C THR C 348 45.66 35.51 25.07
N ILE C 349 45.83 34.22 25.35
CA ILE C 349 47.06 33.51 25.06
C ILE C 349 46.81 32.79 23.74
N ASP C 350 47.90 32.42 23.06
CA ASP C 350 47.84 31.68 21.82
C ASP C 350 47.85 30.18 22.12
N ILE C 351 46.83 29.45 21.66
CA ILE C 351 46.64 28.07 22.08
C ILE C 351 47.87 27.22 21.72
N GLU C 352 48.64 27.65 20.72
CA GLU C 352 49.90 27.03 20.35
C GLU C 352 50.86 27.05 21.54
N ALA C 353 51.06 28.25 22.12
CA ALA C 353 51.98 28.46 23.23
C ALA C 353 51.61 27.60 24.44
N VAL C 354 50.32 27.32 24.63
CA VAL C 354 49.87 26.50 25.74
C VAL C 354 50.39 25.09 25.49
N LEU C 355 50.20 24.61 24.25
CA LEU C 355 50.66 23.28 23.84
C LEU C 355 52.17 23.14 23.97
N THR C 356 52.90 24.23 23.73
CA THR C 356 54.34 24.30 23.95
C THR C 356 54.63 24.04 25.44
N ASP C 357 54.02 24.84 26.33
CA ASP C 357 54.18 24.78 27.78
C ASP C 357 53.81 23.38 28.31
N TRP C 358 52.75 22.76 27.78
CA TRP C 358 52.34 21.44 28.22
C TRP C 358 53.15 20.33 27.55
N ASP C 359 53.95 20.66 26.52
CA ASP C 359 54.76 19.73 25.74
C ASP C 359 54.36 18.29 26.03
N MET D 1 31.51 -1.75 48.42
CA MET D 1 30.66 -0.52 48.37
C MET D 1 30.78 0.17 47.01
N ALA D 2 29.65 0.57 46.42
CA ALA D 2 29.64 1.15 45.06
C ALA D 2 30.04 2.62 45.08
N GLY D 3 30.84 3.03 44.08
CA GLY D 3 31.04 4.44 43.81
C GLY D 3 32.51 4.82 43.73
N PRO D 4 32.82 6.06 43.27
CA PRO D 4 34.19 6.45 42.97
C PRO D 4 35.04 6.62 44.21
N LEU D 5 34.40 6.60 45.38
CA LEU D 5 35.13 6.76 46.63
C LEU D 5 35.16 5.44 47.39
N SER D 6 35.14 4.30 46.68
CA SER D 6 35.39 3.04 47.33
C SER D 6 36.80 3.07 47.90
N GLY D 7 36.93 2.62 49.16
CA GLY D 7 38.21 2.46 49.83
C GLY D 7 38.63 3.68 50.66
N LEU D 8 37.84 4.76 50.59
CA LEU D 8 38.08 5.94 51.41
C LEU D 8 37.48 5.69 52.79
N ARG D 9 38.31 5.89 53.83
CA ARG D 9 37.90 5.69 55.21
C ARG D 9 37.75 7.03 55.90
N VAL D 10 36.58 7.24 56.50
CA VAL D 10 36.24 8.53 57.05
C VAL D 10 35.79 8.39 58.50
N VAL D 11 36.43 9.19 59.36
CA VAL D 11 35.93 9.32 60.74
C VAL D 11 35.26 10.67 60.90
N GLU D 12 34.01 10.61 61.37
CA GLU D 12 33.19 11.80 61.59
C GLU D 12 32.87 11.92 63.08
N LEU D 13 33.24 13.05 63.68
CA LEU D 13 32.80 13.36 65.05
C LEU D 13 31.44 14.05 65.02
N ALA D 14 30.42 13.36 65.53
CA ALA D 14 29.04 13.79 65.39
C ALA D 14 28.91 15.26 65.79
N GLY D 15 28.56 16.08 64.80
CA GLY D 15 28.04 17.42 65.05
C GLY D 15 26.62 17.57 64.49
N ILE D 16 26.36 18.77 63.97
CA ILE D 16 25.07 19.11 63.37
C ILE D 16 25.33 19.95 62.12
N GLY D 17 24.46 19.77 61.11
CA GLY D 17 24.51 20.62 59.93
C GLY D 17 25.57 20.18 58.93
N PRO D 18 26.56 21.03 58.60
CA PRO D 18 27.47 20.76 57.50
C PRO D 18 28.32 19.51 57.64
N GLY D 19 28.87 19.32 58.86
CA GLY D 19 29.68 18.17 59.18
C GLY D 19 29.04 16.87 58.75
N PRO D 20 27.83 16.55 59.23
CA PRO D 20 27.15 15.34 58.76
C PRO D 20 26.70 15.34 57.31
N HIS D 21 26.52 16.50 56.68
CA HIS D 21 26.07 16.51 55.29
C HIS D 21 27.28 16.13 54.44
N ALA D 22 28.45 16.73 54.73
CA ALA D 22 29.69 16.30 54.10
C ALA D 22 29.88 14.80 54.26
N ALA D 23 29.71 14.29 55.48
CA ALA D 23 29.94 12.88 55.71
C ALA D 23 28.95 12.05 54.90
N MET D 24 27.73 12.58 54.76
CA MET D 24 26.68 11.86 54.08
C MET D 24 27.05 11.65 52.60
N ILE D 25 27.60 12.69 51.99
CA ILE D 25 27.92 12.65 50.57
C ILE D 25 29.12 11.72 50.35
N LEU D 26 30.12 11.76 51.25
CA LEU D 26 31.25 10.83 51.15
C LEU D 26 30.72 9.41 51.13
N GLY D 27 29.88 9.07 52.11
CA GLY D 27 29.21 7.77 52.14
C GLY D 27 28.34 7.52 50.92
N ASP D 28 27.72 8.60 50.42
CA ASP D 28 26.85 8.50 49.27
C ASP D 28 27.64 7.87 48.11
N LEU D 29 28.85 8.40 47.90
CA LEU D 29 29.73 8.06 46.80
C LEU D 29 30.70 6.89 47.10
N GLY D 30 30.34 6.04 48.07
CA GLY D 30 31.03 4.78 48.30
C GLY D 30 31.94 4.76 49.53
N ALA D 31 32.26 5.93 50.12
CA ALA D 31 33.23 5.99 51.21
C ALA D 31 32.71 5.24 52.42
N ASP D 32 33.67 4.75 53.23
CA ASP D 32 33.40 4.07 54.50
C ASP D 32 33.49 5.11 55.61
N VAL D 33 32.30 5.43 56.15
CA VAL D 33 32.14 6.52 57.07
C VAL D 33 31.72 5.91 58.41
N VAL D 34 32.57 6.22 59.39
CA VAL D 34 32.28 5.85 60.77
C VAL D 34 32.14 7.14 61.55
N ARG D 35 30.96 7.27 62.16
CA ARG D 35 30.58 8.43 62.93
C ARG D 35 30.66 8.11 64.41
N ILE D 36 31.47 8.87 65.14
CA ILE D 36 31.59 8.73 66.59
C ILE D 36 30.60 9.70 67.27
N ASP D 37 29.49 9.15 67.79
CA ASP D 37 28.58 9.94 68.63
C ASP D 37 28.88 9.70 70.12
N ARG D 38 28.28 10.52 70.99
CA ARG D 38 28.44 10.33 72.43
C ARG D 38 27.35 9.38 72.93
N PRO D 39 27.58 8.59 74.00
CA PRO D 39 26.54 7.74 74.59
C PRO D 39 25.31 8.49 75.10
N SER D 40 25.48 9.77 75.52
CA SER D 40 24.37 10.67 75.85
C SER D 40 23.28 10.63 74.76
N SER D 41 23.65 10.32 73.49
CA SER D 41 22.69 10.20 72.39
C SER D 41 22.45 8.73 71.97
N VAL D 42 23.00 7.75 72.72
CA VAL D 42 22.70 6.34 72.47
C VAL D 42 21.20 6.19 72.70
N ASP D 43 20.50 5.66 71.68
CA ASP D 43 19.12 6.01 71.41
C ASP D 43 18.39 4.73 71.00
N GLY D 44 18.31 4.50 69.68
CA GLY D 44 17.87 3.26 69.06
C GLY D 44 18.44 3.23 67.63
N ILE D 45 17.58 3.00 66.64
CA ILE D 45 17.95 3.31 65.26
C ILE D 45 17.64 4.80 65.03
N SER D 46 18.55 5.54 64.38
CA SER D 46 18.33 6.97 64.17
C SER D 46 17.26 7.22 63.10
N ARG D 47 16.57 8.36 63.25
CA ARG D 47 15.43 8.71 62.39
C ARG D 47 15.84 9.72 61.31
N ASP D 48 17.11 10.19 61.37
CA ASP D 48 17.62 11.24 60.49
C ASP D 48 18.21 10.59 59.22
N ALA D 49 17.49 10.71 58.11
CA ALA D 49 17.98 10.16 56.85
C ALA D 49 19.31 10.80 56.48
N MET D 50 19.68 11.92 57.12
CA MET D 50 21.00 12.49 56.85
C MET D 50 22.10 11.61 57.41
N LEU D 51 21.74 10.61 58.23
CA LEU D 51 22.73 9.73 58.84
C LEU D 51 22.84 8.43 58.05
N ARG D 52 22.47 8.48 56.76
CA ARG D 52 22.52 7.32 55.88
C ARG D 52 23.98 7.07 55.46
N ASN D 53 24.23 5.87 54.93
CA ASN D 53 25.55 5.45 54.48
C ASN D 53 26.61 5.62 55.57
N ARG D 54 26.28 5.15 56.79
CA ARG D 54 27.15 5.31 57.95
C ARG D 54 27.19 4.02 58.76
N ARG D 55 28.27 3.88 59.54
CA ARG D 55 28.21 3.07 60.75
C ARG D 55 28.36 3.99 61.96
N ILE D 56 27.49 3.80 62.96
CA ILE D 56 27.46 4.65 64.14
C ILE D 56 28.11 3.93 65.34
N VAL D 57 29.12 4.56 65.93
CA VAL D 57 29.65 4.13 67.22
C VAL D 57 29.53 5.24 68.27
N THR D 58 29.41 4.83 69.54
CA THR D 58 29.50 5.77 70.64
C THR D 58 30.86 5.61 71.33
N ALA D 59 31.18 6.62 72.15
CA ALA D 59 32.47 6.78 72.80
C ALA D 59 32.47 8.06 73.63
N ASP D 60 32.78 7.95 74.92
CA ASP D 60 32.95 9.13 75.72
C ASP D 60 34.38 9.61 75.54
N LEU D 61 34.57 10.66 74.73
CA LEU D 61 35.92 11.12 74.41
C LEU D 61 36.52 11.86 75.58
N LYS D 62 35.73 12.10 76.64
CA LYS D 62 36.25 12.67 77.87
C LYS D 62 36.92 11.59 78.70
N SER D 63 36.48 10.34 78.57
CA SER D 63 37.13 9.21 79.23
C SER D 63 38.46 8.89 78.53
N ASP D 64 39.30 8.08 79.19
CA ASP D 64 40.64 7.76 78.70
C ASP D 64 40.53 6.69 77.63
N GLN D 65 39.54 5.80 77.84
CA GLN D 65 39.32 4.67 76.96
C GLN D 65 38.73 5.17 75.64
N GLY D 66 37.65 5.96 75.74
CA GLY D 66 37.06 6.64 74.61
C GLY D 66 38.13 7.27 73.71
N LEU D 67 39.01 8.11 74.28
CA LEU D 67 40.05 8.80 73.53
C LEU D 67 41.00 7.81 72.85
N GLU D 68 41.19 6.61 73.42
CA GLU D 68 42.18 5.69 72.87
C GLU D 68 41.58 4.98 71.65
N LEU D 69 40.36 4.45 71.79
CA LEU D 69 39.59 3.82 70.72
C LEU D 69 39.38 4.76 69.54
N ALA D 70 39.13 6.04 69.85
CA ALA D 70 38.99 7.08 68.84
C ALA D 70 40.27 7.26 68.06
N LEU D 71 41.42 7.33 68.76
CA LEU D 71 42.70 7.62 68.11
C LEU D 71 43.17 6.42 67.29
N LYS D 72 42.66 5.23 67.60
CA LYS D 72 43.02 4.05 66.84
C LYS D 72 42.39 4.16 65.46
N LEU D 73 41.06 4.40 65.46
CA LEU D 73 40.25 4.67 64.28
C LEU D 73 40.90 5.72 63.39
N ILE D 74 41.21 6.87 63.97
CA ILE D 74 41.81 7.93 63.20
C ILE D 74 43.12 7.48 62.52
N ALA D 75 43.90 6.58 63.16
CA ALA D 75 45.19 6.15 62.60
C ALA D 75 45.00 5.23 61.40
N LYS D 76 43.87 4.53 61.35
CA LYS D 76 43.56 3.62 60.26
C LYS D 76 42.76 4.30 59.14
N ALA D 77 42.54 5.62 59.20
CA ALA D 77 41.57 6.24 58.31
C ALA D 77 42.23 7.30 57.43
N ASP D 78 41.47 7.73 56.41
CA ASP D 78 41.93 8.72 55.46
C ASP D 78 41.53 10.13 55.86
N VAL D 79 40.32 10.26 56.44
CA VAL D 79 39.78 11.57 56.75
C VAL D 79 39.15 11.59 58.15
N LEU D 80 39.35 12.75 58.80
CA LEU D 80 38.59 13.11 59.98
C LEU D 80 37.76 14.36 59.68
N ILE D 81 36.46 14.29 60.04
CA ILE D 81 35.59 15.45 60.03
C ILE D 81 35.22 15.81 61.47
N GLU D 82 35.41 17.08 61.81
CA GLU D 82 34.83 17.61 63.03
C GLU D 82 34.24 19.01 62.80
N GLY D 83 33.12 19.27 63.51
CA GLY D 83 32.45 20.55 63.42
C GLY D 83 32.07 21.11 64.79
N TYR D 84 33.07 21.23 65.66
CA TYR D 84 32.90 21.76 66.99
C TYR D 84 33.61 23.11 66.99
N ARG D 85 33.45 23.86 68.07
CA ARG D 85 34.13 25.15 68.12
C ARG D 85 35.64 24.88 68.07
N PRO D 86 36.41 25.83 67.53
CA PRO D 86 37.85 25.77 67.64
C PRO D 86 38.31 25.58 69.09
N GLY D 87 39.35 24.75 69.27
CA GLY D 87 39.88 24.45 70.59
C GLY D 87 39.30 23.16 71.12
N VAL D 88 38.10 22.77 70.68
CA VAL D 88 37.42 21.64 71.32
C VAL D 88 38.21 20.36 71.09
N THR D 89 38.65 20.09 69.85
CA THR D 89 39.24 18.78 69.62
C THR D 89 40.60 18.76 70.30
N GLU D 90 41.33 19.89 70.28
CA GLU D 90 42.61 19.99 70.96
C GLU D 90 42.50 19.54 72.41
N ARG D 91 41.70 20.25 73.23
CA ARG D 91 41.39 19.91 74.61
C ARG D 91 40.90 18.46 74.80
N LEU D 92 40.43 17.76 73.76
CA LEU D 92 40.02 16.37 73.94
C LEU D 92 41.17 15.41 73.65
N GLY D 93 42.27 15.96 73.09
CA GLY D 93 43.43 15.22 72.62
C GLY D 93 43.27 14.63 71.21
N LEU D 94 42.35 15.21 70.39
CA LEU D 94 42.12 14.81 69.01
C LEU D 94 42.48 15.94 68.05
N GLY D 95 43.28 16.91 68.51
CA GLY D 95 43.67 18.00 67.64
C GLY D 95 44.42 17.51 66.41
N PRO D 96 44.62 18.37 65.39
CA PRO D 96 45.49 18.03 64.28
C PRO D 96 46.84 17.49 64.74
N GLU D 97 47.45 18.15 65.73
CA GLU D 97 48.82 17.84 66.15
C GLU D 97 48.89 16.45 66.77
N GLU D 98 47.89 16.11 67.57
CA GLU D 98 47.78 14.78 68.16
C GLU D 98 47.44 13.74 67.09
N CYS D 99 46.72 14.14 66.04
CA CYS D 99 46.29 13.19 65.04
C CYS D 99 47.45 12.88 64.10
N ALA D 100 48.30 13.89 63.86
CA ALA D 100 49.49 13.84 63.02
C ALA D 100 50.56 12.90 63.58
N LYS D 101 50.45 12.57 64.87
CA LYS D 101 51.36 11.65 65.54
C LYS D 101 50.91 10.21 65.36
N VAL D 102 49.65 9.96 65.02
CA VAL D 102 49.25 8.57 64.78
C VAL D 102 48.97 8.33 63.29
N ASN D 103 49.14 9.35 62.42
CA ASN D 103 48.71 9.21 61.02
C ASN D 103 49.03 10.49 60.24
N ASP D 104 50.21 10.54 59.62
CA ASP D 104 50.64 11.74 58.91
C ASP D 104 50.00 11.82 57.51
N ARG D 105 49.17 10.83 57.17
CA ARG D 105 48.47 10.85 55.89
C ARG D 105 47.04 11.41 56.06
N LEU D 106 46.66 11.77 57.29
CA LEU D 106 45.30 12.11 57.61
C LEU D 106 44.89 13.43 56.97
N ILE D 107 43.68 13.46 56.41
CA ILE D 107 43.08 14.72 56.04
C ILE D 107 42.22 15.16 57.23
N TYR D 108 42.61 16.31 57.82
CA TYR D 108 41.98 16.78 59.03
C TYR D 108 41.01 17.91 58.66
N ALA D 109 39.72 17.58 58.65
CA ALA D 109 38.71 18.46 58.08
C ALA D 109 37.91 19.15 59.19
N ARG D 110 38.06 20.48 59.26
CA ARG D 110 37.45 21.26 60.31
C ARG D 110 36.29 22.12 59.79
N MET D 111 35.07 21.77 60.19
CA MET D 111 33.87 22.45 59.73
C MET D 111 33.36 23.49 60.74
N THR D 112 33.59 24.79 60.50
CA THR D 112 33.01 25.82 61.35
C THR D 112 32.22 26.84 60.51
N GLY D 113 31.55 27.77 61.22
CA GLY D 113 30.90 28.92 60.62
C GLY D 113 31.86 30.09 60.50
N TRP D 114 32.61 30.38 61.59
CA TRP D 114 33.37 31.63 61.67
C TRP D 114 34.85 31.45 61.32
N GLY D 115 35.34 30.22 61.33
CA GLY D 115 36.79 30.04 61.21
C GLY D 115 37.42 29.56 62.51
N GLN D 116 38.72 29.31 62.43
CA GLN D 116 39.49 28.80 63.55
C GLN D 116 39.96 29.94 64.44
N THR D 117 40.08 31.16 63.91
CA THR D 117 40.56 32.30 64.66
C THR D 117 39.64 33.49 64.43
N GLY D 118 39.80 34.52 65.27
CA GLY D 118 39.23 35.83 65.01
C GLY D 118 38.15 36.16 66.02
N PRO D 119 37.67 37.41 66.06
CA PRO D 119 36.81 37.89 67.14
C PRO D 119 35.52 37.09 67.33
N ARG D 120 35.03 36.39 66.29
CA ARG D 120 33.74 35.71 66.42
C ARG D 120 33.95 34.22 66.55
N SER D 121 35.21 33.80 66.58
CA SER D 121 35.55 32.39 66.38
C SER D 121 35.00 31.50 67.46
N GLN D 122 34.57 32.06 68.62
CA GLN D 122 33.99 31.24 69.67
C GLN D 122 32.48 31.45 69.87
N GLN D 123 31.90 32.48 69.21
CA GLN D 123 30.46 32.71 69.28
C GLN D 123 29.72 31.49 68.68
N ALA D 124 28.68 31.02 69.39
CA ALA D 124 27.74 30.09 68.79
C ALA D 124 27.01 30.79 67.64
N GLY D 125 26.50 29.98 66.71
CA GLY D 125 25.84 30.51 65.54
C GLY D 125 25.16 29.44 64.70
N HIS D 126 24.34 29.92 63.76
CA HIS D 126 23.74 29.06 62.75
C HIS D 126 23.82 29.74 61.38
N ASP D 127 23.36 28.99 60.39
CA ASP D 127 23.48 29.41 59.00
C ASP D 127 23.16 30.89 58.88
N ILE D 128 22.01 31.28 59.40
CA ILE D 128 21.53 32.65 59.20
C ILE D 128 22.54 33.68 59.73
N ASN D 129 23.29 33.36 60.77
CA ASN D 129 24.31 34.26 61.25
C ASN D 129 25.49 34.38 60.31
N TYR D 130 25.89 33.26 59.72
CA TYR D 130 27.12 33.30 58.94
C TYR D 130 26.83 34.04 57.64
N ILE D 131 25.65 33.85 57.06
CA ILE D 131 25.36 34.59 55.83
C ILE D 131 24.89 36.02 56.15
N SER D 132 24.66 36.38 57.40
CA SER D 132 24.37 37.78 57.68
C SER D 132 25.61 38.66 57.56
N LEU D 133 26.79 38.10 57.75
CA LEU D 133 27.98 38.90 57.97
C LEU D 133 28.70 39.22 56.67
N ASN D 134 28.40 38.48 55.58
CA ASN D 134 29.14 38.60 54.34
C ASN D 134 28.28 39.17 53.22
N GLY D 135 27.18 39.82 53.56
CA GLY D 135 26.36 40.49 52.56
C GLY D 135 25.30 39.60 51.92
N ILE D 136 25.31 38.29 52.20
CA ILE D 136 24.46 37.38 51.45
C ILE D 136 23.01 37.57 51.91
N LEU D 137 22.75 37.45 53.22
CA LEU D 137 21.39 37.48 53.73
C LEU D 137 20.69 38.77 53.30
N HIS D 138 21.40 39.89 53.39
CA HIS D 138 20.86 41.20 53.07
C HIS D 138 20.32 41.24 51.64
N ALA D 139 20.86 40.41 50.75
CA ALA D 139 20.55 40.46 49.32
C ALA D 139 19.33 39.60 48.99
N ILE D 140 18.79 38.90 49.97
CA ILE D 140 17.73 37.93 49.69
C ILE D 140 16.37 38.40 50.20
N GLY D 141 15.40 38.48 49.27
CA GLY D 141 14.00 38.69 49.57
C GLY D 141 13.49 39.96 48.89
N ARG D 142 12.23 40.32 49.13
CA ARG D 142 11.60 41.44 48.44
C ARG D 142 12.13 42.76 49.00
N GLY D 143 12.09 43.82 48.17
CA GLY D 143 12.61 45.15 48.51
C GLY D 143 11.83 45.84 49.64
N ASP D 144 10.55 45.47 49.77
CA ASP D 144 9.62 46.19 50.62
C ASP D 144 9.78 45.76 52.09
N GLU D 145 10.56 44.71 52.35
CA GLU D 145 10.41 43.91 53.56
C GLU D 145 11.78 43.50 54.07
N ARG D 146 11.84 42.82 55.20
CA ARG D 146 13.12 42.47 55.77
C ARG D 146 13.65 41.20 55.13
N PRO D 147 14.97 40.98 55.14
CA PRO D 147 15.58 39.84 54.48
C PRO D 147 14.95 38.53 54.90
N VAL D 148 14.95 37.56 53.98
CA VAL D 148 14.35 36.28 54.28
C VAL D 148 15.42 35.21 54.18
N PRO D 149 15.56 34.33 55.19
CA PRO D 149 16.60 33.31 55.11
C PRO D 149 16.28 32.28 54.03
N PRO D 150 17.25 31.98 53.15
CA PRO D 150 17.07 30.94 52.16
C PRO D 150 17.28 29.58 52.76
N LEU D 151 16.36 29.22 53.66
CA LEU D 151 16.52 28.07 54.50
C LEU D 151 17.96 28.08 55.02
N ASN D 152 18.54 26.90 55.16
CA ASN D 152 19.92 26.82 55.57
C ASN D 152 20.78 26.28 54.43
N LEU D 153 20.48 26.70 53.19
CA LEU D 153 21.09 26.13 52.00
C LEU D 153 22.44 26.76 51.72
N VAL D 154 22.63 28.02 52.10
CA VAL D 154 23.74 28.77 51.56
C VAL D 154 24.95 28.70 52.47
N GLY D 155 24.69 28.65 53.78
CA GLY D 155 25.74 28.64 54.79
C GLY D 155 26.13 27.22 55.15
N ASP D 156 25.17 26.43 55.61
CA ASP D 156 25.45 25.07 56.02
C ASP D 156 25.97 24.24 54.84
N PHE D 157 25.26 24.23 53.71
CA PHE D 157 25.48 23.22 52.70
C PHE D 157 26.29 23.85 51.58
N GLY D 158 25.66 24.73 50.81
CA GLY D 158 26.32 25.27 49.63
C GLY D 158 27.72 25.78 49.94
N GLY D 159 27.81 26.65 50.94
CA GLY D 159 29.04 27.35 51.26
C GLY D 159 29.71 26.74 52.48
N GLY D 160 29.21 25.59 52.94
CA GLY D 160 29.71 24.96 54.15
C GLY D 160 30.17 23.51 53.88
N SER D 161 29.27 22.54 53.95
CA SER D 161 29.63 21.15 53.67
C SER D 161 30.33 21.00 52.31
N MET D 162 29.86 21.70 51.28
CA MET D 162 30.37 21.47 49.94
C MET D 162 31.81 21.94 49.86
N PHE D 163 32.19 22.98 50.61
CA PHE D 163 33.58 23.40 50.57
C PHE D 163 34.45 22.46 51.41
N LEU D 164 33.90 21.93 52.50
CA LEU D 164 34.58 20.87 53.22
C LEU D 164 34.87 19.71 52.26
N LEU D 165 33.88 19.31 51.44
CA LEU D 165 34.04 18.21 50.49
C LEU D 165 35.12 18.53 49.46
N VAL D 166 35.12 19.71 48.89
CA VAL D 166 36.17 20.07 47.94
C VAL D 166 37.55 20.08 48.58
N GLY D 167 37.65 20.62 49.81
CA GLY D 167 38.92 20.67 50.51
C GLY D 167 39.45 19.26 50.80
N ILE D 168 38.57 18.38 51.26
CA ILE D 168 38.94 17.02 51.56
C ILE D 168 39.52 16.42 50.28
N LEU D 169 38.70 16.41 49.22
CA LEU D 169 39.06 15.65 48.05
C LEU D 169 40.24 16.32 47.34
N ALA D 170 40.43 17.64 47.50
CA ALA D 170 41.58 18.27 46.87
C ALA D 170 42.87 17.95 47.60
N ALA D 171 42.76 17.85 48.94
CA ALA D 171 43.85 17.44 49.80
C ALA D 171 44.31 16.02 49.43
N LEU D 172 43.32 15.12 49.19
CA LEU D 172 43.52 13.71 48.85
C LEU D 172 44.27 13.53 47.52
N TRP D 173 43.99 14.42 46.58
CA TRP D 173 44.78 14.53 45.37
C TRP D 173 46.21 14.95 45.71
N GLU D 174 46.36 16.01 46.51
CA GLU D 174 47.68 16.49 46.88
C GLU D 174 48.46 15.36 47.56
N ARG D 175 47.82 14.66 48.51
CA ARG D 175 48.39 13.53 49.24
C ARG D 175 49.06 12.52 48.30
N GLN D 176 48.48 12.32 47.10
CA GLN D 176 48.91 11.24 46.23
C GLN D 176 50.32 11.52 45.72
N SER D 177 50.75 12.78 45.65
CA SER D 177 52.12 13.07 45.22
C SER D 177 53.07 13.46 46.38
N SER D 178 52.55 13.80 47.58
CA SER D 178 53.40 14.25 48.69
C SER D 178 53.55 13.20 49.80
N GLY D 179 52.64 12.21 49.86
CA GLY D 179 52.60 11.21 50.90
C GLY D 179 51.93 11.69 52.20
N LYS D 180 51.65 13.00 52.31
CA LYS D 180 51.22 13.63 53.56
C LYS D 180 49.80 14.18 53.49
N GLY D 181 49.06 14.01 54.60
CA GLY D 181 47.82 14.71 54.88
C GLY D 181 48.03 16.19 55.22
N GLN D 182 46.99 16.83 55.79
CA GLN D 182 47.00 18.25 56.14
C GLN D 182 45.61 18.63 56.66
N VAL D 183 45.51 19.91 57.07
CA VAL D 183 44.36 20.47 57.75
C VAL D 183 43.58 21.35 56.78
N VAL D 184 42.28 21.00 56.65
CA VAL D 184 41.31 21.75 55.86
C VAL D 184 40.46 22.58 56.81
N ASP D 185 40.62 23.91 56.74
CA ASP D 185 39.83 24.87 57.50
C ASP D 185 38.69 25.39 56.61
N ALA D 186 37.53 24.75 56.71
CA ALA D 186 36.35 25.21 55.96
C ALA D 186 35.41 26.02 56.88
N ALA D 187 35.36 27.33 56.63
CA ALA D 187 34.44 28.20 57.35
C ALA D 187 33.30 28.67 56.43
N MET D 188 32.07 28.47 56.92
CA MET D 188 30.85 28.83 56.22
C MET D 188 30.86 30.28 55.75
N VAL D 189 31.51 31.18 56.50
CA VAL D 189 31.51 32.59 56.14
C VAL D 189 32.38 32.80 54.91
N ASP D 190 33.39 31.93 54.74
CA ASP D 190 34.30 31.98 53.60
C ASP D 190 33.65 31.29 52.39
N GLY D 191 33.26 30.04 52.59
CA GLY D 191 32.68 29.19 51.57
C GLY D 191 31.53 29.90 50.86
N SER D 192 30.67 30.53 51.66
CA SER D 192 29.46 31.14 51.14
C SER D 192 29.85 32.39 50.40
N SER D 193 30.99 33.00 50.74
CA SER D 193 31.45 34.17 50.01
C SER D 193 31.99 33.79 48.62
N VAL D 194 32.68 32.66 48.52
CA VAL D 194 33.09 32.14 47.22
C VAL D 194 31.86 31.68 46.44
N LEU D 195 30.87 31.10 47.12
CA LEU D 195 29.67 30.65 46.43
C LEU D 195 28.99 31.82 45.71
N ILE D 196 29.11 33.05 46.24
CA ILE D 196 28.40 34.19 45.73
C ILE D 196 29.34 35.13 45.00
N GLN D 197 30.44 34.59 44.48
CA GLN D 197 31.47 35.37 43.79
C GLN D 197 30.90 36.12 42.58
N MET D 198 29.92 35.51 41.90
CA MET D 198 29.27 36.17 40.78
C MET D 198 28.75 37.55 41.18
N MET D 199 28.13 37.66 42.35
CA MET D 199 27.55 38.95 42.77
C MET D 199 28.66 39.95 43.07
N TRP D 200 29.78 39.46 43.63
CA TRP D 200 30.89 40.36 43.90
C TRP D 200 31.53 40.86 42.60
N ALA D 201 31.59 39.98 41.61
CA ALA D 201 32.04 40.31 40.26
C ALA D 201 31.11 41.33 39.60
N MET D 202 29.82 41.03 39.56
CA MET D 202 28.85 41.95 38.96
C MET D 202 28.86 43.27 39.71
N ARG D 203 29.04 43.20 41.03
CA ARG D 203 29.01 44.40 41.84
C ARG D 203 30.11 45.35 41.36
N ALA D 204 31.27 44.77 41.06
CA ALA D 204 32.46 45.53 40.68
C ALA D 204 32.31 46.21 39.33
N THR D 205 31.41 45.73 38.45
CA THR D 205 31.26 46.29 37.13
C THR D 205 29.95 47.08 37.01
N GLY D 206 29.35 47.50 38.15
CA GLY D 206 28.09 48.24 38.16
C GLY D 206 26.85 47.44 37.74
N MET D 207 26.92 46.10 37.71
CA MET D 207 25.83 45.21 37.26
C MET D 207 25.05 44.60 38.45
N TRP D 208 25.38 45.01 39.68
CA TRP D 208 24.67 44.55 40.86
C TRP D 208 24.69 45.66 41.90
N THR D 209 23.54 45.97 42.53
CA THR D 209 23.51 46.95 43.60
C THR D 209 23.04 46.31 44.90
N ASP D 210 23.23 47.05 46.01
CA ASP D 210 22.98 46.56 47.35
C ASP D 210 21.51 46.71 47.74
N THR D 211 20.69 47.29 46.88
CA THR D 211 19.25 47.32 47.14
C THR D 211 18.64 45.93 46.92
N ARG D 212 17.95 45.40 47.92
CA ARG D 212 17.28 44.12 47.80
C ARG D 212 16.11 44.25 46.84
N GLY D 213 15.88 43.21 46.02
CA GLY D 213 14.70 43.13 45.17
C GLY D 213 14.79 44.03 43.94
N ALA D 214 15.99 44.49 43.57
CA ALA D 214 16.22 45.42 42.48
C ALA D 214 17.34 44.96 41.54
N ASN D 215 17.59 43.67 41.41
CA ASN D 215 18.65 43.21 40.53
C ASN D 215 18.12 42.11 39.60
N MET D 216 18.98 41.65 38.68
CA MET D 216 18.56 40.76 37.60
C MET D 216 18.15 39.40 38.16
N LEU D 217 18.79 38.96 39.25
CA LEU D 217 18.61 37.60 39.73
C LEU D 217 18.02 37.52 41.15
N ASP D 218 17.53 38.63 41.73
CA ASP D 218 17.09 38.61 43.11
C ASP D 218 15.57 38.70 43.17
N GLY D 219 14.92 38.75 42.00
CA GLY D 219 13.48 38.89 41.92
C GLY D 219 13.03 40.23 41.33
N GLY D 220 13.91 41.23 41.27
CA GLY D 220 13.62 42.55 40.70
C GLY D 220 13.34 42.57 39.18
N ALA D 221 13.88 41.63 38.40
CA ALA D 221 13.60 41.61 36.97
C ALA D 221 12.31 40.85 36.70
N PRO D 222 11.32 41.41 35.97
CA PRO D 222 10.06 40.72 35.74
C PRO D 222 10.19 39.39 35.00
N TYR D 223 11.31 39.25 34.29
CA TYR D 223 11.55 38.02 33.59
C TYR D 223 12.40 37.05 34.40
N TYR D 224 12.62 37.31 35.70
CA TYR D 224 13.36 36.34 36.52
C TYR D 224 12.74 36.35 37.91
N ASP D 225 11.63 35.62 38.04
CA ASP D 225 10.83 35.71 39.24
C ASP D 225 9.72 34.67 39.16
N THR D 226 8.92 34.57 40.23
CA THR D 226 7.76 33.71 40.23
C THR D 226 6.53 34.55 39.96
N TYR D 227 5.46 33.87 39.55
CA TYR D 227 4.20 34.52 39.24
C TYR D 227 3.11 33.61 39.80
N GLU D 228 2.13 34.25 40.40
CA GLU D 228 0.94 33.55 40.85
C GLU D 228 -0.02 33.32 39.68
N CYS D 229 -0.56 32.10 39.64
CA CYS D 229 -1.50 31.69 38.62
C CYS D 229 -2.94 31.76 39.15
N ALA D 230 -3.91 31.42 38.28
CA ALA D 230 -5.33 31.55 38.59
C ALA D 230 -5.76 30.66 39.77
N ASP D 231 -5.06 29.54 39.99
CA ASP D 231 -5.34 28.63 41.09
C ASP D 231 -4.59 29.01 42.38
N GLY D 232 -3.79 30.07 42.37
CA GLY D 232 -3.04 30.43 43.57
C GLY D 232 -1.74 29.64 43.73
N ARG D 233 -1.39 28.78 42.76
CA ARG D 233 -0.08 28.14 42.70
C ARG D 233 0.85 28.95 41.79
N TYR D 234 2.12 28.54 41.62
CA TYR D 234 3.06 29.46 41.01
C TYR D 234 3.81 28.80 39.86
N VAL D 235 4.33 29.66 38.96
CA VAL D 235 5.36 29.30 38.03
C VAL D 235 6.58 30.18 38.24
N ALA D 236 7.68 29.67 37.74
CA ALA D 236 8.95 30.33 37.72
C ALA D 236 9.23 30.75 36.29
N VAL D 237 9.72 31.97 36.12
CA VAL D 237 10.15 32.47 34.84
C VAL D 237 11.63 32.81 34.93
N GLY D 238 12.41 32.28 33.99
CA GLY D 238 13.83 32.54 33.96
C GLY D 238 14.33 32.94 32.57
N ALA D 239 13.56 33.77 31.87
CA ALA D 239 13.79 34.10 30.47
C ALA D 239 14.75 35.26 30.34
N ILE D 240 16.01 35.00 30.62
CA ILE D 240 16.99 36.05 30.60
C ILE D 240 17.34 36.38 29.14
N GLU D 241 17.69 35.36 28.36
CA GLU D 241 18.10 35.60 26.98
C GLU D 241 16.94 36.09 26.12
N PRO D 242 17.17 37.09 25.25
CA PRO D 242 16.09 37.71 24.49
C PRO D 242 15.26 36.75 23.65
N GLN D 243 15.88 35.69 23.12
CA GLN D 243 15.16 34.74 22.29
C GLN D 243 14.18 33.91 23.15
N PHE D 244 14.60 33.52 24.36
CA PHE D 244 13.75 32.76 25.26
C PHE D 244 12.63 33.64 25.83
N TYR D 245 12.98 34.87 26.22
CA TYR D 245 11.96 35.85 26.55
C TYR D 245 10.88 35.90 25.47
N ALA D 246 11.29 35.96 24.19
CA ALA D 246 10.32 36.13 23.10
C ALA D 246 9.45 34.88 22.94
N ALA D 247 10.03 33.68 23.10
CA ALA D 247 9.25 32.46 23.13
C ALA D 247 8.22 32.53 24.24
N MET D 248 8.59 33.16 25.38
CA MET D 248 7.65 33.18 26.48
C MET D 248 6.47 34.09 26.15
N LEU D 249 6.73 35.27 25.57
CA LEU D 249 5.64 36.21 25.33
C LEU D 249 4.63 35.60 24.37
N ALA D 250 5.12 34.84 23.38
CA ALA D 250 4.25 34.22 22.40
C ALA D 250 3.30 33.24 23.04
N GLY D 251 3.82 32.47 24.01
CA GLY D 251 3.03 31.52 24.79
C GLY D 251 2.00 32.17 25.69
N LEU D 252 2.30 33.37 26.20
CA LEU D 252 1.36 34.09 27.06
C LEU D 252 0.28 34.76 26.21
N GLY D 253 0.53 34.84 24.89
CA GLY D 253 -0.37 35.54 24.00
C GLY D 253 -0.19 37.05 24.07
N LEU D 254 1.04 37.53 24.36
CA LEU D 254 1.31 38.96 24.47
C LEU D 254 2.14 39.40 23.27
N ASP D 255 1.70 40.46 22.61
CA ASP D 255 2.47 40.96 21.49
C ASP D 255 3.61 41.80 22.03
N ALA D 256 4.82 41.57 21.51
CA ALA D 256 5.94 42.40 21.91
C ALA D 256 5.63 43.88 21.73
N ALA D 257 4.76 44.24 20.76
CA ALA D 257 4.57 45.63 20.38
C ALA D 257 3.85 46.45 21.46
N GLU D 258 3.12 45.77 22.36
CA GLU D 258 2.30 46.44 23.36
C GLU D 258 2.97 46.43 24.75
N LEU D 259 4.19 45.90 24.81
CA LEU D 259 4.93 45.75 26.05
C LEU D 259 6.10 46.73 26.06
N PRO D 260 6.56 47.20 27.25
CA PRO D 260 7.83 47.87 27.31
C PRO D 260 8.95 46.92 26.93
N PRO D 261 10.15 47.41 26.57
CA PRO D 261 11.27 46.53 26.34
C PRO D 261 11.61 45.69 27.57
N GLN D 262 12.06 44.46 27.31
CA GLN D 262 12.42 43.52 28.36
C GLN D 262 13.36 44.13 29.38
N ASN D 263 14.35 44.90 28.92
CA ASN D 263 15.40 45.43 29.77
C ASN D 263 15.34 46.96 29.88
N ASP D 264 14.17 47.56 29.75
CA ASP D 264 14.03 48.95 30.17
C ASP D 264 13.61 48.98 31.65
N ARG D 265 14.61 49.10 32.55
CA ARG D 265 14.38 48.94 33.99
C ARG D 265 13.36 49.97 34.48
N ALA D 266 13.33 51.13 33.84
CA ALA D 266 12.43 52.17 34.29
C ALA D 266 10.98 51.78 34.05
N ARG D 267 10.72 50.84 33.13
CA ARG D 267 9.34 50.50 32.84
C ARG D 267 8.99 49.11 33.36
N TRP D 268 9.81 48.57 34.26
CA TRP D 268 9.58 47.22 34.77
C TRP D 268 8.26 47.14 35.54
N PRO D 269 7.84 48.18 36.27
CA PRO D 269 6.52 48.16 36.90
C PRO D 269 5.40 47.82 35.94
N GLU D 270 5.42 48.44 34.76
CA GLU D 270 4.39 48.20 33.77
C GLU D 270 4.55 46.79 33.25
N LEU D 271 5.79 46.44 32.89
CA LEU D 271 6.05 45.13 32.35
C LEU D 271 5.56 44.08 33.35
N ARG D 272 5.90 44.26 34.63
CA ARG D 272 5.51 43.28 35.63
C ARG D 272 3.98 43.20 35.74
N ALA D 273 3.30 44.34 35.70
CA ALA D 273 1.84 44.30 35.72
C ALA D 273 1.31 43.49 34.55
N LEU D 274 1.84 43.68 33.35
CA LEU D 274 1.33 42.97 32.19
C LEU D 274 1.56 41.47 32.34
N LEU D 275 2.76 41.08 32.75
CA LEU D 275 3.03 39.66 32.88
C LEU D 275 2.19 39.06 34.02
N THR D 276 2.02 39.84 35.10
CA THR D 276 1.27 39.39 36.26
C THR D 276 -0.16 39.02 35.83
N GLU D 277 -0.78 39.90 35.02
CA GLU D 277 -2.14 39.69 34.57
C GLU D 277 -2.17 38.49 33.62
N ALA D 278 -1.14 38.34 32.77
CA ALA D 278 -1.18 37.19 31.88
C ALA D 278 -1.12 35.90 32.68
N PHE D 279 -0.14 35.76 33.59
CA PHE D 279 0.06 34.47 34.25
C PHE D 279 -1.14 34.17 35.16
N ALA D 280 -1.82 35.21 35.67
CA ALA D 280 -2.95 35.02 36.58
C ALA D 280 -4.21 34.48 35.88
N SER D 281 -4.21 34.40 34.55
CA SER D 281 -5.46 34.14 33.84
C SER D 281 -5.65 32.65 33.57
N HIS D 282 -4.60 31.84 33.75
CA HIS D 282 -4.68 30.39 33.71
C HIS D 282 -3.95 29.80 34.93
N ASP D 283 -4.22 28.54 35.20
CA ASP D 283 -3.69 27.89 36.37
C ASP D 283 -2.28 27.38 36.04
N ARG D 284 -1.56 26.94 37.06
CA ARG D 284 -0.17 26.56 36.89
C ARG D 284 0.00 25.40 35.90
N ASP D 285 -0.87 24.38 35.96
CA ASP D 285 -0.65 23.17 35.18
C ASP D 285 -0.91 23.48 33.71
N HIS D 286 -1.78 24.46 33.43
CA HIS D 286 -1.93 24.96 32.08
C HIS D 286 -0.57 25.43 31.54
N TRP D 287 0.07 26.31 32.31
CA TRP D 287 1.30 26.92 31.90
C TRP D 287 2.37 25.86 31.74
N GLY D 288 2.37 24.86 32.62
CA GLY D 288 3.40 23.84 32.60
C GLY D 288 3.33 22.99 31.32
N ALA D 289 2.11 22.80 30.79
CA ALA D 289 1.88 22.06 29.56
C ALA D 289 2.26 22.96 28.37
N VAL D 290 1.60 24.12 28.27
CA VAL D 290 1.87 25.09 27.23
C VAL D 290 3.37 25.20 26.97
N PHE D 291 4.20 25.17 28.03
CA PHE D 291 5.61 25.49 27.82
C PHE D 291 6.50 24.24 27.81
N ALA D 292 5.92 23.07 28.09
CA ALA D 292 6.66 21.83 27.96
C ALA D 292 7.45 21.82 26.64
N ASN D 293 8.73 21.43 26.73
CA ASN D 293 9.61 21.31 25.58
C ASN D 293 9.94 22.66 24.94
N SER D 294 9.66 23.79 25.62
CA SER D 294 9.95 25.08 25.05
C SER D 294 11.19 25.66 25.73
N ASP D 295 11.78 26.66 25.09
CA ASP D 295 12.93 27.36 25.62
C ASP D 295 12.46 28.65 26.31
N ALA D 296 11.18 28.73 26.69
CA ALA D 296 10.64 29.94 27.31
C ALA D 296 11.07 30.13 28.77
N CYS D 297 11.65 29.08 29.38
CA CYS D 297 12.17 29.12 30.73
C CYS D 297 11.06 29.40 31.73
N VAL D 298 9.96 28.66 31.58
CA VAL D 298 8.80 28.79 32.45
C VAL D 298 8.51 27.41 32.99
N THR D 299 8.46 27.25 34.33
CA THR D 299 8.33 25.94 34.95
C THR D 299 7.36 26.03 36.13
N PRO D 300 6.64 24.95 36.44
CA PRO D 300 5.78 24.95 37.60
C PRO D 300 6.63 24.95 38.87
N VAL D 301 6.23 25.75 39.87
CA VAL D 301 6.87 25.72 41.17
C VAL D 301 6.20 24.63 41.98
N LEU D 302 6.87 23.50 42.10
CA LEU D 302 6.28 22.36 42.80
C LEU D 302 6.63 22.43 44.29
N ALA D 303 5.62 22.10 45.11
CA ALA D 303 5.81 21.79 46.53
C ALA D 303 6.50 20.45 46.71
N PHE D 304 7.19 20.24 47.84
CA PHE D 304 7.90 18.99 48.11
C PHE D 304 7.03 17.79 47.80
N GLY D 305 5.79 17.82 48.29
CA GLY D 305 4.88 16.69 48.18
C GLY D 305 4.49 16.31 46.75
N GLU D 306 4.73 17.20 45.77
CA GLU D 306 4.30 17.00 44.40
C GLU D 306 5.44 16.54 43.51
N VAL D 307 6.66 16.65 44.02
CA VAL D 307 7.85 16.40 43.24
C VAL D 307 7.85 14.98 42.69
N HIS D 308 7.40 13.99 43.48
CA HIS D 308 7.46 12.58 43.11
C HIS D 308 6.63 12.33 41.84
N ASN D 309 5.75 13.25 41.47
CA ASN D 309 4.89 13.03 40.31
C ASN D 309 5.40 13.76 39.07
N GLU D 310 6.49 14.52 39.19
CA GLU D 310 7.02 15.18 38.01
C GLU D 310 7.71 14.15 37.11
N PRO D 311 7.34 14.04 35.82
CA PRO D 311 7.95 13.08 34.90
C PRO D 311 9.47 13.09 34.82
N HIS D 312 10.08 14.27 34.63
CA HIS D 312 11.51 14.32 34.46
C HIS D 312 12.21 13.88 35.75
N ILE D 313 11.53 14.07 36.89
CA ILE D 313 12.03 13.66 38.18
C ILE D 313 11.98 12.13 38.30
N ILE D 314 10.81 11.53 37.94
CA ILE D 314 10.64 10.08 37.95
C ILE D 314 11.65 9.43 37.00
N GLU D 315 11.70 9.86 35.74
CA GLU D 315 12.49 9.18 34.73
C GLU D 315 13.97 9.12 35.09
N ARG D 316 14.52 10.18 35.71
CA ARG D 316 15.95 10.22 36.00
C ARG D 316 16.31 9.63 37.38
N ASN D 317 15.30 9.25 38.15
CA ASN D 317 15.57 8.63 39.43
C ASN D 317 16.35 9.59 40.30
N THR D 318 15.85 10.83 40.39
CA THR D 318 16.46 11.83 41.25
C THR D 318 16.20 11.48 42.72
N PHE D 319 15.04 10.86 43.01
CA PHE D 319 14.61 10.47 44.35
C PHE D 319 14.47 8.95 44.41
N TYR D 320 14.60 8.37 45.62
CA TYR D 320 14.22 7.00 45.93
C TYR D 320 13.31 7.06 47.15
N GLU D 321 12.38 6.11 47.29
CA GLU D 321 11.45 6.08 48.40
C GLU D 321 12.07 5.25 49.51
N ALA D 322 11.93 5.66 50.78
CA ALA D 322 12.56 4.94 51.89
C ALA D 322 11.70 5.01 53.15
N ASN D 323 12.36 5.12 54.32
CA ASN D 323 11.80 5.47 55.62
C ASN D 323 10.33 5.90 55.51
N GLY D 324 10.05 7.20 55.72
CA GLY D 324 8.69 7.73 55.71
C GLY D 324 8.26 8.10 54.29
N GLY D 325 9.06 8.94 53.62
CA GLY D 325 8.82 9.36 52.24
C GLY D 325 10.12 9.39 51.42
N TRP D 326 10.20 10.34 50.49
CA TRP D 326 11.23 10.34 49.45
C TRP D 326 12.50 11.03 49.92
N GLN D 327 13.61 10.67 49.28
CA GLN D 327 14.92 11.17 49.64
C GLN D 327 15.70 11.27 48.34
N PRO D 328 16.60 12.26 48.22
CA PRO D 328 17.40 12.43 47.03
C PRO D 328 18.48 11.35 46.88
N MET D 329 18.61 10.87 45.65
CA MET D 329 19.61 9.90 45.27
C MET D 329 20.92 10.63 45.26
N PRO D 330 22.06 9.93 45.42
CA PRO D 330 23.38 10.55 45.37
C PRO D 330 23.58 11.44 44.16
N ALA D 331 24.41 12.46 44.32
CA ALA D 331 24.81 13.31 43.21
C ALA D 331 26.29 13.65 43.38
N PRO D 332 27.03 13.97 42.32
CA PRO D 332 26.59 13.81 40.94
C PRO D 332 26.58 12.35 40.52
N ARG D 333 26.58 12.09 39.21
CA ARG D 333 26.49 10.73 38.67
C ARG D 333 27.78 10.38 37.92
N PHE D 334 28.16 9.09 38.00
CA PHE D 334 29.42 8.61 37.42
C PHE D 334 29.14 7.49 36.40
N SER D 335 29.75 7.60 35.19
CA SER D 335 29.54 6.66 34.08
C SER D 335 29.95 5.22 34.42
N ARG D 336 31.14 4.99 34.99
CA ARG D 336 31.65 3.65 35.29
C ARG D 336 31.39 3.23 36.75
N THR D 337 31.91 4.00 37.71
CA THR D 337 31.79 3.64 39.14
C THR D 337 30.56 4.30 39.75
N ALA D 338 29.38 3.70 39.53
CA ALA D 338 28.12 4.38 39.79
C ALA D 338 27.71 4.14 41.23
N SER D 339 27.34 5.23 41.92
CA SER D 339 26.78 5.15 43.26
C SER D 339 25.58 4.22 43.27
N SER D 340 25.29 3.66 44.44
CA SER D 340 24.11 2.85 44.64
C SER D 340 23.20 3.54 45.65
N GLN D 341 21.99 3.00 45.75
CA GLN D 341 21.01 3.52 46.66
C GLN D 341 21.59 3.53 48.07
N PRO D 342 21.35 4.60 48.85
CA PRO D 342 21.85 4.67 50.22
C PRO D 342 21.24 3.64 51.16
N ARG D 343 22.11 3.12 52.03
CA ARG D 343 21.72 2.21 53.10
C ARG D 343 21.11 3.09 54.18
N PRO D 344 19.97 2.68 54.78
CA PRO D 344 19.40 3.46 55.88
C PRO D 344 20.33 3.52 57.09
N PRO D 345 20.10 4.44 58.05
CA PRO D 345 20.96 4.51 59.23
C PRO D 345 21.12 3.17 59.96
N ALA D 346 22.38 2.74 60.18
CA ALA D 346 22.71 1.40 60.64
C ALA D 346 22.96 1.38 62.16
N ALA D 347 22.09 0.66 62.87
CA ALA D 347 22.13 0.53 64.34
C ALA D 347 23.56 0.47 64.87
N THR D 348 23.74 0.94 66.12
CA THR D 348 25.05 1.07 66.76
C THR D 348 25.80 -0.24 66.67
N ILE D 349 27.05 -0.15 66.23
CA ILE D 349 27.93 -1.30 66.31
C ILE D 349 29.03 -0.96 67.31
N ASP D 350 29.71 -2.00 67.79
CA ASP D 350 30.78 -1.88 68.76
C ASP D 350 32.03 -1.31 68.09
N ILE D 351 32.68 -0.32 68.71
CA ILE D 351 33.81 0.37 68.12
C ILE D 351 34.99 -0.60 67.89
N GLU D 352 35.01 -1.76 68.59
CA GLU D 352 35.99 -2.82 68.37
C GLU D 352 35.71 -3.53 67.04
N ALA D 353 34.44 -3.88 66.80
CA ALA D 353 34.02 -4.58 65.58
C ALA D 353 34.52 -3.85 64.33
N VAL D 354 34.70 -2.53 64.43
CA VAL D 354 35.13 -1.74 63.29
C VAL D 354 36.65 -1.82 63.18
N LEU D 355 37.34 -1.68 64.32
CA LEU D 355 38.80 -1.66 64.33
C LEU D 355 39.33 -3.00 63.79
N THR D 356 38.53 -4.06 63.99
CA THR D 356 38.78 -5.43 63.51
C THR D 356 38.70 -5.49 61.97
N ASP D 357 37.59 -4.95 61.46
CA ASP D 357 37.26 -4.88 60.04
C ASP D 357 38.31 -4.07 59.27
N TRP D 358 38.87 -3.01 59.86
CA TRP D 358 39.90 -2.22 59.18
C TRP D 358 41.29 -2.81 59.46
N ASP D 359 41.32 -4.10 59.83
CA ASP D 359 42.48 -4.79 60.41
C ASP D 359 42.85 -4.16 61.76
N MET E 1 -10.63 -47.67 26.50
CA MET E 1 -10.31 -46.44 25.73
C MET E 1 -11.39 -46.16 24.67
N ALA E 2 -11.79 -44.88 24.52
CA ALA E 2 -12.93 -44.49 23.70
C ALA E 2 -12.51 -44.03 22.31
N GLY E 3 -13.13 -44.61 21.29
CA GLY E 3 -13.08 -44.06 19.95
C GLY E 3 -12.93 -45.18 18.94
N PRO E 4 -12.97 -44.91 17.62
CA PRO E 4 -12.85 -45.96 16.63
C PRO E 4 -11.48 -46.64 16.55
N LEU E 5 -10.47 -46.04 17.20
CA LEU E 5 -9.09 -46.52 17.14
C LEU E 5 -8.69 -47.19 18.46
N SER E 6 -9.66 -47.56 19.31
CA SER E 6 -9.32 -48.41 20.43
C SER E 6 -8.57 -49.62 19.92
N GLY E 7 -7.47 -49.93 20.63
CA GLY E 7 -6.69 -51.11 20.34
C GLY E 7 -5.50 -50.87 19.42
N LEU E 8 -5.51 -49.77 18.64
CA LEU E 8 -4.35 -49.39 17.81
C LEU E 8 -3.21 -48.94 18.73
N ARG E 9 -2.00 -49.48 18.46
CA ARG E 9 -0.85 -49.15 19.29
C ARG E 9 0.19 -48.38 18.50
N VAL E 10 0.61 -47.26 19.10
CA VAL E 10 1.36 -46.24 18.39
C VAL E 10 2.55 -45.86 19.25
N VAL E 11 3.73 -45.89 18.60
CA VAL E 11 4.95 -45.38 19.19
C VAL E 11 5.35 -44.12 18.43
N GLU E 12 5.52 -43.06 19.22
CA GLU E 12 5.88 -41.74 18.73
C GLU E 12 7.26 -41.33 19.23
N LEU E 13 8.19 -41.09 18.30
CA LEU E 13 9.49 -40.54 18.69
C LEU E 13 9.38 -39.03 18.74
N ALA E 14 9.42 -38.51 19.97
CA ALA E 14 9.26 -37.10 20.26
C ALA E 14 9.92 -36.20 19.19
N GLY E 15 9.06 -35.48 18.45
CA GLY E 15 9.44 -34.36 17.62
C GLY E 15 8.60 -33.12 17.96
N ILE E 16 8.54 -32.18 17.00
CA ILE E 16 7.78 -30.95 17.11
C ILE E 16 6.97 -30.74 15.83
N GLY E 17 5.80 -30.11 15.95
CA GLY E 17 4.99 -29.79 14.78
C GLY E 17 4.18 -30.98 14.30
N PRO E 18 4.31 -31.40 13.03
CA PRO E 18 3.39 -32.36 12.47
C PRO E 18 3.36 -33.71 13.19
N GLY E 19 4.53 -34.17 13.66
CA GLY E 19 4.59 -35.51 14.20
C GLY E 19 3.71 -35.64 15.43
N PRO E 20 3.88 -34.76 16.43
CA PRO E 20 3.04 -34.81 17.59
C PRO E 20 1.56 -34.48 17.33
N HIS E 21 1.23 -33.87 16.18
CA HIS E 21 -0.14 -33.46 15.95
C HIS E 21 -0.87 -34.69 15.43
N ALA E 22 -0.21 -35.40 14.50
CA ALA E 22 -0.68 -36.69 14.05
C ALA E 22 -0.84 -37.62 15.25
N ALA E 23 0.15 -37.68 16.14
CA ALA E 23 0.02 -38.64 17.21
C ALA E 23 -1.18 -38.24 18.07
N MET E 24 -1.39 -36.92 18.21
CA MET E 24 -2.45 -36.42 19.07
C MET E 24 -3.81 -36.85 18.52
N ILE E 25 -4.03 -36.63 17.23
CA ILE E 25 -5.30 -37.04 16.64
C ILE E 25 -5.50 -38.54 16.84
N LEU E 26 -4.48 -39.38 16.62
CA LEU E 26 -4.61 -40.82 16.82
C LEU E 26 -5.07 -41.11 18.25
N GLY E 27 -4.44 -40.44 19.21
CA GLY E 27 -4.85 -40.58 20.60
C GLY E 27 -6.26 -40.08 20.86
N ASP E 28 -6.58 -38.94 20.25
CA ASP E 28 -7.90 -38.34 20.35
C ASP E 28 -8.91 -39.42 19.97
N LEU E 29 -8.69 -40.15 18.88
CA LEU E 29 -9.67 -41.14 18.45
C LEU E 29 -9.46 -42.48 19.16
N GLY E 30 -8.78 -42.46 20.31
CA GLY E 30 -8.71 -43.59 21.21
C GLY E 30 -7.50 -44.52 21.04
N ALA E 31 -6.59 -44.25 20.09
CA ALA E 31 -5.37 -45.05 19.94
C ALA E 31 -4.53 -45.02 21.20
N ASP E 32 -3.75 -46.10 21.41
CA ASP E 32 -2.83 -46.22 22.55
C ASP E 32 -1.47 -45.69 22.13
N VAL E 33 -1.16 -44.49 22.62
CA VAL E 33 -0.09 -43.71 22.05
C VAL E 33 0.98 -43.60 23.12
N VAL E 34 2.20 -44.02 22.74
CA VAL E 34 3.31 -43.99 23.67
C VAL E 34 4.40 -43.13 23.05
N ARG E 35 4.80 -42.09 23.79
CA ARG E 35 5.68 -41.08 23.24
C ARG E 35 7.04 -41.15 23.93
N ILE E 36 8.06 -41.52 23.15
CA ILE E 36 9.40 -41.71 23.69
C ILE E 36 10.16 -40.40 23.56
N ASP E 37 10.64 -39.91 24.70
CA ASP E 37 11.28 -38.61 24.79
C ASP E 37 12.66 -38.75 25.44
N ARG E 38 13.58 -37.85 25.07
CA ARG E 38 14.86 -37.71 25.75
C ARG E 38 14.63 -37.39 27.23
N PRO E 39 15.47 -37.89 28.18
CA PRO E 39 15.38 -37.41 29.56
C PRO E 39 15.60 -35.89 29.72
N SER E 40 15.92 -35.19 28.62
CA SER E 40 16.14 -33.75 28.65
C SER E 40 15.64 -33.09 27.34
N ASP E 43 10.31 -34.38 32.90
CA ASP E 43 10.89 -33.01 32.82
C ASP E 43 9.95 -32.02 33.54
N GLY E 44 9.21 -32.50 34.55
CA GLY E 44 7.96 -31.88 35.00
C GLY E 44 6.78 -32.39 34.17
N ILE E 45 5.55 -31.99 34.52
CA ILE E 45 4.37 -32.33 33.73
C ILE E 45 4.24 -31.29 32.59
N SER E 46 4.12 -31.79 31.35
CA SER E 46 4.09 -30.96 30.15
C SER E 46 2.91 -29.99 30.18
N ARG E 47 3.15 -28.74 29.75
CA ARG E 47 2.09 -27.75 29.67
C ARG E 47 1.58 -27.59 28.23
N ASP E 48 2.16 -28.31 27.26
CA ASP E 48 1.68 -28.33 25.89
C ASP E 48 0.47 -29.27 25.79
N ALA E 49 -0.70 -28.68 25.52
CA ALA E 49 -1.92 -29.44 25.41
C ALA E 49 -1.87 -30.35 24.19
N MET E 50 -0.84 -30.21 23.32
CA MET E 50 -0.70 -31.06 22.14
C MET E 50 -0.23 -32.47 22.52
N LEU E 51 0.24 -32.65 23.76
CA LEU E 51 0.71 -33.95 24.22
C LEU E 51 -0.36 -34.65 25.06
N ARG E 52 -1.63 -34.46 24.69
CA ARG E 52 -2.77 -35.06 25.37
C ARG E 52 -3.02 -36.44 24.76
N ASN E 53 -3.76 -37.28 25.50
CA ASN E 53 -3.99 -38.67 25.12
C ASN E 53 -2.66 -39.43 24.88
N ARG E 54 -1.70 -39.25 25.79
CA ARG E 54 -0.37 -39.84 25.67
C ARG E 54 -0.01 -40.69 26.90
N ARG E 55 0.96 -41.59 26.72
CA ARG E 55 1.88 -41.93 27.79
C ARG E 55 3.28 -41.45 27.39
N ILE E 56 3.90 -40.62 28.25
CA ILE E 56 5.26 -40.12 28.04
C ILE E 56 6.24 -41.10 28.70
N VAL E 57 7.30 -41.47 27.97
CA VAL E 57 8.37 -42.30 28.52
C VAL E 57 9.72 -41.72 28.13
N THR E 58 10.71 -41.96 29.00
CA THR E 58 12.09 -41.46 28.90
C THR E 58 13.02 -42.59 28.43
N ALA E 59 13.87 -42.29 27.44
CA ALA E 59 14.95 -43.19 27.05
C ALA E 59 15.97 -42.48 26.16
N ASP E 60 17.26 -42.61 26.55
CA ASP E 60 18.37 -42.16 25.71
C ASP E 60 18.62 -43.20 24.64
N LEU E 61 18.31 -42.85 23.37
CA LEU E 61 18.26 -43.79 22.27
C LEU E 61 19.65 -44.03 21.69
N LYS E 62 20.60 -43.16 22.04
CA LYS E 62 21.99 -43.35 21.66
C LYS E 62 22.58 -44.49 22.49
N SER E 63 22.19 -44.58 23.76
CA SER E 63 22.67 -45.63 24.66
C SER E 63 22.09 -46.99 24.26
N ASP E 64 22.81 -48.06 24.62
CA ASP E 64 22.50 -49.42 24.18
C ASP E 64 21.24 -49.96 24.83
N GLN E 65 20.93 -49.50 26.06
CA GLN E 65 19.79 -50.00 26.82
C GLN E 65 18.49 -49.34 26.33
N GLY E 66 18.57 -48.03 26.05
CA GLY E 66 17.50 -47.29 25.40
C GLY E 66 17.06 -47.95 24.09
N LEU E 67 18.00 -48.22 23.18
CA LEU E 67 17.65 -48.79 21.88
C LEU E 67 16.92 -50.13 22.04
N GLU E 68 17.31 -50.90 23.07
CA GLU E 68 16.76 -52.23 23.31
C GLU E 68 15.29 -52.09 23.69
N LEU E 69 15.01 -51.28 24.72
CA LEU E 69 13.67 -50.98 25.22
C LEU E 69 12.76 -50.48 24.09
N ALA E 70 13.27 -49.51 23.33
CA ALA E 70 12.49 -48.89 22.28
C ALA E 70 12.16 -49.93 21.21
N LEU E 71 13.12 -50.80 20.88
CA LEU E 71 12.83 -51.82 19.89
C LEU E 71 11.82 -52.86 20.42
N LYS E 72 11.58 -52.86 21.73
CA LYS E 72 10.65 -53.80 22.33
C LYS E 72 9.23 -53.20 22.29
N LEU E 73 9.07 -51.93 22.70
CA LEU E 73 7.85 -51.17 22.44
C LEU E 73 7.44 -51.35 20.99
N ILE E 74 8.36 -51.05 20.06
CA ILE E 74 8.03 -51.08 18.64
C ILE E 74 7.57 -52.47 18.20
N ALA E 75 8.04 -53.54 18.86
CA ALA E 75 7.70 -54.91 18.43
C ALA E 75 6.25 -55.27 18.78
N LYS E 76 5.69 -54.64 19.83
CA LYS E 76 4.33 -54.91 20.28
C LYS E 76 3.32 -53.94 19.66
N ALA E 77 3.75 -53.04 18.76
CA ALA E 77 2.93 -51.90 18.36
C ALA E 77 2.65 -51.95 16.86
N ASP E 78 1.70 -51.11 16.43
CA ASP E 78 1.16 -51.13 15.08
C ASP E 78 1.83 -50.08 14.20
N VAL E 79 2.23 -48.99 14.88
CA VAL E 79 2.52 -47.77 14.18
C VAL E 79 3.71 -47.11 14.85
N LEU E 80 4.67 -46.71 14.01
CA LEU E 80 5.72 -45.83 14.53
C LEU E 80 5.71 -44.51 13.78
N ILE E 81 5.84 -43.44 14.57
CA ILE E 81 5.89 -42.09 14.03
C ILE E 81 7.22 -41.46 14.40
N GLU E 82 7.91 -40.98 13.36
CA GLU E 82 9.13 -40.20 13.59
C GLU E 82 9.16 -39.04 12.60
N GLY E 83 9.62 -37.87 13.11
CA GLY E 83 9.75 -36.67 12.31
C GLY E 83 11.11 -35.98 12.44
N TYR E 84 12.17 -36.81 12.39
CA TYR E 84 13.55 -36.34 12.28
C TYR E 84 13.94 -36.31 10.81
N ARG E 85 15.13 -35.76 10.53
CA ARG E 85 15.61 -35.73 9.16
C ARG E 85 15.88 -37.17 8.73
N PRO E 86 15.85 -37.45 7.41
CA PRO E 86 16.18 -38.79 6.92
C PRO E 86 17.55 -39.24 7.41
N GLY E 87 17.67 -40.51 7.82
CA GLY E 87 18.93 -41.07 8.25
C GLY E 87 19.05 -41.07 9.78
N VAL E 88 18.29 -40.21 10.47
CA VAL E 88 18.45 -40.09 11.91
C VAL E 88 18.01 -41.37 12.63
N THR E 89 16.89 -41.96 12.19
CA THR E 89 16.45 -43.19 12.84
C THR E 89 17.39 -44.33 12.42
N GLU E 90 17.86 -44.34 11.16
CA GLU E 90 18.79 -45.34 10.69
C GLU E 90 19.98 -45.40 11.67
N ARG E 91 20.59 -44.25 11.95
CA ARG E 91 21.80 -44.19 12.75
C ARG E 91 21.52 -44.70 14.16
N LEU E 92 20.36 -44.36 14.73
CA LEU E 92 20.07 -44.81 16.08
C LEU E 92 19.87 -46.33 16.11
N GLY E 93 19.60 -46.94 14.94
CA GLY E 93 19.22 -48.34 14.82
C GLY E 93 17.72 -48.52 15.06
N LEU E 94 16.94 -47.53 14.59
CA LEU E 94 15.49 -47.52 14.68
C LEU E 94 14.90 -47.36 13.29
N GLY E 95 15.74 -47.54 12.25
CA GLY E 95 15.32 -47.40 10.87
C GLY E 95 14.25 -48.40 10.48
N PRO E 96 13.62 -48.23 9.29
CA PRO E 96 12.59 -49.15 8.85
C PRO E 96 13.03 -50.61 8.90
N GLU E 97 14.26 -50.90 8.45
CA GLU E 97 14.75 -52.26 8.33
C GLU E 97 14.98 -52.93 9.69
N GLU E 98 15.60 -52.20 10.63
CA GLU E 98 15.81 -52.68 11.99
C GLU E 98 14.48 -52.94 12.69
N CYS E 99 13.47 -52.13 12.37
CA CYS E 99 12.16 -52.28 12.97
C CYS E 99 11.48 -53.51 12.37
N ALA E 100 11.58 -53.67 11.05
CA ALA E 100 11.01 -54.77 10.29
C ALA E 100 11.53 -56.13 10.74
N LYS E 101 12.74 -56.16 11.33
CA LYS E 101 13.31 -57.37 11.89
C LYS E 101 12.47 -57.81 13.09
N VAL E 102 12.06 -56.87 13.95
CA VAL E 102 11.32 -57.21 15.16
C VAL E 102 9.79 -57.05 15.00
N ASN E 103 9.30 -56.70 13.80
CA ASN E 103 7.87 -56.45 13.57
C ASN E 103 7.58 -56.22 12.09
N ASP E 104 7.30 -57.29 11.35
CA ASP E 104 7.11 -57.21 9.90
C ASP E 104 5.74 -56.59 9.55
N ARG E 105 4.97 -56.20 10.58
CA ARG E 105 3.63 -55.66 10.39
C ARG E 105 3.60 -54.19 10.81
N LEU E 106 4.77 -53.54 10.88
CA LEU E 106 4.83 -52.17 11.38
C LEU E 106 4.44 -51.22 10.26
N ILE E 107 3.59 -50.26 10.63
CA ILE E 107 3.43 -49.08 9.80
C ILE E 107 4.46 -48.07 10.30
N TYR E 108 5.39 -47.78 9.38
CA TYR E 108 6.55 -46.95 9.67
C TYR E 108 6.32 -45.58 9.05
N ALA E 109 6.02 -44.59 9.89
CA ALA E 109 5.53 -43.34 9.33
C ALA E 109 6.56 -42.25 9.55
N ARG E 110 7.03 -41.73 8.41
CA ARG E 110 8.12 -40.77 8.32
C ARG E 110 7.59 -39.39 7.90
N MET E 111 7.59 -38.47 8.87
CA MET E 111 7.05 -37.12 8.74
C MET E 111 8.17 -36.10 8.45
N THR E 112 8.28 -35.65 7.20
CA THR E 112 9.30 -34.66 6.93
C THR E 112 8.64 -33.54 6.15
N GLY E 113 9.42 -32.49 5.87
CA GLY E 113 8.98 -31.39 5.04
C GLY E 113 9.37 -31.60 3.59
N TRP E 114 10.64 -31.97 3.38
CA TRP E 114 11.20 -32.09 2.02
C TRP E 114 11.08 -33.52 1.44
N GLY E 115 10.83 -34.50 2.32
CA GLY E 115 10.85 -35.89 1.90
C GLY E 115 12.15 -36.62 2.25
N GLN E 116 12.20 -37.88 1.80
CA GLN E 116 13.21 -38.82 2.29
C GLN E 116 14.47 -38.70 1.43
N THR E 117 14.32 -38.22 0.17
CA THR E 117 15.42 -38.15 -0.79
C THR E 117 15.31 -36.85 -1.59
N GLY E 118 16.33 -36.57 -2.41
CA GLY E 118 16.37 -35.40 -3.25
C GLY E 118 17.25 -34.34 -2.61
N PRO E 119 17.61 -33.29 -3.38
CA PRO E 119 18.63 -32.32 -2.96
C PRO E 119 18.33 -31.53 -1.69
N ARG E 120 17.05 -31.44 -1.27
CA ARG E 120 16.77 -30.67 -0.07
C ARG E 120 16.55 -31.60 1.12
N SER E 121 16.73 -32.91 0.95
CA SER E 121 16.30 -33.86 1.96
C SER E 121 16.96 -33.60 3.30
N GLN E 122 18.12 -32.90 3.29
CA GLN E 122 18.85 -32.68 4.53
C GLN E 122 18.76 -31.23 5.02
N GLN E 123 18.27 -30.30 4.19
CA GLN E 123 18.05 -28.93 4.64
C GLN E 123 17.03 -28.84 5.77
N ALA E 124 17.38 -27.98 6.73
CA ALA E 124 16.47 -27.47 7.74
C ALA E 124 15.34 -26.68 7.08
N GLY E 125 14.23 -26.60 7.81
CA GLY E 125 13.08 -25.91 7.28
C GLY E 125 11.95 -25.78 8.28
N HIS E 126 10.99 -24.95 7.87
CA HIS E 126 9.74 -24.86 8.60
C HIS E 126 8.64 -24.63 7.58
N ASP E 127 7.40 -24.65 8.09
CA ASP E 127 6.21 -24.60 7.28
C ASP E 127 6.40 -23.64 6.14
N ILE E 128 6.78 -22.40 6.49
CA ILE E 128 6.81 -21.31 5.52
C ILE E 128 7.71 -21.63 4.34
N ASN E 129 8.76 -22.42 4.57
CA ASN E 129 9.71 -22.76 3.52
C ASN E 129 9.10 -23.80 2.57
N TYR E 130 8.42 -24.79 3.15
CA TYR E 130 7.88 -25.89 2.35
C TYR E 130 6.82 -25.33 1.41
N ILE E 131 6.01 -24.38 1.90
CA ILE E 131 4.95 -23.79 1.07
C ILE E 131 5.49 -22.71 0.14
N SER E 132 6.73 -22.22 0.34
CA SER E 132 7.27 -21.27 -0.62
C SER E 132 7.63 -21.95 -1.95
N LEU E 133 7.95 -23.23 -1.90
CA LEU E 133 8.55 -23.89 -3.05
C LEU E 133 7.52 -24.49 -4.00
N ASN E 134 6.29 -24.67 -3.53
CA ASN E 134 5.30 -25.37 -4.33
C ASN E 134 4.19 -24.43 -4.79
N GLY E 135 4.35 -23.10 -4.64
CA GLY E 135 3.46 -22.10 -5.22
C GLY E 135 2.36 -21.59 -4.28
N ILE E 136 2.27 -22.18 -3.07
CA ILE E 136 1.17 -21.93 -2.14
C ILE E 136 1.32 -20.57 -1.48
N LEU E 137 2.50 -20.34 -0.86
CA LEU E 137 2.72 -19.11 -0.13
C LEU E 137 2.53 -17.91 -1.06
N HIS E 138 2.99 -18.04 -2.29
CA HIS E 138 2.90 -16.95 -3.23
C HIS E 138 1.44 -16.50 -3.42
N ALA E 139 0.50 -17.42 -3.19
CA ALA E 139 -0.87 -17.15 -3.60
C ALA E 139 -1.68 -16.49 -2.48
N ILE E 140 -1.07 -16.27 -1.30
CA ILE E 140 -1.78 -15.91 -0.10
C ILE E 140 -1.42 -14.48 0.28
N GLY E 141 -2.45 -13.62 0.30
CA GLY E 141 -2.35 -12.25 0.79
C GLY E 141 -2.85 -11.23 -0.22
N ARG E 142 -2.80 -9.97 0.17
CA ARG E 142 -3.27 -8.90 -0.69
C ARG E 142 -2.29 -8.73 -1.86
N GLY E 143 -2.81 -8.18 -2.96
CA GLY E 143 -2.06 -8.07 -4.20
C GLY E 143 -0.93 -7.04 -4.12
N ASP E 144 -1.13 -5.96 -3.36
CA ASP E 144 -0.14 -4.90 -3.36
C ASP E 144 1.12 -5.30 -2.58
N GLU E 145 1.08 -6.44 -1.87
CA GLU E 145 1.94 -6.62 -0.72
C GLU E 145 2.66 -7.95 -0.74
N ARG E 146 3.61 -8.11 0.16
CA ARG E 146 4.31 -9.38 0.16
C ARG E 146 3.43 -10.50 0.70
N PRO E 147 3.64 -11.75 0.26
CA PRO E 147 2.80 -12.85 0.71
C PRO E 147 2.80 -12.96 2.24
N VAL E 148 1.67 -13.42 2.79
CA VAL E 148 1.54 -13.55 4.22
C VAL E 148 1.44 -15.04 4.54
N PRO E 149 2.16 -15.54 5.57
CA PRO E 149 2.06 -16.91 5.97
C PRO E 149 0.73 -17.22 6.65
N PRO E 150 0.03 -18.29 6.23
CA PRO E 150 -1.20 -18.69 6.87
C PRO E 150 -0.93 -19.48 8.13
N LEU E 151 -0.30 -18.81 9.09
CA LEU E 151 0.33 -19.46 10.21
C LEU E 151 1.12 -20.66 9.68
N ASN E 152 1.24 -21.72 10.50
CA ASN E 152 1.81 -22.98 10.03
C ASN E 152 0.70 -24.00 9.79
N LEU E 153 -0.41 -23.59 9.16
CA LEU E 153 -1.58 -24.45 9.09
C LEU E 153 -1.47 -25.32 7.86
N VAL E 154 -0.82 -24.83 6.82
CA VAL E 154 -0.92 -25.50 5.54
C VAL E 154 0.20 -26.53 5.35
N GLY E 155 1.39 -26.28 5.86
CA GLY E 155 2.50 -27.19 5.63
C GLY E 155 2.55 -28.20 6.76
N ASP E 156 2.69 -27.73 8.00
CA ASP E 156 2.71 -28.62 9.13
C ASP E 156 1.47 -29.50 9.19
N PHE E 157 0.26 -28.91 9.12
CA PHE E 157 -0.93 -29.64 9.58
C PHE E 157 -1.75 -30.10 8.37
N GLY E 158 -2.34 -29.15 7.65
CA GLY E 158 -3.13 -29.47 6.47
C GLY E 158 -2.39 -30.45 5.57
N GLY E 159 -1.13 -30.13 5.26
CA GLY E 159 -0.41 -30.80 4.18
C GLY E 159 0.64 -31.74 4.76
N GLY E 160 0.61 -31.88 6.09
CA GLY E 160 1.69 -32.50 6.83
C GLY E 160 1.14 -33.63 7.68
N SER E 161 0.88 -33.35 8.94
CA SER E 161 0.31 -34.30 9.87
C SER E 161 -0.91 -35.02 9.26
N MET E 162 -1.81 -34.29 8.60
CA MET E 162 -3.07 -34.90 8.18
C MET E 162 -2.79 -35.98 7.14
N PHE E 163 -1.79 -35.74 6.28
CA PHE E 163 -1.47 -36.69 5.23
C PHE E 163 -0.68 -37.86 5.80
N LEU E 164 0.05 -37.64 6.89
CA LEU E 164 0.66 -38.72 7.64
C LEU E 164 -0.46 -39.64 8.17
N LEU E 165 -1.55 -39.02 8.66
CA LEU E 165 -2.66 -39.77 9.23
C LEU E 165 -3.29 -40.61 8.14
N VAL E 166 -3.53 -40.01 6.98
CA VAL E 166 -4.15 -40.73 5.89
C VAL E 166 -3.26 -41.90 5.48
N GLY E 167 -1.94 -41.67 5.47
CA GLY E 167 -0.99 -42.68 5.06
C GLY E 167 -0.99 -43.85 6.01
N ILE E 168 -0.93 -43.57 7.31
CA ILE E 168 -0.99 -44.57 8.35
C ILE E 168 -2.25 -45.44 8.25
N LEU E 169 -3.42 -44.78 8.15
CA LEU E 169 -4.69 -45.50 8.22
C LEU E 169 -4.91 -46.23 6.90
N ALA E 170 -4.53 -45.61 5.77
CA ALA E 170 -4.64 -46.30 4.50
C ALA E 170 -3.74 -47.52 4.49
N ALA E 171 -2.64 -47.45 5.24
CA ALA E 171 -1.69 -48.54 5.22
C ALA E 171 -2.23 -49.66 6.10
N LEU E 172 -2.87 -49.27 7.23
CA LEU E 172 -3.49 -50.22 8.14
C LEU E 172 -4.59 -51.01 7.40
N TRP E 173 -5.27 -50.39 6.45
CA TRP E 173 -6.29 -51.08 5.68
C TRP E 173 -5.67 -52.14 4.78
N GLU E 174 -4.58 -51.75 4.10
CA GLU E 174 -3.85 -52.60 3.18
C GLU E 174 -3.27 -53.82 3.92
N ARG E 175 -2.77 -53.57 5.12
CA ARG E 175 -2.24 -54.60 5.99
C ARG E 175 -3.28 -55.69 6.27
N GLN E 176 -4.55 -55.29 6.43
CA GLN E 176 -5.56 -56.28 6.81
C GLN E 176 -5.64 -57.32 5.70
N SER E 177 -5.33 -56.94 4.46
CA SER E 177 -5.48 -57.82 3.31
C SER E 177 -4.14 -58.39 2.80
N SER E 178 -2.99 -57.91 3.30
CA SER E 178 -1.72 -58.46 2.84
C SER E 178 -0.86 -59.01 3.98
N GLY E 179 -1.25 -58.76 5.24
CA GLY E 179 -0.51 -59.24 6.41
C GLY E 179 0.72 -58.39 6.75
N LYS E 180 1.19 -57.52 5.84
CA LYS E 180 2.46 -56.80 5.96
C LYS E 180 2.30 -55.32 6.28
N GLY E 181 3.29 -54.76 7.01
CA GLY E 181 3.44 -53.33 7.16
C GLY E 181 4.09 -52.71 5.92
N GLN E 182 4.58 -51.47 6.05
CA GLN E 182 5.32 -50.80 4.99
C GLN E 182 5.66 -49.42 5.51
N VAL E 183 6.35 -48.62 4.68
CA VAL E 183 6.82 -47.31 5.10
C VAL E 183 6.00 -46.21 4.44
N VAL E 184 5.59 -45.25 5.28
CA VAL E 184 4.90 -44.07 4.80
C VAL E 184 5.86 -42.89 4.78
N ASP E 185 6.10 -42.35 3.57
CA ASP E 185 6.83 -41.10 3.34
C ASP E 185 5.83 -39.95 3.13
N ALA E 186 5.59 -39.20 4.22
CA ALA E 186 4.78 -37.96 4.21
C ALA E 186 5.69 -36.72 4.22
N ALA E 187 5.82 -36.09 3.06
CA ALA E 187 6.53 -34.83 2.94
C ALA E 187 5.53 -33.68 2.85
N MET E 188 5.70 -32.65 3.71
CA MET E 188 4.85 -31.47 3.72
C MET E 188 4.76 -30.83 2.35
N VAL E 189 5.83 -30.86 1.57
CA VAL E 189 5.79 -30.20 0.26
C VAL E 189 4.89 -30.99 -0.70
N ASP E 190 4.63 -32.27 -0.37
CA ASP E 190 3.80 -33.12 -1.23
C ASP E 190 2.35 -32.97 -0.80
N GLY E 191 2.07 -33.28 0.48
CA GLY E 191 0.73 -33.13 1.01
C GLY E 191 0.13 -31.77 0.69
N SER E 192 0.89 -30.68 0.95
CA SER E 192 0.34 -29.35 0.84
C SER E 192 0.01 -29.13 -0.61
N SER E 193 0.74 -29.80 -1.51
CA SER E 193 0.49 -29.71 -2.94
C SER E 193 -0.84 -30.38 -3.32
N VAL E 194 -1.16 -31.49 -2.64
CA VAL E 194 -2.42 -32.17 -2.90
C VAL E 194 -3.52 -31.35 -2.25
N LEU E 195 -3.21 -30.76 -1.10
CA LEU E 195 -4.17 -29.93 -0.40
C LEU E 195 -4.68 -28.83 -1.32
N ILE E 196 -3.83 -28.35 -2.23
CA ILE E 196 -4.21 -27.21 -3.04
C ILE E 196 -4.48 -27.67 -4.47
N GLN E 197 -4.82 -28.96 -4.60
CA GLN E 197 -5.09 -29.52 -5.91
C GLN E 197 -6.11 -28.67 -6.69
N MET E 198 -7.12 -28.14 -6.00
CA MET E 198 -8.14 -27.33 -6.64
C MET E 198 -7.53 -26.15 -7.41
N MET E 199 -6.60 -25.41 -6.79
CA MET E 199 -6.00 -24.29 -7.49
C MET E 199 -5.27 -24.81 -8.74
N TRP E 200 -4.54 -25.91 -8.64
CA TRP E 200 -3.87 -26.43 -9.82
C TRP E 200 -4.89 -26.81 -10.89
N ALA E 201 -6.05 -27.33 -10.47
CA ALA E 201 -7.12 -27.69 -11.39
C ALA E 201 -7.66 -26.46 -12.11
N MET E 202 -8.11 -25.48 -11.32
CA MET E 202 -8.69 -24.26 -11.85
C MET E 202 -7.70 -23.56 -12.78
N ARG E 203 -6.40 -23.78 -12.55
CA ARG E 203 -5.36 -23.04 -13.26
C ARG E 203 -5.19 -23.56 -14.68
N ALA E 204 -5.28 -24.89 -14.81
CA ALA E 204 -5.26 -25.58 -16.09
C ALA E 204 -6.35 -25.06 -17.05
N THR E 205 -7.52 -24.73 -16.48
CA THR E 205 -8.71 -24.45 -17.26
C THR E 205 -8.96 -22.95 -17.23
N GLY E 206 -7.90 -22.17 -16.97
CA GLY E 206 -7.93 -20.72 -17.09
C GLY E 206 -8.71 -19.98 -16.00
N MET E 207 -9.17 -20.66 -14.94
CA MET E 207 -9.99 -20.03 -13.90
C MET E 207 -9.21 -19.74 -12.59
N TRP E 208 -7.89 -19.76 -12.63
CA TRP E 208 -7.07 -19.24 -11.55
C TRP E 208 -5.78 -18.71 -12.16
N THR E 209 -5.33 -17.52 -11.73
CA THR E 209 -4.08 -16.91 -12.19
C THR E 209 -3.12 -16.77 -11.02
N ASP E 210 -1.83 -16.67 -11.39
CA ASP E 210 -0.72 -16.54 -10.45
C ASP E 210 -0.62 -15.14 -9.86
N THR E 211 -1.47 -14.22 -10.30
CA THR E 211 -1.55 -12.92 -9.66
C THR E 211 -2.17 -13.07 -8.26
N ARG E 212 -1.54 -12.44 -7.29
CA ARG E 212 -2.03 -12.47 -5.93
C ARG E 212 -3.18 -11.49 -5.76
N GLY E 213 -4.25 -11.94 -5.08
CA GLY E 213 -5.35 -11.05 -4.73
C GLY E 213 -6.25 -10.73 -5.93
N ALA E 214 -6.28 -11.64 -6.89
CA ALA E 214 -7.04 -11.43 -8.11
C ALA E 214 -7.85 -12.66 -8.51
N ASN E 215 -8.21 -13.52 -7.55
CA ASN E 215 -8.93 -14.76 -7.86
C ASN E 215 -10.20 -14.83 -7.01
N MET E 216 -11.05 -15.84 -7.27
CA MET E 216 -12.32 -16.00 -6.59
C MET E 216 -12.13 -16.24 -5.09
N LEU E 217 -11.08 -16.96 -4.67
CA LEU E 217 -10.99 -17.45 -3.31
C LEU E 217 -9.81 -16.88 -2.53
N ASP E 218 -9.08 -15.89 -3.06
CA ASP E 218 -7.89 -15.37 -2.39
C ASP E 218 -8.11 -14.00 -1.76
N GLY E 219 -9.35 -13.50 -1.77
CA GLY E 219 -9.64 -12.18 -1.24
C GLY E 219 -9.91 -11.22 -2.40
N GLY E 220 -9.60 -11.63 -3.61
CA GLY E 220 -9.84 -10.76 -4.75
C GLY E 220 -11.31 -10.51 -5.06
N ALA E 221 -12.20 -11.49 -4.79
CA ALA E 221 -13.61 -11.33 -5.07
C ALA E 221 -14.28 -10.55 -3.96
N PRO E 222 -15.02 -9.49 -4.27
CA PRO E 222 -15.73 -8.74 -3.26
C PRO E 222 -16.79 -9.50 -2.46
N TYR E 223 -17.29 -10.58 -3.06
CA TYR E 223 -18.26 -11.41 -2.38
C TYR E 223 -17.60 -12.55 -1.61
N TYR E 224 -16.25 -12.64 -1.62
CA TYR E 224 -15.53 -13.67 -0.87
C TYR E 224 -14.33 -13.02 -0.17
N ASP E 225 -14.59 -12.40 1.00
CA ASP E 225 -13.57 -11.61 1.66
C ASP E 225 -14.10 -11.14 3.01
N THR E 226 -13.26 -10.43 3.77
CA THR E 226 -13.73 -9.81 4.99
C THR E 226 -14.01 -8.31 4.75
N TYR E 227 -14.82 -7.74 5.65
CA TYR E 227 -15.12 -6.32 5.63
C TYR E 227 -15.05 -5.80 7.05
N GLU E 228 -14.49 -4.61 7.19
CA GLU E 228 -14.48 -3.97 8.47
C GLU E 228 -15.82 -3.29 8.71
N CYS E 229 -16.29 -3.38 9.97
CA CYS E 229 -17.57 -2.84 10.42
C CYS E 229 -17.37 -1.54 11.19
N ALA E 230 -18.48 -0.94 11.63
CA ALA E 230 -18.45 0.36 12.29
C ALA E 230 -17.61 0.33 13.57
N ASP E 231 -17.51 -0.83 14.24
CA ASP E 231 -16.80 -0.91 15.51
C ASP E 231 -15.33 -1.28 15.31
N GLY E 232 -14.88 -1.44 14.06
CA GLY E 232 -13.49 -1.81 13.83
C GLY E 232 -13.28 -3.32 13.91
N ARG E 233 -14.34 -4.09 14.18
CA ARG E 233 -14.32 -5.53 14.06
C ARG E 233 -14.81 -5.91 12.66
N TYR E 234 -14.85 -7.22 12.35
CA TYR E 234 -14.99 -7.66 10.98
C TYR E 234 -16.04 -8.74 10.83
N VAL E 235 -16.50 -8.86 9.59
CA VAL E 235 -17.37 -9.94 9.14
C VAL E 235 -16.72 -10.59 7.94
N ALA E 236 -17.12 -11.83 7.67
CA ALA E 236 -16.67 -12.54 6.50
C ALA E 236 -17.87 -12.74 5.59
N VAL E 237 -17.63 -12.58 4.31
CA VAL E 237 -18.63 -12.77 3.30
C VAL E 237 -18.15 -13.88 2.40
N GLY E 238 -19.00 -14.90 2.19
CA GLY E 238 -18.65 -15.97 1.29
C GLY E 238 -19.77 -16.35 0.35
N ALA E 239 -20.40 -15.32 -0.22
CA ALA E 239 -21.61 -15.45 -0.99
C ALA E 239 -21.31 -15.63 -2.46
N ILE E 240 -20.83 -16.83 -2.77
CA ILE E 240 -20.40 -17.13 -4.12
C ILE E 240 -21.61 -17.36 -5.02
N GLU E 241 -22.59 -18.14 -4.51
CA GLU E 241 -23.76 -18.53 -5.30
C GLU E 241 -24.69 -17.33 -5.46
N PRO E 242 -25.20 -17.07 -6.67
CA PRO E 242 -25.98 -15.86 -6.91
C PRO E 242 -27.13 -15.65 -5.92
N GLN E 243 -27.81 -16.74 -5.53
CA GLN E 243 -28.99 -16.64 -4.68
CA GLN E 243 -28.99 -16.67 -4.65
C GLN E 243 -28.54 -16.12 -3.31
N PHE E 244 -27.36 -16.59 -2.86
CA PHE E 244 -26.86 -16.21 -1.55
C PHE E 244 -26.39 -14.76 -1.63
N TYR E 245 -25.76 -14.41 -2.75
CA TYR E 245 -25.30 -13.05 -2.97
C TYR E 245 -26.53 -12.14 -2.89
N ALA E 246 -27.59 -12.45 -3.61
CA ALA E 246 -28.77 -11.56 -3.62
C ALA E 246 -29.31 -11.38 -2.21
N ALA E 247 -29.28 -12.46 -1.42
CA ALA E 247 -29.78 -12.36 -0.06
C ALA E 247 -28.94 -11.36 0.71
N MET E 248 -27.64 -11.41 0.45
CA MET E 248 -26.73 -10.54 1.15
C MET E 248 -27.04 -9.08 0.83
N LEU E 249 -27.20 -8.78 -0.45
CA LEU E 249 -27.43 -7.41 -0.87
C LEU E 249 -28.68 -6.86 -0.19
N ALA E 250 -29.74 -7.68 -0.19
CA ALA E 250 -31.01 -7.28 0.40
C ALA E 250 -30.84 -7.00 1.89
N GLY E 251 -30.01 -7.79 2.57
CA GLY E 251 -29.80 -7.55 3.99
C GLY E 251 -29.00 -6.28 4.27
N LEU E 252 -28.20 -5.85 3.29
CA LEU E 252 -27.39 -4.64 3.43
C LEU E 252 -28.15 -3.40 2.95
N GLY E 253 -29.39 -3.58 2.48
CA GLY E 253 -30.21 -2.44 2.11
C GLY E 253 -29.81 -1.92 0.72
N LEU E 254 -29.21 -2.79 -0.11
CA LEU E 254 -28.65 -2.41 -1.39
C LEU E 254 -29.49 -3.06 -2.46
N ASP E 255 -29.72 -2.28 -3.49
CA ASP E 255 -30.63 -2.62 -4.55
C ASP E 255 -29.79 -3.18 -5.67
N ALA E 256 -30.03 -4.41 -6.11
CA ALA E 256 -29.17 -5.04 -7.10
C ALA E 256 -29.06 -4.23 -8.39
N ALA E 257 -30.07 -3.41 -8.71
CA ALA E 257 -30.06 -2.62 -9.94
C ALA E 257 -29.04 -1.49 -9.89
N GLU E 258 -28.63 -1.03 -8.70
CA GLU E 258 -27.64 0.03 -8.58
C GLU E 258 -26.21 -0.51 -8.72
N LEU E 259 -25.99 -1.83 -8.62
CA LEU E 259 -24.65 -2.35 -8.39
C LEU E 259 -24.12 -2.98 -9.67
N PRO E 260 -22.78 -3.04 -9.86
CA PRO E 260 -22.20 -3.75 -10.99
C PRO E 260 -22.49 -5.23 -10.86
N PRO E 261 -22.50 -6.00 -11.95
CA PRO E 261 -22.77 -7.43 -11.82
C PRO E 261 -21.79 -8.12 -10.87
N GLN E 262 -22.22 -9.23 -10.27
CA GLN E 262 -21.43 -9.91 -9.27
C GLN E 262 -20.06 -10.32 -9.82
N ASN E 263 -20.01 -10.81 -11.07
CA ASN E 263 -18.81 -11.42 -11.60
C ASN E 263 -18.25 -10.64 -12.80
N ASP E 264 -18.54 -9.33 -12.89
CA ASP E 264 -17.79 -8.44 -13.78
C ASP E 264 -16.52 -7.99 -13.04
N ARG E 265 -15.42 -8.72 -13.24
CA ARG E 265 -14.21 -8.47 -12.48
C ARG E 265 -13.67 -7.06 -12.71
N ALA E 266 -13.88 -6.51 -13.90
CA ALA E 266 -13.38 -5.18 -14.20
C ALA E 266 -13.94 -4.17 -13.18
N ARG E 267 -15.16 -4.43 -12.67
CA ARG E 267 -15.86 -3.48 -11.81
C ARG E 267 -15.87 -3.93 -10.36
N TRP E 268 -15.10 -4.96 -10.03
CA TRP E 268 -15.00 -5.37 -8.65
C TRP E 268 -14.56 -4.22 -7.74
N PRO E 269 -13.58 -3.36 -8.07
CA PRO E 269 -13.23 -2.30 -7.13
C PRO E 269 -14.42 -1.38 -6.84
N GLU E 270 -15.26 -1.13 -7.84
CA GLU E 270 -16.50 -0.38 -7.66
C GLU E 270 -17.44 -1.16 -6.73
N LEU E 271 -17.65 -2.46 -7.01
CA LEU E 271 -18.50 -3.28 -6.19
C LEU E 271 -17.98 -3.32 -4.74
N ARG E 272 -16.67 -3.49 -4.57
CA ARG E 272 -16.08 -3.60 -3.23
C ARG E 272 -16.32 -2.33 -2.42
N ALA E 273 -16.26 -1.17 -3.09
CA ALA E 273 -16.42 0.08 -2.38
C ALA E 273 -17.87 0.25 -1.90
N LEU E 274 -18.85 -0.22 -2.68
CA LEU E 274 -20.25 -0.16 -2.25
C LEU E 274 -20.49 -1.07 -1.05
N LEU E 275 -20.00 -2.31 -1.11
CA LEU E 275 -20.08 -3.23 0.03
C LEU E 275 -19.35 -2.67 1.25
N THR E 276 -18.19 -2.07 1.02
CA THR E 276 -17.39 -1.57 2.12
C THR E 276 -18.19 -0.56 2.91
N GLU E 277 -18.77 0.44 2.22
CA GLU E 277 -19.58 1.49 2.85
C GLU E 277 -20.78 0.89 3.58
N ALA E 278 -21.44 -0.11 2.98
CA ALA E 278 -22.59 -0.71 3.65
C ALA E 278 -22.18 -1.42 4.94
N PHE E 279 -21.11 -2.21 4.94
CA PHE E 279 -20.73 -2.96 6.14
C PHE E 279 -20.21 -1.98 7.20
N ALA E 280 -19.64 -0.85 6.80
CA ALA E 280 -19.02 0.09 7.75
C ALA E 280 -20.09 0.87 8.54
N SER E 281 -21.35 0.80 8.11
CA SER E 281 -22.41 1.60 8.72
C SER E 281 -23.02 0.94 9.97
N HIS E 282 -22.73 -0.34 10.27
CA HIS E 282 -23.14 -0.93 11.53
C HIS E 282 -22.03 -1.81 12.12
N ASP E 283 -22.18 -2.17 13.39
CA ASP E 283 -21.27 -3.01 14.17
C ASP E 283 -21.25 -4.46 13.68
N ARG E 284 -20.27 -5.24 14.15
CA ARG E 284 -20.16 -6.62 13.70
C ARG E 284 -21.35 -7.44 14.23
N ASP E 285 -21.69 -7.22 15.49
CA ASP E 285 -22.76 -7.96 16.15
C ASP E 285 -24.11 -7.70 15.49
N HIS E 286 -24.37 -6.44 15.12
CA HIS E 286 -25.55 -6.13 14.34
C HIS E 286 -25.63 -7.02 13.10
N TRP E 287 -24.53 -7.15 12.35
CA TRP E 287 -24.60 -7.91 11.11
C TRP E 287 -24.86 -9.37 11.40
N GLY E 288 -24.33 -9.85 12.53
CA GLY E 288 -24.43 -11.24 12.93
C GLY E 288 -25.88 -11.63 13.22
N ALA E 289 -26.59 -10.73 13.91
CA ALA E 289 -28.04 -10.77 14.13
C ALA E 289 -28.83 -10.73 12.82
N VAL E 290 -28.69 -9.62 12.10
CA VAL E 290 -29.39 -9.42 10.84
C VAL E 290 -29.34 -10.68 9.98
N PHE E 291 -28.22 -11.41 9.99
CA PHE E 291 -27.96 -12.46 9.01
C PHE E 291 -28.02 -13.87 9.63
N ALA E 292 -28.27 -13.97 10.93
CA ALA E 292 -28.63 -15.24 11.55
C ALA E 292 -29.78 -15.91 10.78
N ASN E 293 -29.59 -17.17 10.41
CA ASN E 293 -30.59 -18.00 9.79
C ASN E 293 -30.71 -17.67 8.31
N SER E 294 -29.84 -16.80 7.77
CA SER E 294 -29.86 -16.56 6.33
C SER E 294 -28.81 -17.40 5.62
N ASP E 295 -29.02 -17.50 4.32
CA ASP E 295 -28.05 -18.03 3.40
C ASP E 295 -27.19 -16.93 2.77
N ALA E 296 -27.06 -15.81 3.45
CA ALA E 296 -26.29 -14.68 2.94
C ALA E 296 -24.81 -14.95 2.96
N CYS E 297 -24.39 -15.97 3.72
CA CYS E 297 -22.99 -16.37 3.86
C CYS E 297 -22.18 -15.24 4.48
N VAL E 298 -22.69 -14.67 5.56
CA VAL E 298 -22.08 -13.57 6.28
C VAL E 298 -22.04 -14.00 7.72
N THR E 299 -20.85 -13.90 8.33
CA THR E 299 -20.56 -14.42 9.66
C THR E 299 -19.65 -13.44 10.38
N PRO E 300 -19.78 -13.31 11.70
CA PRO E 300 -18.85 -12.47 12.42
C PRO E 300 -17.49 -13.13 12.45
N VAL E 301 -16.44 -12.30 12.41
CA VAL E 301 -15.08 -12.81 12.48
C VAL E 301 -14.67 -12.75 13.94
N LEU E 302 -14.63 -13.91 14.61
CA LEU E 302 -14.37 -13.95 16.04
C LEU E 302 -12.88 -14.14 16.28
N ALA E 303 -12.41 -13.46 17.32
CA ALA E 303 -11.10 -13.67 17.88
C ALA E 303 -11.13 -14.90 18.79
N PHE E 304 -10.00 -15.60 18.91
CA PHE E 304 -9.90 -16.78 19.75
C PHE E 304 -10.70 -16.59 21.03
N GLY E 305 -10.43 -15.48 21.74
CA GLY E 305 -10.97 -15.28 23.08
C GLY E 305 -12.50 -15.13 23.17
N GLU E 306 -13.22 -14.97 22.04
CA GLU E 306 -14.66 -14.79 21.98
C GLU E 306 -15.37 -16.06 21.50
N VAL E 307 -14.62 -17.04 21.00
CA VAL E 307 -15.17 -18.23 20.40
C VAL E 307 -16.01 -19.02 21.41
N HIS E 308 -15.55 -19.03 22.67
CA HIS E 308 -16.20 -19.78 23.74
C HIS E 308 -17.63 -19.27 23.98
N ASN E 309 -17.95 -18.02 23.58
CA ASN E 309 -19.28 -17.43 23.78
C ASN E 309 -20.18 -17.50 22.55
N GLU E 310 -19.87 -18.31 21.54
CA GLU E 310 -20.70 -18.28 20.33
C GLU E 310 -21.65 -19.47 20.41
N PRO E 311 -22.98 -19.22 20.41
CA PRO E 311 -23.95 -20.28 20.60
C PRO E 311 -23.66 -21.57 19.83
N HIS E 312 -23.32 -21.49 18.54
CA HIS E 312 -23.17 -22.71 17.76
C HIS E 312 -21.93 -23.52 18.17
N ILE E 313 -20.90 -22.80 18.63
CA ILE E 313 -19.70 -23.39 19.18
C ILE E 313 -20.08 -24.10 20.48
N ILE E 314 -20.79 -23.40 21.38
CA ILE E 314 -21.20 -23.95 22.66
C ILE E 314 -22.07 -25.21 22.47
N GLU E 315 -23.12 -25.11 21.68
CA GLU E 315 -24.13 -26.16 21.67
C GLU E 315 -23.59 -27.45 21.06
N ARG E 316 -22.53 -27.38 20.25
CA ARG E 316 -21.98 -28.57 19.62
C ARG E 316 -20.77 -29.10 20.39
N ASN E 317 -20.34 -28.42 21.47
CA ASN E 317 -19.19 -28.84 22.24
C ASN E 317 -17.97 -28.99 21.31
N THR E 318 -17.67 -27.92 20.55
CA THR E 318 -16.53 -27.97 19.65
C THR E 318 -15.27 -27.83 20.50
N PHE E 319 -15.38 -27.16 21.67
CA PHE E 319 -14.30 -27.01 22.63
C PHE E 319 -14.68 -27.56 24.01
N TYR E 320 -13.66 -27.88 24.84
CA TYR E 320 -13.78 -28.15 26.26
C TYR E 320 -12.78 -27.27 27.01
N GLU E 321 -12.93 -27.08 28.32
CA GLU E 321 -12.00 -26.27 29.08
C GLU E 321 -10.95 -27.15 29.74
N ALA E 322 -9.71 -26.65 29.84
CA ALA E 322 -8.60 -27.46 30.37
C ALA E 322 -7.40 -26.59 30.74
N ASN E 323 -7.27 -26.25 32.02
CA ASN E 323 -6.12 -25.52 32.53
C ASN E 323 -5.88 -24.22 31.75
N GLY E 324 -6.58 -23.17 32.18
CA GLY E 324 -6.29 -21.79 31.81
C GLY E 324 -6.51 -21.51 30.32
N GLY E 325 -7.38 -22.30 29.67
CA GLY E 325 -7.70 -22.09 28.26
C GLY E 325 -8.52 -23.23 27.67
N TRP E 326 -9.40 -22.87 26.74
CA TRP E 326 -10.19 -23.79 25.95
C TRP E 326 -9.32 -24.52 24.93
N GLN E 327 -9.72 -25.73 24.55
CA GLN E 327 -9.00 -26.56 23.61
C GLN E 327 -10.02 -27.23 22.69
N PRO E 328 -9.69 -27.53 21.42
CA PRO E 328 -10.63 -28.24 20.57
C PRO E 328 -10.86 -29.68 20.99
N MET E 329 -12.13 -30.09 20.91
CA MET E 329 -12.51 -31.47 21.13
C MET E 329 -12.16 -32.26 19.90
N PRO E 330 -11.97 -33.58 20.05
CA PRO E 330 -11.63 -34.42 18.93
C PRO E 330 -12.52 -34.21 17.73
N ALA E 331 -12.03 -34.64 16.57
CA ALA E 331 -12.76 -34.53 15.33
C ALA E 331 -12.15 -35.50 14.35
N PRO E 332 -12.92 -36.11 13.41
CA PRO E 332 -14.34 -35.91 13.33
C PRO E 332 -15.04 -36.74 14.40
N ARG E 333 -16.36 -36.88 14.26
CA ARG E 333 -17.20 -37.49 15.28
C ARG E 333 -17.80 -38.79 14.75
N PHE E 334 -18.08 -39.70 15.70
CA PHE E 334 -18.52 -41.05 15.36
C PHE E 334 -19.87 -41.34 16.05
N SER E 335 -20.83 -41.85 15.23
CA SER E 335 -22.16 -42.30 15.68
C SER E 335 -22.05 -43.37 16.77
N ARG E 336 -21.40 -44.50 16.42
CA ARG E 336 -21.31 -45.67 17.30
C ARG E 336 -20.13 -45.61 18.27
N THR E 337 -18.87 -45.54 17.78
CA THR E 337 -17.71 -45.56 18.67
C THR E 337 -17.22 -44.14 18.92
N ALA E 338 -17.95 -43.41 19.76
CA ALA E 338 -17.67 -41.99 19.89
C ALA E 338 -16.35 -41.80 20.61
N SER E 339 -15.61 -40.74 20.26
CA SER E 339 -14.46 -40.31 21.05
C SER E 339 -14.95 -39.84 22.40
N SER E 340 -14.00 -39.62 23.31
CA SER E 340 -14.27 -39.08 24.63
C SER E 340 -13.37 -37.88 24.86
N GLN E 341 -13.56 -37.21 25.99
CA GLN E 341 -12.81 -36.02 26.27
C GLN E 341 -11.33 -36.34 26.44
N PRO E 342 -10.41 -35.67 25.72
CA PRO E 342 -8.97 -35.82 25.91
C PRO E 342 -8.50 -35.82 27.36
N ARG E 343 -7.61 -36.79 27.66
CA ARG E 343 -6.87 -36.86 28.90
C ARG E 343 -5.70 -35.89 28.84
N PRO E 344 -5.51 -35.04 29.88
CA PRO E 344 -4.40 -34.11 29.91
C PRO E 344 -3.02 -34.79 29.93
N PRO E 345 -1.93 -34.06 29.59
CA PRO E 345 -0.59 -34.63 29.71
C PRO E 345 -0.36 -35.31 31.07
N ALA E 346 0.23 -36.52 31.02
CA ALA E 346 0.41 -37.35 32.20
C ALA E 346 1.58 -36.85 33.03
N ALA E 347 2.08 -37.72 33.92
CA ALA E 347 3.49 -37.72 34.27
C ALA E 347 4.13 -38.84 33.45
N THR E 348 5.45 -39.02 33.62
CA THR E 348 6.17 -40.12 33.00
C THR E 348 5.88 -41.43 33.73
N ILE E 349 4.86 -42.16 33.28
CA ILE E 349 4.88 -43.60 33.34
C ILE E 349 6.20 -44.04 32.68
N ASP E 350 7.06 -44.77 33.41
CA ASP E 350 8.38 -45.20 32.91
C ASP E 350 8.25 -46.53 32.17
N ILE E 351 9.24 -46.79 31.31
CA ILE E 351 8.99 -47.52 30.07
C ILE E 351 8.75 -49.02 30.30
N GLU E 352 9.22 -49.56 31.43
CA GLU E 352 9.00 -50.96 31.77
C GLU E 352 7.51 -51.26 31.96
N ALA E 353 6.81 -50.32 32.62
CA ALA E 353 5.41 -50.49 32.99
C ALA E 353 4.52 -50.62 31.75
N VAL E 354 4.94 -49.95 30.66
CA VAL E 354 4.20 -49.99 29.40
C VAL E 354 4.34 -51.37 28.77
N LEU E 355 5.55 -51.94 28.84
CA LEU E 355 5.83 -53.26 28.32
C LEU E 355 5.11 -54.32 29.15
N THR E 356 4.94 -54.07 30.47
CA THR E 356 4.02 -54.82 31.31
C THR E 356 2.63 -54.79 30.66
N ASP E 357 2.04 -53.58 30.58
CA ASP E 357 0.67 -53.38 30.08
C ASP E 357 0.49 -54.04 28.72
N TRP E 358 1.49 -53.92 27.82
CA TRP E 358 1.39 -54.48 26.47
C TRP E 358 1.83 -55.95 26.44
N ASP E 359 1.87 -56.61 27.62
CA ASP E 359 2.30 -57.99 27.78
C ASP E 359 3.81 -58.08 27.52
N MET F 1 -5.85 -51.88 -9.84
CA MET F 1 -5.72 -50.48 -9.35
C MET F 1 -4.60 -50.37 -8.31
N ALA F 2 -3.64 -49.45 -8.56
CA ALA F 2 -2.45 -49.34 -7.73
C ALA F 2 -2.68 -48.49 -6.48
N GLY F 3 -2.24 -49.00 -5.32
CA GLY F 3 -2.22 -48.20 -4.11
C GLY F 3 -2.70 -48.98 -2.90
N PRO F 4 -2.59 -48.40 -1.69
CA PRO F 4 -2.91 -49.13 -0.48
C PRO F 4 -4.41 -49.32 -0.22
N LEU F 5 -5.23 -48.48 -0.85
CA LEU F 5 -6.67 -48.57 -0.65
C LEU F 5 -7.30 -49.44 -1.74
N SER F 6 -6.51 -50.32 -2.37
CA SER F 6 -6.98 -51.12 -3.49
C SER F 6 -8.12 -52.02 -3.02
N GLY F 7 -9.19 -52.05 -3.82
CA GLY F 7 -10.37 -52.85 -3.53
C GLY F 7 -11.34 -52.16 -2.58
N LEU F 8 -11.05 -50.93 -2.13
CA LEU F 8 -12.04 -50.15 -1.40
C LEU F 8 -12.97 -49.46 -2.40
N ARG F 9 -14.26 -49.53 -2.08
CA ARG F 9 -15.31 -49.09 -2.99
C ARG F 9 -16.00 -47.86 -2.43
N VAL F 10 -16.12 -46.84 -3.28
CA VAL F 10 -16.58 -45.56 -2.76
C VAL F 10 -17.66 -45.00 -3.66
N VAL F 11 -18.71 -44.55 -3.00
CA VAL F 11 -19.79 -43.86 -3.70
C VAL F 11 -19.86 -42.43 -3.17
N GLU F 12 -19.78 -41.50 -4.12
CA GLU F 12 -19.68 -40.09 -3.78
C GLU F 12 -20.93 -39.43 -4.36
N LEU F 13 -21.74 -38.84 -3.49
CA LEU F 13 -22.83 -38.03 -3.98
C LEU F 13 -22.28 -36.63 -4.28
N ALA F 14 -22.30 -36.28 -5.58
CA ALA F 14 -21.74 -35.07 -6.15
C ALA F 14 -22.02 -33.83 -5.32
N GLY F 15 -20.92 -33.21 -4.83
CA GLY F 15 -20.93 -31.97 -4.08
C GLY F 15 -19.79 -31.06 -4.55
N ILE F 16 -19.43 -30.10 -3.70
CA ILE F 16 -18.35 -29.17 -4.00
C ILE F 16 -17.44 -29.07 -2.78
N GLY F 17 -16.15 -28.87 -3.05
CA GLY F 17 -15.21 -28.57 -1.99
C GLY F 17 -14.69 -29.84 -1.34
N PRO F 18 -14.96 -30.06 -0.04
CA PRO F 18 -14.32 -31.14 0.71
C PRO F 18 -14.69 -32.55 0.23
N GLY F 19 -15.97 -32.78 -0.09
CA GLY F 19 -16.42 -34.10 -0.50
C GLY F 19 -15.59 -34.60 -1.67
N PRO F 20 -15.59 -33.89 -2.79
CA PRO F 20 -14.81 -34.31 -3.94
C PRO F 20 -13.30 -34.42 -3.68
N HIS F 21 -12.78 -33.66 -2.69
CA HIS F 21 -11.34 -33.67 -2.45
C HIS F 21 -11.02 -34.94 -1.67
N ALA F 22 -11.83 -35.27 -0.65
CA ALA F 22 -11.70 -36.54 0.04
C ALA F 22 -11.87 -37.71 -0.94
N ALA F 23 -12.79 -37.56 -1.91
CA ALA F 23 -13.02 -38.65 -2.82
C ALA F 23 -11.81 -38.82 -3.73
N MET F 24 -11.21 -37.71 -4.15
CA MET F 24 -10.06 -37.77 -5.02
C MET F 24 -8.90 -38.47 -4.31
N ILE F 25 -8.71 -38.19 -3.04
CA ILE F 25 -7.55 -38.73 -2.36
C ILE F 25 -7.73 -40.24 -2.27
N LEU F 26 -8.95 -40.71 -1.97
CA LEU F 26 -9.25 -42.14 -1.92
C LEU F 26 -8.93 -42.80 -3.26
N GLY F 27 -9.39 -42.19 -4.35
CA GLY F 27 -9.08 -42.63 -5.70
C GLY F 27 -7.58 -42.64 -5.98
N ASP F 28 -6.93 -41.51 -5.67
CA ASP F 28 -5.49 -41.34 -5.75
C ASP F 28 -4.77 -42.57 -5.17
N LEU F 29 -5.18 -42.99 -3.96
CA LEU F 29 -4.58 -44.10 -3.21
C LEU F 29 -5.14 -45.50 -3.56
N GLY F 30 -5.91 -45.65 -4.65
CA GLY F 30 -6.24 -46.98 -5.14
C GLY F 30 -7.71 -47.41 -5.02
N ALA F 31 -8.51 -46.72 -4.20
CA ALA F 31 -9.93 -47.01 -4.11
C ALA F 31 -10.65 -46.79 -5.45
N ASP F 32 -11.73 -47.59 -5.61
CA ASP F 32 -12.65 -47.56 -6.73
C ASP F 32 -13.79 -46.59 -6.41
N VAL F 33 -13.87 -45.49 -7.16
CA VAL F 33 -14.68 -44.38 -6.69
C VAL F 33 -15.71 -44.08 -7.76
N VAL F 34 -16.97 -44.04 -7.31
CA VAL F 34 -18.08 -43.85 -8.21
C VAL F 34 -18.86 -42.66 -7.68
N ARG F 35 -18.98 -41.70 -8.60
CA ARG F 35 -19.50 -40.38 -8.30
C ARG F 35 -20.82 -40.21 -9.01
N ILE F 36 -21.91 -40.13 -8.24
CA ILE F 36 -23.23 -39.88 -8.80
C ILE F 36 -23.49 -38.38 -8.88
N ASP F 37 -23.48 -37.83 -10.11
CA ASP F 37 -23.95 -36.48 -10.36
C ASP F 37 -25.43 -36.46 -10.78
N ARG F 38 -26.03 -35.27 -10.74
CA ARG F 38 -27.31 -34.98 -11.38
C ARG F 38 -27.17 -35.10 -12.90
N PRO F 39 -28.19 -35.54 -13.68
CA PRO F 39 -28.11 -35.49 -15.15
C PRO F 39 -28.11 -34.07 -15.72
N SER F 40 -28.66 -33.13 -14.93
CA SER F 40 -28.70 -31.71 -15.27
C SER F 40 -27.35 -31.04 -14.99
N SER F 41 -26.26 -31.67 -15.44
CA SER F 41 -24.90 -31.16 -15.27
C SER F 41 -23.90 -32.21 -15.79
N VAL F 42 -23.87 -32.37 -17.12
CA VAL F 42 -22.90 -33.18 -17.85
C VAL F 42 -23.02 -32.85 -19.36
N SER F 46 -15.56 -33.82 -18.40
CA SER F 46 -15.29 -32.87 -17.27
C SER F 46 -13.85 -32.38 -17.31
N ARG F 47 -13.67 -31.05 -17.27
CA ARG F 47 -12.33 -30.48 -17.30
C ARG F 47 -11.87 -30.12 -15.89
N ASP F 48 -12.67 -30.44 -14.87
CA ASP F 48 -12.23 -30.34 -13.48
C ASP F 48 -11.37 -31.55 -13.14
N ALA F 49 -10.08 -31.30 -12.86
CA ALA F 49 -9.10 -32.35 -12.60
C ALA F 49 -9.23 -32.89 -11.16
N MET F 50 -10.09 -32.32 -10.32
CA MET F 50 -10.35 -32.87 -8.99
C MET F 50 -11.18 -34.15 -9.08
N LEU F 51 -11.74 -34.41 -10.28
CA LEU F 51 -12.58 -35.56 -10.60
C LEU F 51 -11.76 -36.65 -11.29
N ARG F 52 -10.45 -36.59 -11.12
CA ARG F 52 -9.55 -37.67 -11.50
C ARG F 52 -9.80 -38.88 -10.60
N ASN F 53 -9.36 -40.07 -11.05
CA ASN F 53 -9.51 -41.33 -10.32
C ASN F 53 -10.98 -41.59 -9.91
N ARG F 54 -11.91 -41.30 -10.83
CA ARG F 54 -13.34 -41.48 -10.63
C ARG F 54 -13.98 -42.19 -11.83
N ARG F 55 -15.10 -42.89 -11.54
CA ARG F 55 -16.14 -43.11 -12.53
C ARG F 55 -17.32 -42.19 -12.20
N ILE F 56 -17.83 -41.51 -13.24
CA ILE F 56 -18.97 -40.59 -13.12
C ILE F 56 -20.22 -41.25 -13.68
N VAL F 57 -21.30 -41.28 -12.87
CA VAL F 57 -22.62 -41.73 -13.31
C VAL F 57 -23.67 -40.65 -13.06
N THR F 58 -24.63 -40.48 -14.01
CA THR F 58 -25.77 -39.59 -13.82
C THR F 58 -26.94 -40.41 -13.26
N ALA F 59 -27.79 -39.76 -12.44
CA ALA F 59 -28.93 -40.43 -11.81
C ALA F 59 -29.75 -39.44 -10.97
N ASP F 60 -30.94 -39.05 -11.47
CA ASP F 60 -31.87 -38.19 -10.73
C ASP F 60 -32.39 -38.94 -9.51
N LEU F 61 -31.98 -38.51 -8.31
CA LEU F 61 -32.23 -39.25 -7.08
C LEU F 61 -33.59 -38.89 -6.50
N LYS F 62 -34.31 -38.01 -7.19
CA LYS F 62 -35.65 -37.65 -6.77
C LYS F 62 -36.65 -38.66 -7.32
N SER F 63 -36.35 -39.23 -8.50
CA SER F 63 -37.18 -40.25 -9.11
C SER F 63 -37.07 -41.56 -8.32
N ASP F 64 -37.92 -42.53 -8.69
CA ASP F 64 -37.96 -43.82 -8.02
C ASP F 64 -36.82 -44.68 -8.56
N GLN F 65 -36.64 -44.64 -9.89
CA GLN F 65 -35.63 -45.42 -10.59
C GLN F 65 -34.22 -44.95 -10.19
N GLY F 66 -34.07 -43.64 -9.97
CA GLY F 66 -32.82 -43.08 -9.52
C GLY F 66 -32.43 -43.54 -8.11
N LEU F 67 -33.35 -43.43 -7.15
CA LEU F 67 -33.07 -43.78 -5.76
C LEU F 67 -32.68 -45.25 -5.63
N GLU F 68 -33.26 -46.10 -6.47
CA GLU F 68 -33.11 -47.54 -6.32
C GLU F 68 -31.76 -47.98 -6.90
N LEU F 69 -31.37 -47.43 -8.06
CA LEU F 69 -30.06 -47.68 -8.64
C LEU F 69 -28.94 -47.27 -7.67
N ALA F 70 -29.09 -46.10 -7.05
CA ALA F 70 -28.11 -45.59 -6.10
C ALA F 70 -28.05 -46.42 -4.82
N LEU F 71 -29.18 -46.97 -4.38
CA LEU F 71 -29.23 -47.72 -3.13
C LEU F 71 -28.54 -49.08 -3.29
N LYS F 72 -28.42 -49.53 -4.54
CA LYS F 72 -27.81 -50.81 -4.87
C LYS F 72 -26.30 -50.65 -4.94
N LEU F 73 -25.82 -49.60 -5.64
CA LEU F 73 -24.43 -49.19 -5.53
C LEU F 73 -24.02 -49.18 -4.06
N ILE F 74 -24.80 -48.49 -3.24
CA ILE F 74 -24.44 -48.31 -1.85
C ILE F 74 -24.36 -49.65 -1.13
N ALA F 75 -25.12 -50.61 -1.65
CA ALA F 75 -25.32 -51.88 -0.97
C ALA F 75 -24.07 -52.75 -1.15
N LYS F 76 -23.38 -52.54 -2.28
CA LYS F 76 -22.19 -53.27 -2.69
C LYS F 76 -20.91 -52.54 -2.27
N ALA F 77 -21.03 -51.40 -1.56
CA ALA F 77 -19.92 -50.48 -1.40
C ALA F 77 -19.54 -50.33 0.08
N ASP F 78 -18.34 -49.78 0.30
CA ASP F 78 -17.70 -49.67 1.61
C ASP F 78 -17.96 -48.31 2.24
N VAL F 79 -18.02 -47.30 1.36
CA VAL F 79 -17.98 -45.91 1.75
C VAL F 79 -18.99 -45.10 0.93
N LEU F 80 -19.76 -44.30 1.68
CA LEU F 80 -20.61 -43.27 1.09
C LEU F 80 -20.13 -41.88 1.51
N ILE F 81 -19.91 -41.01 0.51
CA ILE F 81 -19.63 -39.61 0.82
C ILE F 81 -20.77 -38.74 0.32
N GLU F 82 -21.25 -37.89 1.23
CA GLU F 82 -22.18 -36.82 0.88
C GLU F 82 -21.78 -35.52 1.58
N GLY F 83 -21.89 -34.40 0.84
CA GLY F 83 -21.58 -33.08 1.38
C GLY F 83 -22.73 -32.07 1.25
N TYR F 84 -23.98 -32.54 1.46
CA TYR F 84 -25.14 -31.67 1.36
C TYR F 84 -25.49 -31.25 2.77
N ARG F 85 -26.42 -30.30 2.87
CA ARG F 85 -26.90 -29.84 4.16
C ARG F 85 -27.52 -31.01 4.90
N PRO F 86 -27.49 -30.97 6.24
CA PRO F 86 -28.18 -31.98 7.02
C PRO F 86 -29.63 -32.09 6.58
N GLY F 87 -30.10 -33.31 6.29
CA GLY F 87 -31.50 -33.53 5.96
C GLY F 87 -31.64 -33.90 4.49
N VAL F 88 -30.73 -33.45 3.65
CA VAL F 88 -30.94 -33.66 2.23
C VAL F 88 -30.96 -35.15 1.86
N THR F 89 -30.15 -35.97 2.57
CA THR F 89 -30.07 -37.36 2.18
C THR F 89 -31.27 -38.13 2.76
N GLU F 90 -31.64 -37.89 4.02
CA GLU F 90 -32.92 -38.34 4.54
C GLU F 90 -34.00 -38.22 3.45
N ARG F 91 -34.29 -36.98 3.06
CA ARG F 91 -35.45 -36.68 2.24
C ARG F 91 -35.31 -37.27 0.84
N LEU F 92 -34.07 -37.59 0.45
CA LEU F 92 -33.84 -38.28 -0.81
C LEU F 92 -34.14 -39.78 -0.71
N GLY F 93 -34.19 -40.32 0.52
CA GLY F 93 -34.26 -41.75 0.77
C GLY F 93 -32.89 -42.44 0.81
N LEU F 94 -31.82 -41.67 1.13
CA LEU F 94 -30.45 -42.14 1.21
C LEU F 94 -29.83 -41.76 2.54
N GLY F 95 -30.62 -41.44 3.56
CA GLY F 95 -30.09 -41.13 4.87
C GLY F 95 -29.24 -42.29 5.41
N PRO F 96 -28.65 -42.17 6.62
CA PRO F 96 -27.98 -43.30 7.26
C PRO F 96 -28.88 -44.53 7.51
N GLU F 97 -30.12 -44.30 7.98
CA GLU F 97 -30.98 -45.41 8.37
C GLU F 97 -31.44 -46.21 7.16
N GLU F 98 -31.78 -45.51 6.08
CA GLU F 98 -32.08 -46.13 4.79
C GLU F 98 -30.86 -46.84 4.18
N CYS F 99 -29.67 -46.39 4.56
CA CYS F 99 -28.44 -46.99 4.04
C CYS F 99 -28.10 -48.22 4.88
N ALA F 100 -28.27 -48.11 6.22
CA ALA F 100 -27.97 -49.16 7.19
C ALA F 100 -28.92 -50.36 7.08
N LYS F 101 -29.94 -50.24 6.23
CA LYS F 101 -30.82 -51.34 5.93
C LYS F 101 -30.16 -52.22 4.87
N VAL F 102 -29.70 -51.63 3.77
CA VAL F 102 -29.23 -52.43 2.64
C VAL F 102 -27.74 -52.76 2.73
N ASN F 103 -27.05 -52.38 3.83
CA ASN F 103 -25.60 -52.49 3.97
C ASN F 103 -25.18 -51.84 5.28
N ASP F 104 -25.18 -52.62 6.36
CA ASP F 104 -24.84 -52.13 7.69
C ASP F 104 -23.31 -52.14 7.87
N ARG F 105 -22.58 -52.42 6.77
CA ARG F 105 -21.13 -52.30 6.75
C ARG F 105 -20.70 -50.93 6.22
N LEU F 106 -21.67 -50.07 5.92
CA LEU F 106 -21.42 -48.80 5.26
C LEU F 106 -20.71 -47.86 6.22
N ILE F 107 -19.61 -47.29 5.72
CA ILE F 107 -19.09 -46.07 6.28
C ILE F 107 -19.77 -44.89 5.59
N TYR F 108 -20.51 -44.15 6.42
CA TYR F 108 -21.48 -43.17 5.97
C TYR F 108 -20.88 -41.81 6.29
N ALA F 109 -20.28 -41.19 5.28
CA ALA F 109 -19.36 -40.09 5.59
C ALA F 109 -20.01 -38.77 5.22
N ARG F 110 -20.23 -37.95 6.29
CA ARG F 110 -20.97 -36.69 6.21
C ARG F 110 -20.10 -35.44 6.41
N MET F 111 -19.93 -34.72 5.29
CA MET F 111 -19.03 -33.58 5.16
C MET F 111 -19.84 -32.28 5.17
N THR F 112 -19.82 -31.57 6.29
CA THR F 112 -20.44 -30.27 6.31
C THR F 112 -19.46 -29.22 6.86
N GLY F 113 -19.95 -27.97 6.88
CA GLY F 113 -19.29 -26.84 7.51
C GLY F 113 -19.66 -26.69 8.97
N TRP F 114 -20.96 -26.54 9.26
CA TRP F 114 -21.40 -26.28 10.63
C TRP F 114 -21.68 -27.57 11.44
N GLY F 115 -21.77 -28.73 10.79
CA GLY F 115 -22.17 -29.94 11.49
C GLY F 115 -23.64 -30.34 11.28
N GLN F 116 -24.06 -31.37 12.02
CA GLN F 116 -25.34 -32.01 11.71
C GLN F 116 -26.48 -31.32 12.46
N THR F 117 -26.19 -30.66 13.60
CA THR F 117 -27.19 -29.94 14.38
C THR F 117 -26.65 -28.61 14.90
N GLY F 118 -27.52 -27.86 15.57
CA GLY F 118 -27.15 -26.59 16.16
C GLY F 118 -27.66 -25.44 15.31
N PRO F 119 -27.61 -24.21 15.86
CA PRO F 119 -28.29 -23.04 15.29
C PRO F 119 -27.87 -22.62 13.87
N ARG F 120 -26.64 -22.99 13.46
CA ARG F 120 -26.16 -22.56 12.16
C ARG F 120 -26.22 -23.69 11.16
N SER F 121 -26.84 -24.82 11.53
CA SER F 121 -26.65 -26.05 10.79
C SER F 121 -27.39 -26.03 9.47
N GLN F 122 -28.30 -25.06 9.25
CA GLN F 122 -28.90 -24.97 7.92
C GLN F 122 -28.41 -23.75 7.11
N GLN F 123 -27.63 -22.86 7.71
CA GLN F 123 -27.06 -21.75 6.96
C GLN F 123 -26.10 -22.22 5.85
N ALA F 124 -26.32 -21.73 4.64
CA ALA F 124 -25.30 -21.78 3.60
C ALA F 124 -23.99 -21.16 4.09
N GLY F 125 -22.92 -21.56 3.42
CA GLY F 125 -21.59 -21.29 3.91
C GLY F 125 -20.50 -21.80 2.98
N HIS F 126 -19.34 -21.16 3.12
CA HIS F 126 -18.11 -21.62 2.52
C HIS F 126 -16.99 -21.48 3.55
N ASP F 127 -15.82 -22.02 3.16
CA ASP F 127 -14.62 -22.05 3.97
C ASP F 127 -14.48 -20.78 4.80
N ILE F 128 -14.47 -19.60 4.13
CA ILE F 128 -14.27 -18.34 4.86
C ILE F 128 -15.23 -18.20 6.04
N ASN F 129 -16.47 -18.68 5.90
CA ASN F 129 -17.43 -18.56 6.99
C ASN F 129 -17.11 -19.47 8.19
N TYR F 130 -16.81 -20.74 7.88
CA TYR F 130 -16.48 -21.72 8.91
C TYR F 130 -15.24 -21.25 9.69
N ILE F 131 -14.18 -20.75 9.03
CA ILE F 131 -12.99 -20.35 9.78
C ILE F 131 -13.14 -19.00 10.46
N SER F 132 -14.17 -18.21 10.08
CA SER F 132 -14.44 -16.94 10.75
C SER F 132 -14.91 -17.17 12.18
N LEU F 133 -15.64 -18.27 12.43
CA LEU F 133 -16.34 -18.45 13.69
C LEU F 133 -15.44 -19.03 14.79
N ASN F 134 -14.31 -19.66 14.44
CA ASN F 134 -13.51 -20.37 15.43
C ASN F 134 -12.14 -19.72 15.64
N GLY F 135 -11.99 -18.43 15.29
CA GLY F 135 -10.81 -17.66 15.66
C GLY F 135 -9.70 -17.67 14.61
N ILE F 136 -9.80 -18.54 13.62
CA ILE F 136 -8.71 -18.79 12.69
C ILE F 136 -8.52 -17.62 11.72
N LEU F 137 -9.60 -17.22 11.04
CA LEU F 137 -9.47 -16.21 10.01
C LEU F 137 -8.93 -14.91 10.62
N HIS F 138 -9.41 -14.62 11.82
CA HIS F 138 -9.02 -13.40 12.51
C HIS F 138 -7.51 -13.35 12.72
N ALA F 139 -6.90 -14.54 12.81
CA ALA F 139 -5.48 -14.63 13.17
C ALA F 139 -4.57 -14.50 11.96
N ILE F 140 -5.13 -14.42 10.74
CA ILE F 140 -4.36 -14.45 9.51
C ILE F 140 -4.34 -13.11 8.78
N GLY F 141 -3.13 -12.62 8.49
CA GLY F 141 -2.94 -11.39 7.76
C GLY F 141 -2.06 -10.42 8.55
N ARG F 142 -1.82 -9.26 7.96
CA ARG F 142 -1.03 -8.22 8.60
C ARG F 142 -1.89 -7.53 9.64
N GLY F 143 -1.22 -6.92 10.63
CA GLY F 143 -1.83 -6.31 11.80
C GLY F 143 -2.62 -5.02 11.48
N ASP F 144 -2.15 -4.25 10.51
CA ASP F 144 -2.76 -2.97 10.23
C ASP F 144 -4.03 -3.14 9.39
N GLU F 145 -4.31 -4.36 8.94
CA GLU F 145 -5.23 -4.62 7.85
C GLU F 145 -6.28 -5.63 8.30
N ARG F 146 -7.27 -5.86 7.44
CA ARG F 146 -8.35 -6.76 7.78
C ARG F 146 -7.95 -8.18 7.41
N PRO F 147 -8.53 -9.20 8.06
CA PRO F 147 -8.11 -10.57 7.84
C PRO F 147 -8.12 -10.94 6.37
N VAL F 148 -7.19 -11.83 6.04
CA VAL F 148 -7.06 -12.25 4.66
C VAL F 148 -7.31 -13.74 4.65
N PRO F 149 -8.16 -14.22 3.74
CA PRO F 149 -8.46 -15.64 3.71
C PRO F 149 -7.28 -16.44 3.16
N PRO F 150 -6.86 -17.53 3.85
CA PRO F 150 -5.85 -18.42 3.34
C PRO F 150 -6.35 -19.32 2.23
N LEU F 151 -6.77 -18.72 1.14
CA LEU F 151 -7.53 -19.43 0.12
C LEU F 151 -8.62 -20.22 0.80
N ASN F 152 -9.00 -21.38 0.23
CA ASN F 152 -9.91 -22.26 0.94
C ASN F 152 -9.16 -23.47 1.48
N LEU F 153 -8.00 -23.26 2.09
CA LEU F 153 -7.10 -24.36 2.36
C LEU F 153 -7.39 -24.95 3.73
N VAL F 154 -7.91 -24.11 4.63
CA VAL F 154 -7.94 -24.46 6.02
C VAL F 154 -9.28 -25.07 6.39
N GLY F 155 -10.36 -24.60 5.77
CA GLY F 155 -11.70 -25.03 6.17
C GLY F 155 -12.13 -26.23 5.34
N ASP F 156 -12.12 -26.08 4.02
CA ASP F 156 -12.50 -27.14 3.12
C ASP F 156 -11.57 -28.35 3.19
N PHE F 157 -10.24 -28.12 3.19
CA PHE F 157 -9.30 -29.20 2.92
C PHE F 157 -8.62 -29.62 4.22
N GLY F 158 -7.75 -28.77 4.75
CA GLY F 158 -6.99 -29.10 5.93
C GLY F 158 -7.90 -29.51 7.08
N GLY F 159 -8.95 -28.70 7.31
CA GLY F 159 -9.88 -28.89 8.43
C GLY F 159 -11.18 -29.61 7.99
N GLY F 160 -11.23 -30.04 6.73
CA GLY F 160 -12.45 -30.45 6.07
C GLY F 160 -12.29 -31.84 5.53
N SER F 161 -11.96 -31.96 4.25
CA SER F 161 -11.70 -33.24 3.59
C SER F 161 -10.77 -34.14 4.41
N MET F 162 -9.69 -33.60 4.95
CA MET F 162 -8.66 -34.47 5.49
C MET F 162 -9.20 -35.14 6.76
N PHE F 163 -10.07 -34.45 7.49
CA PHE F 163 -10.66 -35.04 8.69
C PHE F 163 -11.76 -36.03 8.28
N LEU F 164 -12.42 -35.79 7.15
CA LEU F 164 -13.38 -36.74 6.63
C LEU F 164 -12.64 -38.06 6.33
N LEU F 165 -11.47 -37.92 5.70
CA LEU F 165 -10.61 -39.05 5.33
C LEU F 165 -10.12 -39.81 6.57
N VAL F 166 -9.69 -39.08 7.60
CA VAL F 166 -9.33 -39.68 8.87
C VAL F 166 -10.51 -40.44 9.46
N GLY F 167 -11.73 -39.92 9.31
CA GLY F 167 -12.89 -40.56 9.89
C GLY F 167 -13.19 -41.84 9.13
N ILE F 168 -13.26 -41.70 7.81
CA ILE F 168 -13.55 -42.81 6.93
C ILE F 168 -12.56 -43.94 7.25
N LEU F 169 -11.25 -43.63 7.24
CA LEU F 169 -10.22 -44.65 7.40
C LEU F 169 -10.18 -45.15 8.84
N ALA F 170 -10.43 -44.30 9.84
CA ALA F 170 -10.44 -44.80 11.20
C ALA F 170 -11.63 -45.73 11.40
N ALA F 171 -12.72 -45.46 10.68
CA ALA F 171 -13.94 -46.22 10.87
C ALA F 171 -13.78 -47.56 10.18
N LEU F 172 -13.02 -47.57 9.08
CA LEU F 172 -12.70 -48.80 8.36
C LEU F 172 -11.82 -49.73 9.21
N TRP F 173 -11.06 -49.18 10.17
CA TRP F 173 -10.22 -49.99 11.05
C TRP F 173 -11.08 -50.58 12.17
N GLU F 174 -12.02 -49.79 12.69
CA GLU F 174 -12.96 -50.27 13.69
C GLU F 174 -13.87 -51.36 13.07
N ARG F 175 -14.34 -51.15 11.84
CA ARG F 175 -15.15 -52.12 11.10
C ARG F 175 -14.49 -53.49 11.04
N GLN F 176 -13.15 -53.51 11.05
CA GLN F 176 -12.41 -54.76 10.90
C GLN F 176 -12.68 -55.65 12.12
N SER F 177 -12.91 -55.08 13.30
CA SER F 177 -13.11 -55.86 14.52
C SER F 177 -14.51 -55.70 15.12
N SER F 178 -15.51 -55.25 14.35
CA SER F 178 -16.88 -55.17 14.87
C SER F 178 -17.89 -55.65 13.83
N GLY F 179 -17.48 -55.71 12.56
CA GLY F 179 -18.31 -56.18 11.46
C GLY F 179 -19.19 -55.07 10.86
N LYS F 180 -19.27 -53.92 11.55
CA LYS F 180 -20.25 -52.88 11.30
C LYS F 180 -19.62 -51.60 10.74
N GLY F 181 -20.37 -50.92 9.87
CA GLY F 181 -20.09 -49.55 9.46
C GLY F 181 -20.52 -48.55 10.54
N GLN F 182 -20.76 -47.29 10.13
CA GLN F 182 -21.23 -46.24 11.04
C GLN F 182 -21.13 -44.89 10.32
N VAL F 183 -21.49 -43.81 11.04
CA VAL F 183 -21.61 -42.48 10.45
C VAL F 183 -20.45 -41.62 10.98
N VAL F 184 -19.74 -41.00 10.01
CA VAL F 184 -18.74 -40.00 10.30
C VAL F 184 -19.33 -38.60 10.10
N ASP F 185 -19.35 -37.82 11.19
CA ASP F 185 -19.73 -36.42 11.13
C ASP F 185 -18.48 -35.55 11.11
N ALA F 186 -18.10 -35.09 9.91
CA ALA F 186 -17.01 -34.15 9.73
C ALA F 186 -17.54 -32.74 9.47
N ALA F 187 -17.39 -31.86 10.46
CA ALA F 187 -17.68 -30.44 10.30
C ALA F 187 -16.39 -29.63 10.21
N MET F 188 -16.28 -28.87 9.11
CA MET F 188 -15.17 -27.96 8.89
C MET F 188 -14.91 -27.06 10.09
N VAL F 189 -15.91 -26.74 10.91
CA VAL F 189 -15.67 -25.84 12.03
C VAL F 189 -14.94 -26.59 13.12
N ASP F 190 -15.09 -27.93 13.15
CA ASP F 190 -14.44 -28.73 14.19
C ASP F 190 -13.03 -29.12 13.71
N GLY F 191 -12.96 -29.72 12.53
CA GLY F 191 -11.72 -30.12 11.91
C GLY F 191 -10.69 -28.99 11.89
N SER F 192 -11.09 -27.80 11.41
CA SER F 192 -10.19 -26.67 11.34
C SER F 192 -9.74 -26.28 12.74
N SER F 193 -10.58 -26.45 13.74
CA SER F 193 -10.21 -26.07 15.09
C SER F 193 -9.11 -27.02 15.64
N VAL F 194 -9.18 -28.28 15.24
CA VAL F 194 -8.22 -29.29 15.68
C VAL F 194 -6.91 -29.08 14.92
N LEU F 195 -7.05 -28.73 13.65
CA LEU F 195 -5.94 -28.34 12.81
C LEU F 195 -5.11 -27.26 13.49
N ILE F 196 -5.75 -26.31 14.16
CA ILE F 196 -5.06 -25.19 14.76
C ILE F 196 -4.89 -25.41 16.26
N GLN F 197 -4.80 -26.68 16.66
CA GLN F 197 -4.73 -27.00 18.09
C GLN F 197 -3.50 -26.34 18.70
N MET F 198 -2.41 -26.25 17.91
CA MET F 198 -1.18 -25.65 18.40
C MET F 198 -1.44 -24.25 18.93
N MET F 199 -2.15 -23.42 18.14
CA MET F 199 -2.38 -22.04 18.57
C MET F 199 -3.16 -22.06 19.86
N TRP F 200 -4.15 -22.96 20.01
CA TRP F 200 -4.91 -22.99 21.27
C TRP F 200 -4.01 -23.37 22.44
N ALA F 201 -3.06 -24.29 22.21
CA ALA F 201 -2.10 -24.69 23.22
C ALA F 201 -1.11 -23.57 23.53
N MET F 202 -0.61 -22.87 22.49
CA MET F 202 0.32 -21.78 22.75
C MET F 202 -0.38 -20.67 23.51
N ARG F 203 -1.67 -20.46 23.21
CA ARG F 203 -2.45 -19.39 23.82
C ARG F 203 -2.64 -19.66 25.32
N ALA F 204 -2.79 -20.93 25.67
CA ALA F 204 -2.98 -21.33 27.05
C ALA F 204 -1.74 -21.04 27.90
N THR F 205 -0.54 -20.98 27.32
CA THR F 205 0.67 -20.78 28.11
C THR F 205 1.29 -19.41 27.84
N GLY F 206 0.49 -18.48 27.28
CA GLY F 206 0.93 -17.13 26.98
C GLY F 206 1.96 -17.01 25.84
N MET F 207 2.01 -17.96 24.90
CA MET F 207 2.94 -17.84 23.78
C MET F 207 2.21 -17.46 22.49
N TRP F 208 0.95 -17.01 22.60
CA TRP F 208 0.18 -16.59 21.46
C TRP F 208 -0.87 -15.56 21.90
N THR F 209 -0.94 -14.38 21.29
CA THR F 209 -1.98 -13.39 21.60
C THR F 209 -2.96 -13.28 20.42
N ASP F 210 -4.17 -12.76 20.72
CA ASP F 210 -5.23 -12.59 19.73
C ASP F 210 -4.94 -11.44 18.78
N THR F 211 -3.95 -10.60 19.07
CA THR F 211 -3.54 -9.56 18.13
C THR F 211 -2.95 -10.21 16.87
N ARG F 212 -3.37 -9.71 15.71
CA ARG F 212 -2.92 -10.16 14.38
C ARG F 212 -1.57 -9.51 14.01
N GLY F 213 -0.68 -10.32 13.44
CA GLY F 213 0.62 -9.84 12.99
C GLY F 213 1.57 -9.57 14.15
N ALA F 214 1.31 -10.17 15.30
CA ALA F 214 2.18 -9.95 16.46
C ALA F 214 2.62 -11.26 17.09
N ASN F 215 2.64 -12.37 16.34
CA ASN F 215 3.00 -13.67 16.90
C ASN F 215 4.21 -14.27 16.18
N MET F 216 4.69 -15.39 16.74
CA MET F 216 5.91 -16.02 16.25
C MET F 216 5.73 -16.48 14.82
N LEU F 217 4.52 -16.97 14.46
CA LEU F 217 4.31 -17.67 13.21
C LEU F 217 3.31 -17.00 12.26
N ASP F 218 2.89 -15.77 12.55
CA ASP F 218 1.83 -15.13 11.77
C ASP F 218 2.37 -14.06 10.82
N GLY F 219 3.70 -13.86 10.82
CA GLY F 219 4.32 -12.74 10.12
C GLY F 219 4.86 -11.68 11.08
N GLY F 220 4.56 -11.74 12.36
CA GLY F 220 5.07 -10.74 13.29
C GLY F 220 6.55 -10.92 13.68
N ALA F 221 7.11 -12.12 13.58
CA ALA F 221 8.54 -12.26 13.86
C ALA F 221 9.32 -11.97 12.59
N PRO F 222 10.34 -11.08 12.61
CA PRO F 222 11.17 -10.78 11.45
C PRO F 222 11.94 -11.95 10.83
N TYR F 223 12.14 -13.02 11.62
CA TYR F 223 12.78 -14.21 11.08
C TYR F 223 11.79 -15.29 10.65
N TYR F 224 10.48 -15.00 10.60
CA TYR F 224 9.48 -15.91 10.07
C TYR F 224 8.49 -15.10 9.23
N ASP F 225 8.85 -14.82 7.99
CA ASP F 225 8.06 -13.93 7.16
C ASP F 225 8.67 -13.92 5.78
N THR F 226 7.98 -13.29 4.81
CA THR F 226 8.54 -13.09 3.47
C THR F 226 9.19 -11.71 3.36
N TYR F 227 10.12 -11.54 2.42
CA TYR F 227 10.82 -10.29 2.17
C TYR F 227 10.84 -10.03 0.66
N GLU F 228 10.64 -8.78 0.30
CA GLU F 228 10.72 -8.38 -1.09
C GLU F 228 12.18 -8.20 -1.47
N CYS F 229 12.52 -8.73 -2.65
CA CYS F 229 13.85 -8.67 -3.21
C CYS F 229 13.95 -7.48 -4.17
N ALA F 230 15.15 -7.25 -4.69
CA ALA F 230 15.40 -6.09 -5.55
C ALA F 230 14.58 -6.18 -6.83
N ASP F 231 14.21 -7.39 -7.27
CA ASP F 231 13.46 -7.60 -8.49
C ASP F 231 11.93 -7.64 -8.26
N GLY F 232 11.46 -7.35 -7.04
CA GLY F 232 10.03 -7.38 -6.75
C GLY F 232 9.45 -8.78 -6.47
N ARG F 233 10.27 -9.83 -6.60
CA ARG F 233 9.92 -11.18 -6.18
C ARG F 233 10.28 -11.35 -4.71
N TYR F 234 10.12 -12.53 -4.11
CA TYR F 234 10.10 -12.63 -2.67
C TYR F 234 10.83 -13.88 -2.22
N VAL F 235 11.43 -13.79 -1.03
CA VAL F 235 11.96 -14.97 -0.39
C VAL F 235 11.18 -15.15 0.89
N ALA F 236 11.22 -16.38 1.41
CA ALA F 236 10.60 -16.68 2.68
C ALA F 236 11.70 -16.99 3.66
N VAL F 237 11.55 -16.53 4.88
CA VAL F 237 12.55 -16.79 5.88
C VAL F 237 11.85 -17.52 7.01
N GLY F 238 12.45 -18.62 7.48
CA GLY F 238 11.87 -19.37 8.58
C GLY F 238 12.90 -19.78 9.61
N ALA F 239 13.79 -18.84 9.94
CA ALA F 239 14.99 -19.13 10.71
C ALA F 239 14.72 -18.96 12.19
N ILE F 240 13.94 -19.89 12.73
CA ILE F 240 13.49 -19.75 14.11
C ILE F 240 14.66 -20.11 15.03
N GLU F 241 15.26 -21.27 14.78
CA GLU F 241 16.32 -21.74 15.68
C GLU F 241 17.52 -20.80 15.56
N PRO F 242 18.15 -20.44 16.69
CA PRO F 242 19.22 -19.45 16.64
C PRO F 242 20.33 -19.79 15.64
N GLN F 243 20.64 -21.09 15.51
CA GLN F 243 21.76 -21.52 14.69
C GLN F 243 21.41 -21.33 13.21
N PHE F 244 20.15 -21.54 12.84
CA PHE F 244 19.75 -21.28 11.46
C PHE F 244 19.69 -19.77 11.24
N TYR F 245 19.22 -19.01 12.25
CA TYR F 245 19.20 -17.56 12.15
C TYR F 245 20.61 -17.01 11.92
N ALA F 246 21.61 -17.59 12.60
CA ALA F 246 22.97 -17.12 12.45
C ALA F 246 23.46 -17.39 11.02
N ALA F 247 23.07 -18.54 10.45
CA ALA F 247 23.47 -18.86 9.07
C ALA F 247 22.84 -17.89 8.08
N MET F 248 21.60 -17.50 8.37
CA MET F 248 20.88 -16.59 7.52
C MET F 248 21.60 -15.26 7.54
N LEU F 249 21.89 -14.76 8.74
CA LEU F 249 22.64 -13.52 8.88
C LEU F 249 23.94 -13.55 8.06
N ALA F 250 24.70 -14.66 8.13
CA ALA F 250 25.99 -14.72 7.46
C ALA F 250 25.85 -14.60 5.94
N GLY F 251 24.82 -15.24 5.38
CA GLY F 251 24.59 -15.12 3.94
C GLY F 251 24.15 -13.72 3.53
N LEU F 252 23.47 -13.00 4.44
CA LEU F 252 22.98 -11.67 4.13
C LEU F 252 24.14 -10.69 4.17
N GLY F 253 25.19 -11.04 4.92
CA GLY F 253 26.33 -10.16 5.02
C GLY F 253 26.17 -9.21 6.21
N LEU F 254 25.27 -9.55 7.14
CA LEU F 254 25.05 -8.74 8.32
C LEU F 254 25.81 -9.33 9.50
N ASP F 255 26.55 -8.47 10.18
CA ASP F 255 27.31 -8.87 11.34
C ASP F 255 26.35 -8.83 12.54
N ALA F 256 26.10 -9.99 13.17
CA ALA F 256 25.22 -10.12 14.32
C ALA F 256 25.40 -9.00 15.35
N ALA F 257 26.63 -8.51 15.52
CA ALA F 257 26.96 -7.53 16.54
C ALA F 257 26.33 -6.15 16.25
N GLU F 258 25.98 -5.87 14.99
CA GLU F 258 25.33 -4.62 14.60
C GLU F 258 23.82 -4.66 14.80
N LEU F 259 23.26 -5.80 15.24
CA LEU F 259 21.84 -6.06 15.14
C LEU F 259 21.23 -6.15 16.53
N PRO F 260 19.93 -5.85 16.67
CA PRO F 260 19.25 -6.23 17.90
C PRO F 260 19.25 -7.74 18.05
N PRO F 261 19.13 -8.27 19.28
CA PRO F 261 19.00 -9.72 19.41
C PRO F 261 17.75 -10.26 18.74
N GLN F 262 17.80 -11.53 18.35
CA GLN F 262 16.80 -12.13 17.49
C GLN F 262 15.41 -12.05 18.09
N ASN F 263 15.33 -12.21 19.40
CA ASN F 263 14.08 -12.32 20.11
C ASN F 263 13.93 -11.20 21.13
N ASP F 264 14.63 -10.08 20.94
CA ASP F 264 14.20 -8.84 21.59
C ASP F 264 13.02 -8.25 20.80
N ARG F 265 11.81 -8.68 21.16
CA ARG F 265 10.57 -8.23 20.56
C ARG F 265 10.47 -6.70 20.55
N ALA F 266 10.91 -6.02 21.63
CA ALA F 266 10.69 -4.58 21.67
C ALA F 266 11.45 -3.91 20.52
N ARG F 267 12.47 -4.59 19.97
CA ARG F 267 13.31 -4.03 18.93
C ARG F 267 13.14 -4.76 17.59
N TRP F 268 12.08 -5.55 17.44
CA TRP F 268 11.76 -6.12 16.14
C TRP F 268 11.56 -5.05 15.05
N PRO F 269 11.03 -3.84 15.31
CA PRO F 269 10.97 -2.85 14.25
C PRO F 269 12.35 -2.57 13.64
N GLU F 270 13.38 -2.44 14.49
CA GLU F 270 14.71 -2.13 13.98
C GLU F 270 15.23 -3.34 13.21
N LEU F 271 15.01 -4.53 13.75
CA LEU F 271 15.55 -5.72 13.12
C LEU F 271 14.90 -5.92 11.75
N ARG F 272 13.58 -5.75 11.71
CA ARG F 272 12.83 -5.93 10.49
C ARG F 272 13.30 -4.95 9.44
N ALA F 273 13.65 -3.74 9.85
CA ALA F 273 14.13 -2.74 8.89
C ALA F 273 15.49 -3.16 8.33
N LEU F 274 16.35 -3.69 9.20
CA LEU F 274 17.67 -4.14 8.78
C LEU F 274 17.55 -5.31 7.82
N LEU F 275 16.70 -6.31 8.12
CA LEU F 275 16.59 -7.47 7.23
C LEU F 275 15.94 -7.05 5.92
N THR F 276 15.00 -6.09 5.99
CA THR F 276 14.29 -5.61 4.81
C THR F 276 15.27 -4.96 3.85
N GLU F 277 16.13 -4.05 4.34
CA GLU F 277 17.17 -3.41 3.51
C GLU F 277 18.10 -4.47 2.92
N ALA F 278 18.48 -5.46 3.73
CA ALA F 278 19.40 -6.46 3.21
C ALA F 278 18.79 -7.30 2.08
N PHE F 279 17.61 -7.93 2.30
CA PHE F 279 17.00 -8.74 1.25
C PHE F 279 16.67 -7.90 0.01
N ALA F 280 16.36 -6.61 0.19
CA ALA F 280 15.98 -5.77 -0.94
C ALA F 280 17.20 -5.39 -1.80
N SER F 281 18.42 -5.74 -1.35
CA SER F 281 19.61 -5.22 -2.02
C SER F 281 20.06 -6.13 -3.17
N HIS F 282 19.39 -7.26 -3.37
CA HIS F 282 19.68 -8.19 -4.45
C HIS F 282 18.40 -8.94 -4.85
N ASP F 283 18.43 -9.56 -6.02
CA ASP F 283 17.25 -10.22 -6.56
C ASP F 283 17.09 -11.61 -5.93
N ARG F 284 15.93 -12.23 -6.18
CA ARG F 284 15.55 -13.47 -5.51
C ARG F 284 16.48 -14.59 -5.94
N ASP F 285 16.79 -14.62 -7.24
CA ASP F 285 17.78 -15.55 -7.78
C ASP F 285 19.07 -15.45 -6.98
N HIS F 286 19.49 -14.24 -6.63
CA HIS F 286 20.76 -14.10 -5.93
C HIS F 286 20.68 -14.86 -4.60
N TRP F 287 19.55 -14.75 -3.89
CA TRP F 287 19.46 -15.36 -2.57
C TRP F 287 19.29 -16.88 -2.71
N GLY F 288 18.64 -17.29 -3.80
CA GLY F 288 18.55 -18.71 -4.13
C GLY F 288 19.94 -19.36 -4.15
N ALA F 289 20.88 -18.67 -4.82
CA ALA F 289 22.24 -19.14 -4.96
C ALA F 289 23.01 -19.04 -3.63
N VAL F 290 22.90 -17.90 -2.92
CA VAL F 290 23.58 -17.73 -1.64
C VAL F 290 23.15 -18.81 -0.66
N PHE F 291 21.87 -19.20 -0.63
CA PHE F 291 21.36 -19.99 0.48
C PHE F 291 21.30 -21.45 0.02
N ALA F 292 20.54 -21.72 -1.06
CA ALA F 292 20.79 -22.88 -1.91
C ALA F 292 20.63 -24.20 -1.15
N ASN F 293 21.70 -24.57 -0.42
CA ASN F 293 21.84 -25.87 0.20
C ASN F 293 21.88 -25.75 1.73
N SER F 294 21.57 -24.57 2.28
CA SER F 294 21.94 -24.29 3.64
C SER F 294 20.76 -24.43 4.60
N ASP F 295 21.11 -24.55 5.89
CA ASP F 295 20.17 -24.53 6.97
C ASP F 295 19.75 -23.11 7.38
N ALA F 296 19.87 -22.13 6.46
CA ALA F 296 19.49 -20.77 6.80
C ALA F 296 17.96 -20.58 6.79
N CYS F 297 17.21 -21.58 6.27
CA CYS F 297 15.75 -21.57 6.17
C CYS F 297 15.29 -20.39 5.32
N VAL F 298 15.92 -20.19 4.17
CA VAL F 298 15.57 -19.15 3.22
C VAL F 298 15.30 -19.81 1.87
N THR F 299 14.13 -19.53 1.29
CA THR F 299 13.67 -20.19 0.08
C THR F 299 13.03 -19.14 -0.80
N PRO F 300 13.12 -19.29 -2.13
CA PRO F 300 12.39 -18.40 -3.01
C PRO F 300 10.91 -18.72 -2.94
N VAL F 301 10.08 -17.68 -3.02
CA VAL F 301 8.64 -17.85 -3.05
C VAL F 301 8.21 -18.00 -4.50
N LEU F 302 8.11 -19.24 -4.96
CA LEU F 302 7.81 -19.51 -6.36
C LEU F 302 6.30 -19.37 -6.56
N ALA F 303 5.94 -18.76 -7.70
CA ALA F 303 4.62 -18.83 -8.27
C ALA F 303 4.35 -20.22 -8.84
N PHE F 304 3.08 -20.60 -8.99
CA PHE F 304 2.68 -21.91 -9.50
C PHE F 304 3.46 -22.25 -10.78
N GLY F 305 3.46 -21.29 -11.70
CA GLY F 305 4.04 -21.43 -13.03
C GLY F 305 5.54 -21.70 -13.04
N GLU F 306 6.23 -21.53 -11.91
CA GLU F 306 7.67 -21.71 -11.89
C GLU F 306 8.02 -23.00 -11.13
N VAL F 307 7.00 -23.65 -10.57
CA VAL F 307 7.29 -24.72 -9.64
C VAL F 307 7.97 -25.89 -10.35
N HIS F 308 7.52 -26.15 -11.58
CA HIS F 308 8.00 -27.26 -12.41
C HIS F 308 9.51 -27.13 -12.67
N ASN F 309 10.10 -25.92 -12.59
CA ASN F 309 11.52 -25.73 -12.89
C ASN F 309 12.40 -25.85 -11.65
N GLU F 310 11.87 -26.41 -10.57
CA GLU F 310 12.58 -26.42 -9.30
C GLU F 310 13.12 -27.82 -9.05
N PRO F 311 14.47 -27.95 -9.05
CA PRO F 311 15.16 -29.24 -8.95
C PRO F 311 14.57 -30.25 -7.95
N HIS F 312 14.32 -29.83 -6.70
CA HIS F 312 13.82 -30.79 -5.69
C HIS F 312 12.40 -31.25 -6.02
N ILE F 313 11.66 -30.42 -6.79
CA ILE F 313 10.30 -30.71 -7.18
C ILE F 313 10.34 -31.73 -8.33
N ILE F 314 11.21 -31.46 -9.33
CA ILE F 314 11.37 -32.36 -10.48
C ILE F 314 11.84 -33.75 -10.00
N GLU F 315 12.89 -33.82 -9.17
CA GLU F 315 13.50 -35.10 -8.81
C GLU F 315 12.62 -36.00 -7.95
N ARG F 316 11.65 -35.44 -7.23
CA ARG F 316 10.76 -36.26 -6.42
C ARG F 316 9.45 -36.54 -7.16
N ASN F 317 9.27 -35.96 -8.36
CA ASN F 317 8.01 -36.12 -9.09
C ASN F 317 6.86 -35.78 -8.15
N THR F 318 6.94 -34.61 -7.51
CA THR F 318 5.84 -34.11 -6.72
C THR F 318 4.65 -33.82 -7.65
N PHE F 319 4.94 -33.45 -8.91
CA PHE F 319 3.93 -33.13 -9.91
C PHE F 319 4.04 -34.08 -11.12
N TYR F 320 2.91 -34.28 -11.81
CA TYR F 320 2.88 -34.90 -13.14
C TYR F 320 2.20 -33.94 -14.12
N GLU F 321 2.47 -34.12 -15.41
CA GLU F 321 1.94 -33.28 -16.46
C GLU F 321 0.65 -33.93 -16.98
N ALA F 322 -0.32 -33.13 -17.40
CA ALA F 322 -1.59 -33.66 -17.84
C ALA F 322 -2.32 -32.60 -18.63
N ASN F 323 -3.29 -33.01 -19.45
CA ASN F 323 -4.31 -32.09 -19.90
C ASN F 323 -3.61 -30.80 -20.36
N GLY F 324 -3.82 -29.67 -19.65
CA GLY F 324 -3.21 -28.40 -20.01
C GLY F 324 -2.49 -27.75 -18.83
N GLY F 325 -1.73 -28.56 -18.08
CA GLY F 325 -0.89 -28.06 -17.00
C GLY F 325 -0.63 -29.14 -15.94
N TRP F 326 0.32 -28.84 -15.04
CA TRP F 326 0.80 -29.75 -14.02
C TRP F 326 -0.27 -29.99 -12.95
N GLN F 327 -0.14 -31.12 -12.24
CA GLN F 327 -1.08 -31.51 -11.22
C GLN F 327 -0.33 -32.29 -10.17
N PRO F 328 -0.70 -32.17 -8.87
CA PRO F 328 0.04 -32.90 -7.86
C PRO F 328 -0.14 -34.39 -8.03
N MET F 329 0.97 -35.12 -7.90
CA MET F 329 0.98 -36.56 -7.71
C MET F 329 0.39 -36.92 -6.33
N PRO F 330 -0.17 -38.13 -6.17
CA PRO F 330 -0.69 -38.56 -4.88
C PRO F 330 0.29 -38.39 -3.75
N ALA F 331 -0.28 -38.19 -2.56
CA ALA F 331 0.47 -38.13 -1.33
C ALA F 331 -0.40 -38.75 -0.25
N PRO F 332 0.17 -39.34 0.83
CA PRO F 332 1.61 -39.60 0.91
C PRO F 332 2.09 -40.77 0.03
N ARG F 333 3.34 -41.16 0.25
CA ARG F 333 4.01 -42.17 -0.56
C ARG F 333 4.17 -43.44 0.27
N PHE F 334 4.07 -44.57 -0.47
CA PHE F 334 4.08 -45.89 0.14
C PHE F 334 5.26 -46.69 -0.44
N SER F 335 6.00 -47.37 0.44
CA SER F 335 7.13 -48.22 0.05
C SER F 335 6.71 -49.44 -0.79
N ARG F 336 5.71 -50.20 -0.33
CA ARG F 336 5.26 -51.41 -1.01
C ARG F 336 4.16 -51.15 -2.04
N THR F 337 3.00 -50.63 -1.61
CA THR F 337 1.86 -50.49 -2.50
C THR F 337 1.79 -49.07 -3.05
N ALA F 338 2.71 -48.73 -3.95
CA ALA F 338 2.85 -47.35 -4.39
C ALA F 338 1.67 -46.98 -5.28
N SER F 339 1.11 -45.79 -5.02
CA SER F 339 0.03 -45.25 -5.82
C SER F 339 0.56 -44.98 -7.21
N SER F 340 -0.34 -44.79 -8.18
CA SER F 340 0.08 -44.60 -9.57
C SER F 340 -0.40 -43.25 -10.07
N GLN F 341 0.05 -42.90 -11.27
CA GLN F 341 -0.31 -41.62 -11.85
C GLN F 341 -1.83 -41.60 -11.99
N PRO F 342 -2.52 -40.54 -11.49
CA PRO F 342 -3.96 -40.43 -11.64
C PRO F 342 -4.42 -40.52 -13.10
N ARG F 343 -5.56 -41.20 -13.29
CA ARG F 343 -6.25 -41.26 -14.57
C ARG F 343 -7.18 -40.05 -14.67
N PRO F 344 -7.29 -39.40 -15.86
CA PRO F 344 -8.18 -38.25 -16.01
C PRO F 344 -9.64 -38.60 -15.79
N PRO F 345 -10.57 -37.60 -15.79
CA PRO F 345 -11.97 -37.89 -15.50
C PRO F 345 -12.58 -38.90 -16.48
N ALA F 346 -13.32 -39.89 -15.94
CA ALA F 346 -13.77 -41.03 -16.71
C ALA F 346 -15.17 -40.78 -17.29
N ALA F 347 -15.19 -40.29 -18.55
CA ALA F 347 -16.41 -39.87 -19.26
C ALA F 347 -17.61 -40.73 -18.88
N THR F 348 -18.81 -40.11 -18.89
CA THR F 348 -20.01 -40.57 -18.18
C THR F 348 -20.35 -42.00 -18.58
N ILE F 349 -20.11 -42.94 -17.68
CA ILE F 349 -20.52 -44.31 -17.95
C ILE F 349 -21.91 -44.51 -17.34
N ASP F 350 -22.62 -45.53 -17.84
CA ASP F 350 -23.99 -45.86 -17.46
C ASP F 350 -23.96 -46.69 -16.18
N ILE F 351 -24.93 -46.46 -15.28
CA ILE F 351 -24.83 -46.92 -13.89
C ILE F 351 -25.10 -48.43 -13.78
N GLU F 352 -25.73 -49.00 -14.82
CA GLU F 352 -25.88 -50.44 -14.97
C GLU F 352 -24.50 -51.10 -15.13
N ALA F 353 -23.74 -50.64 -16.14
CA ALA F 353 -22.42 -51.15 -16.45
C ALA F 353 -21.53 -51.23 -15.21
N VAL F 354 -21.77 -50.36 -14.21
CA VAL F 354 -21.04 -50.38 -12.95
C VAL F 354 -21.59 -51.46 -12.03
N LEU F 355 -22.92 -51.53 -11.90
CA LEU F 355 -23.52 -52.52 -11.01
C LEU F 355 -23.12 -53.94 -11.45
N THR F 356 -22.93 -54.15 -12.77
CA THR F 356 -22.44 -55.41 -13.32
C THR F 356 -21.07 -55.70 -12.72
N ASP F 357 -20.10 -54.85 -13.12
CA ASP F 357 -18.68 -54.98 -12.82
C ASP F 357 -18.45 -55.24 -11.32
N TRP F 358 -19.23 -54.61 -10.44
CA TRP F 358 -19.26 -54.97 -9.04
C TRP F 358 -20.08 -56.26 -8.87
N ASP F 359 -19.35 -57.39 -8.90
CA ASP F 359 -19.91 -58.73 -8.88
C ASP F 359 -20.90 -58.89 -10.05
N MET G 1 53.83 2.19 17.26
CA MET G 1 53.80 0.82 16.64
C MET G 1 52.57 0.03 17.09
N ALA G 2 51.83 -0.55 16.13
CA ALA G 2 50.51 -1.10 16.40
C ALA G 2 50.54 -2.61 16.67
N GLY G 3 49.94 -3.01 17.80
CA GLY G 3 49.68 -4.41 18.10
C GLY G 3 49.84 -4.67 19.59
N PRO G 4 49.51 -5.87 20.11
CA PRO G 4 49.59 -6.10 21.55
C PRO G 4 51.00 -6.23 22.12
N LEU G 5 52.01 -6.23 21.25
CA LEU G 5 53.39 -6.37 21.69
C LEU G 5 54.14 -5.07 21.39
N SER G 6 53.41 -3.96 21.34
CA SER G 6 53.99 -2.64 21.15
C SER G 6 54.97 -2.42 22.29
N GLY G 7 56.13 -1.83 21.96
CA GLY G 7 57.16 -1.52 22.95
C GLY G 7 58.10 -2.70 23.29
N LEU G 8 57.75 -3.95 22.94
CA LEU G 8 58.66 -5.09 23.13
C LEU G 8 59.82 -5.01 22.12
N ARG G 9 61.01 -5.36 22.62
CA ARG G 9 62.25 -5.18 21.87
C ARG G 9 62.92 -6.53 21.66
N VAL G 10 63.25 -6.81 20.39
CA VAL G 10 63.68 -8.14 19.99
C VAL G 10 64.94 -8.00 19.14
N VAL G 11 65.96 -8.78 19.55
CA VAL G 11 67.18 -8.90 18.77
C VAL G 11 67.24 -10.29 18.14
N GLU G 12 67.37 -10.30 16.81
CA GLU G 12 67.35 -11.52 16.03
C GLU G 12 68.70 -11.73 15.38
N LEU G 13 69.39 -12.82 15.78
CA LEU G 13 70.60 -13.24 15.06
C LEU G 13 70.22 -13.96 13.75
N ALA G 14 70.51 -13.33 12.61
CA ALA G 14 70.03 -13.79 11.30
C ALA G 14 70.32 -15.27 11.06
N GLY G 15 69.28 -15.97 10.61
CA GLY G 15 69.28 -17.42 10.46
C GLY G 15 68.33 -17.79 9.32
N ILE G 16 67.91 -19.05 9.29
CA ILE G 16 66.98 -19.48 8.24
C ILE G 16 65.85 -20.30 8.87
N GLY G 17 64.65 -20.16 8.29
CA GLY G 17 63.51 -20.96 8.70
C GLY G 17 62.85 -20.43 9.96
N PRO G 18 62.81 -21.22 11.04
CA PRO G 18 61.98 -20.90 12.18
C PRO G 18 62.34 -19.62 12.90
N GLY G 19 63.65 -19.33 13.00
CA GLY G 19 64.08 -18.18 13.76
C GLY G 19 63.47 -16.92 13.17
N PRO G 20 63.67 -16.64 11.86
CA PRO G 20 63.08 -15.48 11.23
C PRO G 20 61.55 -15.45 11.18
N HIS G 21 60.91 -16.63 11.26
CA HIS G 21 59.46 -16.69 11.22
C HIS G 21 58.93 -16.25 12.59
N ALA G 22 59.50 -16.78 13.67
CA ALA G 22 59.17 -16.28 14.98
C ALA G 22 59.38 -14.75 15.05
N ALA G 23 60.48 -14.25 14.47
CA ALA G 23 60.77 -12.82 14.60
C ALA G 23 59.75 -12.02 13.81
N MET G 24 59.35 -12.55 12.66
CA MET G 24 58.31 -11.96 11.85
C MET G 24 57.01 -11.79 12.65
N ILE G 25 56.63 -12.82 13.42
CA ILE G 25 55.33 -12.82 14.08
C ILE G 25 55.38 -11.78 15.20
N LEU G 26 56.48 -11.73 15.94
CA LEU G 26 56.66 -10.71 16.96
C LEU G 26 56.52 -9.31 16.35
N GLY G 27 57.24 -9.01 15.29
CA GLY G 27 57.14 -7.71 14.63
C GLY G 27 55.80 -7.51 13.95
N ASP G 28 55.14 -8.63 13.58
CA ASP G 28 53.77 -8.62 13.11
C ASP G 28 52.85 -7.96 14.14
N LEU G 29 52.93 -8.44 15.40
CA LEU G 29 52.10 -7.99 16.50
C LEU G 29 52.65 -6.73 17.19
N GLY G 30 53.59 -6.01 16.56
CA GLY G 30 53.99 -4.66 16.94
C GLY G 30 55.32 -4.53 17.72
N ALA G 31 56.04 -5.64 17.95
CA ALA G 31 57.34 -5.63 18.62
C ALA G 31 58.39 -4.97 17.73
N ASP G 32 59.39 -4.34 18.38
CA ASP G 32 60.51 -3.69 17.70
C ASP G 32 61.64 -4.71 17.51
N VAL G 33 61.88 -5.06 16.24
CA VAL G 33 62.70 -6.21 15.91
C VAL G 33 63.92 -5.73 15.15
N VAL G 34 65.06 -6.11 15.71
CA VAL G 34 66.34 -5.76 15.11
C VAL G 34 67.05 -7.06 14.75
N ARG G 35 67.34 -7.20 13.46
CA ARG G 35 67.95 -8.41 12.94
C ARG G 35 69.41 -8.10 12.60
N ILE G 36 70.34 -8.85 13.20
CA ILE G 36 71.76 -8.70 12.91
C ILE G 36 72.18 -9.77 11.89
N ASP G 37 72.40 -9.34 10.64
CA ASP G 37 72.93 -10.19 9.58
C ASP G 37 74.36 -9.74 9.27
N ARG G 38 75.23 -10.71 8.97
CA ARG G 38 76.62 -10.44 8.62
C ARG G 38 76.68 -9.56 7.37
N PRO G 39 77.74 -8.74 7.22
CA PRO G 39 77.88 -7.85 6.05
C PRO G 39 78.18 -8.57 4.74
N SER G 40 78.84 -9.74 4.82
CA SER G 40 79.05 -10.63 3.69
C SER G 40 77.76 -10.76 2.88
N SER G 41 76.65 -10.87 3.62
CA SER G 41 75.31 -11.02 3.08
C SER G 41 74.54 -9.70 3.21
N VAL G 42 75.04 -8.64 2.53
CA VAL G 42 74.45 -7.31 2.58
C VAL G 42 73.60 -7.14 1.31
N ASP G 43 73.90 -6.14 0.46
CA ASP G 43 73.40 -6.06 -0.91
C ASP G 43 71.98 -5.50 -0.95
N GLY G 44 71.74 -4.44 -0.16
CA GLY G 44 70.54 -3.62 -0.31
C GLY G 44 69.34 -4.20 0.42
N ILE G 45 68.15 -3.83 -0.05
CA ILE G 45 66.89 -4.17 0.61
C ILE G 45 66.67 -5.68 0.41
N SER G 46 66.44 -6.42 1.50
CA SER G 46 66.11 -7.83 1.40
C SER G 46 64.77 -8.00 0.68
N ARG G 47 64.66 -9.01 -0.19
CA ARG G 47 63.42 -9.22 -0.92
C ARG G 47 62.73 -10.50 -0.45
N ASP G 48 63.13 -11.01 0.72
CA ASP G 48 62.34 -11.99 1.48
C ASP G 48 61.31 -11.24 2.32
N ALA G 49 60.02 -11.39 1.98
CA ALA G 49 58.96 -10.78 2.76
C ALA G 49 58.88 -11.38 4.17
N MET G 50 59.64 -12.47 4.44
CA MET G 50 59.72 -12.98 5.79
C MET G 50 60.54 -12.05 6.67
N LEU G 51 61.30 -11.14 6.04
CA LEU G 51 62.05 -10.11 6.75
C LEU G 51 61.25 -8.81 6.80
N ARG G 52 59.92 -8.91 7.00
CA ARG G 52 59.07 -7.76 7.13
C ARG G 52 59.00 -7.43 8.62
N ASN G 53 58.56 -6.21 8.97
CA ASN G 53 58.51 -5.72 10.36
C ASN G 53 59.86 -5.89 11.08
N ARG G 54 60.89 -5.32 10.46
CA ARG G 54 62.28 -5.57 10.83
C ARG G 54 63.13 -4.31 10.59
N ARG G 55 64.14 -4.08 11.43
CA ARG G 55 65.28 -3.31 10.94
C ARG G 55 66.50 -4.22 10.85
N ILE G 56 67.19 -4.12 9.70
CA ILE G 56 68.39 -4.94 9.45
C ILE G 56 69.66 -4.15 9.79
N VAL G 57 70.58 -4.80 10.52
CA VAL G 57 71.89 -4.22 10.79
C VAL G 57 73.01 -5.19 10.41
N THR G 58 73.90 -4.71 9.50
CA THR G 58 75.23 -5.23 9.20
C THR G 58 76.10 -5.25 10.46
N ALA G 59 76.83 -6.36 10.69
CA ALA G 59 77.78 -6.45 11.80
C ALA G 59 78.51 -7.79 11.82
N ASP G 60 79.79 -7.76 11.43
CA ASP G 60 80.70 -8.90 11.55
C ASP G 60 80.90 -9.23 13.03
N LEU G 61 80.27 -10.32 13.51
CA LEU G 61 80.28 -10.70 14.91
C LEU G 61 81.60 -11.34 15.31
N LYS G 62 82.51 -11.53 14.37
CA LYS G 62 83.76 -12.22 14.68
C LYS G 62 84.78 -11.20 15.17
N SER G 63 84.77 -10.00 14.55
CA SER G 63 85.46 -8.82 15.04
C SER G 63 84.98 -8.42 16.44
N ASP G 64 85.77 -7.61 17.14
CA ASP G 64 85.44 -7.18 18.50
C ASP G 64 84.51 -5.97 18.44
N GLN G 65 84.55 -5.26 17.31
CA GLN G 65 83.75 -4.08 17.05
C GLN G 65 82.30 -4.46 16.75
N GLY G 66 82.09 -5.66 16.18
CA GLY G 66 80.78 -6.30 16.10
C GLY G 66 80.26 -6.82 17.46
N LEU G 67 81.07 -7.63 18.19
CA LEU G 67 80.61 -8.25 19.43
C LEU G 67 80.22 -7.17 20.44
N GLU G 68 80.79 -5.97 20.30
CA GLU G 68 80.51 -4.88 21.23
C GLU G 68 79.12 -4.31 20.93
N LEU G 69 78.94 -3.74 19.73
CA LEU G 69 77.69 -3.13 19.30
C LEU G 69 76.50 -4.07 19.50
N ALA G 70 76.73 -5.39 19.39
CA ALA G 70 75.68 -6.40 19.47
C ALA G 70 75.33 -6.70 20.93
N LEU G 71 76.31 -6.59 21.84
CA LEU G 71 76.03 -6.79 23.26
C LEU G 71 75.33 -5.56 23.84
N LYS G 72 75.39 -4.42 23.13
CA LYS G 72 74.79 -3.18 23.58
C LYS G 72 73.45 -2.93 22.86
N LEU G 73 73.13 -3.78 21.88
CA LEU G 73 71.74 -3.99 21.49
C LEU G 73 71.07 -4.93 22.49
N ILE G 74 71.70 -6.07 22.80
CA ILE G 74 71.11 -7.04 23.70
C ILE G 74 70.88 -6.41 25.07
N ALA G 75 71.66 -5.37 25.39
CA ALA G 75 71.60 -4.70 26.68
C ALA G 75 70.26 -3.98 26.86
N LYS G 76 69.82 -3.27 25.80
CA LYS G 76 68.62 -2.46 25.75
C LYS G 76 67.45 -3.22 25.11
N ALA G 77 67.29 -4.52 25.42
CA ALA G 77 66.30 -5.34 24.72
C ALA G 77 65.74 -6.41 25.63
N ASP G 78 64.60 -6.97 25.22
CA ASP G 78 63.80 -7.89 26.01
C ASP G 78 64.01 -9.34 25.61
N VAL G 79 64.18 -9.56 24.31
CA VAL G 79 64.28 -10.91 23.76
C VAL G 79 65.44 -11.01 22.75
N LEU G 80 66.16 -12.13 22.87
CA LEU G 80 67.12 -12.52 21.85
C LEU G 80 66.77 -13.86 21.20
N ILE G 81 66.78 -13.83 19.86
CA ILE G 81 66.53 -15.02 19.05
C ILE G 81 67.81 -15.42 18.32
N GLU G 82 68.23 -16.68 18.53
CA GLU G 82 69.28 -17.26 17.71
C GLU G 82 68.88 -18.65 17.22
N GLY G 83 69.16 -18.91 15.92
CA GLY G 83 68.85 -20.18 15.29
C GLY G 83 70.05 -20.93 14.70
N TYR G 84 71.17 -20.91 15.43
CA TYR G 84 72.42 -21.53 14.99
C TYR G 84 72.58 -22.81 15.79
N ARG G 85 73.50 -23.66 15.32
CA ARG G 85 73.80 -24.89 16.03
C ARG G 85 74.28 -24.52 17.41
N PRO G 86 74.10 -25.41 18.38
CA PRO G 86 74.58 -25.13 19.73
C PRO G 86 76.10 -24.85 19.79
N GLY G 87 76.52 -23.93 20.66
CA GLY G 87 77.92 -23.59 20.86
C GLY G 87 78.26 -22.33 20.07
N VAL G 88 77.55 -22.10 18.96
CA VAL G 88 77.94 -21.05 18.04
C VAL G 88 77.90 -19.67 18.72
N THR G 89 76.87 -19.39 19.53
CA THR G 89 76.76 -18.06 20.09
C THR G 89 77.73 -17.92 21.28
N GLU G 90 78.01 -19.01 22.00
CA GLU G 90 79.00 -19.00 23.07
C GLU G 90 80.34 -18.55 22.49
N ARG G 91 80.83 -19.30 21.48
CA ARG G 91 82.11 -19.02 20.85
C ARG G 91 82.11 -17.69 20.09
N LEU G 92 81.02 -16.94 20.14
CA LEU G 92 81.07 -15.54 19.75
C LEU G 92 81.05 -14.64 20.98
N GLY G 93 80.75 -15.22 22.16
CA GLY G 93 80.57 -14.48 23.40
C GLY G 93 79.19 -13.84 23.50
N LEU G 94 78.20 -14.40 22.77
CA LEU G 94 76.80 -14.00 22.82
C LEU G 94 76.00 -15.13 23.43
N GLY G 95 76.66 -16.08 24.08
CA GLY G 95 75.97 -17.17 24.75
C GLY G 95 75.02 -16.63 25.82
N PRO G 96 74.18 -17.49 26.44
CA PRO G 96 73.30 -17.02 27.50
C PRO G 96 74.04 -16.33 28.65
N GLU G 97 75.17 -16.92 29.09
CA GLU G 97 75.83 -16.52 30.32
C GLU G 97 76.40 -15.11 30.15
N GLU G 98 77.07 -14.89 29.02
CA GLU G 98 77.59 -13.59 28.60
C GLU G 98 76.47 -12.62 28.23
N CYS G 99 75.22 -13.08 28.30
CA CYS G 99 74.08 -12.21 28.11
C CYS G 99 73.48 -11.87 29.48
N ALA G 100 73.37 -12.88 30.37
CA ALA G 100 72.89 -12.70 31.74
C ALA G 100 73.86 -11.84 32.56
N LYS G 101 74.29 -10.71 31.99
CA LYS G 101 75.44 -9.94 32.46
C LYS G 101 75.64 -8.68 31.63
N VAL G 102 74.72 -8.36 30.73
CA VAL G 102 74.48 -6.99 30.32
C VAL G 102 72.99 -6.71 30.51
N ASN G 103 72.25 -7.70 31.07
CA ASN G 103 70.81 -7.75 30.90
C ASN G 103 70.26 -9.09 31.36
N ASP G 104 70.15 -9.32 32.69
CA ASP G 104 69.61 -10.58 33.21
C ASP G 104 68.08 -10.59 33.21
N ARG G 105 67.46 -9.57 32.59
CA ARG G 105 66.05 -9.56 32.26
C ARG G 105 65.77 -10.46 31.05
N LEU G 106 66.81 -10.72 30.24
CA LEU G 106 66.67 -11.12 28.85
C LEU G 106 66.08 -12.52 28.71
N ILE G 107 65.13 -12.61 27.78
CA ILE G 107 64.63 -13.90 27.29
C ILE G 107 65.53 -14.34 26.14
N TYR G 108 66.29 -15.41 26.42
CA TYR G 108 67.32 -15.90 25.53
C TYR G 108 66.73 -17.08 24.76
N ALA G 109 66.41 -16.85 23.48
CA ALA G 109 65.56 -17.80 22.78
C ALA G 109 66.35 -18.60 21.74
N ARG G 110 66.48 -19.92 22.02
CA ARG G 110 67.30 -20.81 21.21
C ARG G 110 66.46 -21.77 20.35
N MET G 111 66.56 -21.55 19.04
CA MET G 111 65.74 -22.25 18.04
C MET G 111 66.60 -23.23 17.24
N THR G 112 66.48 -24.52 17.55
CA THR G 112 67.19 -25.55 16.80
C THR G 112 66.20 -26.61 16.31
N GLY G 113 66.72 -27.61 15.59
CA GLY G 113 65.93 -28.77 15.20
C GLY G 113 66.05 -29.86 16.27
N TRP G 114 67.29 -30.17 16.62
CA TRP G 114 67.56 -31.36 17.42
C TRP G 114 67.69 -31.02 18.91
N GLY G 115 67.82 -29.74 19.26
CA GLY G 115 68.00 -29.38 20.66
C GLY G 115 69.44 -28.96 20.98
N GLN G 116 69.68 -28.75 22.28
CA GLN G 116 70.92 -28.10 22.72
C GLN G 116 71.95 -29.17 23.05
N THR G 117 71.52 -30.41 23.37
CA THR G 117 72.45 -31.51 23.62
C THR G 117 71.93 -32.81 23.03
N GLY G 118 72.77 -33.85 23.07
CA GLY G 118 72.41 -35.20 22.67
C GLY G 118 73.13 -35.56 21.37
N PRO G 119 73.02 -36.84 20.91
CA PRO G 119 73.85 -37.34 19.82
C PRO G 119 73.71 -36.63 18.46
N ARG G 120 72.59 -35.94 18.22
CA ARG G 120 72.34 -35.42 16.88
C ARG G 120 72.47 -33.92 16.92
N SER G 121 72.87 -33.38 18.07
CA SER G 121 72.81 -31.94 18.32
C SER G 121 73.72 -31.11 17.44
N GLN G 122 74.77 -31.72 16.86
CA GLN G 122 75.63 -30.98 15.93
C GLN G 122 75.36 -31.38 14.46
N GLN G 123 74.43 -32.31 14.23
CA GLN G 123 74.08 -32.65 12.86
C GLN G 123 73.34 -31.50 12.16
N ALA G 124 73.78 -31.20 10.93
CA ALA G 124 73.01 -30.37 10.02
C ALA G 124 71.71 -31.09 9.71
N GLY G 125 70.67 -30.28 9.49
CA GLY G 125 69.34 -30.81 9.24
C GLY G 125 68.41 -29.73 8.69
N HIS G 126 67.27 -30.19 8.16
CA HIS G 126 66.16 -29.34 7.83
C HIS G 126 64.88 -30.02 8.32
N ASP G 127 63.76 -29.33 8.07
CA ASP G 127 62.44 -29.76 8.48
C ASP G 127 62.30 -31.26 8.27
N ILE G 128 62.53 -31.72 7.04
CA ILE G 128 62.23 -33.10 6.70
C ILE G 128 62.96 -34.08 7.64
N ASN G 129 64.17 -33.75 8.07
CA ASN G 129 64.92 -34.63 8.95
C ASN G 129 64.31 -34.67 10.35
N TYR G 130 63.94 -33.48 10.87
CA TYR G 130 63.44 -33.40 12.23
C TYR G 130 62.13 -34.16 12.34
N ILE G 131 61.25 -34.09 11.33
CA ILE G 131 59.98 -34.80 11.45
C ILE G 131 60.13 -36.28 11.07
N SER G 132 61.31 -36.69 10.59
CA SER G 132 61.45 -38.09 10.22
C SER G 132 61.68 -38.94 11.46
N LEU G 133 62.25 -38.31 12.50
CA LEU G 133 62.73 -39.02 13.68
C LEU G 133 61.63 -39.30 14.67
N ASN G 134 60.51 -38.53 14.64
CA ASN G 134 59.52 -38.55 15.70
C ASN G 134 58.17 -39.10 15.23
N GLY G 135 58.18 -39.82 14.11
CA GLY G 135 56.97 -40.48 13.64
C GLY G 135 56.18 -39.67 12.61
N ILE G 136 56.36 -38.35 12.55
CA ILE G 136 55.42 -37.53 11.81
C ILE G 136 55.49 -37.80 10.29
N LEU G 137 56.71 -37.81 9.72
CA LEU G 137 56.87 -37.87 8.27
C LEU G 137 56.33 -39.20 7.77
N HIS G 138 56.54 -40.24 8.59
CA HIS G 138 56.10 -41.56 8.23
C HIS G 138 54.59 -41.62 8.04
N ALA G 139 53.86 -40.73 8.70
CA ALA G 139 52.40 -40.81 8.79
C ALA G 139 51.75 -40.05 7.64
N ILE G 140 52.54 -39.38 6.80
CA ILE G 140 52.00 -38.48 5.79
C ILE G 140 52.15 -39.07 4.38
N GLY G 141 51.06 -39.09 3.62
CA GLY G 141 51.12 -39.50 2.23
C GLY G 141 50.21 -40.71 2.02
N ARG G 142 50.14 -41.17 0.76
CA ARG G 142 49.34 -42.33 0.40
C ARG G 142 49.99 -43.63 0.88
N GLY G 143 49.17 -44.66 1.12
CA GLY G 143 49.69 -45.92 1.66
C GLY G 143 50.63 -46.66 0.70
N ASP G 144 50.38 -46.56 -0.59
CA ASP G 144 51.04 -47.42 -1.56
C ASP G 144 52.42 -46.86 -1.92
N GLU G 145 52.89 -45.86 -1.15
CA GLU G 145 53.88 -44.93 -1.66
C GLU G 145 54.72 -44.39 -0.52
N ARG G 146 55.83 -43.79 -0.90
CA ARG G 146 56.77 -43.32 0.10
C ARG G 146 56.26 -42.01 0.70
N PRO G 147 56.61 -41.70 1.98
CA PRO G 147 56.12 -40.52 2.67
C PRO G 147 56.40 -39.24 1.90
N VAL G 148 55.48 -38.29 2.04
CA VAL G 148 55.58 -37.05 1.31
C VAL G 148 55.76 -35.95 2.36
N PRO G 149 56.74 -35.05 2.17
CA PRO G 149 56.90 -33.93 3.07
C PRO G 149 55.74 -32.95 2.97
N PRO G 150 55.13 -32.61 4.13
CA PRO G 150 54.17 -31.53 4.20
C PRO G 150 54.81 -30.15 4.17
N LEU G 151 55.40 -29.82 3.03
CA LEU G 151 56.31 -28.69 2.87
C LEU G 151 57.20 -28.64 4.10
N ASN G 152 57.51 -27.44 4.60
CA ASN G 152 58.21 -27.32 5.87
C ASN G 152 57.31 -26.71 6.96
N LEU G 153 56.04 -27.11 6.99
CA LEU G 153 55.03 -26.45 7.82
C LEU G 153 55.07 -27.02 9.23
N VAL G 154 55.44 -28.28 9.35
CA VAL G 154 55.28 -29.00 10.60
C VAL G 154 56.51 -28.82 11.47
N GLY G 155 57.71 -28.83 10.86
CA GLY G 155 58.97 -28.81 11.61
C GLY G 155 59.47 -27.37 11.82
N ASP G 156 59.61 -26.64 10.73
CA ASP G 156 60.05 -25.26 10.79
C ASP G 156 59.05 -24.37 11.53
N PHE G 157 57.77 -24.38 11.13
CA PHE G 157 56.83 -23.38 11.64
C PHE G 157 55.95 -23.96 12.74
N GLY G 158 55.04 -24.85 12.37
CA GLY G 158 54.13 -25.42 13.35
C GLY G 158 54.80 -25.90 14.62
N GLY G 159 55.87 -26.68 14.50
CA GLY G 159 56.54 -27.26 15.66
C GLY G 159 57.85 -26.54 15.97
N GLY G 160 58.09 -25.41 15.29
CA GLY G 160 59.35 -24.70 15.39
C GLY G 160 59.16 -23.26 15.86
N SER G 161 59.00 -22.36 14.91
CA SER G 161 58.76 -20.98 15.22
C SER G 161 57.66 -20.89 16.30
N MET G 162 56.56 -21.64 16.11
CA MET G 162 55.40 -21.41 16.95
C MET G 162 55.70 -21.78 18.40
N PHE G 163 56.47 -22.82 18.65
CA PHE G 163 56.82 -23.15 20.02
C PHE G 163 57.87 -22.17 20.56
N LEU G 164 58.69 -21.59 19.68
CA LEU G 164 59.64 -20.61 20.15
C LEU G 164 58.82 -19.47 20.74
N LEU G 165 57.85 -18.98 19.94
CA LEU G 165 56.98 -17.87 20.31
C LEU G 165 56.28 -18.17 21.64
N VAL G 166 55.69 -19.36 21.78
CA VAL G 166 55.07 -19.75 23.03
C VAL G 166 56.08 -19.56 24.15
N GLY G 167 57.25 -20.20 24.02
CA GLY G 167 58.26 -20.16 25.05
C GLY G 167 58.64 -18.72 25.39
N ILE G 168 58.87 -17.91 24.36
CA ILE G 168 59.25 -16.53 24.57
C ILE G 168 58.14 -15.85 25.39
N LEU G 169 56.91 -15.93 24.88
CA LEU G 169 55.84 -15.13 25.48
C LEU G 169 55.50 -15.66 26.87
N ALA G 170 55.59 -16.98 27.09
CA ALA G 170 55.33 -17.56 28.39
C ALA G 170 56.37 -17.12 29.42
N ALA G 171 57.58 -16.82 28.93
CA ALA G 171 58.71 -16.48 29.76
C ALA G 171 58.58 -15.02 30.17
N LEU G 172 58.15 -14.19 29.21
CA LEU G 172 57.84 -12.80 29.44
C LEU G 172 56.78 -12.63 30.54
N TRP G 173 55.88 -13.61 30.68
CA TRP G 173 54.84 -13.55 31.70
C TRP G 173 55.45 -13.91 33.05
N GLU G 174 56.34 -14.91 33.05
CA GLU G 174 57.05 -15.28 34.26
C GLU G 174 57.87 -14.08 34.73
N ARG G 175 58.36 -13.26 33.78
CA ARG G 175 59.22 -12.11 34.04
C ARG G 175 58.46 -10.95 34.69
N GLN G 176 57.13 -11.07 34.83
CA GLN G 176 56.35 -10.09 35.57
C GLN G 176 56.35 -10.46 37.05
N SER G 177 56.36 -11.75 37.39
CA SER G 177 56.56 -12.21 38.76
C SER G 177 57.95 -11.82 39.27
N SER G 178 58.98 -12.38 38.63
CA SER G 178 60.28 -12.59 39.27
C SER G 178 61.35 -11.64 38.74
N GLY G 179 61.06 -10.81 37.73
CA GLY G 179 61.98 -9.76 37.29
C GLY G 179 63.15 -10.29 36.47
N LYS G 180 63.19 -11.62 36.31
CA LYS G 180 64.32 -12.40 35.82
C LYS G 180 64.03 -12.98 34.43
N GLY G 181 65.00 -12.81 33.51
CA GLY G 181 65.01 -13.47 32.22
C GLY G 181 65.27 -14.98 32.36
N GLN G 182 65.47 -15.67 31.23
CA GLN G 182 65.86 -17.08 31.22
C GLN G 182 66.00 -17.56 29.77
N VAL G 183 66.38 -18.85 29.66
CA VAL G 183 66.69 -19.50 28.39
C VAL G 183 65.53 -20.44 28.03
N VAL G 184 65.04 -20.21 26.81
CA VAL G 184 64.06 -21.08 26.17
C VAL G 184 64.79 -21.94 25.15
N ASP G 185 64.75 -23.26 25.35
CA ASP G 185 65.27 -24.22 24.38
C ASP G 185 64.10 -24.73 23.52
N ALA G 186 63.97 -24.20 22.29
CA ALA G 186 62.96 -24.68 21.34
C ALA G 186 63.55 -25.67 20.35
N ALA G 187 63.19 -26.94 20.46
CA ALA G 187 63.68 -27.89 19.49
C ALA G 187 62.55 -28.40 18.60
N MET G 188 62.73 -28.27 17.28
CA MET G 188 61.72 -28.68 16.32
C MET G 188 61.27 -30.10 16.53
N VAL G 189 62.17 -30.99 16.94
CA VAL G 189 61.78 -32.40 17.12
C VAL G 189 60.83 -32.52 18.30
N ASP G 190 60.91 -31.54 19.22
CA ASP G 190 60.10 -31.49 20.43
C ASP G 190 58.74 -30.85 20.10
N GLY G 191 58.82 -29.58 19.67
CA GLY G 191 57.66 -28.82 19.24
C GLY G 191 56.71 -29.66 18.38
N SER G 192 57.26 -30.28 17.32
CA SER G 192 56.45 -31.00 16.36
C SER G 192 55.86 -32.27 17.00
N SER G 193 56.52 -32.85 18.01
CA SER G 193 55.94 -33.95 18.77
C SER G 193 54.70 -33.50 19.56
N VAL G 194 54.75 -32.31 20.16
CA VAL G 194 53.63 -31.79 20.92
C VAL G 194 52.49 -31.46 19.96
N LEU G 195 52.86 -30.93 18.78
CA LEU G 195 51.93 -30.52 17.75
C LEU G 195 51.07 -31.72 17.30
N ILE G 196 51.66 -32.94 17.27
CA ILE G 196 50.91 -34.11 16.83
C ILE G 196 50.43 -34.94 18.02
N GLN G 197 50.20 -34.29 19.16
CA GLN G 197 49.83 -34.98 20.40
C GLN G 197 48.54 -35.80 20.23
N MET G 198 47.61 -35.29 19.43
CA MET G 198 46.38 -36.01 19.20
C MET G 198 46.66 -37.40 18.65
N MET G 199 47.62 -37.57 17.72
CA MET G 199 47.85 -38.89 17.16
C MET G 199 48.40 -39.83 18.23
N TRP G 200 49.29 -39.27 19.08
CA TRP G 200 49.83 -40.02 20.20
C TRP G 200 48.68 -40.47 21.11
N ALA G 201 47.76 -39.56 21.45
CA ALA G 201 46.59 -39.88 22.27
C ALA G 201 45.70 -40.94 21.61
N MET G 202 45.35 -40.73 20.35
CA MET G 202 44.51 -41.69 19.64
C MET G 202 45.23 -43.02 19.51
N ARG G 203 46.55 -42.97 19.29
CA ARG G 203 47.36 -44.17 19.18
C ARG G 203 47.20 -45.06 20.41
N ALA G 204 47.20 -44.45 21.60
CA ALA G 204 47.10 -45.14 22.88
C ALA G 204 45.73 -45.81 23.06
N THR G 205 44.66 -45.29 22.44
CA THR G 205 43.33 -45.82 22.66
C THR G 205 42.87 -46.68 21.47
N GLY G 206 43.81 -47.15 20.62
CA GLY G 206 43.50 -47.97 19.47
C GLY G 206 42.87 -47.21 18.29
N MET G 207 42.78 -45.89 18.36
CA MET G 207 42.11 -45.09 17.32
C MET G 207 43.08 -44.61 16.23
N TRP G 208 44.34 -45.09 16.23
CA TRP G 208 45.26 -44.69 15.18
C TRP G 208 46.34 -45.74 15.01
N THR G 209 46.66 -46.08 13.76
CA THR G 209 47.67 -47.08 13.48
C THR G 209 48.82 -46.48 12.66
N ASP G 210 49.96 -47.19 12.62
CA ASP G 210 51.18 -46.70 12.02
C ASP G 210 51.16 -46.89 10.49
N THR G 211 50.22 -47.69 9.99
CA THR G 211 50.01 -47.80 8.55
C THR G 211 49.61 -46.45 7.93
N ARG G 212 50.45 -45.97 7.02
CA ARG G 212 50.18 -44.74 6.32
C ARG G 212 48.96 -44.94 5.44
N GLY G 213 48.05 -43.96 5.48
CA GLY G 213 46.91 -43.92 4.59
C GLY G 213 45.72 -44.76 5.06
N ALA G 214 45.70 -45.17 6.33
CA ALA G 214 44.66 -46.06 6.84
C ALA G 214 44.01 -45.54 8.13
N ASN G 215 43.89 -44.22 8.31
CA ASN G 215 43.37 -43.61 9.51
C ASN G 215 42.31 -42.57 9.14
N MET G 216 41.67 -41.98 10.14
CA MET G 216 40.52 -41.10 9.94
C MET G 216 40.96 -39.79 9.30
N LEU G 217 42.19 -39.33 9.60
CA LEU G 217 42.61 -37.97 9.24
C LEU G 217 43.82 -37.92 8.28
N ASP G 218 44.30 -39.06 7.76
CA ASP G 218 45.47 -39.08 6.89
C ASP G 218 45.09 -39.32 5.43
N GLY G 219 43.79 -39.45 5.16
CA GLY G 219 43.32 -39.68 3.82
C GLY G 219 42.74 -41.07 3.63
N GLY G 220 42.83 -41.93 4.64
CA GLY G 220 42.30 -43.28 4.49
C GLY G 220 40.76 -43.33 4.53
N ALA G 221 40.14 -42.33 5.17
CA ALA G 221 38.68 -42.26 5.31
C ALA G 221 38.09 -41.60 4.08
N PRO G 222 37.12 -42.24 3.38
CA PRO G 222 36.58 -41.65 2.16
C PRO G 222 35.90 -40.32 2.39
N TYR G 223 35.51 -40.05 3.63
CA TYR G 223 34.81 -38.83 3.96
C TYR G 223 35.80 -37.80 4.51
N TYR G 224 37.11 -38.08 4.48
CA TYR G 224 38.09 -37.06 4.88
C TYR G 224 39.29 -37.17 3.94
N ASP G 225 39.18 -36.55 2.76
CA ASP G 225 40.16 -36.71 1.68
C ASP G 225 39.83 -35.72 0.57
N THR G 226 40.68 -35.63 -0.44
CA THR G 226 40.40 -34.82 -1.61
C THR G 226 39.87 -35.73 -2.71
N TYR G 227 39.24 -35.12 -3.71
CA TYR G 227 38.61 -35.86 -4.79
C TYR G 227 38.84 -35.07 -6.08
N GLU G 228 39.17 -35.81 -7.14
CA GLU G 228 39.32 -35.20 -8.45
C GLU G 228 37.94 -34.98 -9.05
N CYS G 229 37.74 -33.79 -9.60
CA CYS G 229 36.55 -33.43 -10.36
C CYS G 229 36.71 -33.68 -11.85
N ALA G 230 35.73 -33.25 -12.65
CA ALA G 230 35.66 -33.54 -14.09
C ALA G 230 36.73 -32.77 -14.85
N ASP G 231 37.11 -31.61 -14.31
CA ASP G 231 38.04 -30.69 -14.93
C ASP G 231 39.46 -30.92 -14.43
N GLY G 232 39.71 -31.95 -13.58
CA GLY G 232 41.07 -32.24 -13.12
C GLY G 232 41.49 -31.37 -11.94
N ARG G 233 40.57 -30.56 -11.42
CA ARG G 233 40.79 -29.82 -10.17
C ARG G 233 40.17 -30.63 -9.02
N TYR G 234 40.30 -30.15 -7.78
CA TYR G 234 39.99 -30.97 -6.61
C TYR G 234 39.03 -30.24 -5.67
N VAL G 235 38.27 -31.04 -4.93
CA VAL G 235 37.60 -30.61 -3.73
C VAL G 235 38.16 -31.41 -2.58
N ALA G 236 37.98 -30.83 -1.39
CA ALA G 236 38.25 -31.46 -0.10
C ALA G 236 36.91 -31.78 0.52
N VAL G 237 36.81 -33.00 1.02
CA VAL G 237 35.70 -33.42 1.84
C VAL G 237 36.20 -33.67 3.26
N GLY G 238 35.48 -33.11 4.24
CA GLY G 238 35.78 -33.34 5.64
C GLY G 238 34.55 -33.67 6.50
N ALA G 239 33.69 -34.48 5.92
CA ALA G 239 32.36 -34.66 6.47
C ALA G 239 32.35 -35.79 7.49
N ILE G 240 32.92 -35.55 8.67
CA ILE G 240 33.14 -36.59 9.66
C ILE G 240 31.84 -36.89 10.39
N GLU G 241 31.24 -35.81 10.94
CA GLU G 241 29.98 -35.92 11.64
C GLU G 241 28.92 -36.43 10.66
N PRO G 242 28.12 -37.39 11.12
CA PRO G 242 27.12 -38.05 10.28
C PRO G 242 26.15 -37.10 9.60
N GLN G 243 25.75 -36.06 10.32
CA GLN G 243 24.78 -35.11 9.80
C GLN G 243 25.42 -34.30 8.69
N PHE G 244 26.73 -34.03 8.81
CA PHE G 244 27.43 -33.32 7.75
C PHE G 244 27.60 -34.28 6.59
N TYR G 245 27.97 -35.54 6.89
CA TYR G 245 28.12 -36.53 5.81
C TYR G 245 26.80 -36.63 5.03
N ALA G 246 25.66 -36.70 5.74
CA ALA G 246 24.37 -36.82 5.08
C ALA G 246 24.10 -35.63 4.14
N ALA G 247 24.45 -34.42 4.59
CA ALA G 247 24.28 -33.24 3.75
C ALA G 247 25.12 -33.36 2.48
N MET G 248 26.28 -34.03 2.61
CA MET G 248 27.21 -34.16 1.51
C MET G 248 26.63 -35.11 0.47
N LEU G 249 26.09 -36.24 0.91
CA LEU G 249 25.45 -37.19 0.00
C LEU G 249 24.28 -36.58 -0.77
N ALA G 250 23.48 -35.74 -0.10
CA ALA G 250 22.32 -35.13 -0.73
C ALA G 250 22.76 -34.17 -1.84
N GLY G 251 23.84 -33.42 -1.55
CA GLY G 251 24.40 -32.54 -2.57
C GLY G 251 24.96 -33.31 -3.75
N LEU G 252 25.63 -34.46 -3.47
CA LEU G 252 26.21 -35.30 -4.51
C LEU G 252 25.11 -35.96 -5.35
N GLY G 253 23.90 -36.01 -4.80
CA GLY G 253 22.79 -36.67 -5.47
C GLY G 253 22.83 -38.17 -5.25
N LEU G 254 23.49 -38.61 -4.17
CA LEU G 254 23.58 -40.03 -3.87
C LEU G 254 22.59 -40.41 -2.78
N ASP G 255 21.83 -41.49 -3.01
CA ASP G 255 20.86 -41.99 -2.06
C ASP G 255 21.58 -42.85 -1.03
N ALA G 256 21.44 -42.52 0.27
CA ALA G 256 22.16 -43.19 1.35
C ALA G 256 21.88 -44.69 1.45
N ALA G 257 20.68 -45.12 1.02
CA ALA G 257 20.31 -46.53 1.10
C ALA G 257 21.00 -47.38 0.02
N GLU G 258 21.68 -46.77 -0.97
CA GLU G 258 22.41 -47.55 -1.96
C GLU G 258 23.91 -47.59 -1.66
N LEU G 259 24.36 -47.04 -0.51
CA LEU G 259 25.77 -46.93 -0.18
C LEU G 259 26.04 -47.80 1.03
N PRO G 260 27.31 -48.22 1.25
CA PRO G 260 27.69 -48.79 2.53
C PRO G 260 27.65 -47.75 3.65
N PRO G 261 27.55 -48.17 4.93
CA PRO G 261 27.67 -47.23 6.05
C PRO G 261 28.95 -46.40 6.03
N GLN G 262 28.79 -45.15 6.43
CA GLN G 262 29.86 -44.17 6.49
C GLN G 262 31.09 -44.79 7.15
N ASN G 263 30.92 -45.50 8.28
CA ASN G 263 32.04 -45.97 9.08
C ASN G 263 32.13 -47.49 9.14
N ASP G 264 31.57 -48.20 8.15
CA ASP G 264 31.95 -49.59 7.90
C ASP G 264 33.29 -49.60 7.16
N ARG G 265 34.40 -49.70 7.90
CA ARG G 265 35.74 -49.57 7.34
C ARG G 265 35.98 -50.67 6.31
N ALA G 266 35.37 -51.84 6.47
CA ALA G 266 35.64 -52.91 5.52
C ALA G 266 35.01 -52.67 4.14
N ARG G 267 34.09 -51.71 4.03
CA ARG G 267 33.43 -51.41 2.78
C ARG G 267 33.86 -50.04 2.24
N TRP G 268 34.92 -49.47 2.84
CA TRP G 268 35.49 -48.22 2.39
C TRP G 268 35.90 -48.27 0.91
N PRO G 269 36.46 -49.39 0.40
CA PRO G 269 36.80 -49.48 -1.02
C PRO G 269 35.64 -49.20 -1.97
N GLU G 270 34.51 -49.80 -1.68
CA GLU G 270 33.30 -49.51 -2.43
C GLU G 270 32.86 -48.07 -2.21
N LEU G 271 32.86 -47.61 -0.95
CA LEU G 271 32.41 -46.25 -0.64
C LEU G 271 33.28 -45.23 -1.39
N ARG G 272 34.61 -45.42 -1.31
CA ARG G 272 35.50 -44.55 -2.03
C ARG G 272 35.17 -44.59 -3.53
N ALA G 273 34.91 -45.77 -4.09
CA ALA G 273 34.65 -45.82 -5.52
C ALA G 273 33.39 -45.02 -5.89
N LEU G 274 32.37 -45.05 -5.02
CA LEU G 274 31.11 -44.36 -5.29
C LEU G 274 31.32 -42.86 -5.21
N LEU G 275 31.96 -42.40 -4.14
CA LEU G 275 32.24 -40.98 -4.04
C LEU G 275 33.11 -40.48 -5.19
N THR G 276 34.12 -41.28 -5.57
CA THR G 276 35.07 -40.88 -6.59
C THR G 276 34.36 -40.56 -7.91
N GLU G 277 33.45 -41.46 -8.31
CA GLU G 277 32.65 -41.34 -9.53
C GLU G 277 31.69 -40.16 -9.43
N ALA G 278 31.06 -39.98 -8.28
CA ALA G 278 30.16 -38.85 -8.15
C ALA G 278 30.94 -37.54 -8.32
N PHE G 279 32.03 -37.36 -7.57
CA PHE G 279 32.72 -36.08 -7.63
C PHE G 279 33.34 -35.91 -9.01
N ALA G 280 33.72 -37.03 -9.66
CA ALA G 280 34.35 -36.95 -10.97
C ALA G 280 33.37 -36.55 -12.05
N SER G 281 32.07 -36.45 -11.72
CA SER G 281 31.05 -36.32 -12.75
C SER G 281 30.79 -34.85 -13.07
N HIS G 282 31.19 -33.94 -12.20
CA HIS G 282 31.05 -32.52 -12.48
C HIS G 282 32.37 -31.80 -12.18
N ASP G 283 32.50 -30.54 -12.58
CA ASP G 283 33.74 -29.79 -12.35
C ASP G 283 33.72 -29.18 -10.95
N ARG G 284 34.87 -28.62 -10.53
CA ARG G 284 35.03 -28.12 -9.17
C ARG G 284 34.09 -26.94 -8.88
N ASP G 285 33.84 -26.10 -9.89
CA ASP G 285 32.96 -24.96 -9.72
C ASP G 285 31.53 -25.45 -9.51
N HIS G 286 31.15 -26.55 -10.19
CA HIS G 286 29.84 -27.12 -9.98
C HIS G 286 29.69 -27.43 -8.50
N TRP G 287 30.66 -28.11 -7.90
CA TRP G 287 30.56 -28.52 -6.51
C TRP G 287 30.58 -27.30 -5.59
N GLY G 288 31.41 -26.30 -5.92
CA GLY G 288 31.46 -25.06 -5.15
C GLY G 288 30.11 -24.35 -5.10
N ALA G 289 29.27 -24.48 -6.13
CA ALA G 289 27.95 -23.84 -6.09
C ALA G 289 26.99 -24.72 -5.30
N VAL G 290 26.98 -26.02 -5.59
CA VAL G 290 26.09 -26.97 -4.91
C VAL G 290 26.34 -26.92 -3.40
N PHE G 291 27.60 -26.87 -2.95
CA PHE G 291 27.81 -26.85 -1.50
C PHE G 291 27.75 -25.40 -1.00
N ALA G 292 28.78 -24.59 -1.32
CA ALA G 292 28.67 -23.13 -1.20
C ALA G 292 28.50 -22.68 0.25
N ASN G 293 27.30 -22.93 0.81
CA ASN G 293 26.93 -22.44 2.13
C ASN G 293 26.79 -23.56 3.15
N SER G 294 26.88 -24.82 2.73
CA SER G 294 26.30 -25.91 3.51
C SER G 294 27.24 -26.37 4.61
N ASP G 295 26.70 -27.14 5.53
CA ASP G 295 27.46 -27.87 6.54
C ASP G 295 27.99 -29.19 5.98
N ALA G 296 28.07 -29.32 4.65
CA ALA G 296 28.54 -30.54 4.01
C ALA G 296 30.07 -30.75 4.10
N CYS G 297 30.83 -29.69 4.46
CA CYS G 297 32.26 -29.79 4.66
C CYS G 297 32.92 -30.22 3.35
N VAL G 298 32.53 -29.55 2.26
CA VAL G 298 33.09 -29.78 0.94
C VAL G 298 33.51 -28.41 0.44
N THR G 299 34.81 -28.25 0.12
CA THR G 299 35.39 -26.96 -0.25
C THR G 299 36.23 -27.15 -1.50
N PRO G 300 36.34 -26.12 -2.36
CA PRO G 300 37.29 -26.16 -3.46
C PRO G 300 38.73 -26.15 -2.96
N VAL G 301 39.59 -26.97 -3.56
CA VAL G 301 41.01 -26.92 -3.25
C VAL G 301 41.65 -25.88 -4.15
N LEU G 302 41.92 -24.73 -3.55
CA LEU G 302 42.40 -23.59 -4.32
C LEU G 302 43.92 -23.64 -4.34
N ALA G 303 44.47 -23.32 -5.52
CA ALA G 303 45.86 -23.01 -5.70
C ALA G 303 46.11 -21.58 -5.21
N PHE G 304 47.33 -21.31 -4.72
CA PHE G 304 47.74 -19.99 -4.26
C PHE G 304 47.20 -18.89 -5.17
N GLY G 305 47.40 -19.06 -6.47
CA GLY G 305 47.07 -18.01 -7.44
C GLY G 305 45.59 -17.63 -7.46
N GLU G 306 44.72 -18.48 -6.89
CA GLU G 306 43.29 -18.22 -6.94
C GLU G 306 42.72 -17.81 -5.59
N VAL G 307 43.57 -17.77 -4.55
CA VAL G 307 43.10 -17.52 -3.19
C VAL G 307 42.53 -16.11 -3.07
N HIS G 308 43.12 -15.14 -3.76
CA HIS G 308 42.68 -13.76 -3.73
C HIS G 308 41.26 -13.55 -4.30
N ASN G 309 40.69 -14.50 -5.05
CA ASN G 309 39.33 -14.34 -5.59
C ASN G 309 38.24 -15.01 -4.75
N GLU G 310 38.59 -15.44 -3.53
CA GLU G 310 37.67 -16.24 -2.75
C GLU G 310 36.96 -15.29 -1.79
N PRO G 311 35.61 -15.17 -1.84
CA PRO G 311 34.88 -14.16 -1.07
C PRO G 311 35.26 -14.07 0.40
N HIS G 312 35.31 -15.21 1.10
CA HIS G 312 35.60 -15.20 2.51
C HIS G 312 37.01 -14.66 2.78
N ILE G 313 37.94 -14.93 1.85
CA ILE G 313 39.30 -14.50 2.03
C ILE G 313 39.37 -12.97 1.89
N ILE G 314 38.68 -12.45 0.87
CA ILE G 314 38.66 -11.02 0.59
C ILE G 314 38.04 -10.26 1.78
N GLU G 315 36.87 -10.70 2.26
CA GLU G 315 36.13 -9.90 3.22
C GLU G 315 36.84 -9.79 4.56
N ARG G 316 37.58 -10.85 4.97
CA ARG G 316 38.25 -10.79 6.26
C ARG G 316 39.67 -10.18 6.15
N ASN G 317 40.07 -9.79 4.94
CA ASN G 317 41.41 -9.26 4.75
C ASN G 317 42.42 -10.23 5.35
N THR G 318 42.41 -11.48 4.86
CA THR G 318 43.36 -12.46 5.29
C THR G 318 44.72 -12.13 4.66
N PHE G 319 44.70 -11.50 3.48
CA PHE G 319 45.89 -11.10 2.74
C PHE G 319 45.87 -9.60 2.39
N TYR G 320 47.07 -9.04 2.16
CA TYR G 320 47.28 -7.71 1.59
C TYR G 320 48.18 -7.85 0.36
N GLU G 321 48.05 -6.92 -0.61
CA GLU G 321 48.97 -6.85 -1.75
C GLU G 321 50.26 -6.16 -1.35
N ALA G 322 51.39 -6.63 -1.88
CA ALA G 322 52.67 -6.00 -1.63
C ALA G 322 53.68 -6.47 -2.66
N ASN G 323 54.30 -5.50 -3.36
CA ASN G 323 55.46 -5.79 -4.17
C ASN G 323 55.09 -6.94 -5.13
N GLY G 324 54.08 -6.69 -5.98
CA GLY G 324 53.59 -7.66 -6.94
C GLY G 324 53.51 -9.08 -6.38
N GLY G 325 52.65 -9.30 -5.38
CA GLY G 325 52.46 -10.60 -4.77
C GLY G 325 51.78 -10.49 -3.41
N TRP G 326 50.69 -11.25 -3.24
CA TRP G 326 49.92 -11.25 -2.01
C TRP G 326 50.73 -11.84 -0.87
N GLN G 327 50.50 -11.32 0.35
CA GLN G 327 51.15 -11.80 1.56
C GLN G 327 50.09 -11.88 2.65
N PRO G 328 50.21 -12.78 3.62
CA PRO G 328 49.23 -12.88 4.70
C PRO G 328 49.30 -11.78 5.75
N MET G 329 48.13 -11.23 6.12
CA MET G 329 48.05 -10.29 7.21
C MET G 329 48.37 -11.00 8.52
N PRO G 330 48.77 -10.27 9.56
CA PRO G 330 49.07 -10.89 10.84
C PRO G 330 47.91 -11.69 11.44
N ALA G 331 48.28 -12.58 12.35
CA ALA G 331 47.33 -13.42 13.03
C ALA G 331 47.95 -13.76 14.37
N PRO G 332 47.14 -14.05 15.41
CA PRO G 332 45.69 -13.89 15.34
C PRO G 332 45.30 -12.42 15.41
N ARG G 333 43.99 -12.16 15.51
CA ARG G 333 43.49 -10.79 15.62
C ARG G 333 43.04 -10.45 17.05
N PHE G 334 43.24 -9.16 17.38
CA PHE G 334 42.91 -8.56 18.68
C PHE G 334 41.86 -7.46 18.54
N SER G 335 40.91 -7.42 19.48
CA SER G 335 39.78 -6.48 19.44
C SER G 335 40.23 -5.06 19.73
N ARG G 336 41.09 -4.85 20.73
CA ARG G 336 41.55 -3.52 21.13
C ARG G 336 42.82 -3.08 20.39
N THR G 337 43.90 -3.88 20.49
CA THR G 337 45.24 -3.48 20.05
C THR G 337 45.58 -4.18 18.74
N ALA G 338 44.97 -3.70 17.65
CA ALA G 338 45.00 -4.40 16.38
C ALA G 338 46.32 -4.14 15.66
N SER G 339 46.93 -5.22 15.17
CA SER G 339 48.13 -5.13 14.35
C SER G 339 47.80 -4.33 13.11
N SER G 340 48.84 -3.81 12.45
CA SER G 340 48.65 -3.05 11.24
C SER G 340 49.24 -3.82 10.07
N GLN G 341 48.99 -3.33 8.86
CA GLN G 341 49.66 -3.83 7.69
C GLN G 341 51.16 -3.86 7.98
N PRO G 342 51.85 -5.01 7.80
CA PRO G 342 53.29 -5.06 7.99
C PRO G 342 54.02 -4.12 7.04
N ARG G 343 55.13 -3.54 7.53
CA ARG G 343 56.00 -2.72 6.69
C ARG G 343 56.96 -3.63 5.91
N PRO G 344 57.23 -3.34 4.61
CA PRO G 344 58.17 -4.14 3.84
C PRO G 344 59.57 -4.07 4.43
N PRO G 345 60.48 -5.00 4.02
CA PRO G 345 61.82 -5.05 4.60
C PRO G 345 62.56 -3.72 4.55
N ALA G 346 63.16 -3.35 5.69
CA ALA G 346 63.71 -2.03 5.90
C ALA G 346 65.18 -1.98 5.52
N ALA G 347 65.47 -1.26 4.42
CA ALA G 347 66.82 -0.91 3.98
C ALA G 347 67.79 -0.79 5.15
N THR G 348 69.04 -1.23 4.92
CA THR G 348 70.02 -1.44 5.99
C THR G 348 70.13 -0.20 6.87
N ILE G 349 70.14 -0.42 8.17
CA ILE G 349 70.22 0.70 9.09
C ILE G 349 71.52 0.53 9.85
N ASP G 350 72.06 1.69 10.25
CA ASP G 350 73.32 1.80 10.97
C ASP G 350 73.10 1.40 12.42
N ILE G 351 73.79 0.37 12.89
CA ILE G 351 73.56 -0.16 14.24
C ILE G 351 73.69 0.95 15.30
N GLU G 352 74.44 2.01 14.96
CA GLU G 352 74.62 3.15 15.85
C GLU G 352 73.28 3.85 16.05
N ALA G 353 72.58 4.12 14.93
CA ALA G 353 71.33 4.85 14.91
C ALA G 353 70.24 4.14 15.70
N VAL G 354 70.33 2.81 15.84
CA VAL G 354 69.37 2.03 16.60
C VAL G 354 69.62 2.23 18.10
N LEU G 355 70.89 2.28 18.51
CA LEU G 355 71.23 2.47 19.91
C LEU G 355 70.80 3.85 20.43
N THR G 356 70.72 4.86 19.53
CA THR G 356 70.27 6.21 19.85
C THR G 356 68.77 6.21 20.19
N ASP G 357 67.96 5.74 19.23
CA ASP G 357 66.51 5.67 19.33
C ASP G 357 66.08 4.82 20.54
N TRP G 358 66.91 3.84 20.95
CA TRP G 358 66.58 2.94 22.04
C TRP G 358 67.13 3.43 23.40
N ASP G 359 67.84 4.58 23.38
CA ASP G 359 68.86 4.92 24.35
C ASP G 359 69.99 3.89 24.27
N MET H 1 52.67 -26.02 41.17
CA MET H 1 52.60 -26.25 39.70
C MET H 1 53.85 -25.71 39.01
N ALA H 2 54.56 -26.60 38.29
CA ALA H 2 55.82 -26.28 37.64
C ALA H 2 55.62 -25.71 36.22
N GLY H 3 56.23 -24.53 35.95
CA GLY H 3 56.41 -24.02 34.60
C GLY H 3 56.46 -22.50 34.62
N PRO H 4 56.66 -21.78 33.50
CA PRO H 4 56.72 -20.31 33.50
C PRO H 4 55.36 -19.61 33.53
N LEU H 5 54.28 -20.39 33.54
CA LEU H 5 52.94 -19.80 33.54
C LEU H 5 52.27 -20.18 34.86
N SER H 6 53.06 -20.32 35.93
CA SER H 6 52.52 -20.81 37.19
C SER H 6 51.56 -19.77 37.75
N GLY H 7 50.40 -20.29 38.21
CA GLY H 7 49.28 -19.48 38.70
C GLY H 7 48.68 -18.56 37.64
N LEU H 8 48.70 -19.01 36.37
CA LEU H 8 47.83 -18.45 35.33
C LEU H 8 46.56 -19.29 35.34
N ARG H 9 45.43 -18.58 35.30
CA ARG H 9 44.13 -19.19 35.51
C ARG H 9 43.32 -19.12 34.23
N VAL H 10 42.86 -20.31 33.83
CA VAL H 10 42.36 -20.58 32.51
C VAL H 10 41.07 -21.37 32.64
N VAL H 11 39.99 -20.82 32.06
CA VAL H 11 38.78 -21.59 31.89
C VAL H 11 38.66 -22.02 30.43
N GLU H 12 38.46 -23.32 30.24
CA GLU H 12 38.28 -23.90 28.91
C GLU H 12 36.85 -24.42 28.79
N LEU H 13 36.09 -23.90 27.82
CA LEU H 13 34.79 -24.47 27.46
C LEU H 13 35.00 -25.65 26.50
N ALA H 14 34.78 -26.87 26.99
CA ALA H 14 35.02 -28.09 26.25
C ALA H 14 34.55 -27.98 24.80
N GLY H 15 35.53 -28.15 23.90
CA GLY H 15 35.34 -28.40 22.49
C GLY H 15 36.31 -29.49 22.03
N ILE H 16 36.55 -29.56 20.70
CA ILE H 16 37.44 -30.57 20.12
C ILE H 16 38.54 -29.87 19.34
N GLY H 17 39.74 -30.46 19.37
CA GLY H 17 40.80 -30.05 18.46
C GLY H 17 41.58 -28.86 18.99
N PRO H 18 41.65 -27.72 18.27
CA PRO H 18 42.58 -26.66 18.65
C PRO H 18 42.40 -26.19 20.08
N GLY H 19 41.16 -26.04 20.52
CA GLY H 19 40.91 -25.42 21.80
C GLY H 19 41.53 -26.25 22.92
N PRO H 20 41.19 -27.54 23.03
CA PRO H 20 41.87 -28.40 24.00
C PRO H 20 43.39 -28.45 23.82
N HIS H 21 43.85 -28.34 22.57
CA HIS H 21 45.27 -28.45 22.33
C HIS H 21 45.95 -27.25 22.99
N ALA H 22 45.40 -26.07 22.77
CA ALA H 22 45.99 -24.85 23.31
C ALA H 22 45.88 -24.86 24.84
N ALA H 23 44.74 -25.37 25.34
CA ALA H 23 44.52 -25.45 26.76
C ALA H 23 45.59 -26.34 27.36
N MET H 24 45.75 -27.54 26.77
CA MET H 24 46.77 -28.51 27.16
C MET H 24 48.16 -27.89 27.27
N ILE H 25 48.52 -27.04 26.32
CA ILE H 25 49.88 -26.53 26.26
C ILE H 25 50.05 -25.56 27.44
N LEU H 26 49.03 -24.73 27.70
CA LEU H 26 49.06 -23.81 28.82
C LEU H 26 49.25 -24.60 30.12
N GLY H 27 48.47 -25.66 30.33
CA GLY H 27 48.61 -26.50 31.49
C GLY H 27 49.89 -27.32 31.48
N ASP H 28 50.53 -27.47 30.31
CA ASP H 28 51.78 -28.19 30.22
C ASP H 28 52.85 -27.34 30.92
N LEU H 29 52.78 -26.01 30.73
CA LEU H 29 53.71 -24.98 31.15
C LEU H 29 53.35 -24.35 32.51
N GLY H 30 52.46 -25.02 33.26
CA GLY H 30 52.19 -24.69 34.66
C GLY H 30 50.97 -23.79 34.89
N ALA H 31 50.00 -23.78 33.96
CA ALA H 31 48.82 -22.95 34.12
C ALA H 31 47.72 -23.72 34.84
N ASP H 32 46.93 -23.00 35.64
CA ASP H 32 45.78 -23.62 36.28
C ASP H 32 44.62 -23.64 35.29
N VAL H 33 44.24 -24.86 34.88
CA VAL H 33 43.31 -25.00 33.77
C VAL H 33 42.15 -25.86 34.23
N VAL H 34 40.96 -25.25 34.08
CA VAL H 34 39.68 -25.79 34.50
C VAL H 34 38.80 -25.90 33.25
N ARG H 35 38.43 -27.14 32.92
CA ARG H 35 37.66 -27.41 31.73
C ARG H 35 36.20 -27.68 32.12
N ILE H 36 35.30 -26.77 31.70
CA ILE H 36 33.87 -26.93 31.94
C ILE H 36 33.31 -27.80 30.82
N ASP H 37 32.85 -29.01 31.15
CA ASP H 37 32.27 -29.88 30.15
C ASP H 37 30.76 -30.02 30.41
N ARG H 38 30.02 -30.69 29.52
CA ARG H 38 28.61 -30.98 29.73
C ARG H 38 28.48 -32.12 30.74
N PRO H 39 27.47 -32.11 31.65
CA PRO H 39 27.23 -33.29 32.47
C PRO H 39 26.88 -34.52 31.63
N SER H 40 26.42 -34.27 30.38
CA SER H 40 26.04 -35.29 29.40
C SER H 40 27.21 -36.16 28.95
N SER H 41 28.44 -35.88 29.39
CA SER H 41 29.64 -36.53 28.86
C SER H 41 30.17 -37.63 29.80
N VAL H 42 30.85 -37.24 30.91
CA VAL H 42 31.36 -38.20 31.90
C VAL H 42 30.54 -39.51 31.84
N ILE H 45 36.48 -40.65 34.17
CA ILE H 45 37.95 -40.50 33.93
C ILE H 45 38.20 -40.63 32.43
N SER H 46 38.75 -39.57 31.81
CA SER H 46 38.99 -39.58 30.37
C SER H 46 40.26 -40.35 30.02
N ARG H 47 40.27 -40.91 28.80
CA ARG H 47 41.43 -41.58 28.25
C ARG H 47 42.10 -40.71 27.17
N ASP H 48 41.53 -39.51 26.88
CA ASP H 48 42.15 -38.58 25.95
C ASP H 48 43.29 -37.86 26.68
N ALA H 49 44.52 -38.27 26.38
CA ALA H 49 45.69 -37.67 26.96
C ALA H 49 45.79 -36.18 26.63
N MET H 50 44.95 -35.67 25.70
CA MET H 50 44.97 -34.24 25.44
C MET H 50 44.33 -33.47 26.59
N LEU H 51 43.59 -34.19 27.46
CA LEU H 51 42.97 -33.63 28.66
C LEU H 51 43.86 -33.84 29.89
N ARG H 52 45.18 -33.80 29.68
CA ARG H 52 46.15 -33.78 30.77
C ARG H 52 46.25 -32.36 31.33
N ASN H 53 46.75 -32.22 32.57
CA ASN H 53 46.98 -30.93 33.19
C ASN H 53 45.71 -30.07 33.26
N ARG H 54 44.58 -30.71 33.59
CA ARG H 54 43.30 -30.04 33.77
C ARG H 54 42.65 -30.45 35.09
N ARG H 55 41.65 -29.66 35.52
CA ARG H 55 40.53 -30.16 36.31
C ARG H 55 39.26 -30.15 35.46
N ILE H 56 38.62 -31.34 35.33
CA ILE H 56 37.38 -31.55 34.59
C ILE H 56 36.18 -31.29 35.52
N VAL H 57 35.46 -30.17 35.30
CA VAL H 57 34.22 -29.86 36.01
C VAL H 57 33.05 -29.96 35.04
N THR H 58 31.84 -30.24 35.55
CA THR H 58 30.65 -30.19 34.73
C THR H 58 29.75 -29.02 35.16
N ALA H 59 28.68 -28.83 34.38
CA ALA H 59 27.78 -27.69 34.47
C ALA H 59 26.94 -27.65 33.19
N ASP H 60 25.61 -27.52 33.35
CA ASP H 60 24.73 -27.19 32.24
C ASP H 60 24.66 -25.66 32.17
N LEU H 61 25.18 -25.10 31.07
CA LEU H 61 25.30 -23.66 30.89
C LEU H 61 23.97 -23.09 30.37
N LYS H 62 23.05 -24.00 30.04
CA LYS H 62 21.68 -23.66 29.68
C LYS H 62 20.81 -23.48 30.92
N SER H 63 21.11 -24.20 32.03
CA SER H 63 20.61 -23.87 33.37
C SER H 63 20.85 -22.40 33.73
N ASP H 64 20.18 -21.91 34.79
CA ASP H 64 20.50 -20.61 35.37
C ASP H 64 21.64 -20.78 36.37
N GLN H 65 21.64 -21.95 37.03
CA GLN H 65 22.65 -22.31 38.01
C GLN H 65 24.00 -22.48 37.30
N GLY H 66 24.02 -23.29 36.23
CA GLY H 66 25.22 -23.57 35.44
C GLY H 66 25.88 -22.31 34.89
N LEU H 67 25.09 -21.37 34.35
CA LEU H 67 25.60 -20.10 33.86
C LEU H 67 26.13 -19.25 35.01
N GLU H 68 25.54 -19.42 36.20
CA GLU H 68 25.92 -18.60 37.36
C GLU H 68 27.34 -18.97 37.78
N LEU H 69 27.60 -20.29 37.85
CA LEU H 69 28.88 -20.86 38.28
C LEU H 69 29.99 -20.52 37.28
N ALA H 70 29.79 -20.91 36.01
CA ALA H 70 30.64 -20.48 34.92
C ALA H 70 31.14 -19.05 35.12
N LEU H 71 30.20 -18.08 35.28
CA LEU H 71 30.52 -16.66 35.37
C LEU H 71 31.28 -16.31 36.65
N LYS H 72 31.19 -17.18 37.67
CA LYS H 72 31.95 -17.00 38.89
C LYS H 72 33.41 -17.42 38.65
N LEU H 73 33.62 -18.63 38.08
CA LEU H 73 34.93 -19.14 37.65
C LEU H 73 35.64 -18.11 36.79
N ILE H 74 34.91 -17.58 35.80
CA ILE H 74 35.45 -16.67 34.81
C ILE H 74 35.83 -15.33 35.45
N ALA H 75 35.24 -15.02 36.61
CA ALA H 75 35.48 -13.75 37.28
C ALA H 75 36.88 -13.77 37.91
N LYS H 76 37.29 -14.95 38.38
CA LYS H 76 38.53 -15.11 39.13
C LYS H 76 39.68 -15.60 38.22
N ALA H 77 39.47 -15.56 36.89
CA ALA H 77 40.40 -16.18 35.95
C ALA H 77 41.05 -15.13 35.05
N ASP H 78 42.11 -15.53 34.33
CA ASP H 78 42.86 -14.64 33.47
C ASP H 78 42.42 -14.83 32.02
N VAL H 79 42.13 -16.08 31.68
CA VAL H 79 41.93 -16.47 30.30
C VAL H 79 40.71 -17.37 30.16
N LEU H 80 39.92 -17.05 29.12
CA LEU H 80 38.87 -17.95 28.67
C LEU H 80 39.13 -18.42 27.25
N ILE H 81 38.92 -19.74 27.07
CA ILE H 81 39.07 -20.40 25.79
C ILE H 81 37.72 -20.98 25.39
N GLU H 82 37.23 -20.55 24.21
CA GLU H 82 36.06 -21.20 23.61
C GLU H 82 36.34 -21.45 22.13
N GLY H 83 35.93 -22.63 21.65
CA GLY H 83 35.97 -22.94 20.23
C GLY H 83 34.64 -23.49 19.72
N TYR H 84 33.54 -22.76 19.97
CA TYR H 84 32.27 -23.07 19.30
C TYR H 84 32.08 -22.09 18.16
N ARG H 85 31.02 -22.31 17.37
CA ARG H 85 30.68 -21.43 16.27
C ARG H 85 30.46 -20.05 16.86
N PRO H 86 30.76 -18.98 16.09
CA PRO H 86 30.48 -17.64 16.55
C PRO H 86 29.01 -17.47 16.91
N GLY H 87 28.72 -16.79 18.05
CA GLY H 87 27.35 -16.56 18.53
C GLY H 87 26.96 -17.54 19.64
N VAL H 88 27.68 -18.64 19.80
CA VAL H 88 27.21 -19.62 20.73
C VAL H 88 27.42 -19.14 22.16
N THR H 89 28.60 -18.55 22.44
CA THR H 89 28.84 -18.10 23.81
C THR H 89 27.93 -16.91 24.11
N GLU H 90 27.63 -16.08 23.10
CA GLU H 90 26.71 -14.97 23.29
C GLU H 90 25.33 -15.47 23.74
N ARG H 91 24.75 -16.45 23.04
CA ARG H 91 23.44 -16.97 23.37
C ARG H 91 23.43 -17.75 24.68
N LEU H 92 24.57 -18.23 25.16
CA LEU H 92 24.56 -18.96 26.42
C LEU H 92 24.62 -17.99 27.61
N GLY H 93 24.95 -16.71 27.31
CA GLY H 93 25.15 -15.66 28.31
C GLY H 93 26.62 -15.44 28.66
N LEU H 94 27.54 -16.05 27.90
CA LEU H 94 28.95 -16.19 28.23
C LEU H 94 29.85 -15.46 27.23
N GLY H 95 29.27 -14.53 26.47
CA GLY H 95 29.98 -13.83 25.43
C GLY H 95 31.01 -12.85 26.00
N PRO H 96 31.79 -12.17 25.14
CA PRO H 96 32.73 -11.14 25.56
C PRO H 96 32.11 -10.07 26.47
N GLU H 97 30.95 -9.54 26.07
CA GLU H 97 30.33 -8.43 26.77
C GLU H 97 29.85 -8.89 28.15
N GLU H 98 29.21 -10.06 28.23
CA GLU H 98 28.82 -10.63 29.52
C GLU H 98 30.03 -10.97 30.41
N CYS H 99 31.15 -11.34 29.81
CA CYS H 99 32.31 -11.74 30.59
C CYS H 99 33.05 -10.49 31.11
N ALA H 100 33.09 -9.43 30.29
CA ALA H 100 33.72 -8.16 30.62
C ALA H 100 33.02 -7.41 31.77
N LYS H 101 31.84 -7.89 32.20
CA LYS H 101 31.14 -7.29 33.30
C LYS H 101 31.63 -7.89 34.63
N VAL H 102 31.91 -9.20 34.64
CA VAL H 102 32.42 -9.83 35.84
C VAL H 102 33.97 -9.82 35.85
N ASN H 103 34.62 -9.18 34.85
CA ASN H 103 36.08 -9.24 34.73
C ASN H 103 36.54 -8.43 33.51
N ASP H 104 36.99 -7.19 33.74
CA ASP H 104 37.46 -6.34 32.65
C ASP H 104 38.93 -6.63 32.31
N ARG H 105 39.52 -7.68 32.91
CA ARG H 105 40.92 -8.02 32.67
C ARG H 105 41.07 -9.27 31.80
N LEU H 106 39.94 -9.92 31.45
CA LEU H 106 39.92 -11.26 30.90
C LEU H 106 40.53 -11.27 29.50
N ILE H 107 41.32 -12.33 29.22
CA ILE H 107 41.68 -12.62 27.84
C ILE H 107 40.64 -13.61 27.32
N TYR H 108 39.87 -13.11 26.33
CA TYR H 108 38.77 -13.85 25.76
C TYR H 108 39.24 -14.47 24.43
N ALA H 109 39.45 -15.78 24.44
CA ALA H 109 40.15 -16.43 23.34
C ALA H 109 39.19 -17.31 22.57
N ARG H 110 38.99 -16.92 21.30
CA ARG H 110 38.03 -17.57 20.44
C ARG H 110 38.72 -18.29 19.28
N MET H 111 38.56 -19.60 19.28
CA MET H 111 39.20 -20.52 18.34
C MET H 111 38.22 -20.95 17.26
N THR H 112 38.37 -20.49 16.03
CA THR H 112 37.55 -21.03 14.96
C THR H 112 38.38 -21.35 13.73
N GLY H 113 37.74 -22.00 12.76
CA GLY H 113 38.39 -22.24 11.48
C GLY H 113 38.27 -21.03 10.57
N TRP H 114 37.04 -20.53 10.45
CA TRP H 114 36.70 -19.55 9.43
C TRP H 114 36.74 -18.12 10.00
N GLY H 115 36.72 -18.02 11.34
CA GLY H 115 36.75 -16.71 11.98
C GLY H 115 35.36 -16.23 12.43
N GLN H 116 35.36 -15.04 13.03
CA GLN H 116 34.22 -14.53 13.76
C GLN H 116 33.17 -13.96 12.82
N THR H 117 33.56 -13.45 11.64
CA THR H 117 32.60 -12.85 10.73
C THR H 117 32.84 -13.33 9.30
N GLY H 118 31.96 -12.90 8.39
CA GLY H 118 32.14 -13.15 6.98
C GLY H 118 31.32 -14.36 6.50
N PRO H 119 31.27 -14.59 5.16
CA PRO H 119 30.30 -15.50 4.55
C PRO H 119 30.37 -16.94 5.04
N ARG H 120 31.54 -17.40 5.45
CA ARG H 120 31.65 -18.79 5.86
C ARG H 120 31.66 -18.91 7.36
N SER H 121 31.37 -17.83 8.09
CA SER H 121 31.55 -17.82 9.54
C SER H 121 30.70 -18.84 10.29
N GLN H 122 29.60 -19.32 9.67
CA GLN H 122 28.70 -20.24 10.35
C GLN H 122 28.73 -21.63 9.71
N GLN H 123 29.64 -21.81 8.74
CA GLN H 123 29.78 -23.06 8.03
C GLN H 123 30.58 -24.07 8.86
N ALA H 124 30.08 -25.29 8.94
CA ALA H 124 30.84 -26.36 9.58
C ALA H 124 32.10 -26.59 8.75
N GLY H 125 33.07 -27.23 9.40
CA GLY H 125 34.34 -27.46 8.74
C GLY H 125 35.30 -28.26 9.61
N HIS H 126 36.29 -28.85 8.95
CA HIS H 126 37.44 -29.37 9.65
C HIS H 126 38.73 -28.88 8.98
N ASP H 127 39.85 -29.25 9.59
CA ASP H 127 41.18 -28.82 9.14
C ASP H 127 41.28 -28.79 7.60
N ILE H 128 40.96 -29.94 6.97
CA ILE H 128 41.12 -30.11 5.54
C ILE H 128 40.41 -28.99 4.80
N ASN H 129 39.27 -28.51 5.33
CA ASN H 129 38.49 -27.48 4.66
C ASN H 129 39.22 -26.14 4.72
N TYR H 130 39.72 -25.79 5.91
CA TYR H 130 40.32 -24.48 6.12
C TYR H 130 41.60 -24.38 5.29
N ILE H 131 42.40 -25.47 5.21
CA ILE H 131 43.65 -25.42 4.45
C ILE H 131 43.38 -25.55 2.95
N SER H 132 42.15 -25.92 2.55
CA SER H 132 41.88 -26.04 1.12
C SER H 132 41.64 -24.65 0.50
N LEU H 133 41.19 -23.71 1.32
CA LEU H 133 40.69 -22.46 0.77
C LEU H 133 41.82 -21.45 0.60
N ASN H 134 42.97 -21.67 1.27
CA ASN H 134 44.02 -20.65 1.31
C ASN H 134 45.29 -21.13 0.58
N GLY H 135 45.18 -22.19 -0.25
CA GLY H 135 46.27 -22.60 -1.13
C GLY H 135 47.16 -23.73 -0.58
N ILE H 136 47.08 -23.98 0.73
CA ILE H 136 47.99 -24.89 1.41
C ILE H 136 47.83 -26.33 0.94
N LEU H 137 46.62 -26.92 1.06
CA LEU H 137 46.37 -28.30 0.69
C LEU H 137 46.78 -28.53 -0.76
N HIS H 138 46.53 -27.55 -1.63
CA HIS H 138 46.85 -27.72 -3.04
C HIS H 138 48.33 -28.03 -3.24
N ALA H 139 49.15 -27.47 -2.37
CA ALA H 139 50.59 -27.55 -2.49
C ALA H 139 51.16 -28.86 -1.94
N ILE H 140 50.34 -29.72 -1.34
CA ILE H 140 50.87 -30.88 -0.64
C ILE H 140 50.60 -32.17 -1.42
N GLY H 141 51.67 -32.94 -1.73
CA GLY H 141 51.59 -34.27 -2.32
C GLY H 141 52.38 -34.38 -3.62
N ARG H 142 52.39 -35.56 -4.24
CA ARG H 142 53.06 -35.75 -5.52
C ARG H 142 52.25 -35.07 -6.64
N GLY H 143 52.94 -34.66 -7.71
CA GLY H 143 52.37 -33.89 -8.80
C GLY H 143 51.35 -34.68 -9.63
N ASP H 144 51.59 -35.98 -9.85
CA ASP H 144 50.64 -36.83 -10.56
C ASP H 144 49.29 -36.75 -9.87
N GLU H 145 49.29 -37.20 -8.61
CA GLU H 145 48.12 -37.52 -7.82
C GLU H 145 47.42 -36.30 -7.22
N ARG H 146 46.34 -36.56 -6.49
CA ARG H 146 45.56 -35.52 -5.85
C ARG H 146 46.16 -35.14 -4.48
N PRO H 147 45.92 -33.90 -3.99
CA PRO H 147 46.56 -33.42 -2.79
C PRO H 147 46.37 -34.36 -1.62
N VAL H 148 47.38 -34.45 -0.78
CA VAL H 148 47.23 -35.26 0.42
C VAL H 148 47.12 -34.36 1.66
N PRO H 149 46.14 -34.63 2.54
CA PRO H 149 46.03 -33.94 3.81
C PRO H 149 47.21 -34.25 4.72
N PRO H 150 47.89 -33.19 5.20
CA PRO H 150 48.98 -33.34 6.16
C PRO H 150 48.46 -33.63 7.56
N LEU H 151 47.69 -34.73 7.65
CA LEU H 151 46.82 -34.98 8.78
C LEU H 151 46.05 -33.69 9.08
N ASN H 152 45.84 -33.41 10.37
CA ASN H 152 45.28 -32.13 10.78
C ASN H 152 46.32 -31.25 11.49
N LEU H 153 47.57 -31.26 11.00
CA LEU H 153 48.66 -30.59 11.71
C LEU H 153 48.64 -29.09 11.43
N VAL H 154 48.24 -28.71 10.20
CA VAL H 154 48.51 -27.37 9.71
C VAL H 154 47.38 -26.41 10.08
N GLY H 155 46.14 -26.90 10.08
CA GLY H 155 44.98 -26.07 10.40
C GLY H 155 44.65 -26.10 11.89
N ASP H 156 44.30 -27.26 12.42
CA ASP H 156 44.04 -27.38 13.84
C ASP H 156 45.19 -26.88 14.72
N PHE H 157 46.42 -27.40 14.53
CA PHE H 157 47.46 -27.12 15.52
C PHE H 157 48.36 -25.99 15.01
N GLY H 158 49.11 -26.23 13.95
CA GLY H 158 50.13 -25.26 13.57
C GLY H 158 49.55 -23.87 13.29
N GLY H 159 48.39 -23.83 12.64
CA GLY H 159 47.76 -22.56 12.25
C GLY H 159 46.53 -22.27 13.10
N GLY H 160 46.37 -23.06 14.17
CA GLY H 160 45.17 -23.05 14.98
C GLY H 160 45.47 -22.79 16.45
N SER H 161 45.56 -23.86 17.24
CA SER H 161 45.93 -23.75 18.64
C SER H 161 47.17 -22.87 18.84
N MET H 162 48.17 -23.00 17.97
CA MET H 162 49.44 -22.35 18.23
C MET H 162 49.30 -20.84 18.08
N PHE H 163 48.46 -20.40 17.15
CA PHE H 163 48.17 -18.97 17.03
C PHE H 163 47.21 -18.48 18.12
N LEU H 164 46.37 -19.37 18.64
CA LEU H 164 45.52 -19.04 19.77
C LEU H 164 46.45 -18.68 20.93
N LEU H 165 47.41 -19.58 21.21
CA LEU H 165 48.37 -19.40 22.28
C LEU H 165 49.19 -18.13 22.12
N VAL H 166 49.68 -17.86 20.92
CA VAL H 166 50.43 -16.64 20.72
C VAL H 166 49.54 -15.44 21.06
N GLY H 167 48.26 -15.49 20.66
CA GLY H 167 47.36 -14.37 20.88
C GLY H 167 47.06 -14.18 22.36
N ILE H 168 46.81 -15.28 23.05
CA ILE H 168 46.63 -15.28 24.48
C ILE H 168 47.83 -14.59 25.13
N LEU H 169 49.03 -15.17 24.96
CA LEU H 169 50.18 -14.76 25.74
C LEU H 169 50.59 -13.36 25.31
N ALA H 170 50.42 -13.02 24.02
CA ALA H 170 50.68 -11.66 23.59
C ALA H 170 49.74 -10.68 24.30
N ALA H 171 48.51 -11.13 24.62
CA ALA H 171 47.50 -10.26 25.20
C ALA H 171 47.71 -10.16 26.71
N LEU H 172 48.24 -11.22 27.32
CA LEU H 172 48.67 -11.23 28.70
C LEU H 172 49.80 -10.24 28.92
N TRP H 173 50.61 -10.00 27.87
CA TRP H 173 51.70 -9.05 27.94
C TRP H 173 51.13 -7.64 27.88
N GLU H 174 50.25 -7.40 26.91
CA GLU H 174 49.68 -6.08 26.77
C GLU H 174 48.82 -5.74 27.99
N ARG H 175 48.34 -6.76 28.70
CA ARG H 175 47.55 -6.56 29.91
C ARG H 175 48.40 -5.95 31.03
N GLN H 176 49.59 -6.51 31.28
CA GLN H 176 50.43 -6.05 32.37
C GLN H 176 50.80 -4.58 32.19
N SER H 177 50.62 -4.01 30.98
CA SER H 177 50.89 -2.60 30.73
C SER H 177 49.65 -1.70 30.88
N SER H 178 48.48 -2.11 30.34
CA SER H 178 47.32 -1.24 30.35
C SER H 178 46.14 -1.83 31.14
N GLY H 179 46.38 -2.88 31.93
CA GLY H 179 45.45 -3.33 32.96
C GLY H 179 44.20 -4.03 32.41
N LYS H 180 44.09 -4.13 31.07
CA LYS H 180 42.84 -4.45 30.38
C LYS H 180 42.93 -5.72 29.52
N GLY H 181 41.88 -6.57 29.61
CA GLY H 181 41.71 -7.74 28.77
C GLY H 181 41.32 -7.38 27.33
N GLN H 182 41.08 -8.40 26.49
CA GLN H 182 40.59 -8.16 25.13
C GLN H 182 40.22 -9.49 24.50
N VAL H 183 39.70 -9.41 23.26
CA VAL H 183 39.26 -10.57 22.48
C VAL H 183 40.34 -10.95 21.45
N VAL H 184 40.73 -12.24 21.51
CA VAL H 184 41.58 -12.90 20.54
C VAL H 184 40.70 -13.78 19.66
N ASP H 185 40.58 -13.34 18.41
CA ASP H 185 40.00 -14.07 17.30
C ASP H 185 41.10 -14.86 16.54
N ALA H 186 41.26 -16.15 16.86
CA ALA H 186 42.18 -17.03 16.16
C ALA H 186 41.44 -17.84 15.10
N ALA H 187 41.69 -17.54 13.83
CA ALA H 187 41.05 -18.27 12.74
C ALA H 187 42.06 -19.16 12.03
N MET H 188 41.76 -20.46 11.94
CA MET H 188 42.64 -21.43 11.31
C MET H 188 42.99 -21.03 9.87
N VAL H 189 42.08 -20.38 9.16
CA VAL H 189 42.38 -20.03 7.78
C VAL H 189 43.41 -18.90 7.77
N ASP H 190 43.55 -18.15 8.88
CA ASP H 190 44.49 -17.04 8.93
C ASP H 190 45.83 -17.53 9.47
N GLY H 191 45.77 -18.18 10.63
CA GLY H 191 46.93 -18.80 11.23
C GLY H 191 47.71 -19.63 10.22
N SER H 192 46.99 -20.46 9.46
CA SER H 192 47.68 -21.41 8.60
C SER H 192 48.29 -20.62 7.45
N SER H 193 47.71 -19.45 7.08
CA SER H 193 48.28 -18.63 6.02
C SER H 193 49.56 -17.94 6.48
N VAL H 194 49.68 -17.59 7.77
CA VAL H 194 50.91 -16.97 8.21
C VAL H 194 51.98 -18.04 8.33
N LEU H 195 51.53 -19.25 8.68
CA LEU H 195 52.41 -20.39 8.84
C LEU H 195 53.16 -20.64 7.54
N ILE H 196 52.52 -20.34 6.41
CA ILE H 196 53.02 -20.72 5.09
C ILE H 196 53.52 -19.46 4.40
N GLN H 197 53.78 -18.43 5.20
CA GLN H 197 54.23 -17.16 4.65
C GLN H 197 55.51 -17.31 3.81
N MET H 198 56.38 -18.26 4.17
CA MET H 198 57.56 -18.51 3.36
C MET H 198 57.21 -18.75 1.88
N MET H 199 56.18 -19.58 1.63
CA MET H 199 55.80 -19.90 0.27
C MET H 199 55.23 -18.67 -0.42
N TRP H 200 54.42 -17.88 0.31
CA TRP H 200 53.86 -16.68 -0.30
C TRP H 200 55.02 -15.74 -0.67
N ALA H 201 56.05 -15.68 0.17
CA ALA H 201 57.22 -14.85 -0.12
C ALA H 201 57.97 -15.36 -1.35
N MET H 202 58.33 -16.65 -1.32
CA MET H 202 59.07 -17.29 -2.40
C MET H 202 58.32 -17.16 -3.73
N ARG H 203 57.00 -17.23 -3.70
CA ARG H 203 56.17 -17.11 -4.90
C ARG H 203 56.35 -15.74 -5.56
N ALA H 204 56.47 -14.70 -4.72
CA ALA H 204 56.61 -13.31 -5.14
C ALA H 204 57.90 -13.09 -5.92
N THR H 205 58.99 -13.76 -5.51
CA THR H 205 60.29 -13.66 -6.17
C THR H 205 60.47 -14.76 -7.24
N GLY H 206 59.40 -15.43 -7.68
CA GLY H 206 59.54 -16.51 -8.66
C GLY H 206 60.31 -17.76 -8.17
N MET H 207 60.47 -17.93 -6.85
CA MET H 207 61.15 -19.09 -6.28
C MET H 207 60.18 -20.20 -5.85
N TRP H 208 58.88 -20.08 -6.18
CA TRP H 208 57.91 -21.12 -5.86
C TRP H 208 56.78 -21.09 -6.86
N THR H 209 56.39 -22.24 -7.42
CA THR H 209 55.29 -22.25 -8.38
C THR H 209 54.12 -23.07 -7.81
N ASP H 210 52.94 -22.83 -8.40
CA ASP H 210 51.69 -23.47 -7.98
C ASP H 210 51.58 -24.90 -8.51
N THR H 211 52.60 -25.39 -9.21
CA THR H 211 52.61 -26.80 -9.58
C THR H 211 53.01 -27.64 -8.37
N ARG H 212 52.20 -28.65 -8.06
CA ARG H 212 52.47 -29.58 -6.97
C ARG H 212 53.60 -30.53 -7.39
N GLY H 213 54.52 -30.81 -6.46
CA GLY H 213 55.57 -31.78 -6.70
C GLY H 213 56.75 -31.22 -7.49
N ALA H 214 56.92 -29.89 -7.55
CA ALA H 214 57.90 -29.30 -8.46
C ALA H 214 58.67 -28.12 -7.84
N ASN H 215 58.88 -28.14 -6.53
CA ASN H 215 59.51 -27.04 -5.84
C ASN H 215 60.57 -27.59 -4.88
N MET H 216 61.33 -26.69 -4.26
CA MET H 216 62.46 -27.10 -3.46
C MET H 216 62.01 -27.92 -2.25
N LEU H 217 60.83 -27.60 -1.67
CA LEU H 217 60.50 -28.13 -0.36
C LEU H 217 59.24 -28.99 -0.33
N ASP H 218 58.74 -29.45 -1.47
CA ASP H 218 57.47 -30.18 -1.54
C ASP H 218 57.66 -31.63 -1.96
N GLY H 219 58.91 -32.04 -2.22
CA GLY H 219 59.25 -33.41 -2.61
C GLY H 219 59.78 -33.49 -4.05
N GLY H 220 59.61 -32.42 -4.82
CA GLY H 220 60.11 -32.39 -6.19
C GLY H 220 61.64 -32.31 -6.33
N ALA H 221 62.36 -31.72 -5.36
CA ALA H 221 63.80 -31.72 -5.36
C ALA H 221 64.31 -33.09 -4.93
N PRO H 222 65.22 -33.75 -5.69
CA PRO H 222 65.82 -35.00 -5.29
C PRO H 222 66.63 -34.98 -4.00
N TYR H 223 67.08 -33.79 -3.57
CA TYR H 223 67.81 -33.68 -2.31
C TYR H 223 66.97 -33.24 -1.10
N TYR H 224 65.65 -33.20 -1.29
CA TYR H 224 64.69 -32.84 -0.27
C TYR H 224 63.46 -33.74 -0.45
N ASP H 225 63.59 -35.01 -0.09
CA ASP H 225 62.56 -35.99 -0.34
C ASP H 225 62.89 -37.23 0.48
N THR H 226 61.98 -38.22 0.45
CA THR H 226 62.29 -39.52 1.02
C THR H 226 62.69 -40.47 -0.11
N TYR H 227 63.39 -41.55 0.28
CA TYR H 227 63.87 -42.58 -0.61
C TYR H 227 63.55 -43.89 0.08
N GLU H 228 63.16 -44.87 -0.72
CA GLU H 228 62.98 -46.21 -0.21
C GLU H 228 64.32 -46.96 -0.22
N CYS H 229 64.55 -47.77 0.82
CA CYS H 229 65.76 -48.57 0.99
C CYS H 229 65.50 -50.06 0.69
N ALA H 230 66.55 -50.87 0.81
CA ALA H 230 66.48 -52.28 0.42
C ALA H 230 65.40 -53.05 1.22
N ASP H 231 65.11 -52.58 2.44
CA ASP H 231 64.19 -53.27 3.35
C ASP H 231 62.78 -52.69 3.29
N GLY H 232 62.48 -51.80 2.31
CA GLY H 232 61.14 -51.25 2.16
C GLY H 232 60.84 -50.14 3.18
N ARG H 233 61.82 -49.78 4.03
CA ARG H 233 61.70 -48.64 4.92
C ARG H 233 62.39 -47.45 4.28
N TYR H 234 62.36 -46.27 4.91
CA TYR H 234 62.59 -45.02 4.24
C TYR H 234 63.62 -44.21 5.00
N VAL H 235 64.31 -43.36 4.25
CA VAL H 235 65.15 -42.32 4.82
C VAL H 235 64.65 -41.03 4.24
N ALA H 236 64.93 -39.96 4.98
CA ALA H 236 64.70 -38.61 4.53
C ALA H 236 66.05 -37.94 4.20
N VAL H 237 66.04 -37.25 3.06
CA VAL H 237 67.13 -36.43 2.59
C VAL H 237 66.69 -34.98 2.60
N GLY H 238 67.50 -34.13 3.25
CA GLY H 238 67.30 -32.70 3.25
C GLY H 238 68.58 -31.92 3.00
N ALA H 239 69.48 -32.46 2.17
CA ALA H 239 70.76 -31.84 1.85
C ALA H 239 70.63 -30.70 0.85
N ILE H 240 70.09 -29.56 1.32
CA ILE H 240 69.89 -28.42 0.46
C ILE H 240 71.20 -27.66 0.16
N GLU H 241 71.99 -27.40 1.19
CA GLU H 241 73.24 -26.65 0.97
C GLU H 241 74.25 -27.55 0.26
N PRO H 242 75.00 -27.00 -0.72
CA PRO H 242 75.93 -27.78 -1.53
C PRO H 242 76.91 -28.66 -0.74
N GLN H 243 77.36 -28.13 0.38
CA GLN H 243 78.37 -28.82 1.16
C GLN H 243 77.71 -30.05 1.80
N PHE H 244 76.43 -29.95 2.17
CA PHE H 244 75.76 -31.09 2.78
C PHE H 244 75.46 -32.10 1.68
N TYR H 245 75.08 -31.59 0.50
CA TYR H 245 74.79 -32.43 -0.65
C TYR H 245 76.05 -33.25 -1.00
N ALA H 246 77.20 -32.57 -1.10
CA ALA H 246 78.46 -33.19 -1.45
C ALA H 246 78.77 -34.29 -0.45
N ALA H 247 78.56 -33.99 0.83
CA ALA H 247 78.79 -34.95 1.90
C ALA H 247 77.93 -36.19 1.67
N MET H 248 76.66 -35.99 1.31
CA MET H 248 75.77 -37.13 1.07
C MET H 248 76.25 -37.98 -0.11
N LEU H 249 76.73 -37.33 -1.19
CA LEU H 249 77.13 -38.04 -2.40
C LEU H 249 78.29 -38.98 -2.11
N ALA H 250 79.24 -38.48 -1.31
CA ALA H 250 80.41 -39.25 -0.93
C ALA H 250 80.04 -40.47 -0.07
N GLY H 251 79.00 -40.37 0.78
CA GLY H 251 78.58 -41.48 1.61
C GLY H 251 77.76 -42.52 0.83
N LEU H 252 77.22 -42.09 -0.33
CA LEU H 252 76.46 -42.97 -1.20
C LEU H 252 77.37 -43.68 -2.21
N GLY H 253 78.64 -43.29 -2.25
CA GLY H 253 79.60 -43.84 -3.19
C GLY H 253 79.44 -43.18 -4.54
N LEU H 254 78.76 -42.03 -4.62
CA LEU H 254 78.49 -41.42 -5.91
C LEU H 254 79.49 -40.31 -6.14
N ASP H 255 79.90 -40.23 -7.38
CA ASP H 255 81.00 -39.39 -7.77
C ASP H 255 80.38 -38.25 -8.55
N ALA H 256 80.69 -37.01 -8.13
CA ALA H 256 79.97 -35.82 -8.53
C ALA H 256 80.05 -35.53 -10.03
N ALA H 257 81.21 -35.80 -10.67
CA ALA H 257 81.38 -35.47 -12.08
C ALA H 257 80.60 -36.46 -12.96
N GLU H 258 80.03 -37.53 -12.39
CA GLU H 258 79.19 -38.47 -13.11
C GLU H 258 77.70 -38.09 -13.07
N LEU H 259 77.32 -37.05 -12.30
CA LEU H 259 75.92 -36.79 -11.93
C LEU H 259 75.46 -35.48 -12.58
N PRO H 260 74.17 -35.29 -12.83
CA PRO H 260 73.68 -33.95 -13.14
C PRO H 260 73.98 -32.96 -12.02
N PRO H 261 74.10 -31.65 -12.30
CA PRO H 261 74.19 -30.68 -11.21
C PRO H 261 72.98 -30.75 -10.28
N GLN H 262 73.22 -30.34 -9.02
CA GLN H 262 72.25 -30.47 -7.94
C GLN H 262 71.00 -29.67 -8.27
N ASN H 263 71.17 -28.49 -8.88
CA ASN H 263 70.07 -27.56 -9.10
C ASN H 263 69.75 -27.38 -10.59
N ASP H 264 70.12 -28.34 -11.45
CA ASP H 264 69.55 -28.40 -12.79
C ASP H 264 68.22 -29.17 -12.74
N ARG H 265 67.11 -28.42 -12.60
CA ARG H 265 65.74 -28.93 -12.52
C ARG H 265 65.37 -29.78 -13.74
N ALA H 266 65.90 -29.46 -14.91
CA ALA H 266 65.51 -30.21 -16.10
C ALA H 266 65.97 -31.67 -15.96
N ARG H 267 67.05 -31.91 -15.22
CA ARG H 267 67.62 -33.24 -15.07
C ARG H 267 67.37 -33.86 -13.69
N TRP H 268 66.44 -33.28 -12.95
CA TRP H 268 66.15 -33.79 -11.63
C TRP H 268 65.65 -35.23 -11.70
N PRO H 269 64.86 -35.65 -12.72
CA PRO H 269 64.45 -37.05 -12.79
C PRO H 269 65.63 -38.01 -12.93
N GLU H 270 66.65 -37.56 -13.65
CA GLU H 270 67.86 -38.34 -13.81
C GLU H 270 68.61 -38.46 -12.48
N LEU H 271 68.84 -37.32 -11.80
CA LEU H 271 69.42 -37.31 -10.47
C LEU H 271 68.66 -38.22 -9.52
N ARG H 272 67.33 -38.07 -9.50
CA ARG H 272 66.50 -38.86 -8.60
C ARG H 272 66.66 -40.35 -8.92
N ALA H 273 66.71 -40.70 -10.19
CA ALA H 273 66.87 -42.10 -10.57
C ALA H 273 68.16 -42.69 -10.01
N LEU H 274 69.26 -41.93 -10.10
CA LEU H 274 70.56 -42.31 -9.56
C LEU H 274 70.58 -42.42 -8.03
N LEU H 275 70.01 -41.43 -7.31
CA LEU H 275 69.95 -41.49 -5.85
C LEU H 275 69.09 -42.67 -5.40
N THR H 276 68.06 -43.00 -6.20
CA THR H 276 67.10 -44.03 -5.89
C THR H 276 67.82 -45.37 -5.91
N GLU H 277 68.55 -45.64 -6.98
CA GLU H 277 69.37 -46.84 -7.07
C GLU H 277 70.32 -46.95 -5.88
N ALA H 278 70.96 -45.85 -5.45
CA ALA H 278 71.95 -45.91 -4.39
C ALA H 278 71.29 -46.27 -3.05
N PHE H 279 70.28 -45.51 -2.64
CA PHE H 279 69.63 -45.76 -1.36
C PHE H 279 68.98 -47.15 -1.35
N ALA H 280 68.54 -47.63 -2.54
CA ALA H 280 67.92 -48.93 -2.65
C ALA H 280 68.91 -50.06 -2.37
N SER H 281 70.22 -49.81 -2.40
CA SER H 281 71.19 -50.92 -2.36
C SER H 281 71.49 -51.34 -0.92
N HIS H 282 70.99 -50.59 0.07
CA HIS H 282 71.12 -50.96 1.47
C HIS H 282 69.86 -50.60 2.25
N ASP H 283 69.76 -51.12 3.47
CA ASP H 283 68.59 -50.96 4.30
C ASP H 283 68.68 -49.65 5.08
N ARG H 284 67.56 -49.25 5.66
CA ARG H 284 67.43 -47.94 6.26
C ARG H 284 68.45 -47.75 7.39
N ASP H 285 68.59 -48.77 8.25
CA ASP H 285 69.46 -48.70 9.43
C ASP H 285 70.93 -48.56 9.00
N HIS H 286 71.31 -49.15 7.86
CA HIS H 286 72.64 -48.94 7.32
C HIS H 286 72.87 -47.46 7.09
N TRP H 287 71.95 -46.79 6.36
CA TRP H 287 72.16 -45.38 6.02
C TRP H 287 72.14 -44.52 7.28
N GLY H 288 71.31 -44.90 8.25
CA GLY H 288 71.22 -44.18 9.51
C GLY H 288 72.57 -44.13 10.22
N ALA H 289 73.28 -45.27 10.19
CA ALA H 289 74.56 -45.44 10.87
C ALA H 289 75.70 -44.80 10.06
N VAL H 290 75.72 -45.05 8.75
CA VAL H 290 76.68 -44.43 7.84
C VAL H 290 76.67 -42.90 7.94
N PHE H 291 75.48 -42.29 8.11
CA PHE H 291 75.38 -40.84 8.11
C PHE H 291 75.26 -40.27 9.52
N ALA H 292 75.37 -41.10 10.57
CA ALA H 292 75.45 -40.56 11.93
C ALA H 292 76.68 -39.65 12.06
N ASN H 293 76.46 -38.45 12.62
CA ASN H 293 77.47 -37.48 12.99
C ASN H 293 77.89 -36.69 11.78
N SER H 294 77.09 -36.79 10.72
CA SER H 294 77.43 -36.24 9.44
C SER H 294 76.48 -35.09 9.17
N ASP H 295 76.93 -34.15 8.34
CA ASP H 295 76.09 -33.09 7.81
C ASP H 295 75.43 -33.49 6.48
N ALA H 296 75.33 -34.78 6.19
CA ALA H 296 74.69 -35.20 4.95
C ALA H 296 73.17 -34.96 4.92
N CYS H 297 72.54 -34.65 6.06
CA CYS H 297 71.09 -34.45 6.16
C CYS H 297 70.33 -35.70 5.68
N VAL H 298 70.73 -36.87 6.14
CA VAL H 298 69.99 -38.08 5.88
C VAL H 298 69.64 -38.69 7.23
N THR H 299 68.35 -38.97 7.46
CA THR H 299 67.89 -39.52 8.73
C THR H 299 66.92 -40.65 8.42
N PRO H 300 66.83 -41.66 9.33
CA PRO H 300 65.84 -42.71 9.17
C PRO H 300 64.42 -42.18 9.37
N VAL H 301 63.48 -42.74 8.62
CA VAL H 301 62.08 -42.34 8.77
C VAL H 301 61.45 -43.35 9.71
N LEU H 302 61.29 -42.96 10.97
CA LEU H 302 60.76 -43.84 11.98
C LEU H 302 59.24 -43.71 12.05
N ALA H 303 58.57 -44.87 12.12
CA ALA H 303 57.18 -44.97 12.49
C ALA H 303 57.04 -44.65 13.99
N PHE H 304 55.86 -44.18 14.41
CA PHE H 304 55.60 -43.80 15.79
C PHE H 304 56.07 -44.88 16.78
N GLY H 305 55.82 -46.16 16.43
CA GLY H 305 56.09 -47.28 17.31
C GLY H 305 57.57 -47.61 17.47
N GLU H 306 58.45 -46.91 16.74
CA GLU H 306 59.90 -47.10 16.84
C GLU H 306 60.53 -45.91 17.55
N VAL H 307 59.80 -44.83 17.73
CA VAL H 307 60.40 -43.57 18.16
C VAL H 307 61.05 -43.74 19.53
N HIS H 308 60.42 -44.55 20.40
CA HIS H 308 60.85 -44.68 21.79
C HIS H 308 62.24 -45.32 21.88
N ASN H 309 62.67 -46.09 20.85
CA ASN H 309 64.01 -46.69 20.81
C ASN H 309 65.07 -45.84 20.10
N GLU H 310 64.86 -44.52 19.95
CA GLU H 310 65.77 -43.68 19.17
C GLU H 310 66.67 -42.91 20.13
N PRO H 311 68.00 -43.20 20.11
CA PRO H 311 68.92 -42.64 21.11
C PRO H 311 68.67 -41.16 21.41
N HIS H 312 68.58 -40.34 20.36
CA HIS H 312 68.49 -38.91 20.53
C HIS H 312 67.15 -38.51 21.18
N ILE H 313 66.13 -39.36 20.97
CA ILE H 313 64.79 -39.17 21.50
C ILE H 313 64.84 -39.47 22.98
N ILE H 314 65.42 -40.64 23.31
CA ILE H 314 65.59 -41.13 24.68
C ILE H 314 66.35 -40.11 25.54
N GLU H 315 67.48 -39.64 25.06
CA GLU H 315 68.38 -38.89 25.91
C GLU H 315 67.83 -37.52 26.27
N ARG H 316 67.09 -36.86 25.38
CA ARG H 316 66.52 -35.57 25.72
C ARG H 316 65.11 -35.68 26.37
N ASN H 317 64.62 -36.92 26.56
CA ASN H 317 63.31 -37.20 27.14
C ASN H 317 62.25 -36.36 26.43
N THR H 318 62.16 -36.54 25.11
CA THR H 318 61.14 -35.89 24.33
C THR H 318 59.79 -36.52 24.69
N PHE H 319 59.79 -37.79 25.08
CA PHE H 319 58.57 -38.52 25.42
C PHE H 319 58.64 -39.01 26.88
N TYR H 320 57.46 -39.27 27.48
CA TYR H 320 57.33 -39.91 28.78
C TYR H 320 56.31 -41.04 28.63
N GLU H 321 56.28 -41.96 29.60
CA GLU H 321 55.43 -43.13 29.48
C GLU H 321 54.32 -43.04 30.53
N ALA H 322 53.20 -42.41 30.16
CA ALA H 322 51.95 -42.54 30.89
C ALA H 322 51.11 -43.62 30.21
N ASN H 323 49.80 -43.62 30.48
CA ASN H 323 48.82 -44.27 29.60
C ASN H 323 49.13 -45.75 29.48
N GLY H 324 48.72 -46.32 28.34
CA GLY H 324 49.41 -47.44 27.69
C GLY H 324 50.06 -46.97 26.38
N GLY H 325 51.14 -46.19 26.52
CA GLY H 325 51.92 -45.73 25.38
C GLY H 325 52.46 -44.32 25.61
N TRP H 326 53.40 -43.95 24.75
CA TRP H 326 54.24 -42.78 24.91
C TRP H 326 53.49 -41.50 24.58
N GLN H 327 53.95 -40.39 25.19
CA GLN H 327 53.37 -39.07 25.00
C GLN H 327 54.48 -38.01 25.01
N PRO H 328 54.37 -36.97 24.17
CA PRO H 328 55.36 -35.90 24.19
C PRO H 328 55.33 -35.12 25.48
N MET H 329 56.52 -34.88 25.99
CA MET H 329 56.73 -33.99 27.12
C MET H 329 56.46 -32.57 26.68
N PRO H 330 56.16 -31.67 27.63
CA PRO H 330 55.96 -30.27 27.32
C PRO H 330 57.06 -29.73 26.42
N ALA H 331 56.72 -28.72 25.63
CA ALA H 331 57.67 -27.97 24.85
C ALA H 331 57.12 -26.56 24.78
N PRO H 332 57.96 -25.53 24.60
CA PRO H 332 59.41 -25.68 24.68
C PRO H 332 59.91 -25.89 26.11
N ARG H 333 61.24 -25.84 26.29
CA ARG H 333 61.87 -26.06 27.59
C ARG H 333 62.50 -24.77 28.11
N PHE H 334 62.49 -24.62 29.45
CA PHE H 334 62.90 -23.39 30.13
C PHE H 334 64.05 -23.67 31.10
N SER H 335 65.04 -22.76 31.16
CA SER H 335 66.22 -22.96 32.00
C SER H 335 65.86 -22.98 33.49
N ARG H 336 65.18 -21.93 33.98
CA ARG H 336 64.84 -21.80 35.39
C ARG H 336 63.54 -22.52 35.79
N THR H 337 62.41 -22.06 35.21
CA THR H 337 61.07 -22.48 35.62
C THR H 337 60.61 -23.68 34.79
N ALA H 338 61.22 -24.84 35.04
CA ALA H 338 61.08 -25.98 34.14
C ALA H 338 59.68 -26.55 34.33
N SER H 339 59.13 -27.10 33.23
CA SER H 339 57.87 -27.80 33.29
C SER H 339 58.11 -29.14 33.96
N SER H 340 57.03 -29.89 34.17
CA SER H 340 57.08 -31.18 34.83
C SER H 340 56.29 -32.19 34.03
N GLN H 341 56.41 -33.46 34.42
CA GLN H 341 55.64 -34.53 33.83
C GLN H 341 54.18 -34.11 33.87
N PRO H 342 53.43 -34.14 32.74
CA PRO H 342 52.03 -33.79 32.77
C PRO H 342 51.24 -34.68 33.74
N ARG H 343 50.31 -34.04 34.45
CA ARG H 343 49.38 -34.72 35.36
C ARG H 343 48.29 -35.34 34.51
N PRO H 344 47.99 -36.66 34.65
CA PRO H 344 46.98 -37.31 33.82
C PRO H 344 45.56 -36.76 34.00
N PRO H 345 44.56 -37.31 33.25
CA PRO H 345 43.18 -36.81 33.33
C PRO H 345 42.59 -36.89 34.74
N ALA H 346 42.18 -35.73 35.29
CA ALA H 346 41.82 -35.57 36.69
C ALA H 346 40.30 -35.62 36.89
N ALA H 347 39.81 -36.80 37.32
CA ALA H 347 38.39 -37.16 37.42
C ALA H 347 37.52 -36.02 37.96
N THR H 348 36.21 -36.11 37.66
CA THR H 348 35.30 -34.96 37.63
C THR H 348 35.18 -34.30 39.01
N ILE H 349 36.12 -33.41 39.35
CA ILE H 349 36.02 -32.70 40.61
C ILE H 349 34.87 -31.70 40.49
N ASP H 350 34.17 -31.48 41.61
CA ASP H 350 32.94 -30.69 41.62
C ASP H 350 33.32 -29.19 41.63
N ILE H 351 32.52 -28.39 40.92
CA ILE H 351 32.88 -27.02 40.55
C ILE H 351 32.94 -26.08 41.76
N GLU H 352 32.48 -26.58 42.91
CA GLU H 352 32.44 -25.82 44.15
C GLU H 352 33.81 -25.80 44.80
N ALA H 353 34.43 -27.00 44.87
CA ALA H 353 35.77 -27.21 45.40
C ALA H 353 36.78 -26.29 44.71
N VAL H 354 36.53 -26.02 43.41
CA VAL H 354 37.36 -25.13 42.61
C VAL H 354 37.15 -23.70 43.07
N LEU H 355 35.88 -23.35 43.31
CA LEU H 355 35.53 -21.99 43.69
C LEU H 355 35.89 -21.71 45.16
N THR H 356 35.93 -22.77 46.00
CA THR H 356 36.61 -22.72 47.29
C THR H 356 38.05 -22.25 47.06
N ASP H 357 38.82 -23.09 46.33
CA ASP H 357 40.25 -22.96 46.12
C ASP H 357 40.61 -21.61 45.47
N TRP H 358 39.85 -21.17 44.45
CA TRP H 358 40.01 -19.82 43.95
C TRP H 358 39.17 -18.87 44.82
N ASP H 359 39.53 -18.76 46.10
CA ASP H 359 38.78 -17.95 47.05
C ASP H 359 37.28 -18.24 46.88
N MET I 1 -44.12 22.57 -49.69
CA MET I 1 -42.68 22.41 -50.05
C MET I 1 -42.54 21.45 -51.24
N ALA I 2 -41.99 21.98 -52.36
CA ALA I 2 -41.85 21.27 -53.62
C ALA I 2 -40.72 20.25 -53.55
N GLY I 3 -40.97 19.05 -54.08
CA GLY I 3 -39.90 18.10 -54.29
C GLY I 3 -40.33 16.73 -53.79
N PRO I 4 -39.59 15.67 -54.14
CA PRO I 4 -39.96 14.32 -53.71
C PRO I 4 -39.82 14.08 -52.21
N LEU I 5 -39.11 14.98 -51.51
CA LEU I 5 -38.88 14.77 -50.09
C LEU I 5 -39.72 15.73 -49.24
N SER I 6 -40.84 16.24 -49.78
CA SER I 6 -41.81 16.97 -48.96
C SER I 6 -42.18 16.14 -47.74
N GLY I 7 -42.23 16.80 -46.57
CA GLY I 7 -42.67 16.18 -45.33
C GLY I 7 -41.55 15.51 -44.52
N LEU I 8 -40.43 15.14 -45.15
CA LEU I 8 -39.27 14.63 -44.42
C LEU I 8 -38.70 15.75 -43.55
N ARG I 9 -38.37 15.41 -42.30
CA ARG I 9 -37.87 16.37 -41.32
C ARG I 9 -36.42 16.07 -40.94
N VAL I 10 -35.61 17.12 -41.04
CA VAL I 10 -34.18 16.95 -40.87
C VAL I 10 -33.68 17.97 -39.84
N VAL I 11 -32.94 17.44 -38.85
CA VAL I 11 -32.18 18.33 -37.97
C VAL I 11 -30.70 18.26 -38.35
N GLU I 12 -30.11 19.43 -38.54
CA GLU I 12 -28.69 19.54 -38.88
C GLU I 12 -27.93 20.27 -37.77
N LEU I 13 -26.97 19.55 -37.15
CA LEU I 13 -26.09 20.18 -36.19
C LEU I 13 -24.97 20.91 -36.96
N ALA I 14 -25.06 22.24 -37.00
CA ALA I 14 -24.16 23.05 -37.84
C ALA I 14 -22.70 22.60 -37.76
N GLY I 15 -22.13 22.36 -38.96
CA GLY I 15 -20.77 21.93 -39.18
C GLY I 15 -20.23 22.53 -40.48
N ILE I 16 -19.18 21.92 -41.05
CA ILE I 16 -18.60 22.46 -42.29
C ILE I 16 -18.43 21.33 -43.30
N GLY I 17 -18.68 21.66 -44.58
CA GLY I 17 -18.31 20.78 -45.69
C GLY I 17 -19.38 19.73 -45.99
N PRO I 18 -19.09 18.43 -45.85
CA PRO I 18 -20.05 17.42 -46.25
C PRO I 18 -21.41 17.48 -45.57
N GLY I 19 -21.44 17.76 -44.27
CA GLY I 19 -22.69 17.73 -43.53
C GLY I 19 -23.66 18.77 -44.07
N PRO I 20 -23.24 20.05 -44.19
CA PRO I 20 -24.13 21.04 -44.76
C PRO I 20 -24.45 20.85 -46.25
N HIS I 21 -23.57 20.18 -47.00
CA HIS I 21 -23.85 19.98 -48.43
C HIS I 21 -24.98 18.96 -48.55
N ALA I 22 -24.96 17.93 -47.71
CA ALA I 22 -26.02 16.91 -47.65
C ALA I 22 -27.34 17.53 -47.21
N ALA I 23 -27.28 18.40 -46.21
CA ALA I 23 -28.47 19.04 -45.69
C ALA I 23 -29.12 19.87 -46.79
N MET I 24 -28.25 20.57 -47.53
CA MET I 24 -28.65 21.42 -48.64
C MET I 24 -29.42 20.63 -49.69
N ILE I 25 -28.94 19.43 -50.04
CA ILE I 25 -29.51 18.67 -51.13
C ILE I 25 -30.87 18.12 -50.67
N LEU I 26 -30.93 17.64 -49.42
CA LEU I 26 -32.19 17.24 -48.85
C LEU I 26 -33.17 18.39 -48.93
N GLY I 27 -32.76 19.59 -48.54
CA GLY I 27 -33.67 20.74 -48.59
C GLY I 27 -34.04 21.09 -50.03
N ASP I 28 -33.04 20.97 -50.93
CA ASP I 28 -33.23 21.21 -52.35
C ASP I 28 -34.40 20.39 -52.88
N LEU I 29 -34.48 19.12 -52.48
CA LEU I 29 -35.50 18.18 -52.94
C LEU I 29 -36.76 18.20 -52.06
N GLY I 30 -36.92 19.23 -51.20
CA GLY I 30 -38.17 19.53 -50.50
C GLY I 30 -38.25 19.08 -49.02
N ALA I 31 -37.20 18.44 -48.49
CA ALA I 31 -37.12 18.20 -47.05
C ALA I 31 -37.18 19.49 -46.22
N ASP I 32 -37.71 19.34 -44.98
CA ASP I 32 -37.82 20.42 -44.01
C ASP I 32 -36.59 20.36 -43.09
N VAL I 33 -35.63 21.26 -43.34
CA VAL I 33 -34.30 21.12 -42.77
C VAL I 33 -34.12 22.21 -41.73
N VAL I 34 -33.86 21.78 -40.48
CA VAL I 34 -33.63 22.71 -39.38
C VAL I 34 -32.19 22.56 -38.90
N ARG I 35 -31.45 23.66 -39.05
CA ARG I 35 -30.03 23.69 -38.73
C ARG I 35 -29.80 24.40 -37.39
N ILE I 36 -29.27 23.66 -36.41
CA ILE I 36 -28.93 24.25 -35.11
C ILE I 36 -27.47 24.70 -35.14
N ASP I 37 -27.25 26.01 -35.01
CA ASP I 37 -25.91 26.54 -34.82
C ASP I 37 -25.75 27.20 -33.44
N ARG I 38 -24.49 27.40 -33.02
CA ARG I 38 -24.15 28.14 -31.81
C ARG I 38 -24.61 29.60 -31.89
N PRO I 39 -25.03 30.27 -30.78
CA PRO I 39 -25.26 31.71 -30.81
C PRO I 39 -23.99 32.51 -31.12
N SER I 40 -22.85 31.99 -30.64
CA SER I 40 -21.54 32.64 -30.81
C SER I 40 -21.24 32.90 -32.28
N SER I 41 -21.26 31.86 -33.13
CA SER I 41 -20.92 32.00 -34.54
C SER I 41 -22.17 32.12 -35.42
N VAL I 42 -23.01 33.13 -35.16
CA VAL I 42 -24.21 33.45 -35.94
C VAL I 42 -24.49 34.95 -35.79
N ASP I 43 -24.57 35.68 -36.91
CA ASP I 43 -24.72 37.12 -36.86
C ASP I 43 -25.46 37.59 -38.11
N GLY I 44 -26.80 37.72 -38.01
CA GLY I 44 -27.61 38.19 -39.12
C GLY I 44 -27.75 37.12 -40.21
N ILE I 45 -28.18 37.54 -41.42
CA ILE I 45 -28.48 36.63 -42.51
C ILE I 45 -27.16 36.08 -43.07
N SER I 46 -27.07 34.76 -43.27
CA SER I 46 -25.82 34.13 -43.66
C SER I 46 -25.48 34.42 -45.13
N ARG I 47 -24.17 34.58 -45.42
CA ARG I 47 -23.71 34.93 -46.76
C ARG I 47 -23.50 33.69 -47.64
N ASP I 48 -23.52 32.49 -47.03
CA ASP I 48 -23.12 31.25 -47.67
C ASP I 48 -24.31 30.62 -48.41
N ALA I 49 -24.30 30.70 -49.74
CA ALA I 49 -25.37 30.09 -50.51
C ALA I 49 -25.50 28.59 -50.24
N MET I 50 -24.54 27.94 -49.55
CA MET I 50 -24.69 26.53 -49.23
C MET I 50 -25.76 26.31 -48.14
N LEU I 51 -26.15 27.38 -47.43
CA LEU I 51 -27.15 27.30 -46.38
C LEU I 51 -28.52 27.76 -46.90
N ARG I 52 -28.81 27.48 -48.18
CA ARG I 52 -30.11 27.63 -48.78
C ARG I 52 -31.04 26.51 -48.31
N ASN I 53 -32.36 26.74 -48.44
CA ASN I 53 -33.37 25.72 -48.14
C ASN I 53 -33.23 25.23 -46.70
N ARG I 54 -33.14 26.20 -45.80
CA ARG I 54 -32.81 25.98 -44.41
C ARG I 54 -33.73 26.81 -43.52
N ARG I 55 -34.06 26.29 -42.33
CA ARG I 55 -34.41 27.16 -41.21
C ARG I 55 -33.29 27.10 -40.16
N ILE I 56 -32.72 28.29 -39.85
CA ILE I 56 -31.58 28.38 -38.93
C ILE I 56 -32.13 28.69 -37.54
N VAL I 57 -31.75 27.85 -36.57
CA VAL I 57 -31.96 28.15 -35.16
C VAL I 57 -30.63 28.15 -34.40
N THR I 58 -30.63 28.85 -33.24
CA THR I 58 -29.48 29.13 -32.39
C THR I 58 -29.69 28.42 -31.05
N ALA I 59 -28.66 27.71 -30.59
CA ALA I 59 -28.75 27.00 -29.32
C ALA I 59 -27.37 26.58 -28.85
N ASP I 60 -27.17 26.74 -27.55
CA ASP I 60 -25.93 26.35 -26.88
C ASP I 60 -26.18 24.98 -26.26
N LEU I 61 -25.62 23.95 -26.88
CA LEU I 61 -25.96 22.56 -26.55
C LEU I 61 -25.21 22.12 -25.30
N LYS I 62 -24.36 23.01 -24.79
CA LYS I 62 -23.61 22.74 -23.58
C LYS I 62 -24.49 23.00 -22.36
N SER I 63 -25.46 23.93 -22.49
CA SER I 63 -26.43 24.26 -21.46
C SER I 63 -27.47 23.14 -21.28
N ASP I 64 -28.37 23.30 -20.30
CA ASP I 64 -29.43 22.34 -20.06
C ASP I 64 -30.66 22.71 -20.90
N GLN I 65 -30.89 24.02 -21.05
CA GLN I 65 -31.99 24.50 -21.86
C GLN I 65 -31.66 24.29 -23.34
N GLY I 66 -30.36 24.22 -23.67
CA GLY I 66 -29.90 23.89 -25.00
C GLY I 66 -30.14 22.42 -25.33
N LEU I 67 -29.57 21.51 -24.53
CA LEU I 67 -29.70 20.06 -24.74
C LEU I 67 -31.18 19.66 -24.81
N GLU I 68 -32.04 20.29 -23.99
CA GLU I 68 -33.44 19.91 -23.88
C GLU I 68 -34.19 20.29 -25.16
N LEU I 69 -34.02 21.54 -25.62
CA LEU I 69 -34.74 22.02 -26.79
C LEU I 69 -34.36 21.22 -28.03
N ALA I 70 -33.06 20.91 -28.16
CA ALA I 70 -32.55 20.09 -29.25
C ALA I 70 -33.18 18.71 -29.23
N LEU I 71 -33.20 18.06 -28.06
CA LEU I 71 -33.82 16.74 -27.94
C LEU I 71 -35.33 16.79 -28.25
N LYS I 72 -35.94 17.97 -28.20
CA LYS I 72 -37.34 18.09 -28.54
C LYS I 72 -37.51 18.10 -30.06
N LEU I 73 -36.67 18.88 -30.77
CA LEU I 73 -36.67 18.91 -32.23
C LEU I 73 -36.43 17.49 -32.77
N ILE I 74 -35.47 16.81 -32.15
CA ILE I 74 -35.03 15.52 -32.65
C ILE I 74 -36.12 14.48 -32.45
N ALA I 75 -36.99 14.72 -31.45
CA ALA I 75 -38.04 13.77 -31.13
C ALA I 75 -39.08 13.75 -32.25
N LYS I 76 -39.28 14.91 -32.91
CA LYS I 76 -40.33 15.12 -33.89
C LYS I 76 -39.80 15.06 -35.34
N ALA I 77 -38.58 14.51 -35.54
CA ALA I 77 -37.87 14.59 -36.80
C ALA I 77 -37.55 13.20 -37.31
N ASP I 78 -37.17 13.12 -38.60
CA ASP I 78 -36.84 11.86 -39.26
C ASP I 78 -35.34 11.63 -39.28
N VAL I 79 -34.60 12.72 -39.47
CA VAL I 79 -33.17 12.64 -39.72
C VAL I 79 -32.39 13.58 -38.79
N LEU I 80 -31.33 13.00 -38.23
CA LEU I 80 -30.31 13.82 -37.59
C LEU I 80 -29.01 13.72 -38.38
N ILE I 81 -28.46 14.90 -38.72
CA ILE I 81 -27.13 15.00 -39.32
C ILE I 81 -26.16 15.69 -38.35
N GLU I 82 -25.05 15.02 -38.02
CA GLU I 82 -23.93 15.67 -37.32
C GLU I 82 -22.61 15.36 -38.00
N GLY I 83 -21.69 16.36 -38.01
CA GLY I 83 -20.37 16.21 -38.62
C GLY I 83 -19.20 16.57 -37.70
N TYR I 84 -19.33 16.24 -36.40
CA TYR I 84 -18.31 16.52 -35.42
C TYR I 84 -17.43 15.30 -35.32
N ARG I 85 -16.38 15.42 -34.52
CA ARG I 85 -15.51 14.28 -34.29
C ARG I 85 -16.32 13.23 -33.56
N PRO I 86 -15.94 11.94 -33.63
CA PRO I 86 -16.52 10.93 -32.79
C PRO I 86 -16.36 11.30 -31.32
N GLY I 87 -17.47 11.22 -30.59
CA GLY I 87 -17.52 11.42 -29.14
C GLY I 87 -18.22 12.73 -28.83
N VAL I 88 -18.30 13.64 -29.81
CA VAL I 88 -18.79 14.97 -29.49
C VAL I 88 -20.28 14.94 -29.14
N THR I 89 -21.08 14.28 -29.97
CA THR I 89 -22.51 14.21 -29.68
C THR I 89 -22.68 13.40 -28.38
N GLU I 90 -21.91 12.32 -28.19
CA GLU I 90 -22.01 11.55 -26.97
C GLU I 90 -21.94 12.51 -25.76
N ARG I 91 -20.79 13.20 -25.63
CA ARG I 91 -20.51 14.09 -24.49
C ARG I 91 -21.49 15.25 -24.39
N LEU I 92 -22.15 15.66 -25.48
CA LEU I 92 -23.18 16.71 -25.39
C LEU I 92 -24.52 16.15 -24.91
N GLY I 93 -24.61 14.82 -24.85
CA GLY I 93 -25.84 14.12 -24.56
C GLY I 93 -26.74 13.94 -25.78
N LEU I 94 -26.22 14.21 -27.00
CA LEU I 94 -26.99 14.16 -28.24
C LEU I 94 -26.54 12.98 -29.07
N GLY I 95 -25.95 11.97 -28.42
CA GLY I 95 -25.47 10.79 -29.09
C GLY I 95 -26.63 9.92 -29.54
N PRO I 96 -26.36 8.84 -30.31
CA PRO I 96 -27.42 8.02 -30.85
C PRO I 96 -28.26 7.36 -29.75
N GLU I 97 -27.58 6.69 -28.80
CA GLU I 97 -28.22 5.99 -27.69
C GLU I 97 -29.25 6.87 -26.98
N GLU I 98 -28.87 8.13 -26.71
CA GLU I 98 -29.76 9.12 -26.13
C GLU I 98 -30.91 9.47 -27.08
N CYS I 99 -30.56 9.72 -28.35
CA CYS I 99 -31.52 10.08 -29.39
C CYS I 99 -32.50 8.92 -29.59
N ALA I 100 -32.02 7.68 -29.54
CA ALA I 100 -32.86 6.48 -29.68
C ALA I 100 -33.87 6.35 -28.54
N LYS I 101 -33.60 7.02 -27.40
CA LYS I 101 -34.47 6.97 -26.25
C LYS I 101 -35.72 7.81 -26.46
N VAL I 102 -35.64 8.91 -27.22
CA VAL I 102 -36.77 9.83 -27.44
C VAL I 102 -37.40 9.64 -28.83
N ASN I 103 -36.87 8.72 -29.66
CA ASN I 103 -37.29 8.58 -31.06
C ASN I 103 -36.50 7.45 -31.69
N ASP I 104 -37.04 6.21 -31.63
CA ASP I 104 -36.36 5.04 -32.16
C ASP I 104 -36.63 4.88 -33.65
N ARG I 105 -37.36 5.84 -34.26
CA ARG I 105 -37.55 5.92 -35.70
C ARG I 105 -36.46 6.76 -36.39
N LEU I 106 -35.59 7.44 -35.62
CA LEU I 106 -34.64 8.44 -36.11
C LEU I 106 -33.56 7.82 -37.01
N ILE I 107 -33.26 8.53 -38.11
CA ILE I 107 -32.07 8.22 -38.87
C ILE I 107 -30.93 9.11 -38.37
N TYR I 108 -29.91 8.45 -37.83
CA TYR I 108 -28.86 9.17 -37.12
C TYR I 108 -27.66 9.19 -38.07
N ALA I 109 -27.43 10.34 -38.70
CA ALA I 109 -26.41 10.39 -39.75
C ALA I 109 -25.12 11.07 -39.26
N ARG I 110 -24.05 10.28 -39.26
CA ARG I 110 -22.75 10.70 -38.75
C ARG I 110 -21.75 10.92 -39.89
N MET I 111 -21.46 12.19 -40.20
CA MET I 111 -20.57 12.52 -41.30
C MET I 111 -19.15 12.72 -40.81
N THR I 112 -18.23 11.77 -41.06
CA THR I 112 -16.83 12.04 -40.74
C THR I 112 -15.93 11.86 -41.96
N GLY I 113 -14.64 12.17 -41.76
CA GLY I 113 -13.64 11.78 -42.74
C GLY I 113 -13.03 10.42 -42.44
N TRP I 114 -12.66 10.24 -41.17
CA TRP I 114 -11.89 9.03 -40.83
C TRP I 114 -12.80 7.91 -40.33
N GLY I 115 -14.04 8.27 -39.94
CA GLY I 115 -14.92 7.29 -39.31
C GLY I 115 -15.01 7.41 -37.78
N GLN I 116 -15.67 6.42 -37.15
CA GLN I 116 -16.04 6.47 -35.75
C GLN I 116 -14.96 5.83 -34.88
N THR I 117 -14.13 4.95 -35.43
CA THR I 117 -13.09 4.30 -34.67
C THR I 117 -11.79 4.30 -35.47
N GLY I 118 -10.71 3.82 -34.84
CA GLY I 118 -9.46 3.54 -35.50
C GLY I 118 -8.41 4.62 -35.21
N PRO I 119 -7.13 4.39 -35.58
CA PRO I 119 -6.02 5.25 -35.13
C PRO I 119 -6.12 6.72 -35.48
N ARG I 120 -6.78 7.05 -36.60
CA ARG I 120 -6.85 8.44 -37.03
C ARG I 120 -8.19 9.07 -36.69
N SER I 121 -9.03 8.34 -35.96
CA SER I 121 -10.42 8.78 -35.73
C SER I 121 -10.54 10.14 -35.04
N GLN I 122 -9.50 10.60 -34.32
CA GLN I 122 -9.59 11.90 -33.63
C GLN I 122 -8.70 12.98 -34.26
N GLN I 123 -7.89 12.61 -35.26
CA GLN I 123 -7.13 13.59 -36.02
C GLN I 123 -8.07 14.50 -36.81
N ALA I 124 -7.93 15.81 -36.63
CA ALA I 124 -8.45 16.82 -37.54
C ALA I 124 -7.98 16.50 -38.95
N GLY I 125 -8.76 17.01 -39.90
CA GLY I 125 -8.52 16.67 -41.28
C GLY I 125 -9.42 17.45 -42.24
N HIS I 126 -9.00 17.38 -43.51
CA HIS I 126 -9.75 17.93 -44.59
C HIS I 126 -9.67 17.00 -45.79
N ASP I 127 -10.46 17.35 -46.80
CA ASP I 127 -10.63 16.54 -48.00
C ASP I 127 -9.29 15.91 -48.41
N ILE I 128 -8.29 16.77 -48.61
CA ILE I 128 -6.99 16.37 -49.18
C ILE I 128 -6.36 15.27 -48.32
N ASN I 129 -6.63 15.32 -47.01
CA ASN I 129 -6.08 14.31 -46.11
C ASN I 129 -6.75 12.95 -46.34
N TYR I 130 -8.07 12.96 -46.42
CA TYR I 130 -8.80 11.69 -46.49
C TYR I 130 -8.51 10.98 -47.81
N ILE I 131 -8.40 11.78 -48.89
CA ILE I 131 -8.08 11.16 -50.17
C ILE I 131 -6.59 10.86 -50.32
N SER I 132 -5.71 11.44 -49.48
CA SER I 132 -4.30 11.06 -49.60
C SER I 132 -4.09 9.63 -49.14
N LEU I 133 -5.01 9.09 -48.33
CA LEU I 133 -4.72 7.87 -47.59
C LEU I 133 -5.20 6.62 -48.35
N ASN I 134 -6.02 6.81 -49.38
CA ASN I 134 -6.64 5.65 -50.01
C ASN I 134 -6.27 5.57 -51.49
N GLY I 135 -5.26 6.35 -51.91
CA GLY I 135 -4.65 6.19 -53.22
C GLY I 135 -5.13 7.22 -54.25
N ILE I 136 -6.16 8.00 -53.90
CA ILE I 136 -6.85 8.86 -54.85
C ILE I 136 -6.01 10.08 -55.23
N LEU I 137 -5.57 10.87 -54.25
CA LEU I 137 -4.78 12.05 -54.56
C LEU I 137 -3.53 11.67 -55.35
N HIS I 138 -2.93 10.52 -55.04
CA HIS I 138 -1.69 10.12 -55.67
C HIS I 138 -1.89 9.96 -57.18
N ALA I 139 -3.11 9.59 -57.57
CA ALA I 139 -3.36 9.25 -58.96
C ALA I 139 -3.70 10.48 -59.79
N ILE I 140 -3.77 11.67 -59.19
CA ILE I 140 -4.28 12.85 -59.87
C ILE I 140 -3.15 13.85 -60.12
N GLY I 141 -3.03 14.28 -61.38
CA GLY I 141 -2.07 15.28 -61.82
C GLY I 141 -1.16 14.77 -62.93
N ARG I 142 -0.23 15.61 -63.36
CA ARG I 142 0.75 15.20 -64.36
C ARG I 142 1.83 14.34 -63.71
N GLY I 143 2.44 13.45 -64.51
CA GLY I 143 3.35 12.43 -64.01
C GLY I 143 4.73 12.98 -63.62
N ASP I 144 5.11 14.12 -64.16
CA ASP I 144 6.41 14.72 -63.89
C ASP I 144 6.32 15.73 -62.74
N GLU I 145 5.21 15.72 -61.98
CA GLU I 145 4.92 16.72 -60.97
C GLU I 145 4.26 16.06 -59.75
N ARG I 146 4.13 16.85 -58.69
CA ARG I 146 3.55 16.35 -57.47
C ARG I 146 2.03 16.34 -57.60
N PRO I 147 1.33 15.46 -56.85
CA PRO I 147 -0.11 15.30 -57.03
C PRO I 147 -0.85 16.60 -56.80
N VAL I 148 -1.93 16.82 -57.54
CA VAL I 148 -2.68 18.06 -57.40
C VAL I 148 -4.06 17.71 -56.86
N PRO I 149 -4.56 18.48 -55.89
CA PRO I 149 -5.88 18.22 -55.35
C PRO I 149 -7.01 18.58 -56.30
N PRO I 150 -7.96 17.65 -56.50
CA PRO I 150 -9.15 17.93 -57.28
C PRO I 150 -10.14 18.76 -56.48
N LEU I 151 -9.72 19.99 -56.14
CA LEU I 151 -10.47 20.84 -55.24
C LEU I 151 -10.85 19.96 -54.06
N ASN I 152 -12.02 20.18 -53.46
CA ASN I 152 -12.48 19.29 -52.40
C ASN I 152 -13.70 18.50 -52.88
N LEU I 153 -13.62 17.98 -54.10
CA LEU I 153 -14.79 17.43 -54.76
C LEU I 153 -14.94 15.96 -54.44
N VAL I 154 -13.84 15.27 -54.22
CA VAL I 154 -13.87 13.82 -54.24
C VAL I 154 -14.08 13.29 -52.83
N GLY I 155 -13.56 14.04 -51.84
CA GLY I 155 -13.59 13.64 -50.44
C GLY I 155 -14.81 14.23 -49.73
N ASP I 156 -14.93 15.56 -49.70
CA ASP I 156 -16.07 16.23 -49.09
C ASP I 156 -17.40 15.86 -49.72
N PHE I 157 -17.53 15.94 -51.05
CA PHE I 157 -18.85 15.85 -51.67
C PHE I 157 -19.06 14.48 -52.32
N GLY I 158 -18.31 14.16 -53.37
CA GLY I 158 -18.48 12.91 -54.11
C GLY I 158 -18.44 11.68 -53.21
N GLY I 159 -17.45 11.61 -52.31
CA GLY I 159 -17.20 10.43 -51.48
C GLY I 159 -17.61 10.67 -50.02
N GLY I 160 -18.26 11.81 -49.81
CA GLY I 160 -18.62 12.29 -48.49
C GLY I 160 -20.12 12.52 -48.38
N SER I 161 -20.54 13.75 -48.65
CA SER I 161 -21.91 14.16 -48.54
C SER I 161 -22.84 13.26 -49.37
N MET I 162 -22.42 12.86 -50.57
CA MET I 162 -23.32 12.08 -51.40
C MET I 162 -23.60 10.73 -50.75
N PHE I 163 -22.61 10.13 -50.11
CA PHE I 163 -22.78 8.85 -49.45
C PHE I 163 -23.61 8.96 -48.17
N LEU I 164 -23.45 10.06 -47.44
CA LEU I 164 -24.34 10.39 -46.35
C LEU I 164 -25.76 10.32 -46.87
N LEU I 165 -26.01 11.01 -47.99
CA LEU I 165 -27.35 11.14 -48.55
C LEU I 165 -27.91 9.78 -48.94
N VAL I 166 -27.09 8.93 -49.55
CA VAL I 166 -27.51 7.59 -49.89
C VAL I 166 -27.80 6.78 -48.62
N GLY I 167 -27.04 7.02 -47.54
CA GLY I 167 -27.24 6.28 -46.29
C GLY I 167 -28.59 6.66 -45.67
N ILE I 168 -28.83 7.96 -45.60
CA ILE I 168 -30.05 8.49 -45.06
C ILE I 168 -31.25 7.88 -45.80
N LEU I 169 -31.24 8.00 -47.14
CA LEU I 169 -32.39 7.60 -47.94
C LEU I 169 -32.51 6.08 -47.97
N ALA I 170 -31.40 5.36 -48.07
CA ALA I 170 -31.46 3.92 -47.90
C ALA I 170 -32.08 3.54 -46.55
N ALA I 171 -31.78 4.29 -45.49
CA ALA I 171 -32.17 3.85 -44.16
C ALA I 171 -33.65 4.13 -43.98
N LEU I 172 -34.11 5.26 -44.56
CA LEU I 172 -35.52 5.61 -44.64
C LEU I 172 -36.34 4.57 -45.40
N TRP I 173 -35.78 3.94 -46.45
CA TRP I 173 -36.46 2.84 -47.11
C TRP I 173 -36.59 1.63 -46.17
N GLU I 174 -35.50 1.29 -45.47
CA GLU I 174 -35.48 0.13 -44.59
C GLU I 174 -36.51 0.29 -43.48
N ARG I 175 -36.73 1.53 -43.02
CA ARG I 175 -37.60 1.86 -41.90
C ARG I 175 -39.06 1.59 -42.26
N GLN I 176 -39.41 1.76 -43.53
CA GLN I 176 -40.77 1.49 -43.99
C GLN I 176 -41.15 0.05 -43.59
N SER I 177 -40.25 -0.94 -43.77
CA SER I 177 -40.46 -2.32 -43.36
C SER I 177 -40.39 -2.57 -41.84
N SER I 178 -39.42 -1.91 -41.17
CA SER I 178 -38.94 -2.35 -39.87
C SER I 178 -39.60 -1.56 -38.74
N GLY I 179 -40.08 -0.35 -39.05
CA GLY I 179 -40.60 0.60 -38.07
C GLY I 179 -39.49 1.36 -37.33
N LYS I 180 -38.21 1.02 -37.58
CA LYS I 180 -37.11 1.45 -36.72
C LYS I 180 -36.04 2.23 -37.50
N GLY I 181 -35.54 3.30 -36.86
CA GLY I 181 -34.40 4.07 -37.32
C GLY I 181 -33.08 3.31 -37.12
N GLN I 182 -31.97 4.01 -37.38
CA GLN I 182 -30.66 3.42 -37.16
C GLN I 182 -29.58 4.47 -37.39
N VAL I 183 -28.33 4.01 -37.25
CA VAL I 183 -27.20 4.92 -37.37
C VAL I 183 -26.48 4.62 -38.68
N VAL I 184 -26.20 5.71 -39.39
CA VAL I 184 -25.43 5.74 -40.62
C VAL I 184 -24.07 6.39 -40.38
N ASP I 185 -23.01 5.59 -40.57
CA ASP I 185 -21.63 6.05 -40.46
C ASP I 185 -21.06 6.32 -41.88
N ALA I 186 -21.10 7.59 -42.30
CA ALA I 186 -20.47 8.04 -43.55
C ALA I 186 -19.05 8.62 -43.33
N ALA I 187 -18.03 7.82 -43.66
CA ALA I 187 -16.63 8.19 -43.64
C ALA I 187 -16.12 8.52 -45.05
N MET I 188 -15.59 9.75 -45.23
CA MET I 188 -15.04 10.21 -46.50
C MET I 188 -13.97 9.27 -47.02
N VAL I 189 -13.19 8.61 -46.15
CA VAL I 189 -12.15 7.74 -46.68
C VAL I 189 -12.77 6.49 -47.30
N ASP I 190 -14.00 6.14 -46.88
CA ASP I 190 -14.68 4.95 -47.38
C ASP I 190 -15.47 5.35 -48.63
N GLY I 191 -16.24 6.41 -48.54
CA GLY I 191 -17.09 6.82 -49.64
C GLY I 191 -16.25 7.12 -50.87
N SER I 192 -15.20 7.92 -50.68
CA SER I 192 -14.30 8.25 -51.76
C SER I 192 -13.72 6.98 -52.35
N SER I 193 -13.48 5.94 -51.53
CA SER I 193 -12.93 4.70 -52.08
C SER I 193 -13.93 3.99 -53.03
N VAL I 194 -15.21 3.99 -52.70
CA VAL I 194 -16.19 3.34 -53.53
C VAL I 194 -16.41 4.18 -54.79
N LEU I 195 -16.31 5.51 -54.63
CA LEU I 195 -16.41 6.40 -55.75
C LEU I 195 -15.38 6.06 -56.82
N ILE I 196 -14.20 5.61 -56.42
CA ILE I 196 -13.11 5.32 -57.33
C ILE I 196 -12.98 3.82 -57.55
N GLN I 197 -14.07 3.08 -57.33
CA GLN I 197 -14.00 1.63 -57.49
C GLN I 197 -13.60 1.20 -58.91
N MET I 198 -13.95 1.99 -59.93
CA MET I 198 -13.53 1.63 -61.29
C MET I 198 -12.02 1.42 -61.35
N MET I 199 -11.26 2.34 -60.73
CA MET I 199 -9.81 2.23 -60.80
C MET I 199 -9.35 0.95 -60.11
N TRP I 200 -9.93 0.58 -58.96
CA TRP I 200 -9.50 -0.62 -58.24
C TRP I 200 -9.83 -1.84 -59.09
N ALA I 201 -10.91 -1.73 -59.86
CA ALA I 201 -11.29 -2.81 -60.76
C ALA I 201 -10.28 -2.95 -61.88
N MET I 202 -9.98 -1.82 -62.56
CA MET I 202 -9.07 -1.84 -63.70
C MET I 202 -7.67 -2.27 -63.26
N ARG I 203 -7.27 -1.86 -62.05
CA ARG I 203 -5.94 -2.16 -61.54
C ARG I 203 -5.75 -3.67 -61.39
N ALA I 204 -6.81 -4.39 -61.01
CA ALA I 204 -6.76 -5.82 -60.77
C ALA I 204 -6.60 -6.65 -62.05
N THR I 205 -6.92 -6.08 -63.22
CA THR I 205 -6.80 -6.76 -64.51
C THR I 205 -5.74 -6.12 -65.40
N GLY I 206 -4.70 -5.51 -64.81
CA GLY I 206 -3.59 -4.90 -65.55
C GLY I 206 -3.94 -3.62 -66.33
N MET I 207 -5.08 -2.99 -66.06
CA MET I 207 -5.61 -1.94 -66.91
C MET I 207 -5.41 -0.55 -66.30
N TRP I 208 -4.70 -0.50 -65.17
CA TRP I 208 -4.38 0.75 -64.51
C TRP I 208 -3.16 0.53 -63.65
N THR I 209 -2.19 1.47 -63.72
CA THR I 209 -0.99 1.39 -62.91
C THR I 209 -0.95 2.58 -61.94
N ASP I 210 -0.03 2.44 -60.98
CA ASP I 210 0.17 3.41 -59.92
C ASP I 210 0.96 4.62 -60.42
N THR I 211 1.54 4.57 -61.64
CA THR I 211 2.20 5.70 -62.27
C THR I 211 1.20 6.78 -62.66
N ARG I 212 1.40 7.98 -62.09
CA ARG I 212 0.52 9.10 -62.34
C ARG I 212 0.74 9.57 -63.78
N GLY I 213 -0.33 10.03 -64.43
CA GLY I 213 -0.26 10.54 -65.79
C GLY I 213 0.06 9.47 -66.86
N ALA I 214 -0.16 8.17 -66.59
CA ALA I 214 0.16 7.13 -67.56
C ALA I 214 -1.00 6.16 -67.77
N ASN I 215 -2.26 6.62 -67.68
CA ASN I 215 -3.42 5.74 -67.74
C ASN I 215 -4.46 6.35 -68.69
N MET I 216 -5.50 5.57 -69.00
CA MET I 216 -6.47 5.96 -70.02
C MET I 216 -7.21 7.24 -69.61
N LEU I 217 -7.44 7.49 -68.30
CA LEU I 217 -8.38 8.52 -67.88
C LEU I 217 -7.74 9.59 -67.01
N ASP I 218 -6.41 9.59 -66.87
CA ASP I 218 -5.79 10.48 -65.92
C ASP I 218 -5.08 11.61 -66.66
N GLY I 219 -5.19 11.62 -67.99
CA GLY I 219 -4.56 12.63 -68.82
C GLY I 219 -3.36 12.06 -69.56
N GLY I 220 -3.03 10.78 -69.32
CA GLY I 220 -1.91 10.14 -70.00
C GLY I 220 -2.23 9.72 -71.44
N ALA I 221 -3.51 9.52 -71.78
CA ALA I 221 -3.87 9.12 -73.13
C ALA I 221 -4.13 10.36 -73.96
N PRO I 222 -3.56 10.48 -75.18
CA PRO I 222 -3.73 11.67 -76.01
C PRO I 222 -5.15 11.96 -76.43
N TYR I 223 -6.05 10.97 -76.36
CA TYR I 223 -7.46 11.16 -76.72
C TYR I 223 -8.34 11.42 -75.51
N TYR I 224 -7.72 11.46 -74.31
CA TYR I 224 -8.44 11.80 -73.10
C TYR I 224 -7.62 12.80 -72.29
N ASP I 225 -7.68 14.07 -72.71
CA ASP I 225 -6.86 15.10 -72.10
C ASP I 225 -7.37 16.48 -72.53
N THR I 226 -6.81 17.54 -71.93
CA THR I 226 -7.01 18.87 -72.46
C THR I 226 -5.90 19.26 -73.43
N TYR I 227 -6.18 20.24 -74.29
CA TYR I 227 -5.21 20.75 -75.26
C TYR I 227 -5.36 22.27 -75.28
N GLU I 228 -4.22 22.95 -75.31
CA GLU I 228 -4.18 24.39 -75.49
C GLU I 228 -4.38 24.76 -76.97
N CYS I 229 -5.20 25.78 -77.18
CA CYS I 229 -5.53 26.35 -78.47
C CYS I 229 -4.67 27.58 -78.76
N ALA I 230 -4.87 28.17 -79.94
CA ALA I 230 -4.05 29.28 -80.44
C ALA I 230 -4.15 30.50 -79.54
N ASP I 231 -5.28 30.66 -78.84
CA ASP I 231 -5.58 31.83 -78.01
C ASP I 231 -5.21 31.57 -76.54
N GLY I 232 -4.56 30.45 -76.23
CA GLY I 232 -4.22 30.14 -74.85
C GLY I 232 -5.42 29.61 -74.05
N ARG I 233 -6.55 29.35 -74.70
CA ARG I 233 -7.67 28.69 -74.02
C ARG I 233 -7.63 27.21 -74.37
N TYR I 234 -8.53 26.41 -73.75
CA TYR I 234 -8.32 24.98 -73.77
C TYR I 234 -9.58 24.31 -74.29
N VAL I 235 -9.37 23.15 -74.89
CA VAL I 235 -10.46 22.25 -75.21
C VAL I 235 -10.21 20.95 -74.45
N ALA I 236 -11.30 20.17 -74.23
CA ALA I 236 -11.22 18.82 -73.71
C ALA I 236 -11.57 17.82 -74.80
N VAL I 237 -10.76 16.76 -74.86
CA VAL I 237 -10.82 15.65 -75.78
C VAL I 237 -11.08 14.41 -74.95
N GLY I 238 -12.17 13.70 -75.30
CA GLY I 238 -12.56 12.49 -74.61
C GLY I 238 -12.94 11.39 -75.60
N ALA I 239 -12.27 11.34 -76.75
CA ALA I 239 -12.69 10.46 -77.81
C ALA I 239 -12.09 9.05 -77.62
N ILE I 240 -12.63 8.34 -76.65
CA ILE I 240 -12.14 7.01 -76.30
C ILE I 240 -12.54 6.01 -77.39
N GLU I 241 -13.80 6.08 -77.85
CA GLU I 241 -14.30 5.09 -78.79
C GLU I 241 -13.73 5.40 -80.17
N PRO I 242 -13.24 4.37 -80.89
CA PRO I 242 -12.54 4.58 -82.16
C PRO I 242 -13.31 5.41 -83.18
N GLN I 243 -14.62 5.28 -83.21
CA GLN I 243 -15.42 6.00 -84.20
C GLN I 243 -15.42 7.47 -83.82
N PHE I 244 -15.39 7.76 -82.52
CA PHE I 244 -15.45 9.15 -82.06
C PHE I 244 -14.10 9.79 -82.34
N TYR I 245 -13.04 9.04 -81.98
CA TYR I 245 -11.66 9.39 -82.27
C TYR I 245 -11.52 9.75 -83.76
N ALA I 246 -12.06 8.91 -84.66
CA ALA I 246 -11.87 9.12 -86.09
C ALA I 246 -12.61 10.39 -86.53
N ALA I 247 -13.80 10.65 -85.98
CA ALA I 247 -14.49 11.90 -86.25
C ALA I 247 -13.61 13.07 -85.82
N MET I 248 -12.92 12.89 -84.69
CA MET I 248 -12.11 14.01 -84.24
C MET I 248 -10.97 14.29 -85.21
N LEU I 249 -10.25 13.24 -85.64
CA LEU I 249 -9.15 13.37 -86.59
C LEU I 249 -9.57 14.10 -87.87
N ALA I 250 -10.71 13.69 -88.42
CA ALA I 250 -11.19 14.33 -89.65
C ALA I 250 -11.46 15.81 -89.39
N GLY I 251 -12.02 16.16 -88.22
CA GLY I 251 -12.25 17.54 -87.88
C GLY I 251 -10.97 18.36 -87.74
N LEU I 252 -9.89 17.72 -87.29
CA LEU I 252 -8.61 18.39 -87.09
C LEU I 252 -7.84 18.54 -88.41
N GLY I 253 -8.23 17.81 -89.46
CA GLY I 253 -7.53 17.89 -90.72
C GLY I 253 -6.36 16.91 -90.78
N LEU I 254 -6.43 15.83 -90.00
CA LEU I 254 -5.34 14.86 -89.90
C LEU I 254 -5.77 13.56 -90.55
N ASP I 255 -4.93 13.06 -91.47
CA ASP I 255 -5.13 11.75 -92.04
C ASP I 255 -4.70 10.69 -91.06
N ALA I 256 -5.60 9.76 -90.76
CA ALA I 256 -5.30 8.55 -90.02
C ALA I 256 -3.98 7.91 -90.48
N ALA I 257 -3.65 7.94 -91.78
CA ALA I 257 -2.51 7.18 -92.25
C ALA I 257 -1.18 7.84 -91.85
N GLU I 258 -1.20 9.13 -91.52
CA GLU I 258 -0.01 9.84 -91.06
C GLU I 258 0.22 9.68 -89.55
N LEU I 259 -0.71 9.08 -88.78
CA LEU I 259 -0.60 9.08 -87.33
C LEU I 259 -0.30 7.67 -86.88
N PRO I 260 0.25 7.49 -85.66
CA PRO I 260 0.27 6.18 -85.02
C PRO I 260 -1.13 5.71 -84.66
N PRO I 261 -1.32 4.40 -84.40
CA PRO I 261 -2.59 3.88 -83.87
C PRO I 261 -2.96 4.52 -82.53
N GLN I 262 -4.28 4.71 -82.34
CA GLN I 262 -4.82 5.45 -81.22
C GLN I 262 -4.35 4.83 -79.91
N ASN I 263 -4.24 3.49 -79.88
CA ASN I 263 -3.97 2.74 -78.67
C ASN I 263 -2.60 2.07 -78.71
N ASP I 264 -1.68 2.55 -79.55
CA ASP I 264 -0.27 2.16 -79.47
C ASP I 264 0.42 3.12 -78.51
N ARG I 265 0.51 2.74 -77.23
CA ARG I 265 0.97 3.60 -76.15
C ARG I 265 2.45 3.93 -76.33
N ALA I 266 3.21 3.01 -76.93
CA ALA I 266 4.62 3.22 -77.17
C ALA I 266 4.86 4.45 -78.06
N ARG I 267 3.83 4.85 -78.84
CA ARG I 267 3.94 6.02 -79.69
C ARG I 267 2.95 7.12 -79.29
N TRP I 268 2.43 7.09 -78.07
CA TRP I 268 1.61 8.19 -77.60
C TRP I 268 2.37 9.51 -77.67
N PRO I 269 3.70 9.55 -77.44
CA PRO I 269 4.43 10.82 -77.54
C PRO I 269 4.30 11.47 -78.92
N GLU I 270 4.52 10.69 -79.97
CA GLU I 270 4.33 11.17 -81.33
C GLU I 270 2.89 11.65 -81.55
N LEU I 271 1.91 10.80 -81.17
CA LEU I 271 0.50 11.12 -81.34
C LEU I 271 0.11 12.40 -80.61
N ARG I 272 0.60 12.54 -79.37
CA ARG I 272 0.33 13.72 -78.58
C ARG I 272 0.92 14.97 -79.27
N ALA I 273 2.10 14.82 -79.85
CA ALA I 273 2.74 15.96 -80.51
C ALA I 273 1.93 16.39 -81.74
N LEU I 274 1.39 15.42 -82.48
CA LEU I 274 0.60 15.73 -83.66
C LEU I 274 -0.74 16.39 -83.29
N LEU I 275 -1.44 15.87 -82.27
CA LEU I 275 -2.70 16.45 -81.82
C LEU I 275 -2.50 17.84 -81.22
N THR I 276 -1.40 17.99 -80.46
CA THR I 276 -1.04 19.28 -79.87
C THR I 276 -0.88 20.35 -80.95
N GLU I 277 -0.08 20.06 -81.98
CA GLU I 277 0.14 21.01 -83.06
C GLU I 277 -1.20 21.36 -83.71
N ALA I 278 -2.03 20.32 -83.98
CA ALA I 278 -3.35 20.50 -84.57
C ALA I 278 -4.26 21.45 -83.78
N PHE I 279 -4.47 21.19 -82.48
CA PHE I 279 -5.34 22.06 -81.69
C PHE I 279 -4.75 23.44 -81.48
N ALA I 280 -3.42 23.57 -81.48
CA ALA I 280 -2.83 24.90 -81.30
C ALA I 280 -3.05 25.79 -82.53
N SER I 281 -3.50 25.25 -83.66
CA SER I 281 -3.47 26.04 -84.89
C SER I 281 -4.68 26.97 -84.96
N HIS I 282 -5.71 26.70 -84.16
CA HIS I 282 -6.93 27.50 -84.13
C HIS I 282 -7.36 27.77 -82.68
N ASP I 283 -8.25 28.74 -82.52
CA ASP I 283 -8.65 29.17 -81.19
C ASP I 283 -9.75 28.25 -80.65
N ARG I 284 -10.06 28.41 -79.35
CA ARG I 284 -10.97 27.50 -78.65
C ARG I 284 -12.35 27.55 -79.30
N ASP I 285 -12.89 28.76 -79.51
CA ASP I 285 -14.23 28.90 -80.09
C ASP I 285 -14.29 28.26 -81.49
N HIS I 286 -13.22 28.32 -82.27
CA HIS I 286 -13.21 27.66 -83.57
C HIS I 286 -13.48 26.16 -83.40
N TRP I 287 -12.83 25.51 -82.43
CA TRP I 287 -13.06 24.09 -82.24
C TRP I 287 -14.48 23.85 -81.72
N GLY I 288 -15.02 24.82 -80.99
CA GLY I 288 -16.36 24.67 -80.46
C GLY I 288 -17.37 24.56 -81.60
N ALA I 289 -17.19 25.41 -82.63
CA ALA I 289 -18.03 25.47 -83.83
C ALA I 289 -17.88 24.20 -84.67
N VAL I 290 -16.62 23.91 -85.06
CA VAL I 290 -16.31 22.75 -85.87
C VAL I 290 -16.91 21.46 -85.29
N PHE I 291 -16.93 21.32 -83.94
CA PHE I 291 -17.34 20.06 -83.35
C PHE I 291 -18.73 20.13 -82.72
N ALA I 292 -19.41 21.28 -82.84
CA ALA I 292 -20.83 21.35 -82.52
C ALA I 292 -21.60 20.25 -83.25
N ASN I 293 -22.44 19.53 -82.50
CA ASN I 293 -23.25 18.42 -83.00
C ASN I 293 -22.42 17.22 -83.45
N SER I 294 -21.12 17.14 -83.12
CA SER I 294 -20.35 15.98 -83.49
C SER I 294 -20.21 14.99 -82.33
N ASP I 295 -19.85 13.76 -82.65
CA ASP I 295 -19.55 12.72 -81.68
C ASP I 295 -18.04 12.63 -81.48
N ALA I 296 -17.31 13.68 -81.91
CA ALA I 296 -15.87 13.81 -81.72
C ALA I 296 -15.43 13.92 -80.26
N CYS I 297 -16.31 14.27 -79.32
CA CYS I 297 -15.96 14.34 -77.90
C CYS I 297 -14.94 15.46 -77.71
N VAL I 298 -15.19 16.62 -78.32
CA VAL I 298 -14.37 17.79 -78.12
C VAL I 298 -15.28 18.90 -77.62
N THR I 299 -14.91 19.54 -76.50
CA THR I 299 -15.70 20.58 -75.87
C THR I 299 -14.78 21.70 -75.41
N PRO I 300 -15.21 22.96 -75.44
CA PRO I 300 -14.41 24.05 -74.90
C PRO I 300 -14.34 23.91 -73.38
N VAL I 301 -13.22 24.31 -72.80
CA VAL I 301 -13.07 24.31 -71.35
C VAL I 301 -13.41 25.71 -70.87
N LEU I 302 -14.63 25.87 -70.34
CA LEU I 302 -15.16 27.13 -69.86
C LEU I 302 -14.80 27.36 -68.40
N ALA I 303 -14.38 28.60 -68.12
CA ALA I 303 -14.22 29.12 -66.78
C ALA I 303 -15.59 29.42 -66.17
N PHE I 304 -15.68 29.38 -64.84
CA PHE I 304 -16.94 29.61 -64.12
C PHE I 304 -17.68 30.82 -64.71
N GLY I 305 -16.94 31.86 -65.00
CA GLY I 305 -17.51 33.14 -65.39
C GLY I 305 -18.16 33.10 -66.78
N GLU I 306 -17.84 32.11 -67.60
CA GLU I 306 -18.39 32.03 -68.96
C GLU I 306 -19.52 31.01 -69.04
N VAL I 307 -19.71 30.20 -68.00
CA VAL I 307 -20.66 29.12 -68.03
C VAL I 307 -22.06 29.64 -68.36
N HIS I 308 -22.43 30.79 -67.81
CA HIS I 308 -23.77 31.34 -67.98
C HIS I 308 -24.10 31.75 -69.43
N ASN I 309 -23.10 31.88 -70.32
CA ASN I 309 -23.30 32.22 -71.73
C ASN I 309 -23.34 31.00 -72.65
N GLU I 310 -23.40 29.78 -72.11
CA GLU I 310 -23.32 28.59 -72.93
C GLU I 310 -24.73 28.07 -73.24
N PRO I 311 -25.14 28.04 -74.53
CA PRO I 311 -26.51 27.70 -74.86
C PRO I 311 -27.06 26.45 -74.14
N HIS I 312 -26.26 25.39 -73.99
CA HIS I 312 -26.81 24.17 -73.40
C HIS I 312 -27.06 24.31 -71.91
N ILE I 313 -26.26 25.18 -71.26
CA ILE I 313 -26.44 25.51 -69.85
C ILE I 313 -27.70 26.37 -69.68
N ILE I 314 -27.83 27.42 -70.50
CA ILE I 314 -29.01 28.29 -70.47
C ILE I 314 -30.30 27.52 -70.74
N GLU I 315 -30.33 26.70 -71.80
CA GLU I 315 -31.58 26.07 -72.21
C GLU I 315 -32.11 25.07 -71.18
N ARG I 316 -31.25 24.39 -70.42
CA ARG I 316 -31.75 23.40 -69.48
C ARG I 316 -31.88 23.98 -68.06
N ASN I 317 -31.50 25.25 -67.87
CA ASN I 317 -31.68 25.94 -66.61
C ASN I 317 -30.88 25.25 -65.50
N THR I 318 -29.63 24.92 -65.81
CA THR I 318 -28.78 24.22 -64.88
C THR I 318 -28.43 25.15 -63.71
N PHE I 319 -28.45 26.47 -63.94
CA PHE I 319 -28.18 27.51 -62.97
C PHE I 319 -29.39 28.45 -62.83
N TYR I 320 -29.41 29.22 -61.71
CA TYR I 320 -30.33 30.33 -61.47
C TYR I 320 -29.51 31.49 -60.90
N GLU I 321 -29.98 32.73 -61.07
CA GLU I 321 -29.35 33.92 -60.50
C GLU I 321 -29.79 34.14 -59.06
N ALA I 322 -28.86 34.33 -58.14
CA ALA I 322 -29.23 34.73 -56.80
C ALA I 322 -28.15 35.63 -56.19
N ASN I 323 -28.50 36.88 -55.93
CA ASN I 323 -27.73 37.70 -54.99
C ASN I 323 -26.30 37.86 -55.50
N GLY I 324 -26.14 38.45 -56.71
CA GLY I 324 -24.82 38.79 -57.22
C GLY I 324 -24.20 37.73 -58.14
N GLY I 325 -24.46 36.43 -57.88
CA GLY I 325 -23.82 35.37 -58.65
C GLY I 325 -24.78 34.23 -59.03
N TRP I 326 -24.32 33.40 -59.99
CA TRP I 326 -25.03 32.20 -60.41
C TRP I 326 -24.87 31.06 -59.41
N GLN I 327 -25.92 30.25 -59.23
CA GLN I 327 -25.87 29.06 -58.39
C GLN I 327 -26.52 27.90 -59.11
N PRO I 328 -26.05 26.66 -58.88
CA PRO I 328 -26.68 25.51 -59.50
C PRO I 328 -28.08 25.18 -58.96
N MET I 329 -29.04 25.05 -59.88
CA MET I 329 -30.34 24.50 -59.57
C MET I 329 -30.19 23.10 -59.01
N PRO I 330 -31.20 22.60 -58.27
CA PRO I 330 -31.18 21.26 -57.72
C PRO I 330 -31.01 20.15 -58.75
N ALA I 331 -30.47 19.05 -58.25
CA ALA I 331 -30.27 17.86 -59.03
C ALA I 331 -30.44 16.66 -58.13
N PRO I 332 -30.92 15.51 -58.66
CA PRO I 332 -31.38 15.45 -60.04
C PRO I 332 -32.78 16.04 -60.16
N ARG I 333 -33.40 15.80 -61.34
CA ARG I 333 -34.72 16.31 -61.71
C ARG I 333 -35.73 15.18 -61.67
N PHE I 334 -37.01 15.56 -61.41
CA PHE I 334 -38.08 14.60 -61.13
C PHE I 334 -39.27 15.00 -62.00
N SER I 335 -39.81 14.02 -62.75
CA SER I 335 -40.87 14.27 -63.73
C SER I 335 -42.15 14.78 -63.06
N ARG I 336 -42.55 14.15 -61.93
CA ARG I 336 -43.82 14.49 -61.29
C ARG I 336 -43.63 15.45 -60.11
N THR I 337 -42.84 15.11 -59.09
CA THR I 337 -42.66 16.00 -57.93
C THR I 337 -41.40 16.83 -58.11
N ALA I 338 -41.50 17.87 -58.93
CA ALA I 338 -40.33 18.64 -59.31
C ALA I 338 -39.96 19.58 -58.18
N SER I 339 -38.66 19.88 -58.10
CA SER I 339 -38.10 20.81 -57.12
C SER I 339 -38.37 22.22 -57.58
N SER I 340 -38.48 23.14 -56.61
CA SER I 340 -38.52 24.56 -56.90
C SER I 340 -37.15 25.18 -56.71
N GLN I 341 -37.03 26.41 -57.21
CA GLN I 341 -35.84 27.21 -57.01
C GLN I 341 -35.53 27.25 -55.52
N PRO I 342 -34.26 27.08 -55.12
CA PRO I 342 -33.87 27.20 -53.71
C PRO I 342 -34.30 28.52 -53.07
N ARG I 343 -34.64 28.42 -51.77
CA ARG I 343 -34.93 29.58 -50.95
C ARG I 343 -33.61 30.09 -50.37
N PRO I 344 -33.36 31.41 -50.44
CA PRO I 344 -32.18 32.00 -49.82
C PRO I 344 -32.05 31.68 -48.32
N PRO I 345 -30.83 31.82 -47.75
CA PRO I 345 -30.69 31.91 -46.31
C PRO I 345 -31.48 33.11 -45.79
N ALA I 346 -32.30 32.87 -44.75
CA ALA I 346 -33.07 33.93 -44.09
C ALA I 346 -32.75 33.91 -42.60
N ALA I 347 -33.27 34.91 -41.87
CA ALA I 347 -32.82 35.22 -40.51
C ALA I 347 -33.11 34.07 -39.53
N THR I 348 -32.42 34.14 -38.39
CA THR I 348 -32.62 33.18 -37.31
C THR I 348 -34.09 33.22 -36.90
N ILE I 349 -34.64 32.02 -36.70
CA ILE I 349 -35.97 31.79 -36.16
C ILE I 349 -35.78 31.36 -34.69
N ASP I 350 -36.83 31.56 -33.87
CA ASP I 350 -36.87 31.02 -32.52
C ASP I 350 -37.03 29.50 -32.58
N ILE I 351 -36.19 28.77 -31.85
CA ILE I 351 -36.30 27.32 -31.74
C ILE I 351 -37.67 26.88 -31.17
N GLU I 352 -38.39 27.81 -30.53
CA GLU I 352 -39.73 27.56 -29.99
C GLU I 352 -40.78 27.53 -31.11
N ALA I 353 -40.74 28.52 -32.01
CA ALA I 353 -41.70 28.69 -33.10
C ALA I 353 -41.65 27.53 -34.10
N VAL I 354 -40.58 26.74 -34.05
CA VAL I 354 -40.38 25.58 -34.91
C VAL I 354 -41.07 24.38 -34.29
N LEU I 355 -40.86 24.18 -32.97
CA LEU I 355 -41.48 23.09 -32.21
C LEU I 355 -43.01 23.21 -32.24
N THR I 356 -43.47 24.47 -32.26
CA THR I 356 -44.87 24.79 -32.52
C THR I 356 -45.26 24.12 -33.83
N ASP I 357 -44.66 24.61 -34.93
CA ASP I 357 -44.97 24.27 -36.30
C ASP I 357 -44.98 22.75 -36.52
N TRP I 358 -44.22 21.98 -35.72
CA TRP I 358 -44.22 20.52 -35.77
C TRP I 358 -45.23 19.96 -34.74
N ASP I 359 -46.50 20.39 -34.88
CA ASP I 359 -47.55 20.36 -33.85
C ASP I 359 -46.97 20.01 -32.47
N MET J 1 -30.38 -11.51 -48.47
CA MET J 1 -29.45 -10.43 -48.94
C MET J 1 -29.33 -9.35 -47.86
N ALA J 2 -28.09 -9.14 -47.38
CA ALA J 2 -27.82 -8.24 -46.27
C ALA J 2 -27.84 -6.78 -46.72
N GLY J 3 -28.41 -5.90 -45.92
CA GLY J 3 -28.25 -4.47 -46.09
C GLY J 3 -29.59 -3.76 -46.02
N PRO J 4 -29.61 -2.41 -45.90
CA PRO J 4 -30.86 -1.69 -45.79
C PRO J 4 -31.71 -1.66 -47.06
N LEU J 5 -31.17 -2.13 -48.19
CA LEU J 5 -31.96 -2.14 -49.41
C LEU J 5 -32.42 -3.56 -49.74
N SER J 6 -32.48 -4.43 -48.73
CA SER J 6 -33.02 -5.76 -48.90
C SER J 6 -34.45 -5.65 -49.44
N GLY J 7 -34.71 -6.36 -50.56
CA GLY J 7 -36.03 -6.47 -51.14
C GLY J 7 -36.37 -5.40 -52.19
N LEU J 8 -35.41 -4.51 -52.51
CA LEU J 8 -35.55 -3.57 -53.61
C LEU J 8 -35.12 -4.29 -54.88
N ARG J 9 -35.94 -4.15 -55.93
CA ARG J 9 -35.66 -4.80 -57.20
C ARG J 9 -35.30 -3.77 -58.25
N VAL J 10 -34.13 -4.01 -58.86
CA VAL J 10 -33.54 -3.08 -59.81
C VAL J 10 -33.25 -3.82 -61.10
N VAL J 11 -33.66 -3.19 -62.20
CA VAL J 11 -33.24 -3.66 -63.51
C VAL J 11 -32.35 -2.59 -64.12
N GLU J 12 -31.18 -3.06 -64.56
CA GLU J 12 -30.12 -2.23 -65.10
C GLU J 12 -29.94 -2.62 -66.57
N LEU J 13 -30.18 -1.64 -67.47
CA LEU J 13 -29.81 -1.79 -68.87
C LEU J 13 -28.32 -1.46 -69.03
N ALA J 14 -27.55 -2.50 -69.33
CA ALA J 14 -26.11 -2.44 -69.34
C ALA J 14 -25.61 -1.23 -70.13
N GLY J 15 -24.85 -0.39 -69.43
CA GLY J 15 -24.15 0.74 -70.02
C GLY J 15 -22.72 0.77 -69.52
N ILE J 16 -22.13 1.97 -69.52
CA ILE J 16 -20.77 2.17 -69.05
C ILE J 16 -20.77 3.37 -68.11
N GLY J 17 -19.97 3.26 -67.04
CA GLY J 17 -19.66 4.40 -66.20
C GLY J 17 -20.66 4.61 -65.08
N PRO J 18 -21.47 5.69 -65.11
CA PRO J 18 -22.35 6.01 -64.00
C PRO J 18 -23.48 5.02 -63.75
N GLY J 19 -24.19 4.63 -64.83
CA GLY J 19 -25.26 3.65 -64.74
C GLY J 19 -24.83 2.45 -63.91
N PRO J 20 -23.76 1.75 -64.32
CA PRO J 20 -23.32 0.57 -63.59
C PRO J 20 -22.81 0.81 -62.18
N HIS J 21 -22.26 2.00 -61.92
CA HIS J 21 -21.75 2.32 -60.59
C HIS J 21 -22.94 2.53 -59.64
N ALA J 22 -23.99 3.24 -60.08
CA ALA J 22 -25.20 3.34 -59.27
C ALA J 22 -25.78 1.95 -58.99
N ALA J 23 -25.78 1.08 -60.01
CA ALA J 23 -26.33 -0.26 -59.85
C ALA J 23 -25.49 -1.05 -58.85
N MET J 24 -24.18 -0.79 -58.83
CA MET J 24 -23.29 -1.48 -57.91
C MET J 24 -23.61 -1.08 -56.46
N ILE J 25 -23.85 0.20 -56.25
CA ILE J 25 -24.07 0.65 -54.90
C ILE J 25 -25.43 0.12 -54.40
N LEU J 26 -26.46 0.22 -55.23
CA LEU J 26 -27.75 -0.39 -54.89
C LEU J 26 -27.53 -1.85 -54.54
N GLY J 27 -26.74 -2.59 -55.33
CA GLY J 27 -26.46 -4.00 -55.06
C GLY J 27 -25.63 -4.23 -53.80
N ASP J 28 -24.73 -3.28 -53.52
CA ASP J 28 -23.81 -3.35 -52.40
C ASP J 28 -24.61 -3.32 -51.09
N LEU J 29 -25.59 -2.42 -51.03
CA LEU J 29 -26.46 -2.21 -49.89
C LEU J 29 -27.65 -3.19 -49.87
N GLY J 30 -27.60 -4.24 -50.72
CA GLY J 30 -28.46 -5.42 -50.61
C GLY J 30 -29.67 -5.45 -51.57
N ALA J 31 -29.77 -4.48 -52.50
CA ALA J 31 -30.83 -4.49 -53.49
C ALA J 31 -30.61 -5.66 -54.43
N ASP J 32 -31.70 -6.05 -55.11
CA ASP J 32 -31.67 -7.21 -56.01
C ASP J 32 -31.56 -6.69 -57.43
N VAL J 33 -30.34 -6.75 -57.96
CA VAL J 33 -30.10 -6.01 -59.19
C VAL J 33 -29.97 -7.01 -60.32
N VAL J 34 -30.72 -6.77 -61.40
CA VAL J 34 -30.58 -7.62 -62.56
C VAL J 34 -30.18 -6.76 -63.76
N ARG J 35 -29.06 -7.13 -64.35
CA ARG J 35 -28.45 -6.37 -65.43
C ARG J 35 -28.68 -7.08 -66.75
N ILE J 36 -29.34 -6.37 -67.68
CA ILE J 36 -29.57 -6.88 -69.03
C ILE J 36 -28.51 -6.32 -69.97
N ASP J 37 -27.62 -7.22 -70.41
CA ASP J 37 -26.62 -6.93 -71.42
C ASP J 37 -27.11 -7.57 -72.71
N ARG J 38 -26.41 -7.29 -73.81
CA ARG J 38 -26.78 -7.82 -75.11
C ARG J 38 -25.97 -9.10 -75.35
N PRO J 39 -26.46 -10.05 -76.17
CA PRO J 39 -25.82 -11.37 -76.28
C PRO J 39 -24.37 -11.33 -76.76
N SER J 40 -24.10 -10.48 -77.76
CA SER J 40 -22.77 -10.29 -78.33
C SER J 40 -21.73 -9.86 -77.27
N SER J 41 -22.14 -9.16 -76.21
CA SER J 41 -21.21 -8.55 -75.25
C SER J 41 -20.65 -9.53 -74.21
N VAL J 42 -21.22 -10.74 -74.07
CA VAL J 42 -20.80 -11.64 -73.00
C VAL J 42 -20.44 -13.01 -73.60
N ASP J 43 -19.28 -13.55 -73.17
CA ASP J 43 -18.90 -14.93 -73.47
C ASP J 43 -18.65 -15.73 -72.18
N GLY J 44 -18.17 -15.07 -71.11
CA GLY J 44 -17.96 -15.72 -69.83
C GLY J 44 -18.00 -14.73 -68.66
N ILE J 45 -17.81 -15.26 -67.44
CA ILE J 45 -17.77 -14.48 -66.21
C ILE J 45 -16.94 -13.21 -66.47
N SER J 46 -17.52 -12.03 -66.16
CA SER J 46 -16.86 -10.75 -66.44
C SER J 46 -15.69 -10.52 -65.47
N ARG J 47 -14.69 -9.77 -65.94
CA ARG J 47 -13.55 -9.44 -65.10
C ARG J 47 -13.66 -8.02 -64.53
N ASP J 48 -14.80 -7.33 -64.74
CA ASP J 48 -14.98 -5.98 -64.20
C ASP J 48 -15.69 -6.05 -62.84
N ALA J 49 -14.90 -5.80 -61.77
CA ALA J 49 -15.42 -5.84 -60.42
C ALA J 49 -16.53 -4.79 -60.20
N MET J 50 -16.72 -3.83 -61.12
CA MET J 50 -17.84 -2.91 -60.98
C MET J 50 -19.17 -3.65 -61.13
N LEU J 51 -19.15 -4.85 -61.73
CA LEU J 51 -20.37 -5.64 -61.98
C LEU J 51 -20.63 -6.61 -60.83
N ARG J 52 -20.19 -6.27 -59.63
CA ARG J 52 -20.42 -7.08 -58.45
C ARG J 52 -21.86 -6.89 -57.97
N ASN J 53 -22.30 -7.86 -57.16
CA ASN J 53 -23.62 -7.81 -56.53
C ASN J 53 -24.70 -7.66 -57.60
N ARG J 54 -24.67 -8.54 -58.61
CA ARG J 54 -25.62 -8.52 -59.71
C ARG J 54 -25.99 -9.94 -60.16
N ARG J 55 -27.13 -10.07 -60.84
CA ARG J 55 -27.28 -11.14 -61.81
C ARG J 55 -27.28 -10.54 -63.23
N ILE J 56 -26.48 -11.14 -64.14
CA ILE J 56 -26.35 -10.75 -65.54
C ILE J 56 -27.24 -11.65 -66.39
N VAL J 57 -28.09 -11.06 -67.23
CA VAL J 57 -28.85 -11.81 -68.21
C VAL J 57 -28.62 -11.17 -69.58
N THR J 58 -28.57 -12.00 -70.63
CA THR J 58 -28.47 -11.49 -72.00
C THR J 58 -29.89 -11.36 -72.54
N ALA J 59 -30.06 -10.52 -73.58
CA ALA J 59 -31.32 -10.37 -74.27
C ALA J 59 -31.14 -9.33 -75.36
N ASP J 60 -31.48 -9.72 -76.61
CA ASP J 60 -31.52 -8.80 -77.72
C ASP J 60 -32.81 -7.99 -77.62
N LEU J 61 -32.69 -6.70 -77.28
CA LEU J 61 -33.85 -5.87 -76.97
C LEU J 61 -34.49 -5.39 -78.27
N LYS J 62 -33.80 -5.54 -79.39
CA LYS J 62 -34.37 -5.13 -80.67
C LYS J 62 -35.29 -6.23 -81.18
N SER J 63 -34.98 -7.51 -80.89
CA SER J 63 -35.88 -8.62 -81.18
C SER J 63 -37.18 -8.44 -80.39
N ASP J 64 -38.22 -9.22 -80.73
CA ASP J 64 -39.55 -9.07 -80.16
C ASP J 64 -39.64 -9.79 -78.82
N GLN J 65 -38.90 -10.91 -78.73
CA GLN J 65 -38.95 -11.84 -77.61
C GLN J 65 -37.93 -11.42 -76.53
N GLY J 66 -36.92 -10.65 -76.94
CA GLY J 66 -36.07 -9.92 -76.02
C GLY J 66 -36.86 -8.79 -75.35
N LEU J 67 -37.55 -7.97 -76.14
CA LEU J 67 -38.32 -6.85 -75.61
C LEU J 67 -39.37 -7.37 -74.62
N GLU J 68 -39.97 -8.52 -74.93
CA GLU J 68 -41.07 -9.00 -74.11
C GLU J 68 -40.53 -9.38 -72.74
N LEU J 69 -39.38 -10.09 -72.71
CA LEU J 69 -38.80 -10.58 -71.47
C LEU J 69 -38.39 -9.40 -70.55
N ALA J 70 -37.82 -8.33 -71.14
CA ALA J 70 -37.44 -7.12 -70.41
C ALA J 70 -38.66 -6.41 -69.82
N LEU J 71 -39.75 -6.30 -70.59
CA LEU J 71 -40.95 -5.67 -70.06
C LEU J 71 -41.51 -6.49 -68.89
N LYS J 72 -41.26 -7.81 -68.92
CA LYS J 72 -41.74 -8.68 -67.87
C LYS J 72 -40.94 -8.45 -66.60
N LEU J 73 -39.60 -8.38 -66.71
CA LEU J 73 -38.73 -8.07 -65.57
C LEU J 73 -39.10 -6.73 -64.97
N ILE J 74 -39.31 -5.74 -65.84
CA ILE J 74 -39.57 -4.39 -65.40
C ILE J 74 -40.90 -4.31 -64.64
N ALA J 75 -41.86 -5.14 -65.02
CA ALA J 75 -43.20 -5.12 -64.44
C ALA J 75 -43.16 -5.47 -62.95
N LYS J 76 -42.21 -6.35 -62.60
CA LYS J 76 -42.10 -6.93 -61.27
C LYS J 76 -40.97 -6.26 -60.48
N ALA J 77 -40.66 -4.98 -60.76
CA ALA J 77 -39.48 -4.35 -60.20
C ALA J 77 -39.75 -2.90 -59.82
N ASP J 78 -38.85 -2.34 -59.00
CA ASP J 78 -39.03 -1.04 -58.36
C ASP J 78 -38.34 0.07 -59.15
N VAL J 79 -37.19 -0.29 -59.73
CA VAL J 79 -36.29 0.68 -60.34
C VAL J 79 -35.78 0.13 -61.66
N LEU J 80 -35.82 1.03 -62.67
CA LEU J 80 -35.11 0.85 -63.93
C LEU J 80 -34.01 1.90 -64.07
N ILE J 81 -32.82 1.42 -64.46
CA ILE J 81 -31.68 2.26 -64.76
C ILE J 81 -31.33 2.10 -66.24
N GLU J 82 -31.25 3.24 -66.95
CA GLU J 82 -30.78 3.28 -68.33
C GLU J 82 -29.76 4.41 -68.50
N GLY J 83 -28.64 4.11 -69.20
CA GLY J 83 -27.61 5.13 -69.43
C GLY J 83 -27.26 5.34 -70.91
N TYR J 84 -28.29 5.27 -71.77
CA TYR J 84 -28.13 5.44 -73.21
C TYR J 84 -28.46 6.89 -73.49
N ARG J 85 -28.26 7.31 -74.74
CA ARG J 85 -28.63 8.67 -75.11
C ARG J 85 -30.15 8.77 -75.11
N PRO J 86 -30.68 9.99 -74.96
CA PRO J 86 -32.11 10.18 -75.03
C PRO J 86 -32.68 9.64 -76.34
N GLY J 87 -33.85 9.00 -76.25
CA GLY J 87 -34.52 8.44 -77.42
C GLY J 87 -34.24 6.96 -77.54
N VAL J 88 -33.12 6.48 -77.02
CA VAL J 88 -32.72 5.11 -77.28
C VAL J 88 -33.68 4.09 -76.67
N THR J 89 -34.13 4.31 -75.43
CA THR J 89 -35.02 3.32 -74.82
C THR J 89 -36.40 3.46 -75.46
N GLU J 90 -36.81 4.68 -75.83
CA GLU J 90 -38.08 4.92 -76.48
C GLU J 90 -38.19 4.06 -77.74
N ARG J 91 -37.13 4.02 -78.54
CA ARG J 91 -37.12 3.33 -79.81
C ARG J 91 -37.00 1.82 -79.62
N LEU J 92 -36.45 1.39 -78.48
CA LEU J 92 -36.50 -0.02 -78.12
C LEU J 92 -37.92 -0.43 -77.68
N GLY J 93 -38.82 0.53 -77.46
CA GLY J 93 -40.07 0.28 -76.74
C GLY J 93 -39.86 -0.03 -75.25
N LEU J 94 -38.85 0.61 -74.61
CA LEU J 94 -38.62 0.51 -73.17
C LEU J 94 -38.59 1.90 -72.50
N GLY J 95 -39.33 2.86 -73.07
CA GLY J 95 -39.32 4.23 -72.59
C GLY J 95 -40.21 4.38 -71.35
N PRO J 96 -40.16 5.56 -70.66
CA PRO J 96 -41.00 5.80 -69.50
C PRO J 96 -42.46 5.42 -69.73
N GLU J 97 -43.06 5.92 -70.82
CA GLU J 97 -44.48 5.72 -71.13
C GLU J 97 -44.82 4.24 -71.29
N GLU J 98 -43.96 3.47 -71.99
CA GLU J 98 -44.21 2.05 -72.14
C GLU J 98 -43.99 1.32 -70.81
N CYS J 99 -43.01 1.74 -70.02
CA CYS J 99 -42.75 1.08 -68.74
C CYS J 99 -43.90 1.40 -67.75
N ALA J 100 -44.48 2.60 -67.84
CA ALA J 100 -45.57 3.03 -66.98
C ALA J 100 -46.79 2.11 -67.13
N LYS J 101 -47.01 1.59 -68.34
CA LYS J 101 -48.15 0.74 -68.65
C LYS J 101 -48.05 -0.62 -68.00
N VAL J 102 -46.84 -1.17 -67.82
CA VAL J 102 -46.75 -2.44 -67.13
C VAL J 102 -46.50 -2.25 -65.62
N ASN J 103 -46.50 -1.01 -65.10
CA ASN J 103 -45.96 -0.76 -63.75
C ASN J 103 -45.84 0.75 -63.48
N ASP J 104 -46.88 1.34 -62.92
CA ASP J 104 -46.88 2.77 -62.66
C ASP J 104 -46.20 3.08 -61.32
N ARG J 105 -45.61 2.05 -60.68
CA ARG J 105 -44.86 2.23 -59.43
C ARG J 105 -43.36 2.38 -59.71
N LEU J 106 -42.96 2.13 -60.96
CA LEU J 106 -41.55 2.04 -61.34
C LEU J 106 -40.86 3.39 -61.16
N ILE J 107 -39.63 3.33 -60.62
CA ILE J 107 -38.78 4.50 -60.63
C ILE J 107 -37.91 4.42 -61.89
N TYR J 108 -38.10 5.40 -62.79
CA TYR J 108 -37.49 5.35 -64.11
C TYR J 108 -36.26 6.28 -64.10
N ALA J 109 -35.07 5.65 -64.09
CA ALA J 109 -33.84 6.38 -63.79
C ALA J 109 -32.94 6.52 -65.01
N ARG J 110 -32.82 7.78 -65.50
CA ARG J 110 -32.12 8.10 -66.73
C ARG J 110 -30.80 8.86 -66.47
N MET J 111 -29.69 8.16 -66.72
CA MET J 111 -28.33 8.62 -66.47
C MET J 111 -27.65 9.13 -67.75
N THR J 112 -27.58 10.44 -67.96
CA THR J 112 -26.83 10.97 -69.09
C THR J 112 -25.77 11.97 -68.66
N GLY J 113 -24.96 12.44 -69.63
CA GLY J 113 -24.03 13.53 -69.38
C GLY J 113 -24.75 14.86 -69.56
N TRP J 114 -25.36 15.04 -70.74
CA TRP J 114 -25.89 16.34 -71.11
C TRP J 114 -27.36 16.52 -70.71
N GLY J 115 -28.06 15.44 -70.30
CA GLY J 115 -29.48 15.56 -70.02
C GLY J 115 -30.38 15.09 -71.18
N GLN J 116 -31.69 15.36 -71.06
CA GLN J 116 -32.68 14.71 -71.92
C GLN J 116 -33.00 15.56 -73.15
N THR J 117 -32.83 16.88 -73.04
CA THR J 117 -33.11 17.76 -74.15
C THR J 117 -31.99 18.80 -74.27
N GLY J 118 -32.03 19.57 -75.37
CA GLY J 118 -31.16 20.72 -75.55
C GLY J 118 -30.05 20.41 -76.56
N PRO J 119 -29.29 21.46 -76.94
CA PRO J 119 -28.41 21.43 -78.11
C PRO J 119 -27.36 20.31 -78.09
N ARG J 120 -26.92 19.88 -76.90
CA ARG J 120 -25.89 18.87 -76.88
C ARG J 120 -26.47 17.52 -76.49
N SER J 121 -27.81 17.36 -76.39
CA SER J 121 -28.40 16.13 -75.87
C SER J 121 -28.10 14.87 -76.68
N GLN J 122 -27.71 14.99 -77.96
CA GLN J 122 -27.38 13.79 -78.72
C GLN J 122 -25.88 13.63 -78.94
N GLN J 123 -25.09 14.56 -78.42
CA GLN J 123 -23.65 14.52 -78.64
C GLN J 123 -23.01 13.45 -77.74
N ALA J 124 -22.17 12.58 -78.35
CA ALA J 124 -21.36 11.64 -77.59
C ALA J 124 -20.40 12.38 -76.67
N GLY J 125 -20.06 11.75 -75.55
CA GLY J 125 -19.22 12.40 -74.57
C GLY J 125 -18.75 11.45 -73.48
N HIS J 126 -17.84 12.00 -72.67
CA HIS J 126 -17.34 11.33 -71.50
C HIS J 126 -17.17 12.38 -70.40
N ASP J 127 -16.78 11.89 -69.21
CA ASP J 127 -16.68 12.70 -68.00
C ASP J 127 -16.02 14.02 -68.37
N ILE J 128 -14.83 13.93 -68.96
CA ILE J 128 -14.05 15.14 -69.21
C ILE J 128 -14.87 16.19 -69.95
N ASN J 129 -15.71 15.79 -70.90
CA ASN J 129 -16.47 16.77 -71.67
C ASN J 129 -17.54 17.45 -70.79
N TYR J 130 -18.22 16.66 -69.95
CA TYR J 130 -19.32 17.15 -69.14
C TYR J 130 -18.76 18.18 -68.16
N ILE J 131 -17.60 17.91 -67.58
CA ILE J 131 -17.03 18.83 -66.59
C ILE J 131 -16.29 20.00 -67.26
N SER J 132 -16.04 19.95 -68.58
CA SER J 132 -15.41 21.09 -69.24
C SER J 132 -16.41 22.24 -69.41
N LEU J 133 -17.72 21.92 -69.38
CA LEU J 133 -18.75 22.86 -69.80
C LEU J 133 -19.25 23.72 -68.64
N ASN J 134 -19.06 23.24 -67.40
CA ASN J 134 -19.69 23.85 -66.24
C ASN J 134 -18.66 24.48 -65.30
N GLY J 135 -17.43 24.63 -65.81
CA GLY J 135 -16.37 25.38 -65.14
C GLY J 135 -15.47 24.48 -64.31
N ILE J 136 -15.87 23.23 -64.10
CA ILE J 136 -15.17 22.40 -63.14
C ILE J 136 -13.74 22.14 -63.62
N LEU J 137 -13.58 21.56 -64.82
CA LEU J 137 -12.28 21.13 -65.30
C LEU J 137 -11.30 22.32 -65.35
N HIS J 138 -11.77 23.50 -65.73
CA HIS J 138 -10.91 24.63 -65.85
C HIS J 138 -10.30 24.93 -64.48
N ALA J 139 -10.96 24.53 -63.38
CA ALA J 139 -10.51 24.94 -62.04
C ALA J 139 -9.45 24.00 -61.50
N ILE J 140 -9.12 22.93 -62.23
CA ILE J 140 -8.33 21.85 -61.72
C ILE J 140 -6.95 21.80 -62.39
N GLY J 141 -5.89 21.87 -61.57
CA GLY J 141 -4.50 21.74 -62.00
C GLY J 141 -3.63 22.93 -61.58
N ARG J 142 -2.32 22.82 -61.83
CA ARG J 142 -1.43 23.94 -61.59
C ARG J 142 -1.77 25.10 -62.52
N GLY J 143 -1.50 26.33 -62.07
CA GLY J 143 -1.88 27.53 -62.79
C GLY J 143 -1.12 27.76 -64.10
N ASP J 144 0.12 27.26 -64.20
CA ASP J 144 0.95 27.58 -65.35
C ASP J 144 0.61 26.67 -66.54
N GLU J 145 0.02 25.49 -66.26
CA GLU J 145 -0.15 24.46 -67.26
C GLU J 145 -1.63 24.24 -67.53
N ARG J 146 -1.93 23.29 -68.41
CA ARG J 146 -3.29 23.11 -68.86
C ARG J 146 -4.06 22.25 -67.87
N PRO J 147 -5.40 22.33 -67.88
CA PRO J 147 -6.21 21.65 -66.89
C PRO J 147 -5.94 20.15 -66.89
N VAL J 148 -5.99 19.55 -65.70
CA VAL J 148 -5.74 18.12 -65.59
C VAL J 148 -7.04 17.45 -65.16
N PRO J 149 -7.44 16.33 -65.82
CA PRO J 149 -8.69 15.69 -65.48
C PRO J 149 -8.60 15.02 -64.12
N PRO J 150 -9.59 15.25 -63.22
CA PRO J 150 -9.65 14.56 -61.94
C PRO J 150 -10.14 13.13 -62.09
N LEU J 151 -9.36 12.34 -62.82
CA LEU J 151 -9.81 11.07 -63.35
C LEU J 151 -11.21 11.27 -63.90
N ASN J 152 -12.08 10.25 -63.75
CA ASN J 152 -13.48 10.43 -64.08
C ASN J 152 -14.33 10.36 -62.82
N LEU J 153 -13.88 11.04 -61.75
CA LEU J 153 -14.49 10.91 -60.42
C LEU J 153 -15.64 11.91 -60.25
N VAL J 154 -15.63 13.00 -61.01
CA VAL J 154 -16.45 14.14 -60.67
C VAL J 154 -17.72 14.16 -61.50
N GLY J 155 -17.60 13.73 -62.76
CA GLY J 155 -18.69 13.69 -63.73
C GLY J 155 -19.46 12.37 -63.67
N ASP J 156 -18.75 11.27 -63.90
CA ASP J 156 -19.34 9.95 -63.88
C ASP J 156 -19.90 9.57 -62.50
N PHE J 157 -19.14 9.81 -61.42
CA PHE J 157 -19.49 9.22 -60.14
C PHE J 157 -20.02 10.31 -59.22
N GLY J 158 -19.13 11.19 -58.76
CA GLY J 158 -19.53 12.22 -57.82
C GLY J 158 -20.79 12.96 -58.28
N GLY J 159 -20.80 13.43 -59.53
CA GLY J 159 -21.91 14.24 -60.03
C GLY J 159 -22.81 13.45 -60.99
N GLY J 160 -22.60 12.13 -61.07
CA GLY J 160 -23.24 11.25 -62.03
C GLY J 160 -24.08 10.21 -61.31
N SER J 161 -23.50 9.06 -61.04
CA SER J 161 -24.14 7.96 -60.33
C SER J 161 -24.67 8.38 -58.97
N MET J 162 -23.98 9.29 -58.25
CA MET J 162 -24.37 9.55 -56.87
C MET J 162 -25.71 10.28 -56.85
N PHE J 163 -25.90 11.20 -57.78
CA PHE J 163 -27.17 11.91 -57.85
C PHE J 163 -28.27 11.01 -58.44
N LEU J 164 -27.91 10.04 -59.30
CA LEU J 164 -28.89 9.06 -59.76
C LEU J 164 -29.43 8.36 -58.52
N LEU J 165 -28.50 7.87 -57.68
CA LEU J 165 -28.84 7.15 -56.46
C LEU J 165 -29.73 8.00 -55.56
N VAL J 166 -29.37 9.27 -55.36
CA VAL J 166 -30.17 10.14 -54.52
C VAL J 166 -31.56 10.29 -55.13
N GLY J 167 -31.61 10.54 -56.43
CA GLY J 167 -32.88 10.68 -57.12
C GLY J 167 -33.75 9.44 -56.96
N ILE J 168 -33.16 8.28 -57.21
CA ILE J 168 -33.87 7.03 -57.06
C ILE J 168 -34.48 6.92 -55.66
N LEU J 169 -33.67 7.15 -54.61
CA LEU J 169 -34.09 6.82 -53.26
C LEU J 169 -35.02 7.92 -52.78
N ALA J 170 -34.78 9.14 -53.24
CA ALA J 170 -35.71 10.20 -52.94
C ALA J 170 -37.07 9.87 -53.53
N ALA J 171 -37.06 9.28 -54.72
CA ALA J 171 -38.29 8.99 -55.45
C ALA J 171 -39.04 7.84 -54.77
N LEU J 172 -38.29 6.85 -54.25
CA LEU J 172 -38.80 5.75 -53.46
C LEU J 172 -39.49 6.23 -52.17
N TRP J 173 -38.90 7.22 -51.50
CA TRP J 173 -39.53 7.81 -50.33
C TRP J 173 -40.86 8.42 -50.77
N GLU J 174 -40.84 9.16 -51.87
CA GLU J 174 -42.02 9.92 -52.30
C GLU J 174 -43.14 8.95 -52.65
N ARG J 175 -42.75 7.79 -53.19
CA ARG J 175 -43.65 6.73 -53.59
C ARG J 175 -44.40 6.15 -52.39
N GLN J 176 -43.86 6.25 -51.17
CA GLN J 176 -44.49 5.50 -50.09
C GLN J 176 -45.79 6.22 -49.72
N SER J 177 -45.90 7.51 -50.01
CA SER J 177 -47.12 8.23 -49.70
C SER J 177 -47.96 8.61 -50.94
N SER J 178 -47.48 8.33 -52.17
CA SER J 178 -48.21 8.67 -53.39
C SER J 178 -48.74 7.42 -54.10
N GLY J 179 -48.09 6.27 -53.92
CA GLY J 179 -48.43 5.02 -54.60
C GLY J 179 -47.87 4.96 -56.01
N LYS J 180 -47.10 6.00 -56.40
CA LYS J 180 -46.77 6.32 -57.79
C LYS J 180 -45.26 6.44 -58.02
N GLY J 181 -44.77 5.79 -59.09
CA GLY J 181 -43.41 5.97 -59.59
C GLY J 181 -43.25 7.33 -60.26
N GLN J 182 -42.12 7.56 -60.95
CA GLN J 182 -41.87 8.76 -61.74
C GLN J 182 -40.48 8.62 -62.38
N VAL J 183 -40.11 9.65 -63.15
CA VAL J 183 -38.87 9.61 -63.93
C VAL J 183 -37.85 10.51 -63.26
N VAL J 184 -36.66 9.92 -63.06
CA VAL J 184 -35.48 10.61 -62.55
C VAL J 184 -34.52 10.92 -63.69
N ASP J 185 -34.27 12.23 -63.90
CA ASP J 185 -33.37 12.73 -64.93
C ASP J 185 -32.08 13.26 -64.29
N ALA J 186 -31.02 12.43 -64.34
CA ALA J 186 -29.73 12.76 -63.77
C ALA J 186 -28.75 13.07 -64.85
N ALA J 187 -28.42 14.35 -65.00
CA ALA J 187 -27.39 14.72 -65.96
C ALA J 187 -26.11 15.09 -65.22
N MET J 188 -25.00 14.45 -65.65
CA MET J 188 -23.68 14.70 -65.08
C MET J 188 -23.29 16.18 -65.03
N VAL J 189 -23.73 16.99 -65.99
CA VAL J 189 -23.42 18.39 -66.02
C VAL J 189 -24.15 19.12 -64.89
N ASP J 190 -25.31 18.54 -64.47
CA ASP J 190 -26.12 19.08 -63.39
C ASP J 190 -25.55 18.63 -62.04
N GLY J 191 -25.46 17.32 -61.87
CA GLY J 191 -24.94 16.70 -60.67
C GLY J 191 -23.62 17.34 -60.25
N SER J 192 -22.68 17.40 -61.21
CA SER J 192 -21.36 17.92 -60.95
C SER J 192 -21.44 19.40 -60.63
N SER J 193 -22.43 20.11 -61.19
CA SER J 193 -22.59 21.51 -60.82
C SER J 193 -23.00 21.65 -59.35
N VAL J 194 -23.86 20.78 -58.83
CA VAL J 194 -24.33 20.91 -57.46
C VAL J 194 -23.22 20.43 -56.51
N LEU J 195 -22.43 19.46 -56.97
CA LEU J 195 -21.32 18.93 -56.23
C LEU J 195 -20.29 20.03 -55.96
N ILE J 196 -20.22 21.04 -56.85
CA ILE J 196 -19.21 22.07 -56.71
C ILE J 196 -19.89 23.37 -56.26
N GLN J 197 -21.05 23.25 -55.64
CA GLN J 197 -21.79 24.45 -55.26
C GLN J 197 -20.97 25.34 -54.31
N MET J 198 -20.09 24.71 -53.52
CA MET J 198 -19.29 25.46 -52.58
C MET J 198 -18.47 26.52 -53.31
N MET J 199 -17.87 26.15 -54.43
CA MET J 199 -17.03 27.10 -55.17
C MET J 199 -17.94 28.20 -55.69
N TRP J 200 -19.18 27.85 -56.05
CA TRP J 200 -20.04 28.87 -56.61
C TRP J 200 -20.49 29.81 -55.50
N ALA J 201 -20.66 29.26 -54.28
CA ALA J 201 -20.91 30.04 -53.06
C ALA J 201 -19.75 30.98 -52.74
N MET J 202 -18.52 30.43 -52.70
CA MET J 202 -17.34 31.25 -52.49
C MET J 202 -17.22 32.29 -53.60
N ARG J 203 -17.41 31.89 -54.85
CA ARG J 203 -17.21 32.82 -55.93
C ARG J 203 -18.09 34.06 -55.76
N ALA J 204 -19.34 33.87 -55.32
CA ALA J 204 -20.30 34.95 -55.17
C ALA J 204 -19.91 35.95 -54.06
N THR J 205 -19.11 35.53 -53.07
CA THR J 205 -18.70 36.41 -51.98
C THR J 205 -17.25 36.86 -52.12
N GLY J 206 -16.65 36.82 -53.31
CA GLY J 206 -15.26 37.19 -53.47
C GLY J 206 -14.23 36.21 -52.88
N MET J 207 -14.56 34.95 -52.63
CA MET J 207 -13.58 34.05 -52.02
C MET J 207 -13.07 32.98 -53.00
N TRP J 208 -13.36 33.13 -54.29
CA TRP J 208 -12.88 32.16 -55.26
C TRP J 208 -12.74 32.89 -56.60
N THR J 209 -11.58 32.72 -57.27
CA THR J 209 -11.43 33.33 -58.59
C THR J 209 -11.21 32.26 -59.65
N ASP J 210 -11.43 32.69 -60.89
CA ASP J 210 -11.41 31.84 -62.06
C ASP J 210 -9.97 31.49 -62.45
N THR J 211 -8.98 32.15 -61.85
CA THR J 211 -7.58 31.82 -62.09
C THR J 211 -7.28 30.47 -61.43
N ARG J 212 -6.75 29.52 -62.22
CA ARG J 212 -6.40 28.20 -61.72
C ARG J 212 -5.16 28.29 -60.84
N GLY J 213 -5.11 27.49 -59.76
CA GLY J 213 -3.96 27.42 -58.85
C GLY J 213 -3.77 28.68 -58.00
N ALA J 214 -4.85 29.42 -57.69
CA ALA J 214 -4.77 30.67 -56.93
C ALA J 214 -5.88 30.79 -55.88
N ASN J 215 -6.41 29.67 -55.40
CA ASN J 215 -7.53 29.66 -54.46
C ASN J 215 -7.16 28.79 -53.25
N MET J 216 -8.09 28.70 -52.29
CA MET J 216 -7.83 28.06 -51.01
C MET J 216 -7.75 26.54 -51.16
N LEU J 217 -8.50 25.96 -52.10
CA LEU J 217 -8.68 24.52 -52.17
C LEU J 217 -8.20 23.89 -53.49
N ASP J 218 -7.57 24.67 -54.35
CA ASP J 218 -7.14 24.14 -55.65
C ASP J 218 -5.65 23.79 -55.67
N GLY J 219 -4.96 23.98 -54.52
CA GLY J 219 -3.53 23.78 -54.45
C GLY J 219 -2.72 25.08 -54.48
N GLY J 220 -3.39 26.22 -54.67
CA GLY J 220 -2.74 27.53 -54.61
C GLY J 220 -2.28 27.92 -53.20
N ALA J 221 -2.96 27.43 -52.15
CA ALA J 221 -2.62 27.76 -50.77
C ALA J 221 -1.51 26.85 -50.26
N PRO J 222 -0.39 27.37 -49.72
CA PRO J 222 0.71 26.55 -49.25
C PRO J 222 0.36 25.56 -48.15
N TYR J 223 -0.75 25.84 -47.45
CA TYR J 223 -1.26 25.00 -46.38
C TYR J 223 -2.35 24.03 -46.84
N TYR J 224 -2.73 24.05 -48.13
CA TYR J 224 -3.64 23.04 -48.71
C TYR J 224 -3.08 22.60 -50.08
N ASP J 225 -2.17 21.61 -50.04
CA ASP J 225 -1.40 21.17 -51.18
C ASP J 225 -0.55 19.97 -50.78
N THR J 226 0.09 19.33 -51.77
CA THR J 226 1.07 18.30 -51.49
C THR J 226 2.48 18.90 -51.47
N TYR J 227 3.40 18.14 -50.88
CA TYR J 227 4.81 18.48 -50.84
C TYR J 227 5.63 17.22 -51.12
N GLU J 228 6.75 17.39 -51.82
CA GLU J 228 7.67 16.31 -52.08
C GLU J 228 8.62 16.21 -50.90
N CYS J 229 8.86 14.97 -50.48
CA CYS J 229 9.74 14.64 -49.37
C CYS J 229 11.10 14.21 -49.94
N ALA J 230 12.05 13.90 -49.05
CA ALA J 230 13.44 13.61 -49.42
C ALA J 230 13.55 12.32 -50.23
N ASP J 231 12.56 11.43 -50.09
CA ASP J 231 12.58 10.12 -50.73
C ASP J 231 11.86 10.18 -52.07
N GLY J 232 11.38 11.36 -52.47
CA GLY J 232 10.62 11.51 -53.69
C GLY J 232 9.15 11.06 -53.55
N ARG J 233 8.71 10.73 -52.32
CA ARG J 233 7.29 10.47 -52.06
C ARG J 233 6.64 11.76 -51.56
N TYR J 234 5.31 11.73 -51.33
CA TYR J 234 4.63 12.97 -51.00
C TYR J 234 3.88 12.91 -49.67
N VAL J 235 3.63 14.12 -49.14
CA VAL J 235 2.69 14.33 -48.08
C VAL J 235 1.61 15.30 -48.56
N ALA J 236 0.44 15.19 -47.94
CA ALA J 236 -0.60 16.17 -48.13
C ALA J 236 -0.74 17.03 -46.88
N VAL J 237 -0.92 18.32 -47.11
CA VAL J 237 -1.16 19.24 -46.02
C VAL J 237 -2.53 19.86 -46.20
N GLY J 238 -3.33 19.88 -45.12
CA GLY J 238 -4.65 20.45 -45.23
C GLY J 238 -5.02 21.32 -44.05
N ALA J 239 -4.01 22.02 -43.53
CA ALA J 239 -4.12 22.78 -42.30
C ALA J 239 -4.77 24.13 -42.54
N ILE J 240 -6.09 24.15 -42.73
CA ILE J 240 -6.80 25.39 -42.97
C ILE J 240 -6.94 26.21 -41.69
N GLU J 241 -7.42 25.58 -40.62
CA GLU J 241 -7.73 26.31 -39.39
C GLU J 241 -6.42 26.80 -38.77
N PRO J 242 -6.36 28.03 -38.25
CA PRO J 242 -5.08 28.56 -37.78
C PRO J 242 -4.37 27.72 -36.72
N GLN J 243 -5.14 27.05 -35.83
CA GLN J 243 -4.57 26.27 -34.75
CA GLN J 243 -4.58 26.25 -34.75
C GLN J 243 -3.89 25.05 -35.36
N PHE J 244 -4.47 24.51 -36.45
CA PHE J 244 -3.92 23.31 -37.08
C PHE J 244 -2.66 23.68 -37.85
N TYR J 245 -2.70 24.83 -38.54
CA TYR J 245 -1.53 25.35 -39.23
C TYR J 245 -0.37 25.63 -38.27
N ALA J 246 -0.68 26.31 -37.15
CA ALA J 246 0.34 26.56 -36.11
C ALA J 246 0.98 25.25 -35.66
N ALA J 247 0.16 24.19 -35.52
CA ALA J 247 0.70 22.92 -35.08
C ALA J 247 1.65 22.35 -36.14
N MET J 248 1.29 22.54 -37.42
CA MET J 248 2.08 21.96 -38.50
C MET J 248 3.40 22.73 -38.59
N LEU J 249 3.37 24.05 -38.42
CA LEU J 249 4.62 24.82 -38.39
C LEU J 249 5.56 24.31 -37.30
N ALA J 250 5.06 24.16 -36.07
CA ALA J 250 5.95 23.74 -34.98
C ALA J 250 6.56 22.37 -35.25
N GLY J 251 5.79 21.44 -35.86
CA GLY J 251 6.29 20.11 -36.17
C GLY J 251 7.36 20.13 -37.27
N LEU J 252 7.29 21.12 -38.16
CA LEU J 252 8.28 21.29 -39.20
C LEU J 252 9.52 21.97 -38.64
N GLY J 253 9.42 22.49 -37.42
CA GLY J 253 10.54 23.15 -36.78
C GLY J 253 10.60 24.62 -37.16
N LEU J 254 9.45 25.17 -37.55
CA LEU J 254 9.44 26.48 -38.16
C LEU J 254 8.79 27.43 -37.17
N ASP J 255 9.48 28.53 -36.92
CA ASP J 255 9.06 29.54 -35.98
C ASP J 255 8.12 30.47 -36.72
N ALA J 256 6.86 30.53 -36.30
CA ALA J 256 5.81 31.34 -36.90
C ALA J 256 6.20 32.82 -37.04
N ALA J 257 7.05 33.36 -36.17
CA ALA J 257 7.36 34.78 -36.19
C ALA J 257 8.30 35.14 -37.34
N GLU J 258 9.02 34.15 -37.88
CA GLU J 258 9.90 34.32 -39.03
C GLU J 258 9.15 34.19 -40.37
N LEU J 259 7.89 33.73 -40.36
CA LEU J 259 7.18 33.41 -41.60
C LEU J 259 6.20 34.53 -41.94
N PRO J 260 5.78 34.64 -43.22
CA PRO J 260 4.66 35.51 -43.55
C PRO J 260 3.33 34.95 -43.02
N PRO J 261 2.28 35.79 -42.88
CA PRO J 261 0.97 35.34 -42.44
C PRO J 261 0.37 34.23 -43.30
N GLN J 262 -0.27 33.26 -42.62
CA GLN J 262 -0.87 32.12 -43.30
C GLN J 262 -1.66 32.55 -44.54
N ASN J 263 -2.46 33.62 -44.42
CA ASN J 263 -3.38 33.99 -45.48
C ASN J 263 -2.96 35.30 -46.15
N ASP J 264 -1.65 35.59 -46.21
CA ASP J 264 -1.17 36.68 -47.06
C ASP J 264 -0.75 36.12 -48.43
N ARG J 265 -1.68 36.20 -49.41
CA ARG J 265 -1.59 35.53 -50.69
C ARG J 265 -0.43 36.10 -51.50
N ALA J 266 -0.14 37.38 -51.34
CA ALA J 266 1.01 37.97 -52.00
C ALA J 266 2.31 37.27 -51.61
N ARG J 267 2.34 36.62 -50.42
CA ARG J 267 3.57 36.04 -49.91
C ARG J 267 3.53 34.52 -49.94
N TRP J 268 2.47 33.95 -50.51
CA TRP J 268 2.36 32.51 -50.60
C TRP J 268 3.56 31.84 -51.25
N PRO J 269 4.13 32.37 -52.34
CA PRO J 269 5.33 31.74 -52.90
C PRO J 269 6.46 31.64 -51.90
N GLU J 270 6.60 32.69 -51.07
CA GLU J 270 7.64 32.73 -50.05
C GLU J 270 7.36 31.68 -48.96
N LEU J 271 6.10 31.64 -48.52
CA LEU J 271 5.66 30.63 -47.56
C LEU J 271 5.85 29.23 -48.15
N ARG J 272 5.45 29.06 -49.41
CA ARG J 272 5.58 27.76 -50.05
C ARG J 272 7.03 27.29 -50.08
N ALA J 273 7.95 28.19 -50.43
CA ALA J 273 9.37 27.83 -50.47
C ALA J 273 9.86 27.35 -49.10
N LEU J 274 9.49 28.03 -48.02
CA LEU J 274 9.91 27.62 -46.68
C LEU J 274 9.37 26.23 -46.35
N LEU J 275 8.06 26.03 -46.50
CA LEU J 275 7.47 24.71 -46.32
C LEU J 275 8.10 23.66 -47.25
N THR J 276 8.33 24.01 -48.51
CA THR J 276 8.96 23.07 -49.43
C THR J 276 10.29 22.58 -48.86
N GLU J 277 11.10 23.51 -48.36
CA GLU J 277 12.46 23.19 -47.92
C GLU J 277 12.36 22.28 -46.71
N ALA J 278 11.43 22.58 -45.81
CA ALA J 278 11.28 21.78 -44.61
C ALA J 278 10.82 20.37 -44.96
N PHE J 279 9.84 20.22 -45.86
CA PHE J 279 9.29 18.88 -46.05
C PHE J 279 10.26 18.02 -46.83
N ALA J 280 11.14 18.67 -47.61
CA ALA J 280 12.12 17.97 -48.44
C ALA J 280 13.27 17.41 -47.60
N SER J 281 13.35 17.82 -46.33
CA SER J 281 14.48 17.47 -45.49
C SER J 281 14.33 16.08 -44.85
N HIS J 282 13.13 15.50 -44.86
CA HIS J 282 12.93 14.14 -44.35
C HIS J 282 11.94 13.38 -45.24
N ASP J 283 11.96 12.05 -45.15
CA ASP J 283 11.18 11.19 -46.02
C ASP J 283 9.71 11.14 -45.57
N ARG J 284 8.81 10.66 -46.43
CA ARG J 284 7.37 10.74 -46.16
C ARG J 284 7.03 10.03 -44.85
N ASP J 285 7.66 8.88 -44.60
CA ASP J 285 7.32 8.06 -43.44
C ASP J 285 7.68 8.81 -42.16
N HIS J 286 8.79 9.56 -42.20
CA HIS J 286 9.16 10.39 -41.07
C HIS J 286 8.06 11.39 -40.78
N TRP J 287 7.48 12.01 -41.79
CA TRP J 287 6.44 12.99 -41.52
C TRP J 287 5.18 12.34 -40.92
N GLY J 288 4.87 11.12 -41.38
CA GLY J 288 3.74 10.35 -40.88
C GLY J 288 3.87 10.00 -39.39
N ALA J 289 5.09 9.67 -38.92
CA ALA J 289 5.34 9.45 -37.50
C ALA J 289 5.20 10.75 -36.68
N VAL J 290 5.95 11.77 -37.08
CA VAL J 290 5.95 13.08 -36.44
C VAL J 290 4.55 13.63 -36.26
N PHE J 291 3.63 13.42 -37.21
CA PHE J 291 2.32 14.06 -37.12
C PHE J 291 1.17 13.12 -36.78
N ALA J 292 1.48 11.84 -36.50
CA ALA J 292 0.50 10.93 -35.88
C ALA J 292 0.00 11.58 -34.60
N ASN J 293 -1.33 11.53 -34.44
CA ASN J 293 -2.07 11.94 -33.25
C ASN J 293 -2.18 13.47 -33.20
N SER J 294 -1.71 14.15 -34.26
CA SER J 294 -1.72 15.61 -34.27
C SER J 294 -2.90 16.11 -35.10
N ASP J 295 -3.38 17.32 -34.79
CA ASP J 295 -4.29 18.09 -35.61
C ASP J 295 -3.57 18.93 -36.70
N ALA J 296 -2.33 18.57 -37.09
CA ALA J 296 -1.56 19.35 -38.06
C ALA J 296 -2.10 19.19 -39.49
N CYS J 297 -2.93 18.15 -39.74
CA CYS J 297 -3.55 17.91 -41.03
C CYS J 297 -2.49 17.53 -42.06
N VAL J 298 -1.63 16.60 -41.71
CA VAL J 298 -0.49 16.22 -42.54
C VAL J 298 -0.57 14.72 -42.66
N THR J 299 -0.70 14.20 -43.89
CA THR J 299 -0.88 12.78 -44.12
C THR J 299 0.04 12.33 -45.24
N PRO J 300 0.48 11.07 -45.20
CA PRO J 300 1.20 10.49 -46.31
C PRO J 300 0.28 10.33 -47.52
N VAL J 301 0.83 10.55 -48.70
CA VAL J 301 0.08 10.36 -49.92
C VAL J 301 0.38 8.94 -50.39
N LEU J 302 -0.57 8.04 -50.17
CA LEU J 302 -0.33 6.65 -50.51
C LEU J 302 -0.73 6.42 -51.97
N ALA J 303 0.10 5.68 -52.69
CA ALA J 303 -0.29 5.00 -53.93
C ALA J 303 -1.22 3.84 -53.64
N PHE J 304 -2.08 3.52 -54.60
CA PHE J 304 -3.02 2.40 -54.52
C PHE J 304 -2.33 1.17 -53.93
N GLY J 305 -1.17 0.76 -54.46
CA GLY J 305 -0.51 -0.47 -54.04
C GLY J 305 -0.02 -0.48 -52.59
N GLU J 306 0.00 0.66 -51.89
CA GLU J 306 0.48 0.73 -50.51
C GLU J 306 -0.67 0.83 -49.52
N VAL J 307 -1.89 1.07 -50.01
CA VAL J 307 -3.02 1.38 -49.14
C VAL J 307 -3.36 0.20 -48.25
N HIS J 308 -3.20 -1.03 -48.75
CA HIS J 308 -3.53 -2.21 -47.96
C HIS J 308 -2.70 -2.25 -46.68
N ASN J 309 -1.58 -1.50 -46.61
CA ASN J 309 -0.68 -1.55 -45.45
C ASN J 309 -0.82 -0.37 -44.50
N GLU J 310 -1.78 0.53 -44.69
CA GLU J 310 -2.03 1.61 -43.74
C GLU J 310 -2.86 1.07 -42.58
N PRO J 311 -2.40 1.25 -41.32
CA PRO J 311 -3.15 0.76 -40.16
C PRO J 311 -4.62 1.19 -40.14
N HIS J 312 -4.93 2.48 -40.40
CA HIS J 312 -6.31 2.94 -40.27
C HIS J 312 -7.19 2.32 -41.36
N ILE J 313 -6.59 2.04 -42.52
CA ILE J 313 -7.30 1.35 -43.57
C ILE J 313 -7.57 -0.08 -43.12
N ILE J 314 -6.54 -0.75 -42.55
CA ILE J 314 -6.65 -2.16 -42.20
C ILE J 314 -7.78 -2.39 -41.20
N GLU J 315 -7.85 -1.52 -40.19
CA GLU J 315 -8.60 -1.78 -38.98
C GLU J 315 -10.05 -1.34 -39.09
N ARG J 316 -10.41 -0.56 -40.12
CA ARG J 316 -11.82 -0.29 -40.41
C ARG J 316 -12.35 -1.17 -41.55
N ASN J 317 -11.52 -2.09 -42.04
CA ASN J 317 -11.88 -2.95 -43.16
C ASN J 317 -12.56 -2.10 -44.24
N THR J 318 -11.87 -1.04 -44.66
CA THR J 318 -12.34 -0.22 -45.77
C THR J 318 -12.30 -0.99 -47.08
N PHE J 319 -11.35 -1.94 -47.18
CA PHE J 319 -11.13 -2.78 -48.35
C PHE J 319 -11.30 -4.26 -47.97
N TYR J 320 -11.57 -5.11 -48.98
CA TYR J 320 -11.57 -6.56 -48.88
C TYR J 320 -10.73 -7.09 -50.04
N GLU J 321 -10.24 -8.34 -49.89
CA GLU J 321 -9.41 -8.97 -50.91
C GLU J 321 -10.26 -9.96 -51.70
N ALA J 322 -10.57 -9.62 -52.96
CA ALA J 322 -11.20 -10.54 -53.88
C ALA J 322 -10.18 -10.99 -54.92
N ASN J 323 -10.67 -11.45 -56.08
CA ASN J 323 -10.22 -10.92 -57.36
C ASN J 323 -8.73 -11.20 -57.54
N GLY J 324 -8.06 -10.31 -58.29
CA GLY J 324 -6.61 -10.21 -58.30
C GLY J 324 -6.09 -9.48 -57.07
N GLY J 325 -6.74 -8.36 -56.71
CA GLY J 325 -6.38 -7.60 -55.53
C GLY J 325 -7.58 -6.97 -54.85
N TRP J 326 -7.34 -5.81 -54.23
CA TRP J 326 -8.23 -5.26 -53.23
C TRP J 326 -9.37 -4.49 -53.89
N GLN J 327 -10.45 -4.31 -53.13
CA GLN J 327 -11.64 -3.65 -53.63
C GLN J 327 -12.33 -2.95 -52.46
N PRO J 328 -12.97 -1.79 -52.68
CA PRO J 328 -13.61 -1.07 -51.60
C PRO J 328 -14.88 -1.75 -51.10
N MET J 329 -14.95 -1.89 -49.77
CA MET J 329 -16.12 -2.43 -49.11
C MET J 329 -17.23 -1.42 -49.25
N PRO J 330 -18.48 -1.87 -49.12
CA PRO J 330 -19.60 -0.96 -49.25
C PRO J 330 -19.53 0.22 -48.32
N ALA J 331 -20.14 1.31 -48.77
CA ALA J 331 -20.28 2.49 -47.96
C ALA J 331 -21.61 3.11 -48.30
N PRO J 332 -22.21 3.92 -47.40
CA PRO J 332 -21.74 4.08 -46.02
C PRO J 332 -22.09 2.87 -45.16
N ARG J 333 -21.86 2.95 -43.84
CA ARG J 333 -22.11 1.78 -42.99
C ARG J 333 -23.39 2.00 -42.19
N PHE J 334 -24.05 0.87 -41.83
CA PHE J 334 -25.33 0.92 -41.10
C PHE J 334 -25.23 0.16 -39.77
N SER J 335 -25.76 0.73 -38.68
CA SER J 335 -25.69 0.11 -37.36
C SER J 335 -26.46 -1.22 -37.30
N ARG J 336 -27.73 -1.23 -37.73
CA ARG J 336 -28.59 -2.40 -37.56
C ARG J 336 -28.58 -3.35 -38.77
N THR J 337 -28.84 -2.79 -39.98
CA THR J 337 -28.87 -3.58 -41.21
C THR J 337 -27.59 -3.33 -41.99
N ALA J 338 -26.54 -4.06 -41.65
CA ALA J 338 -25.24 -3.84 -42.26
C ALA J 338 -25.19 -4.55 -43.60
N SER J 339 -24.43 -3.95 -44.51
CA SER J 339 -24.15 -4.60 -45.78
C SER J 339 -23.17 -5.73 -45.52
N SER J 340 -22.93 -6.56 -46.53
CA SER J 340 -21.98 -7.64 -46.44
C SER J 340 -20.95 -7.57 -47.56
N GLN J 341 -19.94 -8.43 -47.49
CA GLN J 341 -18.90 -8.50 -48.50
C GLN J 341 -19.54 -8.74 -49.86
N PRO J 342 -19.30 -7.87 -50.87
CA PRO J 342 -19.91 -8.03 -52.18
C PRO J 342 -19.62 -9.38 -52.83
N ARG J 343 -20.62 -9.86 -53.59
CA ARG J 343 -20.54 -11.13 -54.28
C ARG J 343 -19.83 -10.87 -55.61
N PRO J 344 -18.87 -11.74 -55.99
CA PRO J 344 -18.15 -11.57 -57.25
C PRO J 344 -19.11 -11.49 -58.44
N PRO J 345 -18.68 -10.95 -59.60
CA PRO J 345 -19.53 -10.98 -60.79
C PRO J 345 -20.10 -12.37 -61.07
N ALA J 346 -21.43 -12.45 -61.25
CA ALA J 346 -22.15 -13.71 -61.43
C ALA J 346 -21.74 -14.39 -62.75
N ALA J 347 -22.22 -15.63 -62.95
CA ALA J 347 -22.28 -16.22 -64.28
C ALA J 347 -23.62 -15.85 -64.90
N THR J 348 -23.66 -15.81 -66.25
CA THR J 348 -24.86 -15.45 -66.97
C THR J 348 -25.95 -16.45 -66.61
N ILE J 349 -27.07 -15.94 -66.10
CA ILE J 349 -28.18 -16.82 -65.80
C ILE J 349 -29.26 -16.56 -66.86
N ASP J 350 -30.23 -17.48 -66.87
CA ASP J 350 -31.32 -17.47 -67.84
C ASP J 350 -32.37 -16.47 -67.36
N ILE J 351 -32.86 -15.60 -68.26
CA ILE J 351 -33.77 -14.55 -67.86
C ILE J 351 -35.10 -15.11 -67.33
N GLU J 352 -35.47 -16.34 -67.76
CA GLU J 352 -36.66 -17.03 -67.27
C GLU J 352 -36.51 -17.43 -65.81
N ALA J 353 -35.31 -17.90 -65.44
CA ALA J 353 -35.03 -18.36 -64.09
C ALA J 353 -35.26 -17.22 -63.09
N VAL J 354 -35.06 -15.98 -63.55
CA VAL J 354 -35.21 -14.79 -62.72
C VAL J 354 -36.69 -14.45 -62.57
N LEU J 355 -37.46 -14.62 -63.66
CA LEU J 355 -38.89 -14.29 -63.64
C LEU J 355 -39.64 -15.27 -62.73
N THR J 356 -39.18 -16.53 -62.71
CA THR J 356 -39.60 -17.55 -61.74
C THR J 356 -39.41 -17.02 -60.32
N ASP J 357 -38.13 -16.83 -59.94
CA ASP J 357 -37.67 -16.47 -58.61
C ASP J 357 -38.41 -15.26 -58.06
N TRP J 358 -38.75 -14.28 -58.91
CA TRP J 358 -39.56 -13.12 -58.54
C TRP J 358 -41.06 -13.45 -58.58
N ASP J 359 -41.50 -14.40 -57.72
CA ASP J 359 -42.82 -15.02 -57.74
C ASP J 359 -43.35 -15.13 -59.18
N MET K 1 24.88 46.35 -15.89
CA MET K 1 24.23 45.09 -15.44
C MET K 1 22.89 44.87 -16.16
N ALA K 2 22.78 43.71 -16.81
CA ALA K 2 21.69 43.39 -17.74
C ALA K 2 20.41 42.98 -17.01
N GLY K 3 19.26 43.52 -17.42
CA GLY K 3 17.97 43.03 -16.98
C GLY K 3 17.05 44.17 -16.57
N PRO K 4 15.74 43.91 -16.36
CA PRO K 4 14.78 44.97 -16.05
C PRO K 4 14.85 45.57 -14.65
N LEU K 5 15.64 44.93 -13.76
CA LEU K 5 15.86 45.47 -12.42
C LEU K 5 17.25 46.09 -12.31
N SER K 6 17.95 46.31 -13.43
CA SER K 6 19.20 47.04 -13.43
C SER K 6 19.04 48.34 -12.65
N GLY K 7 19.98 48.59 -11.74
CA GLY K 7 20.00 49.81 -10.95
C GLY K 7 19.59 49.58 -9.51
N LEU K 8 18.63 48.65 -9.32
CA LEU K 8 18.05 48.36 -8.02
C LEU K 8 19.10 47.74 -7.09
N ARG K 9 19.12 48.27 -5.85
CA ARG K 9 20.11 47.86 -4.87
C ARG K 9 19.44 47.08 -3.73
N VAL K 10 20.07 45.94 -3.44
CA VAL K 10 19.48 45.01 -2.49
C VAL K 10 20.55 44.65 -1.49
N VAL K 11 20.15 44.72 -0.23
CA VAL K 11 20.95 44.17 0.86
C VAL K 11 20.17 42.98 1.42
N GLU K 12 20.87 41.84 1.43
CA GLU K 12 20.35 40.58 1.90
C GLU K 12 21.12 40.20 3.17
N LEU K 13 20.42 40.08 4.29
CA LEU K 13 20.98 39.47 5.49
C LEU K 13 20.91 37.96 5.35
N ALA K 14 22.09 37.33 5.24
CA ALA K 14 22.22 35.91 4.97
C ALA K 14 21.27 35.09 5.83
N GLY K 15 20.45 34.26 5.15
CA GLY K 15 19.64 33.24 5.77
C GLY K 15 19.67 31.96 4.93
N ILE K 16 18.60 31.16 5.06
CA ILE K 16 18.42 29.91 4.32
C ILE K 16 17.03 29.88 3.68
N GLY K 17 16.91 29.23 2.51
CA GLY K 17 15.61 29.00 1.91
C GLY K 17 15.09 30.25 1.18
N PRO K 18 13.93 30.79 1.57
CA PRO K 18 13.26 31.78 0.75
C PRO K 18 14.02 33.08 0.52
N GLY K 19 14.62 33.63 1.58
CA GLY K 19 15.34 34.89 1.48
C GLY K 19 16.36 34.83 0.35
N PRO K 20 17.32 33.88 0.42
CA PRO K 20 18.32 33.74 -0.64
C PRO K 20 17.79 33.45 -2.05
N HIS K 21 16.57 32.90 -2.15
CA HIS K 21 16.04 32.52 -3.43
C HIS K 21 15.43 33.77 -4.05
N ALA K 22 14.77 34.57 -3.21
CA ALA K 22 14.27 35.85 -3.64
C ALA K 22 15.46 36.77 -4.00
N ALA K 23 16.48 36.81 -3.17
CA ALA K 23 17.61 37.65 -3.52
C ALA K 23 18.16 37.20 -4.86
N MET K 24 18.25 35.87 -5.04
CA MET K 24 18.87 35.32 -6.24
C MET K 24 18.10 35.81 -7.48
N ILE K 25 16.77 35.80 -7.39
CA ILE K 25 15.93 36.15 -8.52
C ILE K 25 16.15 37.62 -8.88
N LEU K 26 16.24 38.50 -7.85
CA LEU K 26 16.49 39.91 -8.06
C LEU K 26 17.79 40.11 -8.83
N GLY K 27 18.86 39.46 -8.36
CA GLY K 27 20.15 39.50 -9.02
C GLY K 27 20.10 38.95 -10.44
N ASP K 28 19.36 37.83 -10.61
CA ASP K 28 19.07 37.23 -11.90
C ASP K 28 18.54 38.29 -12.87
N LEU K 29 17.57 39.11 -12.43
CA LEU K 29 16.98 40.16 -13.26
C LEU K 29 17.81 41.46 -13.27
N GLY K 30 19.07 41.42 -12.78
CA GLY K 30 20.00 42.52 -12.98
C GLY K 30 20.20 43.45 -11.77
N ALA K 31 19.39 43.32 -10.72
CA ALA K 31 19.61 44.06 -9.48
C ALA K 31 20.99 43.77 -8.89
N ASP K 32 21.51 44.79 -8.17
CA ASP K 32 22.78 44.75 -7.48
C ASP K 32 22.53 44.27 -6.05
N VAL K 33 22.99 43.05 -5.76
CA VAL K 33 22.61 42.37 -4.54
C VAL K 33 23.89 42.20 -3.73
N VAL K 34 23.81 42.70 -2.49
CA VAL K 34 24.90 42.57 -1.55
C VAL K 34 24.35 41.79 -0.36
N ARG K 35 25.08 40.71 -0.08
CA ARG K 35 24.64 39.75 0.90
C ARG K 35 25.60 39.86 2.08
N ILE K 36 25.04 40.09 3.25
CA ILE K 36 25.85 40.20 4.44
C ILE K 36 25.82 38.86 5.17
N ASP K 37 26.94 38.12 5.15
CA ASP K 37 27.12 36.91 5.92
C ASP K 37 27.99 37.20 7.15
N ARG K 38 28.05 36.26 8.09
CA ARG K 38 28.85 36.43 9.29
C ARG K 38 30.25 35.85 8.99
N PRO K 39 31.32 36.33 9.68
CA PRO K 39 32.68 35.84 9.42
C PRO K 39 32.84 34.33 9.57
N SER K 40 32.16 33.76 10.59
CA SER K 40 32.11 32.33 10.88
C SER K 40 31.95 31.46 9.62
N SER K 41 31.35 32.01 8.54
CA SER K 41 31.03 31.29 7.31
C SER K 41 31.82 31.86 6.12
N VAL K 42 33.05 31.38 5.87
CA VAL K 42 33.96 31.99 4.89
C VAL K 42 33.99 31.16 3.59
N ILE K 45 35.03 30.68 -1.71
CA ILE K 45 33.95 30.83 -2.73
C ILE K 45 32.88 29.79 -2.42
N SER K 46 31.62 30.24 -2.34
CA SER K 46 30.48 29.37 -2.06
C SER K 46 30.25 28.39 -3.22
N ARG K 47 29.87 27.15 -2.88
CA ARG K 47 29.55 26.16 -3.90
C ARG K 47 28.03 26.07 -4.06
N ASP K 48 27.30 27.02 -3.45
CA ASP K 48 25.85 27.14 -3.58
C ASP K 48 25.57 28.08 -4.76
N ALA K 49 25.17 27.49 -5.90
CA ALA K 49 24.73 28.23 -7.07
C ALA K 49 23.53 29.14 -6.73
N MET K 50 22.87 28.91 -5.59
CA MET K 50 21.85 29.85 -5.14
C MET K 50 22.48 31.20 -4.79
N LEU K 51 23.81 31.27 -4.59
CA LEU K 51 24.44 32.54 -4.26
C LEU K 51 25.05 33.17 -5.51
N ARG K 52 24.39 32.97 -6.65
CA ARG K 52 24.75 33.60 -7.90
C ARG K 52 24.19 35.01 -7.92
N ASN K 53 24.84 35.88 -8.72
CA ASN K 53 24.39 37.26 -8.94
C ASN K 53 24.44 38.06 -7.63
N ARG K 54 25.55 37.88 -6.91
CA ARG K 54 25.74 38.40 -5.57
C ARG K 54 27.14 39.01 -5.42
N ARG K 55 27.26 40.04 -4.56
CA ARG K 55 28.52 40.26 -3.87
C ARG K 55 28.34 39.86 -2.40
N ILE K 56 29.26 39.02 -1.88
CA ILE K 56 29.25 38.60 -0.48
C ILE K 56 30.17 39.52 0.33
N VAL K 57 29.66 40.02 1.47
CA VAL K 57 30.48 40.75 2.44
C VAL K 57 30.32 40.17 3.85
N THR K 58 31.46 39.99 4.53
CA THR K 58 31.54 39.61 5.94
C THR K 58 31.26 40.83 6.80
N ALA K 59 30.60 40.60 7.94
CA ALA K 59 30.41 41.60 8.99
C ALA K 59 29.74 40.90 10.17
N ASP K 60 30.29 41.15 11.37
CA ASP K 60 29.70 40.69 12.62
C ASP K 60 28.72 41.77 13.08
N LEU K 61 27.41 41.47 13.06
CA LEU K 61 26.40 42.49 13.31
C LEU K 61 26.18 42.67 14.81
N LYS K 62 26.82 41.81 15.61
CA LYS K 62 26.74 41.91 17.05
C LYS K 62 27.67 43.04 17.54
N SER K 63 28.79 43.26 16.83
CA SER K 63 29.69 44.36 17.12
C SER K 63 29.09 45.68 16.66
N ASP K 64 29.79 46.79 16.95
CA ASP K 64 29.33 48.13 16.63
C ASP K 64 29.88 48.55 15.29
N GLN K 65 31.08 48.07 14.95
CA GLN K 65 31.65 48.32 13.64
C GLN K 65 30.80 47.62 12.58
N GLY K 66 30.49 46.33 12.80
CA GLY K 66 29.55 45.58 11.98
C GLY K 66 28.20 46.30 11.81
N LEU K 67 27.57 46.73 12.90
CA LEU K 67 26.24 47.34 12.81
C LEU K 67 26.29 48.63 11.98
N GLU K 68 27.39 49.39 12.11
CA GLU K 68 27.46 50.72 11.52
C GLU K 68 27.69 50.58 10.01
N LEU K 69 28.60 49.67 9.64
CA LEU K 69 28.85 49.33 8.24
C LEU K 69 27.55 48.90 7.57
N ALA K 70 26.79 48.00 8.21
CA ALA K 70 25.57 47.49 7.61
C ALA K 70 24.58 48.64 7.42
N LEU K 71 24.47 49.50 8.44
CA LEU K 71 23.53 50.60 8.40
C LEU K 71 23.89 51.59 7.30
N LYS K 72 25.14 51.55 6.85
CA LYS K 72 25.58 52.44 5.78
C LYS K 72 25.18 51.89 4.42
N LEU K 73 25.50 50.60 4.15
CA LEU K 73 24.96 49.85 3.01
C LEU K 73 23.45 50.10 2.86
N ILE K 74 22.70 49.93 3.95
CA ILE K 74 21.25 50.00 3.90
C ILE K 74 20.80 51.41 3.53
N ALA K 75 21.59 52.39 3.96
CA ALA K 75 21.26 53.80 3.78
C ALA K 75 21.07 54.11 2.29
N LYS K 76 21.94 53.50 1.47
CA LYS K 76 22.04 53.73 0.04
C LYS K 76 21.47 52.54 -0.75
N ALA K 77 20.33 51.99 -0.32
CA ALA K 77 19.77 50.82 -0.95
C ALA K 77 18.27 50.97 -1.03
N ASP K 78 17.63 50.13 -1.85
CA ASP K 78 16.20 50.19 -2.07
C ASP K 78 15.47 49.15 -1.25
N VAL K 79 16.13 48.00 -1.12
CA VAL K 79 15.50 46.85 -0.53
C VAL K 79 16.42 46.26 0.54
N LEU K 80 15.79 45.87 1.65
CA LEU K 80 16.41 44.96 2.60
C LEU K 80 15.56 43.70 2.72
N ILE K 81 16.29 42.58 2.69
CA ILE K 81 15.76 41.24 2.89
C ILE K 81 16.36 40.67 4.17
N GLU K 82 15.46 40.26 5.09
CA GLU K 82 15.82 39.44 6.23
C GLU K 82 14.80 38.31 6.42
N GLY K 83 15.33 37.13 6.76
CA GLY K 83 14.50 35.98 7.06
C GLY K 83 14.91 35.28 8.35
N TYR K 84 15.02 36.11 9.42
CA TYR K 84 15.26 35.63 10.76
C TYR K 84 13.93 35.63 11.49
N ARG K 85 13.92 35.01 12.69
CA ARG K 85 12.70 35.02 13.47
C ARG K 85 12.38 36.46 13.80
N PRO K 86 11.11 36.80 14.08
CA PRO K 86 10.76 38.15 14.49
C PRO K 86 11.51 38.60 15.75
N GLY K 87 11.92 39.87 15.78
CA GLY K 87 12.69 40.44 16.88
C GLY K 87 14.19 40.36 16.65
N VAL K 88 14.66 39.53 15.72
CA VAL K 88 16.10 39.35 15.61
C VAL K 88 16.77 40.60 15.04
N THR K 89 16.15 41.24 14.05
CA THR K 89 16.80 42.42 13.47
C THR K 89 16.60 43.59 14.44
N GLU K 90 15.45 43.62 15.10
CA GLU K 90 15.21 44.64 16.09
C GLU K 90 16.33 44.65 17.13
N ARG K 91 16.78 43.48 17.57
CA ARG K 91 17.73 43.41 18.68
C ARG K 91 19.13 43.71 18.17
N LEU K 92 19.35 43.52 16.86
CA LEU K 92 20.61 43.98 16.29
C LEU K 92 20.62 45.52 16.08
N GLY K 93 19.48 46.19 16.20
CA GLY K 93 19.36 47.58 15.79
C GLY K 93 19.29 47.74 14.27
N LEU K 94 18.78 46.69 13.57
CA LEU K 94 18.52 46.71 12.12
C LEU K 94 17.04 46.53 11.87
N GLY K 95 16.19 46.80 12.86
CA GLY K 95 14.76 46.61 12.75
C GLY K 95 14.17 47.69 11.85
N PRO K 96 12.88 47.60 11.47
CA PRO K 96 12.28 48.59 10.58
C PRO K 96 12.64 50.03 10.97
N GLU K 97 12.41 50.40 12.23
CA GLU K 97 12.42 51.79 12.67
C GLU K 97 13.85 52.36 12.68
N GLU K 98 14.82 51.53 13.07
CA GLU K 98 16.23 51.87 12.94
C GLU K 98 16.61 52.12 11.48
N CYS K 99 16.02 51.34 10.58
CA CYS K 99 16.28 51.43 9.15
C CYS K 99 15.57 52.66 8.57
N ALA K 100 14.33 52.94 9.01
CA ALA K 100 13.56 54.10 8.58
C ALA K 100 14.13 55.43 9.11
N LYS K 101 15.28 55.38 9.80
CA LYS K 101 15.92 56.59 10.28
C LYS K 101 17.03 56.99 9.31
N VAL K 102 17.59 56.02 8.59
CA VAL K 102 18.64 56.32 7.64
C VAL K 102 18.14 56.20 6.20
N ASN K 103 16.83 55.96 5.99
CA ASN K 103 16.32 55.55 4.69
C ASN K 103 14.81 55.39 4.77
N ASP K 104 14.05 56.49 4.74
CA ASP K 104 12.60 56.39 4.81
C ASP K 104 12.04 55.87 3.50
N ARG K 105 12.94 55.50 2.55
CA ARG K 105 12.57 54.98 1.23
C ARG K 105 12.77 53.48 1.12
N LEU K 106 13.22 52.83 2.21
CA LEU K 106 13.60 51.43 2.16
C LEU K 106 12.36 50.55 2.08
N ILE K 107 12.39 49.60 1.16
CA ILE K 107 11.48 48.47 1.23
C ILE K 107 12.07 47.45 2.21
N TYR K 108 11.36 47.23 3.31
CA TYR K 108 11.84 46.39 4.40
C TYR K 108 11.12 45.05 4.33
N ALA K 109 11.86 44.03 3.87
CA ALA K 109 11.23 42.77 3.46
C ALA K 109 11.51 41.65 4.47
N ARG K 110 10.43 41.23 5.15
CA ARG K 110 10.49 40.27 6.24
C ARG K 110 9.89 38.92 5.84
N MET K 111 10.79 37.93 5.70
CA MET K 111 10.48 36.61 5.17
C MET K 111 10.46 35.59 6.31
N THR K 112 9.27 35.28 6.83
CA THR K 112 9.14 34.24 7.83
C THR K 112 8.23 33.14 7.33
N GLY K 113 8.04 32.15 8.21
CA GLY K 113 7.13 31.06 7.94
C GLY K 113 5.80 31.29 8.63
N TRP K 114 5.86 31.65 9.93
CA TRP K 114 4.64 31.75 10.72
C TRP K 114 4.12 33.19 10.75
N GLY K 115 4.99 34.13 10.34
CA GLY K 115 4.70 35.54 10.44
C GLY K 115 5.32 36.22 11.68
N GLN K 116 4.90 37.47 11.88
CA GLN K 116 5.63 38.41 12.72
C GLN K 116 5.10 38.32 14.15
N THR K 117 3.83 37.92 14.31
CA THR K 117 3.21 37.81 15.61
C THR K 117 2.39 36.52 15.68
N GLY K 118 1.78 36.29 16.85
CA GLY K 118 0.87 35.19 17.07
C GLY K 118 1.59 33.99 17.71
N PRO K 119 0.83 32.97 18.15
CA PRO K 119 1.35 31.95 19.05
C PRO K 119 2.51 31.10 18.54
N ARG K 120 2.72 31.05 17.20
CA ARG K 120 3.77 30.20 16.64
C ARG K 120 4.93 31.03 16.10
N SER K 121 4.86 32.35 16.30
CA SER K 121 5.79 33.25 15.64
C SER K 121 7.22 33.02 16.09
N GLN K 122 7.45 32.34 17.21
CA GLN K 122 8.83 32.10 17.64
C GLN K 122 9.24 30.65 17.43
N GLN K 123 8.32 29.78 16.99
CA GLN K 123 8.67 28.41 16.70
C GLN K 123 9.52 28.32 15.45
N ALA K 124 10.71 27.71 15.58
CA ALA K 124 11.42 27.12 14.47
C ALA K 124 10.50 26.25 13.62
N GLY K 125 10.95 26.10 12.37
CA GLY K 125 10.21 25.34 11.38
C GLY K 125 10.88 25.43 10.02
N HIS K 126 10.37 24.59 9.14
CA HIS K 126 10.75 24.57 7.75
C HIS K 126 9.50 24.34 6.92
N ASP K 127 9.68 24.32 5.60
CA ASP K 127 8.60 24.22 4.64
C ASP K 127 7.56 23.19 5.12
N ILE K 128 7.97 21.95 5.42
CA ILE K 128 7.02 20.88 5.68
C ILE K 128 6.05 21.27 6.79
N ASN K 129 6.55 22.12 7.72
CA ASN K 129 5.76 22.53 8.86
C ASN K 129 4.69 23.57 8.50
N TYR K 130 5.12 24.63 7.79
CA TYR K 130 4.23 25.71 7.40
C TYR K 130 3.11 25.13 6.53
N ILE K 131 3.46 24.23 5.60
CA ILE K 131 2.41 23.73 4.72
C ILE K 131 1.54 22.70 5.44
N SER K 132 1.99 22.20 6.59
CA SER K 132 1.21 21.19 7.27
C SER K 132 0.02 21.83 7.94
N LEU K 133 0.14 23.11 8.32
CA LEU K 133 -0.86 23.75 9.16
C LEU K 133 -2.04 24.29 8.36
N ASN K 134 -1.86 24.51 7.04
CA ASN K 134 -2.86 25.18 6.24
C ASN K 134 -3.56 24.26 5.25
N GLY K 135 -3.48 22.92 5.48
CA GLY K 135 -4.20 21.94 4.66
C GLY K 135 -3.45 21.46 3.40
N ILE K 136 -2.37 22.11 3.03
CA ILE K 136 -1.68 21.79 1.80
C ILE K 136 -1.06 20.39 1.92
N LEU K 137 -0.27 20.12 2.94
CA LEU K 137 0.49 18.89 2.95
C LEU K 137 -0.51 17.72 2.96
N HIS K 138 -1.62 17.92 3.68
CA HIS K 138 -2.60 16.87 3.84
C HIS K 138 -3.11 16.39 2.47
N ALA K 139 -3.07 17.29 1.48
CA ALA K 139 -3.71 17.06 0.20
C ALA K 139 -2.79 16.34 -0.78
N ILE K 140 -1.53 16.08 -0.41
CA ILE K 140 -0.54 15.67 -1.36
C ILE K 140 -0.11 14.24 -1.08
N GLY K 141 -0.22 13.40 -2.11
CA GLY K 141 0.25 12.02 -2.05
C GLY K 141 -0.89 11.04 -2.31
N ARG K 142 -0.57 9.76 -2.26
CA ARG K 142 -1.55 8.75 -2.57
C ARG K 142 -2.49 8.58 -1.38
N GLY K 143 -3.73 8.16 -1.67
CA GLY K 143 -4.81 8.15 -0.70
C GLY K 143 -4.58 7.18 0.45
N ASP K 144 -3.94 6.05 0.18
CA ASP K 144 -3.79 5.03 1.21
C ASP K 144 -2.46 5.17 1.96
N GLU K 145 -1.80 6.33 1.82
CA GLU K 145 -0.46 6.48 2.32
C GLU K 145 -0.33 7.80 3.07
N ARG K 146 0.75 7.95 3.80
CA ARG K 146 0.95 9.20 4.51
C ARG K 146 1.36 10.28 3.51
N PRO K 147 1.01 11.54 3.80
CA PRO K 147 1.27 12.60 2.85
C PRO K 147 2.76 12.72 2.55
N VAL K 148 3.02 13.21 1.36
CA VAL K 148 4.37 13.22 0.85
C VAL K 148 4.69 14.68 0.60
N PRO K 149 5.84 15.15 1.10
CA PRO K 149 6.19 16.55 0.96
C PRO K 149 6.62 16.85 -0.45
N PRO K 150 6.12 17.94 -1.05
CA PRO K 150 6.49 18.29 -2.39
C PRO K 150 7.81 19.02 -2.43
N LEU K 151 8.85 18.32 -1.98
CA LEU K 151 10.13 18.93 -1.71
C LEU K 151 9.87 20.17 -0.87
N ASN K 152 10.76 21.16 -0.92
CA ASN K 152 10.45 22.44 -0.29
C ASN K 152 9.96 23.45 -1.31
N LEU K 153 9.20 23.03 -2.32
CA LEU K 153 8.84 23.93 -3.42
C LEU K 153 7.65 24.81 -3.06
N VAL K 154 6.76 24.38 -2.15
CA VAL K 154 5.51 25.09 -1.98
C VAL K 154 5.57 26.13 -0.88
N GLY K 155 6.21 25.81 0.26
CA GLY K 155 6.31 26.73 1.38
C GLY K 155 7.41 27.77 1.16
N ASP K 156 8.62 27.29 0.87
CA ASP K 156 9.80 28.12 0.78
C ASP K 156 9.80 29.00 -0.47
N PHE K 157 9.48 28.41 -1.65
CA PHE K 157 9.64 29.11 -2.91
C PHE K 157 8.30 29.62 -3.42
N GLY K 158 7.45 28.72 -3.89
CA GLY K 158 6.14 29.12 -4.39
C GLY K 158 5.38 30.06 -3.46
N GLY K 159 5.29 29.68 -2.20
CA GLY K 159 4.45 30.40 -1.24
C GLY K 159 5.34 31.32 -0.38
N GLY K 160 6.64 31.35 -0.65
CA GLY K 160 7.56 32.02 0.23
C GLY K 160 8.28 33.15 -0.51
N SER K 161 9.43 32.81 -1.07
CA SER K 161 10.24 33.73 -1.84
C SER K 161 9.41 34.46 -2.90
N MET K 162 8.56 33.74 -3.64
CA MET K 162 7.88 34.39 -4.75
C MET K 162 6.92 35.45 -4.20
N PHE K 163 6.43 35.30 -2.99
CA PHE K 163 5.49 36.28 -2.48
C PHE K 163 6.28 37.44 -1.86
N LEU K 164 7.45 37.15 -1.34
CA LEU K 164 8.28 38.23 -0.85
C LEU K 164 8.61 39.12 -2.05
N LEU K 165 8.92 38.48 -3.19
CA LEU K 165 9.32 39.15 -4.42
C LEU K 165 8.20 40.04 -4.92
N VAL K 166 6.99 39.50 -4.97
CA VAL K 166 5.82 40.26 -5.35
C VAL K 166 5.74 41.48 -4.45
N GLY K 167 5.85 41.26 -3.15
CA GLY K 167 5.62 42.29 -2.15
C GLY K 167 6.62 43.44 -2.29
N ILE K 168 7.89 43.08 -2.50
CA ILE K 168 8.97 44.03 -2.69
C ILE K 168 8.74 44.88 -3.94
N LEU K 169 8.45 44.18 -5.06
CA LEU K 169 8.34 44.82 -6.36
C LEU K 169 7.04 45.60 -6.36
N ALA K 170 6.01 45.14 -5.64
CA ALA K 170 4.80 45.92 -5.57
C ALA K 170 5.04 47.19 -4.77
N ALA K 171 5.79 47.06 -3.66
CA ALA K 171 5.99 48.17 -2.75
C ALA K 171 6.80 49.24 -3.47
N LEU K 172 7.81 48.82 -4.27
CA LEU K 172 8.57 49.67 -5.17
C LEU K 172 7.71 50.47 -6.18
N TRP K 173 6.49 50.00 -6.47
CA TRP K 173 5.55 50.68 -7.36
C TRP K 173 4.78 51.73 -6.57
N GLU K 174 4.48 51.39 -5.31
CA GLU K 174 3.71 52.27 -4.45
C GLU K 174 4.61 53.44 -4.04
N ARG K 175 5.91 53.17 -4.04
CA ARG K 175 6.94 54.14 -3.68
C ARG K 175 7.09 55.24 -4.73
N GLN K 176 6.85 54.93 -6.02
CA GLN K 176 7.00 55.91 -7.09
C GLN K 176 5.95 57.01 -6.86
N SER K 177 4.74 56.64 -6.42
CA SER K 177 3.64 57.55 -6.15
C SER K 177 3.74 58.25 -4.76
N SER K 178 4.42 57.64 -3.79
CA SER K 178 4.36 58.11 -2.40
C SER K 178 5.70 58.64 -1.88
N GLY K 179 6.84 58.26 -2.48
CA GLY K 179 8.15 58.69 -2.03
C GLY K 179 8.65 57.96 -0.78
N LYS K 180 7.90 56.96 -0.28
CA LYS K 180 8.22 56.29 0.99
C LYS K 180 8.35 54.77 0.83
N GLY K 181 9.26 54.17 1.62
CA GLY K 181 9.33 52.74 1.82
C GLY K 181 8.22 52.22 2.76
N GLN K 182 8.40 50.98 3.22
CA GLN K 182 7.43 50.33 4.12
C GLN K 182 7.87 48.87 4.31
N VAL K 183 7.08 48.13 5.10
CA VAL K 183 7.47 46.81 5.55
C VAL K 183 6.59 45.78 4.87
N VAL K 184 7.27 44.84 4.21
CA VAL K 184 6.62 43.67 3.65
C VAL K 184 6.81 42.49 4.62
N ASP K 185 5.66 41.98 5.09
CA ASP K 185 5.55 40.80 5.95
C ASP K 185 5.11 39.60 5.10
N ALA K 186 6.11 38.85 4.57
CA ALA K 186 5.85 37.61 3.85
C ALA K 186 5.93 36.38 4.76
N ALA K 187 4.78 35.82 5.15
CA ALA K 187 4.76 34.54 5.86
C ALA K 187 4.37 33.39 4.93
N MET K 188 5.23 32.35 4.90
CA MET K 188 5.03 31.19 4.05
C MET K 188 3.66 30.55 4.29
N VAL K 189 3.13 30.71 5.49
CA VAL K 189 1.85 30.09 5.80
C VAL K 189 0.71 30.84 5.09
N ASP K 190 0.95 32.11 4.74
CA ASP K 190 -0.01 32.93 4.03
C ASP K 190 0.16 32.76 2.53
N GLY K 191 1.39 33.00 2.05
CA GLY K 191 1.78 32.86 0.65
C GLY K 191 1.30 31.53 0.06
N SER K 192 1.68 30.42 0.71
CA SER K 192 1.28 29.08 0.28
C SER K 192 -0.24 28.95 0.30
N SER K 193 -0.94 29.57 1.24
CA SER K 193 -2.40 29.55 1.25
C SER K 193 -2.99 30.26 0.02
N VAL K 194 -2.36 31.35 -0.44
CA VAL K 194 -2.85 32.05 -1.62
C VAL K 194 -2.50 31.21 -2.85
N LEU K 195 -1.34 30.55 -2.80
CA LEU K 195 -0.86 29.73 -3.88
C LEU K 195 -1.86 28.61 -4.20
N ILE K 196 -2.64 28.19 -3.20
CA ILE K 196 -3.55 27.06 -3.34
C ILE K 196 -4.96 27.62 -3.29
N GLN K 197 -5.12 28.88 -3.74
CA GLN K 197 -6.44 29.50 -3.68
C GLN K 197 -7.43 28.72 -4.58
N MET K 198 -6.95 28.14 -5.69
CA MET K 198 -7.83 27.32 -6.52
C MET K 198 -8.52 26.24 -5.71
N MET K 199 -7.76 25.54 -4.84
CA MET K 199 -8.34 24.40 -4.14
C MET K 199 -9.36 24.87 -3.13
N TRP K 200 -9.11 26.01 -2.49
CA TRP K 200 -10.14 26.60 -1.65
C TRP K 200 -11.40 27.01 -2.45
N ALA K 201 -11.22 27.52 -3.67
CA ALA K 201 -12.34 27.82 -4.56
C ALA K 201 -13.14 26.55 -4.89
N MET K 202 -12.42 25.50 -5.34
CA MET K 202 -13.09 24.27 -5.72
C MET K 202 -13.81 23.65 -4.51
N ARG K 203 -13.24 23.79 -3.32
CA ARG K 203 -13.85 23.25 -2.12
C ARG K 203 -15.20 23.91 -1.85
N ALA K 204 -15.24 25.24 -2.00
CA ALA K 204 -16.46 26.03 -1.81
C ALA K 204 -17.64 25.47 -2.59
N THR K 205 -17.39 25.05 -3.83
CA THR K 205 -18.46 24.66 -4.74
C THR K 205 -18.55 23.14 -4.88
N GLY K 206 -18.07 22.37 -3.88
CA GLY K 206 -18.24 20.92 -3.86
C GLY K 206 -17.32 20.21 -4.86
N MET K 207 -16.31 20.89 -5.38
CA MET K 207 -15.50 20.33 -6.44
C MET K 207 -14.15 19.88 -5.91
N TRP K 208 -13.97 19.87 -4.58
CA TRP K 208 -12.74 19.32 -4.02
C TRP K 208 -13.00 18.80 -2.62
N THR K 209 -12.56 17.58 -2.30
CA THR K 209 -12.82 17.00 -0.97
C THR K 209 -11.51 16.81 -0.23
N ASP K 210 -11.63 16.64 1.11
CA ASP K 210 -10.47 16.55 2.00
C ASP K 210 -9.82 15.17 1.94
N THR K 211 -10.43 14.24 1.21
CA THR K 211 -9.86 12.92 1.02
C THR K 211 -8.72 13.05 0.02
N ARG K 212 -7.60 12.42 0.34
CA ARG K 212 -6.40 12.54 -0.45
C ARG K 212 -6.44 11.46 -1.52
N GLY K 213 -5.96 11.77 -2.73
CA GLY K 213 -5.91 10.80 -3.81
C GLY K 213 -7.27 10.58 -4.47
N ALA K 214 -8.16 11.58 -4.36
CA ALA K 214 -9.55 11.44 -4.77
C ALA K 214 -10.06 12.70 -5.48
N ASN K 215 -9.18 13.48 -6.11
CA ASN K 215 -9.64 14.70 -6.75
C ASN K 215 -9.08 14.77 -8.17
N MET K 216 -9.50 15.80 -8.89
CA MET K 216 -9.16 15.96 -10.28
C MET K 216 -7.66 16.11 -10.45
N LEU K 217 -6.99 16.81 -9.52
CA LEU K 217 -5.63 17.27 -9.73
C LEU K 217 -4.62 16.69 -8.73
N ASP K 218 -5.01 15.72 -7.90
CA ASP K 218 -4.09 15.21 -6.89
C ASP K 218 -3.54 13.83 -7.25
N GLY K 219 -3.83 13.36 -8.47
CA GLY K 219 -3.53 11.99 -8.87
C GLY K 219 -4.75 11.06 -8.84
N GLY K 220 -5.85 11.49 -8.24
CA GLY K 220 -7.03 10.63 -8.21
C GLY K 220 -7.64 10.40 -9.60
N ALA K 221 -7.58 11.41 -10.49
CA ALA K 221 -8.17 11.25 -11.82
C ALA K 221 -7.22 10.43 -12.71
N PRO K 222 -7.73 9.37 -13.36
CA PRO K 222 -6.92 8.57 -14.27
C PRO K 222 -6.35 9.34 -15.45
N TYR K 223 -7.00 10.46 -15.80
CA TYR K 223 -6.52 11.31 -16.87
C TYR K 223 -5.59 12.45 -16.40
N TYR K 224 -5.15 12.42 -15.13
CA TYR K 224 -4.27 13.44 -14.57
C TYR K 224 -3.38 12.74 -13.55
N ASP K 225 -2.32 12.12 -14.03
CA ASP K 225 -1.52 11.25 -13.18
C ASP K 225 -0.37 10.71 -14.02
N THR K 226 0.57 10.01 -13.38
CA THR K 226 1.64 9.36 -14.10
C THR K 226 1.33 7.89 -14.31
N TYR K 227 2.05 7.29 -15.25
CA TYR K 227 1.87 5.91 -15.62
C TYR K 227 3.24 5.31 -15.88
N GLU K 228 3.42 4.05 -15.49
CA GLU K 228 4.68 3.37 -15.71
C GLU K 228 4.63 2.74 -17.10
N CYS K 229 5.76 2.77 -17.80
CA CYS K 229 5.87 2.23 -19.14
C CYS K 229 6.61 0.90 -19.06
N ALA K 230 6.72 0.22 -20.21
CA ALA K 230 7.32 -1.10 -20.28
C ALA K 230 8.75 -1.10 -19.74
N ASP K 231 9.44 0.04 -19.86
CA ASP K 231 10.85 0.11 -19.50
C ASP K 231 11.04 0.56 -18.04
N GLY K 232 9.97 0.73 -17.26
CA GLY K 232 10.14 1.16 -15.88
C GLY K 232 10.27 2.68 -15.75
N ARG K 233 10.34 3.42 -16.88
CA ARG K 233 10.22 4.88 -16.86
C ARG K 233 8.76 5.32 -16.93
N TYR K 234 8.47 6.63 -16.91
CA TYR K 234 7.10 7.10 -16.70
C TYR K 234 6.71 8.16 -17.71
N VAL K 235 5.40 8.29 -17.93
CA VAL K 235 4.82 9.38 -18.67
C VAL K 235 3.84 10.08 -17.77
N ALA K 236 3.49 11.30 -18.15
CA ALA K 236 2.52 12.07 -17.41
C ALA K 236 1.41 12.39 -18.38
N VAL K 237 0.19 12.26 -17.86
CA VAL K 237 -1.02 12.44 -18.61
C VAL K 237 -1.77 13.56 -17.92
N GLY K 238 -2.19 14.55 -18.68
CA GLY K 238 -2.92 15.66 -18.11
C GLY K 238 -4.06 16.08 -19.01
N ALA K 239 -4.79 15.09 -19.53
CA ALA K 239 -5.75 15.33 -20.57
C ALA K 239 -7.10 15.58 -19.95
N ILE K 240 -7.27 16.77 -19.40
CA ILE K 240 -8.48 17.12 -18.67
C ILE K 240 -9.64 17.35 -19.64
N GLU K 241 -9.39 18.16 -20.66
CA GLU K 241 -10.48 18.54 -21.56
C GLU K 241 -10.89 17.32 -22.38
N PRO K 242 -12.18 17.16 -22.67
CA PRO K 242 -12.65 15.97 -23.39
C PRO K 242 -11.95 15.66 -24.72
N GLN K 243 -11.62 16.71 -25.53
CA GLN K 243 -11.06 16.47 -26.85
CA GLN K 243 -11.04 16.51 -26.87
C GLN K 243 -9.62 15.95 -26.70
N PHE K 244 -8.94 16.42 -25.65
CA PHE K 244 -7.57 15.99 -25.42
C PHE K 244 -7.62 14.56 -24.91
N TYR K 245 -8.59 14.27 -24.03
CA TYR K 245 -8.72 12.93 -23.50
C TYR K 245 -8.97 11.98 -24.67
N ALA K 246 -9.92 12.37 -25.53
CA ALA K 246 -10.29 11.57 -26.71
C ALA K 246 -9.08 11.26 -27.60
N ALA K 247 -8.23 12.29 -27.83
CA ALA K 247 -7.02 12.09 -28.64
C ALA K 247 -6.05 11.13 -27.97
N MET K 248 -5.98 11.20 -26.63
CA MET K 248 -5.10 10.30 -25.89
C MET K 248 -5.53 8.83 -26.06
N LEU K 249 -6.83 8.57 -25.89
CA LEU K 249 -7.39 7.23 -26.07
C LEU K 249 -7.05 6.69 -27.46
N ALA K 250 -7.31 7.47 -28.52
CA ALA K 250 -6.98 7.07 -29.88
C ALA K 250 -5.49 6.70 -30.00
N GLY K 251 -4.61 7.49 -29.40
CA GLY K 251 -3.18 7.25 -29.49
C GLY K 251 -2.76 5.95 -28.82
N LEU K 252 -3.53 5.53 -27.82
CA LEU K 252 -3.25 4.29 -27.10
C LEU K 252 -3.87 3.07 -27.78
N GLY K 253 -4.74 3.30 -28.75
CA GLY K 253 -5.40 2.18 -29.41
C GLY K 253 -6.67 1.76 -28.68
N LEU K 254 -7.29 2.69 -27.92
CA LEU K 254 -8.41 2.35 -27.09
C LEU K 254 -9.62 3.03 -27.70
N ASP K 255 -10.71 2.26 -27.70
CA ASP K 255 -11.96 2.68 -28.30
C ASP K 255 -12.79 3.27 -27.17
N ALA K 256 -13.07 4.56 -27.27
CA ALA K 256 -13.87 5.28 -26.30
C ALA K 256 -15.15 4.54 -25.93
N ALA K 257 -15.73 3.81 -26.88
CA ALA K 257 -17.04 3.18 -26.71
C ALA K 257 -16.96 2.02 -25.70
N GLU K 258 -15.77 1.42 -25.52
CA GLU K 258 -15.53 0.31 -24.62
C GLU K 258 -15.07 0.75 -23.22
N LEU K 259 -15.09 2.06 -22.93
CA LEU K 259 -14.50 2.58 -21.70
C LEU K 259 -15.60 3.22 -20.89
N PRO K 260 -15.47 3.20 -19.54
CA PRO K 260 -16.33 4.03 -18.73
C PRO K 260 -16.16 5.50 -19.09
N PRO K 261 -17.13 6.38 -18.77
CA PRO K 261 -16.93 7.80 -19.00
C PRO K 261 -15.73 8.36 -18.23
N GLN K 262 -15.11 9.37 -18.83
CA GLN K 262 -13.95 10.06 -18.29
C GLN K 262 -14.17 10.46 -16.83
N ASN K 263 -15.36 10.96 -16.47
CA ASN K 263 -15.58 11.57 -15.17
C ASN K 263 -16.65 10.85 -14.35
N ASP K 264 -16.91 9.57 -14.63
CA ASP K 264 -17.64 8.71 -13.71
C ASP K 264 -16.67 8.15 -12.66
N ARG K 265 -16.65 8.82 -11.50
CA ARG K 265 -15.69 8.61 -10.42
C ARG K 265 -15.79 7.19 -9.88
N ALA K 266 -16.99 6.62 -9.79
CA ALA K 266 -17.15 5.26 -9.32
C ALA K 266 -16.30 4.29 -10.16
N ARG K 267 -16.16 4.59 -11.45
CA ARG K 267 -15.50 3.66 -12.36
C ARG K 267 -14.06 4.06 -12.67
N TRP K 268 -13.54 5.02 -11.90
CA TRP K 268 -12.17 5.42 -12.13
C TRP K 268 -11.17 4.28 -11.98
N PRO K 269 -11.26 3.41 -10.95
CA PRO K 269 -10.29 2.31 -10.85
C PRO K 269 -10.29 1.47 -12.11
N GLU K 270 -11.48 1.20 -12.65
CA GLU K 270 -11.61 0.43 -13.87
C GLU K 270 -10.88 1.13 -15.02
N LEU K 271 -11.10 2.43 -15.15
CA LEU K 271 -10.49 3.23 -16.21
C LEU K 271 -8.98 3.21 -16.08
N ARG K 272 -8.49 3.43 -14.85
CA ARG K 272 -7.06 3.49 -14.60
C ARG K 272 -6.38 2.18 -15.02
N ALA K 273 -7.11 1.07 -14.82
CA ALA K 273 -6.59 -0.26 -15.07
C ALA K 273 -6.34 -0.40 -16.57
N LEU K 274 -7.29 0.10 -17.35
CA LEU K 274 -7.19 0.06 -18.81
C LEU K 274 -6.04 0.95 -19.32
N LEU K 275 -5.94 2.18 -18.80
CA LEU K 275 -4.83 3.06 -19.14
C LEU K 275 -3.49 2.48 -18.69
N THR K 276 -3.43 1.90 -17.49
CA THR K 276 -2.21 1.27 -16.99
C THR K 276 -1.73 0.17 -17.94
N GLU K 277 -2.67 -0.67 -18.37
CA GLU K 277 -2.34 -1.76 -19.29
C GLU K 277 -1.83 -1.18 -20.62
N ALA K 278 -2.50 -0.18 -21.18
CA ALA K 278 -2.04 0.42 -22.42
C ALA K 278 -0.63 1.02 -22.31
N PHE K 279 -0.38 1.93 -21.34
CA PHE K 279 0.92 2.57 -21.22
C PHE K 279 2.03 1.54 -20.95
N ALA K 280 1.72 0.44 -20.27
CA ALA K 280 2.79 -0.48 -19.91
C ALA K 280 3.25 -1.33 -21.11
N SER K 281 2.57 -1.21 -22.27
CA SER K 281 2.88 -2.09 -23.40
C SER K 281 4.03 -1.54 -24.25
N HIS K 282 4.51 -0.34 -23.93
CA HIS K 282 5.58 0.28 -24.71
C HIS K 282 6.42 1.15 -23.80
N ASP K 283 7.61 1.53 -24.25
CA ASP K 283 8.56 2.24 -23.41
C ASP K 283 8.29 3.73 -23.51
N ARG K 284 8.89 4.49 -22.60
CA ARG K 284 8.49 5.89 -22.43
C ARG K 284 8.74 6.67 -23.74
N ASP K 285 9.87 6.37 -24.39
CA ASP K 285 10.24 7.08 -25.60
C ASP K 285 9.24 6.82 -26.72
N HIS K 286 8.73 5.57 -26.80
CA HIS K 286 7.70 5.25 -27.76
C HIS K 286 6.54 6.20 -27.60
N TRP K 287 6.07 6.40 -26.36
CA TRP K 287 4.93 7.28 -26.14
C TRP K 287 5.29 8.71 -26.47
N GLY K 288 6.56 9.08 -26.22
CA GLY K 288 7.03 10.43 -26.51
C GLY K 288 6.90 10.75 -27.99
N ALA K 289 7.36 9.81 -28.82
CA ALA K 289 7.26 9.87 -30.27
C ALA K 289 5.80 9.85 -30.76
N VAL K 290 4.96 8.97 -30.20
CA VAL K 290 3.59 8.82 -30.68
C VAL K 290 2.78 10.08 -30.41
N PHE K 291 3.09 10.74 -29.30
CA PHE K 291 2.28 11.88 -28.93
C PHE K 291 2.98 13.21 -29.21
N ALA K 292 4.18 13.18 -29.82
CA ALA K 292 4.75 14.42 -30.32
C ALA K 292 3.75 15.11 -31.25
N ASN K 293 3.57 16.41 -31.02
CA ASN K 293 2.76 17.31 -31.82
C ASN K 293 1.27 17.08 -31.59
N SER K 294 0.88 16.32 -30.54
CA SER K 294 -0.54 16.14 -30.24
C SER K 294 -0.97 16.97 -29.05
N ASP K 295 -2.30 17.11 -28.95
CA ASP K 295 -3.03 17.67 -27.83
C ASP K 295 -3.47 16.58 -26.83
N ALA K 296 -2.77 15.43 -26.84
CA ALA K 296 -3.07 14.34 -25.93
C ALA K 296 -2.62 14.60 -24.48
N CYS K 297 -1.75 15.58 -24.24
CA CYS K 297 -1.30 15.96 -22.92
C CYS K 297 -0.54 14.80 -22.28
N VAL K 298 0.34 14.18 -23.06
CA VAL K 298 1.16 13.10 -22.59
C VAL K 298 2.60 13.54 -22.76
N THR K 299 3.42 13.50 -21.68
CA THR K 299 4.83 13.89 -21.79
C THR K 299 5.69 12.85 -21.09
N PRO K 300 6.95 12.68 -21.50
CA PRO K 300 7.87 11.84 -20.75
C PRO K 300 8.18 12.51 -19.42
N VAL K 301 8.38 11.68 -18.38
CA VAL K 301 8.76 12.17 -17.08
C VAL K 301 10.27 12.08 -17.05
N LEU K 302 10.94 13.23 -17.17
CA LEU K 302 12.40 13.21 -17.25
C LEU K 302 12.99 13.39 -15.85
N ALA K 303 13.98 12.56 -15.56
CA ALA K 303 14.86 12.76 -14.44
C ALA K 303 15.78 13.94 -14.75
N PHE K 304 16.17 14.70 -13.71
CA PHE K 304 17.10 15.82 -13.80
C PHE K 304 18.23 15.58 -14.82
N GLY K 305 18.93 14.45 -14.67
CA GLY K 305 20.11 14.14 -15.48
C GLY K 305 19.83 13.92 -16.97
N GLU K 306 18.55 13.89 -17.37
CA GLU K 306 18.15 13.69 -18.75
C GLU K 306 17.61 14.98 -19.40
N VAL K 307 17.35 16.02 -18.59
CA VAL K 307 16.69 17.23 -19.08
C VAL K 307 17.52 17.92 -20.16
N HIS K 308 18.86 17.89 -20.03
CA HIS K 308 19.80 18.50 -20.97
C HIS K 308 19.70 17.92 -22.38
N ASN K 309 19.17 16.70 -22.55
CA ASN K 309 19.08 16.01 -23.85
C ASN K 309 17.70 16.15 -24.49
N GLU K 310 16.83 17.00 -23.93
CA GLU K 310 15.48 17.13 -24.45
C GLU K 310 15.40 18.34 -25.37
N PRO K 311 15.09 18.12 -26.66
CA PRO K 311 15.04 19.18 -27.66
C PRO K 311 14.42 20.46 -27.15
N HIS K 312 13.20 20.39 -26.60
CA HIS K 312 12.51 21.62 -26.26
C HIS K 312 13.25 22.38 -25.15
N ILE K 313 13.99 21.65 -24.32
CA ILE K 313 14.76 22.30 -23.26
C ILE K 313 15.95 23.00 -23.92
N ILE K 314 16.69 22.26 -24.77
CA ILE K 314 17.88 22.75 -25.44
C ILE K 314 17.56 23.98 -26.29
N GLU K 315 16.54 23.85 -27.14
CA GLU K 315 16.17 24.85 -28.13
C GLU K 315 15.81 26.18 -27.48
N ARG K 316 15.26 26.17 -26.26
CA ARG K 316 14.89 27.45 -25.64
C ARG K 316 15.90 27.89 -24.58
N ASN K 317 16.96 27.10 -24.35
CA ASN K 317 18.01 27.50 -23.43
C ASN K 317 17.44 27.74 -22.04
N THR K 318 16.57 26.84 -21.59
CA THR K 318 16.00 26.95 -20.25
C THR K 318 17.14 26.85 -19.21
N PHE K 319 18.23 26.14 -19.53
CA PHE K 319 19.40 25.89 -18.68
C PHE K 319 20.72 26.32 -19.37
N TYR K 320 21.77 26.64 -18.56
CA TYR K 320 23.14 26.84 -19.01
C TYR K 320 24.11 25.97 -18.20
N GLU K 321 25.32 25.70 -18.69
CA GLU K 321 26.27 24.91 -17.91
C GLU K 321 27.13 25.79 -16.99
N ALA K 322 27.47 25.28 -15.82
CA ALA K 322 28.23 26.01 -14.81
C ALA K 322 28.90 25.03 -13.85
N ASN K 323 30.20 24.78 -14.06
CA ASN K 323 31.03 24.08 -13.09
C ASN K 323 30.42 22.71 -12.77
N GLY K 324 30.50 21.79 -13.76
CA GLY K 324 30.01 20.42 -13.64
C GLY K 324 28.56 20.36 -13.15
N GLY K 325 27.66 21.10 -13.82
CA GLY K 325 26.26 21.12 -13.43
C GLY K 325 25.42 22.13 -14.22
N TRP K 326 24.32 21.64 -14.80
CA TRP K 326 23.32 22.50 -15.42
C TRP K 326 22.58 23.28 -14.35
N GLN K 327 22.12 24.48 -14.72
CA GLN K 327 21.43 25.38 -13.80
C GLN K 327 20.41 26.15 -14.61
N PRO K 328 19.26 26.56 -14.03
CA PRO K 328 18.25 27.25 -14.81
C PRO K 328 18.67 28.67 -15.10
N MET K 329 18.25 29.16 -16.26
CA MET K 329 18.46 30.54 -16.64
C MET K 329 17.34 31.36 -16.02
N PRO K 330 17.58 32.67 -15.82
CA PRO K 330 16.56 33.57 -15.32
C PRO K 330 15.23 33.32 -15.96
N ALA K 331 14.21 33.69 -15.21
CA ALA K 331 12.83 33.57 -15.62
C ALA K 331 12.10 34.61 -14.79
N PRO K 332 11.05 35.27 -15.30
CA PRO K 332 10.63 35.11 -16.69
C PRO K 332 11.61 35.76 -17.68
N ARG K 333 11.19 35.89 -18.96
CA ARG K 333 12.05 36.42 -20.02
C ARG K 333 11.49 37.76 -20.50
N PHE K 334 12.42 38.64 -20.93
CA PHE K 334 12.10 40.02 -21.28
C PHE K 334 12.57 40.29 -22.72
N SER K 335 11.73 40.94 -23.53
CA SER K 335 12.05 41.29 -24.92
C SER K 335 13.14 42.37 -25.03
N ARG K 336 13.01 43.46 -24.26
CA ARG K 336 13.91 44.60 -24.34
C ARG K 336 15.10 44.40 -23.39
N THR K 337 14.82 44.22 -22.09
CA THR K 337 15.88 44.16 -21.08
C THR K 337 16.15 42.71 -20.71
N ALA K 338 16.78 41.98 -21.64
CA ALA K 338 17.07 40.58 -21.46
C ALA K 338 18.01 40.42 -20.27
N SER K 339 17.63 39.57 -19.32
CA SER K 339 18.57 39.14 -18.30
C SER K 339 19.73 38.45 -19.00
N SER K 340 20.88 38.33 -18.35
CA SER K 340 21.97 37.58 -18.95
C SER K 340 22.33 36.36 -18.10
N GLN K 341 23.27 35.56 -18.60
CA GLN K 341 23.73 34.35 -17.94
C GLN K 341 24.29 34.70 -16.56
N PRO K 342 23.70 34.15 -15.47
CA PRO K 342 24.19 34.40 -14.12
C PRO K 342 25.71 34.36 -13.98
N ARG K 343 26.23 35.28 -13.16
CA ARG K 343 27.62 35.22 -12.71
C ARG K 343 27.69 34.27 -11.52
N PRO K 344 28.69 33.35 -11.43
CA PRO K 344 28.82 32.48 -10.27
C PRO K 344 29.05 33.24 -8.96
N PRO K 345 28.86 32.60 -7.78
CA PRO K 345 29.07 33.28 -6.51
C PRO K 345 30.40 34.03 -6.43
N ALA K 346 30.34 35.33 -6.12
CA ALA K 346 31.53 36.15 -6.00
C ALA K 346 32.49 35.54 -4.97
N ALA K 347 33.79 35.78 -5.13
CA ALA K 347 34.71 35.75 -4.00
C ALA K 347 34.32 36.89 -3.05
N THR K 348 34.73 36.79 -1.77
CA THR K 348 34.29 37.72 -0.74
C THR K 348 34.87 39.10 -1.05
N ILE K 349 34.01 40.01 -1.52
CA ILE K 349 34.35 41.40 -1.68
C ILE K 349 34.41 42.03 -0.29
N ASP K 350 35.04 43.20 -0.18
CA ASP K 350 35.20 43.90 1.09
C ASP K 350 34.18 45.04 1.21
N ILE K 351 33.59 45.20 2.39
CA ILE K 351 32.37 45.99 2.54
C ILE K 351 32.61 47.48 2.27
N GLU K 352 33.82 47.95 2.61
CA GLU K 352 34.23 49.31 2.34
C GLU K 352 34.27 49.58 0.82
N ALA K 353 34.77 48.60 0.04
CA ALA K 353 34.83 48.70 -1.41
C ALA K 353 33.43 48.84 -2.02
N VAL K 354 32.42 48.22 -1.40
CA VAL K 354 31.06 48.30 -1.92
C VAL K 354 30.53 49.70 -1.65
N LEU K 355 30.85 50.24 -0.47
CA LEU K 355 30.38 51.58 -0.10
C LEU K 355 31.01 52.66 -1.00
N THR K 356 32.26 52.43 -1.41
CA THR K 356 32.93 53.28 -2.38
C THR K 356 32.07 53.34 -3.63
N ASP K 357 31.91 52.16 -4.26
CA ASP K 357 31.23 51.97 -5.53
C ASP K 357 29.81 52.54 -5.44
N TRP K 358 29.15 52.35 -4.30
CA TRP K 358 27.89 53.02 -4.05
C TRP K 358 28.15 54.46 -3.63
N ASP K 359 28.31 55.34 -4.64
CA ASP K 359 28.64 56.75 -4.48
C ASP K 359 30.01 56.90 -3.81
N MET L 1 -9.32 52.19 -3.77
CA MET L 1 -8.77 50.80 -3.81
C MET L 1 -7.50 50.69 -2.96
N ALA L 2 -7.55 49.85 -1.91
CA ALA L 2 -6.48 49.66 -0.94
C ALA L 2 -5.39 48.70 -1.42
N GLY L 3 -4.15 49.02 -1.09
CA GLY L 3 -3.04 48.10 -1.26
C GLY L 3 -1.97 48.77 -2.10
N PRO L 4 -0.72 48.27 -2.15
CA PRO L 4 0.37 48.98 -2.79
C PRO L 4 0.24 49.18 -4.30
N LEU L 5 -0.65 48.41 -4.92
CA LEU L 5 -0.72 48.41 -6.37
C LEU L 5 -1.82 49.35 -6.83
N SER L 6 -2.48 50.07 -5.90
CA SER L 6 -3.54 51.02 -6.25
C SER L 6 -3.16 51.84 -7.48
N GLY L 7 -4.14 52.03 -8.37
CA GLY L 7 -3.95 52.82 -9.58
C GLY L 7 -3.32 52.06 -10.74
N LEU L 8 -2.86 50.82 -10.52
CA LEU L 8 -2.36 49.99 -11.62
C LEU L 8 -3.57 49.48 -12.39
N ARG L 9 -3.52 49.62 -13.71
CA ARG L 9 -4.59 49.16 -14.59
C ARG L 9 -4.18 47.95 -15.41
N VAL L 10 -5.02 46.91 -15.32
CA VAL L 10 -4.63 45.62 -15.88
C VAL L 10 -5.79 45.12 -16.72
N VAL L 11 -5.41 44.65 -17.92
CA VAL L 11 -6.33 43.92 -18.77
C VAL L 11 -5.89 42.46 -18.83
N GLU L 12 -6.86 41.61 -18.46
CA GLU L 12 -6.70 40.17 -18.41
C GLU L 12 -7.59 39.51 -19.47
N LEU L 13 -6.97 38.84 -20.46
CA LEU L 13 -7.71 38.01 -21.42
C LEU L 13 -7.99 36.63 -20.80
N ALA L 14 -9.26 36.40 -20.45
CA ALA L 14 -9.68 35.18 -19.77
C ALA L 14 -9.06 33.92 -20.40
N GLY L 15 -8.18 33.28 -19.61
CA GLY L 15 -7.75 31.91 -19.77
C GLY L 15 -8.09 31.09 -18.51
N ILE L 16 -7.30 30.03 -18.26
CA ILE L 16 -7.48 29.20 -17.07
C ILE L 16 -6.15 29.10 -16.33
N GLY L 17 -6.22 29.02 -14.99
CA GLY L 17 -5.03 28.66 -14.24
C GLY L 17 -4.11 29.84 -13.95
N PRO L 18 -2.86 29.86 -14.46
CA PRO L 18 -1.89 30.86 -14.03
C PRO L 18 -2.33 32.30 -14.30
N GLY L 19 -2.72 32.57 -15.55
CA GLY L 19 -3.17 33.88 -15.97
C GLY L 19 -4.14 34.50 -14.97
N PRO L 20 -5.27 33.85 -14.63
CA PRO L 20 -6.19 34.40 -13.64
C PRO L 20 -5.65 34.45 -12.22
N HIS L 21 -4.69 33.59 -11.90
CA HIS L 21 -4.23 33.56 -10.52
C HIS L 21 -3.38 34.81 -10.32
N ALA L 22 -2.51 35.07 -11.28
CA ALA L 22 -1.71 36.29 -11.34
C ALA L 22 -2.63 37.52 -11.31
N ALA L 23 -3.68 37.52 -12.10
CA ALA L 23 -4.56 38.68 -12.10
C ALA L 23 -5.22 38.83 -10.73
N MET L 24 -5.50 37.71 -10.07
CA MET L 24 -6.15 37.75 -8.76
C MET L 24 -5.24 38.43 -7.72
N ILE L 25 -3.95 38.10 -7.77
CA ILE L 25 -2.99 38.63 -6.83
C ILE L 25 -2.82 40.13 -7.10
N LEU L 26 -2.73 40.53 -8.37
CA LEU L 26 -2.69 41.93 -8.77
C LEU L 26 -3.88 42.70 -8.17
N GLY L 27 -5.08 42.19 -8.31
CA GLY L 27 -6.24 42.87 -7.74
C GLY L 27 -6.30 42.76 -6.23
N ASP L 28 -5.72 41.69 -5.68
CA ASP L 28 -5.65 41.50 -4.24
C ASP L 28 -4.93 42.70 -3.61
N LEU L 29 -3.81 43.10 -4.22
CA LEU L 29 -2.92 44.18 -3.79
C LEU L 29 -3.32 45.57 -4.29
N GLY L 30 -4.57 45.71 -4.77
CA GLY L 30 -5.15 47.02 -5.03
C GLY L 30 -5.35 47.36 -6.50
N ALA L 31 -4.67 46.67 -7.43
CA ALA L 31 -4.75 46.98 -8.86
C ALA L 31 -6.17 46.90 -9.39
N ASP L 32 -6.38 47.67 -10.49
CA ASP L 32 -7.62 47.78 -11.25
C ASP L 32 -7.62 46.82 -12.42
N VAL L 33 -8.37 45.73 -12.26
CA VAL L 33 -8.18 44.61 -13.15
C VAL L 33 -9.47 44.39 -13.91
N VAL L 34 -9.36 44.41 -15.25
CA VAL L 34 -10.50 44.14 -16.10
C VAL L 34 -10.25 42.87 -16.92
N ARG L 35 -11.17 41.94 -16.75
CA ARG L 35 -11.03 40.63 -17.37
C ARG L 35 -12.01 40.56 -18.53
N ILE L 36 -11.46 40.46 -19.73
CA ILE L 36 -12.29 40.28 -20.91
C ILE L 36 -12.53 38.79 -21.12
N ASP L 37 -13.76 38.33 -20.90
CA ASP L 37 -14.14 36.97 -21.25
C ASP L 37 -14.91 36.95 -22.57
N ARG L 38 -15.06 35.73 -23.11
CA ARG L 38 -15.87 35.44 -24.30
C ARG L 38 -17.36 35.49 -23.91
N PRO L 39 -18.27 36.08 -24.74
CA PRO L 39 -19.69 36.16 -24.37
C PRO L 39 -20.35 34.81 -24.09
N SER L 40 -19.97 33.78 -24.86
CA SER L 40 -20.56 32.45 -24.77
C SER L 40 -20.38 31.85 -23.37
N SER L 41 -19.15 31.92 -22.80
CA SER L 41 -18.79 31.15 -21.61
C SER L 41 -19.26 31.82 -20.31
N VAL L 42 -19.48 33.14 -20.33
CA VAL L 42 -20.01 33.84 -19.17
C VAL L 42 -21.54 33.67 -19.17
N ASP L 43 -22.09 33.38 -17.98
CA ASP L 43 -23.39 32.73 -17.90
C ASP L 43 -24.15 33.16 -16.63
N GLY L 44 -23.82 34.34 -16.08
CA GLY L 44 -24.35 34.78 -14.79
C GLY L 44 -23.25 35.26 -13.85
N ILE L 45 -23.46 35.09 -12.53
CA ILE L 45 -22.54 35.57 -11.50
C ILE L 45 -21.58 34.41 -11.15
N SER L 46 -20.28 34.55 -11.46
CA SER L 46 -19.33 33.44 -11.44
C SER L 46 -18.94 33.03 -10.00
N ARG L 47 -19.00 31.73 -9.70
CA ARG L 47 -18.73 31.25 -8.35
C ARG L 47 -17.30 30.68 -8.25
N ASP L 48 -16.40 31.07 -9.16
CA ASP L 48 -14.98 30.80 -9.02
C ASP L 48 -14.33 31.93 -8.22
N ALA L 49 -14.10 31.68 -6.93
CA ALA L 49 -13.58 32.70 -6.04
C ALA L 49 -12.21 33.15 -6.53
N MET L 50 -11.62 32.48 -7.52
CA MET L 50 -10.36 32.93 -8.07
C MET L 50 -10.57 34.21 -8.87
N LEU L 51 -11.84 34.51 -9.24
CA LEU L 51 -12.20 35.66 -10.08
C LEU L 51 -12.63 36.84 -9.22
N ARG L 52 -12.17 36.86 -7.96
CA ARG L 52 -12.40 37.98 -7.05
C ARG L 52 -11.48 39.13 -7.43
N ASN L 53 -11.81 40.32 -6.87
CA ASN L 53 -11.11 41.57 -7.13
C ASN L 53 -11.07 41.83 -8.64
N ARG L 54 -12.23 41.77 -9.32
CA ARG L 54 -12.29 41.94 -10.76
C ARG L 54 -13.50 42.78 -11.17
N ARG L 55 -13.36 43.41 -12.35
CA ARG L 55 -14.52 43.69 -13.19
C ARG L 55 -14.45 42.79 -14.43
N ILE L 56 -15.58 42.12 -14.72
CA ILE L 56 -15.70 41.23 -15.88
C ILE L 56 -16.47 41.90 -17.03
N VAL L 57 -15.93 41.75 -18.25
CA VAL L 57 -16.61 42.18 -19.47
C VAL L 57 -16.50 41.09 -20.54
N THR L 58 -17.45 41.15 -21.52
CA THR L 58 -17.59 40.17 -22.59
C THR L 58 -17.28 40.88 -23.92
N ALA L 59 -16.67 40.16 -24.88
CA ALA L 59 -16.27 40.75 -26.14
C ALA L 59 -15.82 39.66 -27.11
N ASP L 60 -16.49 39.58 -28.26
CA ASP L 60 -16.05 38.69 -29.31
C ASP L 60 -14.88 39.34 -30.03
N LEU L 61 -13.66 38.83 -29.76
CA LEU L 61 -12.43 39.46 -30.23
C LEU L 61 -12.11 39.07 -31.68
N LYS L 62 -12.88 38.13 -32.24
CA LYS L 62 -12.82 37.81 -33.65
C LYS L 62 -13.74 38.73 -34.45
N SER L 63 -14.75 39.33 -33.80
CA SER L 63 -15.56 40.37 -34.41
C SER L 63 -14.73 41.64 -34.53
N ASP L 64 -15.20 42.58 -35.37
CA ASP L 64 -14.54 43.87 -35.57
C ASP L 64 -14.81 44.81 -34.39
N GLN L 65 -16.00 44.71 -33.79
CA GLN L 65 -16.34 45.56 -32.66
C GLN L 65 -15.48 45.19 -31.43
N GLY L 66 -15.57 43.92 -31.01
CA GLY L 66 -14.74 43.40 -29.95
C GLY L 66 -13.28 43.82 -30.10
N LEU L 67 -12.66 43.49 -31.25
CA LEU L 67 -11.23 43.75 -31.43
C LEU L 67 -10.91 45.21 -31.08
N GLU L 68 -11.82 46.14 -31.40
CA GLU L 68 -11.49 47.55 -31.26
C GLU L 68 -11.81 48.07 -29.85
N LEU L 69 -12.84 47.54 -29.16
CA LEU L 69 -13.09 47.88 -27.76
C LEU L 69 -11.90 47.45 -26.89
N ALA L 70 -11.51 46.18 -26.99
CA ALA L 70 -10.36 45.64 -26.26
C ALA L 70 -9.08 46.44 -26.53
N LEU L 71 -8.89 46.94 -27.77
CA LEU L 71 -7.68 47.68 -28.14
C LEU L 71 -7.69 49.07 -27.48
N LYS L 72 -8.88 49.52 -27.03
CA LYS L 72 -9.00 50.82 -26.39
C LYS L 72 -8.70 50.68 -24.90
N LEU L 73 -9.32 49.69 -24.23
CA LEU L 73 -8.94 49.25 -22.90
C LEU L 73 -7.42 49.10 -22.85
N ILE L 74 -6.85 48.25 -23.70
CA ILE L 74 -5.41 48.08 -23.73
C ILE L 74 -4.65 49.42 -23.80
N ALA L 75 -5.18 50.43 -24.52
CA ALA L 75 -4.47 51.69 -24.72
C ALA L 75 -4.43 52.53 -23.44
N LYS L 76 -5.43 52.37 -22.57
CA LYS L 76 -5.52 53.05 -21.29
C LYS L 76 -4.96 52.21 -20.11
N ALA L 77 -4.25 51.09 -20.39
CA ALA L 77 -3.90 50.14 -19.34
C ALA L 77 -2.40 50.08 -19.18
N ASP L 78 -1.95 49.56 -18.04
CA ASP L 78 -0.52 49.40 -17.77
C ASP L 78 -0.05 48.03 -18.24
N VAL L 79 -0.96 47.05 -18.11
CA VAL L 79 -0.56 45.67 -18.23
C VAL L 79 -1.65 44.89 -18.95
N LEU L 80 -1.19 44.06 -19.89
CA LEU L 80 -2.04 43.04 -20.47
C LEU L 80 -1.54 41.65 -20.06
N ILE L 81 -2.47 40.83 -19.57
CA ILE L 81 -2.18 39.42 -19.31
C ILE L 81 -2.96 38.55 -20.30
N GLU L 82 -2.23 37.66 -20.99
CA GLU L 82 -2.86 36.60 -21.77
C GLU L 82 -2.13 35.27 -21.58
N GLY L 83 -2.92 34.17 -21.60
CA GLY L 83 -2.39 32.82 -21.47
C GLY L 83 -2.95 31.83 -22.51
N TYR L 84 -3.20 32.34 -23.72
CA TYR L 84 -3.49 31.51 -24.87
C TYR L 84 -2.19 30.91 -25.40
N ARG L 85 -2.33 30.02 -26.39
CA ARG L 85 -1.19 29.45 -27.08
C ARG L 85 -0.45 30.54 -27.84
N PRO L 86 0.87 30.38 -28.07
CA PRO L 86 1.58 31.33 -28.91
C PRO L 86 0.95 31.42 -30.29
N GLY L 87 0.83 32.65 -30.81
CA GLY L 87 0.22 32.90 -32.10
C GLY L 87 -1.20 33.42 -31.93
N VAL L 88 -1.86 33.11 -30.81
CA VAL L 88 -3.29 33.36 -30.76
C VAL L 88 -3.63 34.84 -30.72
N THR L 89 -2.89 35.64 -29.96
CA THR L 89 -3.26 37.03 -29.82
C THR L 89 -2.90 37.76 -31.12
N GLU L 90 -1.78 37.35 -31.74
CA GLU L 90 -1.35 37.86 -33.05
C GLU L 90 -2.48 37.75 -34.09
N ARG L 91 -3.06 36.55 -34.22
CA ARG L 91 -4.14 36.28 -35.16
C ARG L 91 -5.40 37.08 -34.83
N LEU L 92 -5.67 37.30 -33.53
CA LEU L 92 -6.82 38.09 -33.14
C LEU L 92 -6.54 39.57 -33.40
N GLY L 93 -5.27 39.91 -33.69
CA GLY L 93 -4.84 41.30 -33.82
C GLY L 93 -4.61 42.03 -32.49
N LEU L 94 -4.45 41.26 -31.39
CA LEU L 94 -4.01 41.80 -30.09
C LEU L 94 -2.58 41.35 -29.78
N GLY L 95 -1.77 41.11 -30.80
CA GLY L 95 -0.37 40.74 -30.63
C GLY L 95 0.42 41.81 -29.88
N PRO L 96 1.70 41.54 -29.53
CA PRO L 96 2.52 42.55 -28.88
C PRO L 96 2.71 43.79 -29.75
N GLU L 97 2.79 43.58 -31.06
CA GLU L 97 3.11 44.64 -32.02
C GLU L 97 1.88 45.52 -32.30
N GLU L 98 0.69 44.92 -32.32
CA GLU L 98 -0.55 45.66 -32.51
C GLU L 98 -0.88 46.48 -31.27
N CYS L 99 -0.33 46.05 -30.13
CA CYS L 99 -0.57 46.68 -28.84
C CYS L 99 0.37 47.87 -28.64
N ALA L 100 1.64 47.71 -29.05
CA ALA L 100 2.70 48.72 -28.98
C ALA L 100 2.43 49.94 -29.88
N LYS L 101 1.66 49.74 -30.95
CA LYS L 101 1.21 50.85 -31.77
C LYS L 101 0.27 51.77 -30.99
N VAL L 102 -0.54 51.23 -30.06
CA VAL L 102 -1.62 52.00 -29.46
C VAL L 102 -1.28 52.39 -28.01
N ASN L 103 -0.12 51.91 -27.50
CA ASN L 103 0.32 52.10 -26.13
C ASN L 103 1.68 51.43 -25.93
N ASP L 104 2.76 52.24 -26.02
CA ASP L 104 4.12 51.74 -26.00
C ASP L 104 4.66 51.67 -24.57
N ARG L 105 3.81 51.96 -23.57
CA ARG L 105 4.13 51.81 -22.16
C ARG L 105 3.70 50.42 -21.65
N LEU L 106 2.87 49.69 -22.42
CA LEU L 106 2.23 48.44 -22.02
C LEU L 106 3.27 47.39 -21.63
N ILE L 107 3.02 46.76 -20.49
CA ILE L 107 3.66 45.49 -20.16
C ILE L 107 2.80 44.37 -20.73
N TYR L 108 3.36 43.72 -21.74
CA TYR L 108 2.66 42.66 -22.43
C TYR L 108 3.09 41.37 -21.76
N ALA L 109 2.15 40.74 -21.06
CA ALA L 109 2.49 39.61 -20.17
C ALA L 109 1.93 38.30 -20.72
N ARG L 110 2.87 37.44 -21.15
CA ARG L 110 2.54 36.22 -21.87
C ARG L 110 2.75 34.97 -21.01
N MET L 111 1.64 34.36 -20.58
CA MET L 111 1.60 33.20 -19.68
C MET L 111 1.37 31.90 -20.44
N THR L 112 2.43 31.15 -20.70
CA THR L 112 2.25 29.82 -21.28
C THR L 112 2.93 28.79 -20.40
N GLY L 113 2.92 27.54 -20.88
CA GLY L 113 3.65 26.48 -20.22
C GLY L 113 4.97 26.20 -20.89
N TRP L 114 4.92 26.05 -22.23
CA TRP L 114 6.07 25.62 -23.00
C TRP L 114 6.90 26.82 -23.51
N GLY L 115 6.29 28.01 -23.52
CA GLY L 115 6.96 29.19 -24.04
C GLY L 115 6.51 29.53 -25.46
N GLN L 116 7.09 30.59 -26.03
CA GLN L 116 6.54 31.24 -27.21
C GLN L 116 6.98 30.55 -28.50
N THR L 117 8.11 29.84 -28.44
CA THR L 117 8.72 29.11 -29.54
C THR L 117 9.17 27.73 -29.04
N GLY L 118 9.54 26.86 -29.97
CA GLY L 118 10.18 25.58 -29.72
C GLY L 118 9.26 24.41 -30.10
N PRO L 119 9.79 23.17 -30.13
CA PRO L 119 9.05 22.01 -30.64
C PRO L 119 7.73 21.67 -29.93
N ARG L 120 7.55 22.07 -28.66
CA ARG L 120 6.31 21.75 -27.97
C ARG L 120 5.42 22.97 -27.79
N SER L 121 5.82 24.08 -28.44
CA SER L 121 5.15 25.35 -28.27
C SER L 121 3.66 25.30 -28.54
N GLN L 122 3.20 24.39 -29.42
CA GLN L 122 1.77 24.35 -29.78
C GLN L 122 1.00 23.19 -29.13
N GLN L 123 1.68 22.29 -28.42
CA GLN L 123 0.99 21.23 -27.70
C GLN L 123 0.20 21.81 -26.53
N ALA L 124 -1.11 21.51 -26.46
CA ALA L 124 -1.91 21.63 -25.25
C ALA L 124 -1.24 20.91 -24.09
N GLY L 125 -1.61 21.34 -22.88
CA GLY L 125 -0.91 20.87 -21.71
C GLY L 125 -1.49 21.41 -20.41
N HIS L 126 -1.08 20.73 -19.33
CA HIS L 126 -1.34 21.26 -18.00
C HIS L 126 -0.11 21.09 -17.13
N ASP L 127 -0.28 21.59 -15.90
CA ASP L 127 0.76 21.66 -14.91
C ASP L 127 1.62 20.41 -14.97
N ILE L 128 0.96 19.25 -14.85
CA ILE L 128 1.65 17.97 -14.75
C ILE L 128 2.60 17.76 -15.93
N ASN L 129 2.22 18.28 -17.14
CA ASN L 129 3.03 18.12 -18.33
C ASN L 129 4.31 18.95 -18.25
N TYR L 130 4.16 20.22 -17.84
CA TYR L 130 5.29 21.13 -17.82
C TYR L 130 6.32 20.69 -16.79
N ILE L 131 5.87 20.26 -15.60
CA ILE L 131 6.80 19.80 -14.57
C ILE L 131 7.36 18.39 -14.86
N SER L 132 6.79 17.66 -15.85
CA SER L 132 7.33 16.37 -16.20
C SER L 132 8.63 16.54 -16.98
N LEU L 133 8.74 17.64 -17.69
CA LEU L 133 9.83 17.79 -18.64
C LEU L 133 11.12 18.27 -17.97
N ASN L 134 11.04 18.91 -16.80
CA ASN L 134 12.20 19.61 -16.29
C ASN L 134 12.74 18.94 -15.04
N GLY L 135 12.31 17.70 -14.75
CA GLY L 135 12.91 16.91 -13.69
C GLY L 135 12.15 16.98 -12.36
N ILE L 136 11.16 17.90 -12.25
CA ILE L 136 10.46 18.17 -11.00
C ILE L 136 9.54 16.99 -10.62
N LEU L 137 8.58 16.65 -11.48
CA LEU L 137 7.64 15.59 -11.19
C LEU L 137 8.41 14.32 -10.87
N HIS L 138 9.49 14.01 -11.61
CA HIS L 138 10.23 12.80 -11.34
C HIS L 138 10.68 12.73 -9.87
N ALA L 139 10.93 13.91 -9.28
CA ALA L 139 11.49 14.02 -7.94
C ALA L 139 10.48 13.90 -6.79
N ILE L 140 9.17 13.85 -7.09
CA ILE L 140 8.11 13.89 -6.10
C ILE L 140 7.44 12.53 -5.91
N GLY L 141 7.41 12.06 -4.65
CA GLY L 141 6.69 10.87 -4.22
C GLY L 141 7.61 9.91 -3.51
N ARG L 142 7.05 8.82 -3.03
CA ARG L 142 7.87 7.77 -2.44
C ARG L 142 8.69 7.07 -3.54
N GLY L 143 9.79 6.40 -3.14
CA GLY L 143 10.75 5.78 -4.05
C GLY L 143 10.25 4.48 -4.69
N ASP L 144 9.40 3.74 -3.99
CA ASP L 144 8.91 2.47 -4.51
C ASP L 144 7.76 2.67 -5.53
N GLU L 145 7.25 3.90 -5.66
CA GLU L 145 5.99 4.19 -6.34
C GLU L 145 6.23 5.13 -7.51
N ARG L 146 5.21 5.34 -8.33
CA ARG L 146 5.36 6.24 -9.45
C ARG L 146 5.16 7.67 -8.98
N PRO L 147 5.73 8.65 -9.71
CA PRO L 147 5.71 10.03 -9.25
C PRO L 147 4.30 10.46 -8.98
N VAL L 148 4.12 11.39 -8.05
CA VAL L 148 2.81 11.87 -7.68
C VAL L 148 2.79 13.39 -7.83
N PRO L 149 1.74 13.92 -8.48
CA PRO L 149 1.66 15.33 -8.73
C PRO L 149 1.44 16.13 -7.48
N PRO L 150 2.21 17.21 -7.30
CA PRO L 150 2.03 18.10 -6.18
C PRO L 150 0.88 19.06 -6.45
N LEU L 151 -0.30 18.47 -6.62
CA LEU L 151 -1.45 19.20 -7.12
C LEU L 151 -1.00 19.96 -8.37
N ASN L 152 -1.59 21.11 -8.63
CA ASN L 152 -1.03 21.95 -9.69
C ASN L 152 -0.33 23.18 -9.10
N LEU L 153 0.49 22.98 -8.06
CA LEU L 153 0.95 24.11 -7.26
C LEU L 153 2.21 24.63 -7.91
N VAL L 154 2.97 23.73 -8.51
CA VAL L 154 4.34 24.03 -8.83
C VAL L 154 4.49 24.58 -10.24
N GLY L 155 3.66 24.09 -11.17
CA GLY L 155 3.72 24.52 -12.56
C GLY L 155 2.89 25.79 -12.76
N ASP L 156 1.59 25.65 -12.49
CA ASP L 156 0.64 26.73 -12.64
C ASP L 156 0.98 27.93 -11.77
N PHE L 157 1.20 27.74 -10.45
CA PHE L 157 1.21 28.88 -9.55
C PHE L 157 2.64 29.25 -9.14
N GLY L 158 3.30 28.38 -8.38
CA GLY L 158 4.68 28.60 -7.96
C GLY L 158 5.57 29.00 -9.13
N GLY L 159 5.52 28.17 -10.17
CA GLY L 159 6.46 28.24 -11.29
C GLY L 159 5.90 29.00 -12.50
N GLY L 160 4.70 29.56 -12.34
CA GLY L 160 3.93 30.03 -13.47
C GLY L 160 3.40 31.44 -13.21
N SER L 161 2.24 31.55 -12.58
CA SER L 161 1.64 32.83 -12.24
C SER L 161 2.62 33.73 -11.46
N MET L 162 3.42 33.15 -10.57
CA MET L 162 4.13 33.96 -9.61
C MET L 162 5.29 34.62 -10.35
N PHE L 163 5.84 33.90 -11.33
CA PHE L 163 6.90 34.42 -12.18
C PHE L 163 6.33 35.41 -13.18
N LEU L 164 5.04 35.30 -13.47
CA LEU L 164 4.35 36.25 -14.32
C LEU L 164 4.29 37.55 -13.54
N LEU L 165 3.88 37.47 -12.27
CA LEU L 165 3.80 38.64 -11.40
C LEU L 165 5.15 39.32 -11.25
N VAL L 166 6.20 38.55 -10.98
CA VAL L 166 7.53 39.12 -10.81
C VAL L 166 7.97 39.80 -12.10
N GLY L 167 7.60 39.21 -13.25
CA GLY L 167 7.91 39.74 -14.58
C GLY L 167 7.22 41.07 -14.81
N ILE L 168 5.90 41.10 -14.56
CA ILE L 168 5.09 42.29 -14.69
C ILE L 168 5.77 43.40 -13.88
N LEU L 169 5.94 43.10 -12.60
CA LEU L 169 6.24 44.13 -11.63
C LEU L 169 7.67 44.62 -11.83
N ALA L 170 8.57 43.77 -12.35
CA ALA L 170 9.94 44.15 -12.63
C ALA L 170 10.03 45.02 -13.90
N ALA L 171 9.29 44.62 -14.94
CA ALA L 171 9.07 45.46 -16.10
C ALA L 171 8.49 46.80 -15.68
N LEU L 172 7.53 46.83 -14.75
CA LEU L 172 6.97 48.09 -14.27
C LEU L 172 8.06 48.99 -13.66
N TRP L 173 8.97 48.42 -12.86
CA TRP L 173 10.05 49.21 -12.29
C TRP L 173 10.94 49.79 -13.39
N GLU L 174 11.28 48.94 -14.36
CA GLU L 174 12.11 49.30 -15.50
C GLU L 174 11.42 50.42 -16.31
N ARG L 175 10.08 50.38 -16.38
CA ARG L 175 9.31 51.38 -17.12
C ARG L 175 9.46 52.78 -16.51
N GLN L 176 9.67 52.86 -15.19
CA GLN L 176 9.66 54.15 -14.51
C GLN L 176 10.82 55.03 -14.96
N SER L 177 11.93 54.43 -15.43
CA SER L 177 13.07 55.19 -15.89
C SER L 177 13.19 55.24 -17.44
N SER L 178 12.67 54.25 -18.18
CA SER L 178 12.86 54.22 -19.63
C SER L 178 11.63 54.73 -20.39
N GLY L 179 10.49 54.94 -19.72
CA GLY L 179 9.26 55.44 -20.32
C GLY L 179 8.44 54.35 -21.06
N LYS L 180 9.06 53.17 -21.24
CA LYS L 180 8.59 52.14 -22.17
C LYS L 180 8.22 50.82 -21.49
N GLY L 181 7.14 50.21 -22.00
CA GLY L 181 6.79 48.82 -21.73
C GLY L 181 7.71 47.84 -22.46
N GLN L 182 7.33 46.55 -22.42
CA GLN L 182 8.05 45.48 -23.09
C GLN L 182 7.20 44.21 -22.96
N VAL L 183 7.71 43.12 -23.54
CA VAL L 183 7.06 41.82 -23.46
C VAL L 183 7.75 40.96 -22.41
N VAL L 184 6.90 40.31 -21.59
CA VAL L 184 7.30 39.32 -20.59
C VAL L 184 6.84 37.91 -21.01
N ASP L 185 7.81 37.03 -21.25
CA ASP L 185 7.53 35.64 -21.61
C ASP L 185 7.74 34.75 -20.37
N ALA L 186 6.63 34.49 -19.64
CA ALA L 186 6.62 33.58 -18.51
C ALA L 186 6.15 32.19 -18.94
N ALA L 187 7.11 31.27 -18.97
CA ALA L 187 6.84 29.88 -19.29
C ALA L 187 6.97 28.99 -18.05
N MET L 188 5.90 28.23 -17.75
CA MET L 188 5.86 27.39 -16.59
C MET L 188 7.06 26.46 -16.52
N VAL L 189 7.58 26.03 -17.66
CA VAL L 189 8.69 25.09 -17.62
C VAL L 189 9.97 25.84 -17.25
N ASP L 190 10.01 27.15 -17.49
CA ASP L 190 11.15 27.96 -17.08
C ASP L 190 11.04 28.32 -15.58
N GLY L 191 9.96 29.02 -15.19
CA GLY L 191 9.71 29.41 -13.82
C GLY L 191 9.91 28.28 -12.80
N SER L 192 9.21 27.16 -13.04
CA SER L 192 9.26 26.03 -12.14
C SER L 192 10.70 25.51 -12.06
N SER L 193 11.47 25.66 -13.15
CA SER L 193 12.88 25.32 -13.15
C SER L 193 13.67 26.21 -12.17
N VAL L 194 13.30 27.49 -12.06
CA VAL L 194 13.99 28.40 -11.17
C VAL L 194 13.47 28.22 -9.74
N LEU L 195 12.19 27.91 -9.64
CA LEU L 195 11.60 27.49 -8.38
C LEU L 195 12.48 26.41 -7.75
N ILE L 196 13.03 25.47 -8.54
CA ILE L 196 13.71 24.31 -7.99
C ILE L 196 15.22 24.46 -8.09
N GLN L 197 15.69 25.71 -8.21
CA GLN L 197 17.12 25.97 -8.33
C GLN L 197 17.90 25.25 -7.22
N MET L 198 17.33 25.20 -6.00
CA MET L 198 18.04 24.64 -4.85
C MET L 198 18.50 23.21 -5.15
N MET L 199 17.65 22.44 -5.85
CA MET L 199 17.96 21.05 -6.11
C MET L 199 19.01 20.97 -7.21
N TRP L 200 18.88 21.82 -8.25
CA TRP L 200 19.96 21.89 -9.23
C TRP L 200 21.29 22.24 -8.53
N ALA L 201 21.26 23.21 -7.62
CA ALA L 201 22.46 23.59 -6.90
C ALA L 201 22.97 22.42 -6.08
N MET L 202 22.07 21.75 -5.36
CA MET L 202 22.48 20.62 -4.54
C MET L 202 23.03 19.49 -5.42
N ARG L 203 22.44 19.28 -6.60
CA ARG L 203 22.85 18.19 -7.48
C ARG L 203 24.28 18.40 -7.97
N ALA L 204 24.63 19.65 -8.30
CA ALA L 204 26.00 20.03 -8.67
C ALA L 204 27.03 19.60 -7.60
N THR L 205 26.69 19.71 -6.31
CA THR L 205 27.69 19.47 -5.28
C THR L 205 27.56 18.07 -4.69
N GLY L 206 26.86 17.16 -5.38
CA GLY L 206 26.65 15.82 -4.86
C GLY L 206 25.64 15.73 -3.71
N MET L 207 24.82 16.76 -3.49
CA MET L 207 23.94 16.81 -2.31
C MET L 207 22.50 16.42 -2.66
N TRP L 208 22.25 15.99 -3.90
CA TRP L 208 20.94 15.57 -4.36
C TRP L 208 21.15 14.52 -5.46
N THR L 209 20.42 13.41 -5.42
CA THR L 209 20.50 12.38 -6.44
C THR L 209 19.12 12.25 -7.08
N ASP L 210 19.13 11.71 -8.30
CA ASP L 210 17.93 11.63 -9.11
C ASP L 210 17.00 10.53 -8.62
N THR L 211 17.42 9.71 -7.64
CA THR L 211 16.51 8.73 -7.05
C THR L 211 15.41 9.43 -6.24
N ARG L 212 14.17 9.00 -6.46
CA ARG L 212 13.02 9.55 -5.74
C ARG L 212 13.00 8.98 -4.31
N GLY L 213 12.68 9.83 -3.33
CA GLY L 213 12.53 9.39 -1.94
C GLY L 213 13.84 9.00 -1.25
N ALA L 214 14.98 9.55 -1.68
CA ALA L 214 16.26 9.27 -1.02
C ALA L 214 17.09 10.54 -0.83
N ASN L 215 16.46 11.66 -0.48
CA ASN L 215 17.14 12.93 -0.35
C ASN L 215 16.69 13.61 0.94
N MET L 216 17.36 14.73 1.27
CA MET L 216 17.10 15.42 2.53
C MET L 216 15.66 15.92 2.58
N LEU L 217 15.11 16.42 1.45
CA LEU L 217 13.87 17.16 1.47
C LEU L 217 12.73 16.49 0.68
N ASP L 218 12.90 15.24 0.25
CA ASP L 218 11.85 14.62 -0.54
C ASP L 218 11.03 13.61 0.25
N GLY L 219 11.27 13.46 1.54
CA GLY L 219 10.65 12.39 2.32
C GLY L 219 11.63 11.29 2.70
N GLY L 220 12.79 11.24 2.07
CA GLY L 220 13.72 10.17 2.33
C GLY L 220 14.42 10.31 3.68
N ALA L 221 14.51 11.53 4.24
CA ALA L 221 15.17 11.69 5.53
C ALA L 221 14.14 11.51 6.63
N PRO L 222 14.41 10.63 7.60
CA PRO L 222 13.47 10.36 8.68
C PRO L 222 13.11 11.58 9.54
N TYR L 223 13.95 12.63 9.49
CA TYR L 223 13.70 13.84 10.23
C TYR L 223 13.08 14.93 9.35
N TYR L 224 12.72 14.58 8.11
CA TYR L 224 11.97 15.52 7.28
C TYR L 224 10.92 14.73 6.52
N ASP L 225 9.77 14.48 7.17
CA ASP L 225 8.75 13.62 6.58
C ASP L 225 7.49 13.66 7.43
N THR L 226 6.42 12.98 7.01
CA THR L 226 5.24 12.86 7.87
C THR L 226 5.23 11.52 8.58
N TYR L 227 4.53 11.45 9.72
CA TYR L 227 4.45 10.21 10.48
C TYR L 227 2.98 9.98 10.83
N GLU L 228 2.53 8.72 10.76
CA GLU L 228 1.19 8.38 11.19
C GLU L 228 1.17 8.19 12.71
N CYS L 229 0.16 8.79 13.33
CA CYS L 229 -0.07 8.75 14.76
C CYS L 229 -1.11 7.69 15.06
N ALA L 230 -1.36 7.48 16.36
CA ALA L 230 -2.13 6.35 16.83
C ALA L 230 -3.57 6.39 16.30
N ASP L 231 -4.12 7.60 16.12
CA ASP L 231 -5.48 7.81 15.65
C ASP L 231 -5.56 7.75 14.12
N GLY L 232 -4.44 7.53 13.42
CA GLY L 232 -4.46 7.50 11.96
C GLY L 232 -4.34 8.90 11.31
N ARG L 233 -4.18 9.95 12.12
CA ARG L 233 -3.84 11.27 11.61
C ARG L 233 -2.32 11.41 11.57
N TYR L 234 -1.79 12.54 11.11
CA TYR L 234 -0.37 12.64 10.83
C TYR L 234 0.25 13.86 11.48
N VAL L 235 1.56 13.76 11.69
CA VAL L 235 2.35 14.93 12.02
C VAL L 235 3.41 15.10 10.94
N ALA L 236 3.89 16.34 10.83
CA ALA L 236 5.01 16.70 9.98
C ALA L 236 6.19 16.98 10.89
N VAL L 237 7.33 16.39 10.54
CA VAL L 237 8.58 16.59 11.21
C VAL L 237 9.51 17.27 10.24
N GLY L 238 10.09 18.41 10.62
CA GLY L 238 11.09 19.10 9.84
C GLY L 238 12.34 19.47 10.62
N ALA L 239 12.80 18.56 11.48
CA ALA L 239 13.86 18.85 12.42
C ALA L 239 15.21 18.64 11.75
N ILE L 240 15.59 19.59 10.89
CA ILE L 240 16.81 19.44 10.13
C ILE L 240 18.02 19.76 11.04
N GLU L 241 17.96 20.91 11.71
CA GLU L 241 19.08 21.36 12.54
C GLU L 241 19.20 20.46 13.77
N PRO L 242 20.43 20.03 14.10
CA PRO L 242 20.65 19.10 15.22
C PRO L 242 19.98 19.48 16.53
N GLN L 243 19.94 20.78 16.85
CA GLN L 243 19.36 21.28 18.09
C GLN L 243 17.85 21.04 18.09
N PHE L 244 17.25 21.10 16.90
CA PHE L 244 15.81 20.94 16.79
C PHE L 244 15.47 19.47 16.88
N TYR L 245 16.25 18.66 16.19
CA TYR L 245 16.11 17.21 16.27
C TYR L 245 16.23 16.70 17.70
N ALA L 246 17.24 17.20 18.44
CA ALA L 246 17.45 16.82 19.83
C ALA L 246 16.20 17.14 20.65
N ALA L 247 15.61 18.31 20.41
CA ALA L 247 14.38 18.66 21.11
C ALA L 247 13.26 17.70 20.76
N MET L 248 13.18 17.33 19.49
CA MET L 248 12.21 16.36 19.02
C MET L 248 12.34 15.03 19.75
N LEU L 249 13.57 14.50 19.83
CA LEU L 249 13.82 13.22 20.47
C LEU L 249 13.43 13.23 21.95
N ALA L 250 13.69 14.34 22.63
CA ALA L 250 13.35 14.45 24.03
C ALA L 250 11.84 14.40 24.24
N GLY L 251 11.06 15.03 23.35
CA GLY L 251 9.62 15.03 23.52
C GLY L 251 8.99 13.70 23.12
N LEU L 252 9.74 12.96 22.31
CA LEU L 252 9.34 11.63 21.87
C LEU L 252 9.62 10.58 22.93
N GLY L 253 10.50 10.91 23.88
CA GLY L 253 10.92 9.99 24.91
C GLY L 253 12.10 9.09 24.50
N LEU L 254 12.80 9.42 23.42
CA LEU L 254 13.86 8.54 22.95
C LEU L 254 15.21 9.13 23.34
N ASP L 255 16.09 8.29 23.88
CA ASP L 255 17.44 8.71 24.25
C ASP L 255 18.30 8.68 23.00
N ALA L 256 19.14 9.71 22.81
CA ALA L 256 20.04 9.79 21.67
C ALA L 256 20.90 8.52 21.58
N ALA L 257 21.30 8.00 22.74
CA ALA L 257 22.26 6.89 22.84
C ALA L 257 21.73 5.59 22.24
N GLU L 258 20.40 5.41 22.24
CA GLU L 258 19.76 4.23 21.67
C GLU L 258 19.60 4.33 20.15
N LEU L 259 19.97 5.46 19.51
CA LEU L 259 19.52 5.76 18.16
C LEU L 259 20.73 5.89 17.24
N PRO L 260 20.62 5.51 15.95
CA PRO L 260 21.68 5.81 15.01
C PRO L 260 21.91 7.31 14.95
N PRO L 261 23.06 7.79 14.46
CA PRO L 261 23.20 9.22 14.22
C PRO L 261 22.14 9.77 13.27
N GLN L 262 21.71 11.00 13.52
CA GLN L 262 20.72 11.68 12.72
C GLN L 262 21.02 11.58 11.23
N ASN L 263 22.31 11.76 10.85
CA ASN L 263 22.69 11.87 9.46
C ASN L 263 23.60 10.72 8.98
N ASP L 264 23.56 9.56 9.64
CA ASP L 264 24.13 8.36 9.06
C ASP L 264 23.09 7.69 8.15
N ARG L 265 23.10 8.05 6.85
CA ARG L 265 22.09 7.65 5.90
C ARG L 265 21.98 6.14 5.78
N ALA L 266 23.09 5.44 5.95
CA ALA L 266 23.07 3.99 5.81
C ALA L 266 22.18 3.34 6.88
N ARG L 267 21.90 4.08 7.97
CA ARG L 267 21.07 3.56 9.05
C ARG L 267 19.75 4.33 9.18
N TRP L 268 19.37 5.09 8.17
CA TRP L 268 18.05 5.70 8.18
C TRP L 268 16.94 4.65 8.36
N PRO L 269 16.98 3.45 7.71
CA PRO L 269 15.90 2.49 7.90
C PRO L 269 15.60 2.22 9.36
N GLU L 270 16.64 1.99 10.16
CA GLU L 270 16.53 1.76 11.60
C GLU L 270 15.97 3.02 12.27
N LEU L 271 16.52 4.18 11.93
CA LEU L 271 16.10 5.43 12.54
C LEU L 271 14.61 5.65 12.30
N ARG L 272 14.18 5.44 11.05
CA ARG L 272 12.80 5.64 10.65
C ARG L 272 11.89 4.68 11.42
N ALA L 273 12.35 3.44 11.65
CA ALA L 273 11.54 2.48 12.39
C ALA L 273 11.34 2.95 13.82
N LEU L 274 12.38 3.55 14.38
CA LEU L 274 12.29 3.97 15.77
C LEU L 274 11.36 5.16 15.91
N LEU L 275 11.47 6.13 15.00
CA LEU L 275 10.62 7.30 15.03
C LEU L 275 9.18 6.89 14.72
N THR L 276 9.02 5.96 13.78
CA THR L 276 7.69 5.54 13.38
C THR L 276 6.96 5.01 14.61
N GLU L 277 7.64 4.16 15.38
CA GLU L 277 7.04 3.53 16.55
C GLU L 277 6.65 4.59 17.58
N ALA L 278 7.58 5.52 17.88
CA ALA L 278 7.30 6.54 18.87
C ALA L 278 6.08 7.39 18.46
N PHE L 279 6.05 7.88 17.22
CA PHE L 279 4.93 8.74 16.80
C PHE L 279 3.64 7.94 16.78
N ALA L 280 3.70 6.65 16.48
CA ALA L 280 2.48 5.84 16.40
C ALA L 280 1.85 5.58 17.78
N SER L 281 2.54 5.91 18.88
CA SER L 281 2.06 5.50 20.19
C SER L 281 1.16 6.55 20.83
N HIS L 282 0.92 7.68 20.16
CA HIS L 282 0.02 8.68 20.68
C HIS L 282 -0.63 9.37 19.49
N ASP L 283 -1.71 10.10 19.76
CA ASP L 283 -2.55 10.63 18.72
C ASP L 283 -1.97 11.99 18.31
N ARG L 284 -2.39 12.46 17.14
CA ARG L 284 -1.83 13.66 16.57
C ARG L 284 -1.92 14.81 17.57
N ASP L 285 -3.05 14.90 18.26
CA ASP L 285 -3.33 16.08 19.07
C ASP L 285 -2.45 16.06 20.31
N HIS L 286 -2.13 14.87 20.80
CA HIS L 286 -1.16 14.77 21.87
C HIS L 286 0.17 15.37 21.41
N TRP L 287 0.67 14.92 20.25
CA TRP L 287 1.95 15.45 19.80
C TRP L 287 1.90 16.97 19.68
N GLY L 288 0.76 17.50 19.20
CA GLY L 288 0.59 18.93 18.93
C GLY L 288 0.66 19.77 20.20
N ALA L 289 0.17 19.21 21.31
CA ALA L 289 0.29 19.83 22.61
C ALA L 289 1.73 19.70 23.11
N VAL L 290 2.23 18.46 23.25
CA VAL L 290 3.61 18.20 23.66
C VAL L 290 4.61 19.20 23.07
N PHE L 291 4.45 19.57 21.78
CA PHE L 291 5.45 20.30 21.03
C PHE L 291 5.03 21.75 20.73
N ALA L 292 3.85 22.20 21.14
CA ALA L 292 3.58 23.64 21.05
C ALA L 292 4.69 24.46 21.75
N ASN L 293 5.02 25.60 21.16
CA ASN L 293 6.06 26.49 21.66
C ASN L 293 7.45 25.86 21.61
N SER L 294 7.63 24.76 20.85
CA SER L 294 8.92 24.10 20.84
C SER L 294 9.62 24.32 19.51
N ASP L 295 10.95 24.25 19.49
CA ASP L 295 11.74 24.23 18.26
C ASP L 295 11.93 22.82 17.67
N ALA L 296 11.08 21.87 18.06
CA ALA L 296 11.19 20.48 17.60
C ALA L 296 10.83 20.31 16.12
N CYS L 297 10.13 21.28 15.52
CA CYS L 297 9.68 21.25 14.14
C CYS L 297 8.74 20.08 13.94
N VAL L 298 7.80 19.90 14.88
CA VAL L 298 6.74 18.93 14.77
C VAL L 298 5.44 19.69 14.77
N THR L 299 4.63 19.47 13.73
CA THR L 299 3.36 20.16 13.59
C THR L 299 2.29 19.16 13.20
N PRO L 300 1.04 19.36 13.61
CA PRO L 300 -0.05 18.55 13.08
C PRO L 300 -0.31 18.84 11.60
N VAL L 301 -0.53 17.78 10.81
CA VAL L 301 -0.95 17.90 9.42
C VAL L 301 -2.46 18.03 9.38
N LEU L 302 -2.94 19.25 9.20
CA LEU L 302 -4.35 19.53 9.27
C LEU L 302 -4.95 19.35 7.88
N ALA L 303 -6.18 18.85 7.85
CA ALA L 303 -6.98 18.85 6.64
C ALA L 303 -7.62 20.24 6.45
N PHE L 304 -7.96 20.57 5.21
CA PHE L 304 -8.55 21.88 4.91
C PHE L 304 -9.66 22.23 5.91
N GLY L 305 -10.48 21.24 6.26
CA GLY L 305 -11.65 21.49 7.08
C GLY L 305 -11.34 21.81 8.55
N GLU L 306 -10.12 21.53 9.03
CA GLU L 306 -9.79 21.80 10.43
C GLU L 306 -9.01 23.11 10.59
N VAL L 307 -8.60 23.72 9.45
CA VAL L 307 -7.67 24.84 9.42
C VAL L 307 -8.26 26.08 10.08
N HIS L 308 -9.59 26.26 9.94
CA HIS L 308 -10.31 27.38 10.52
C HIS L 308 -10.30 27.33 12.05
N ASN L 309 -9.98 26.17 12.65
CA ASN L 309 -9.96 26.01 14.10
C ASN L 309 -8.56 26.10 14.70
N GLU L 310 -7.54 26.43 13.91
CA GLU L 310 -6.19 26.38 14.44
C GLU L 310 -5.85 27.77 14.98
N PRO L 311 -5.51 27.93 16.28
CA PRO L 311 -5.31 29.26 16.85
C PRO L 311 -4.44 30.17 16.01
N HIS L 312 -3.28 29.67 15.54
CA HIS L 312 -2.34 30.54 14.86
C HIS L 312 -2.94 31.06 13.56
N ILE L 313 -3.80 30.24 12.94
CA ILE L 313 -4.45 30.62 11.70
C ILE L 313 -5.50 31.71 11.99
N ILE L 314 -6.28 31.50 13.05
CA ILE L 314 -7.33 32.46 13.40
C ILE L 314 -6.70 33.82 13.73
N GLU L 315 -5.78 33.79 14.68
CA GLU L 315 -5.27 35.02 15.20
C GLU L 315 -4.66 35.90 14.11
N ARG L 316 -4.11 35.35 13.01
CA ARG L 316 -3.43 36.19 12.04
C ARG L 316 -4.34 36.53 10.85
N ASN L 317 -5.60 36.08 10.93
CA ASN L 317 -6.60 36.23 9.87
C ASN L 317 -5.98 35.82 8.54
N THR L 318 -5.39 34.63 8.51
CA THR L 318 -4.90 34.09 7.26
C THR L 318 -6.07 33.86 6.28
N PHE L 319 -7.26 33.48 6.79
CA PHE L 319 -8.43 33.27 5.98
C PHE L 319 -9.55 34.23 6.41
N TYR L 320 -10.42 34.61 5.46
CA TYR L 320 -11.71 35.24 5.73
C TYR L 320 -12.79 34.27 5.27
N GLU L 321 -13.97 34.33 5.93
CA GLU L 321 -15.14 33.56 5.55
C GLU L 321 -15.94 34.35 4.52
N ALA L 322 -16.09 33.81 3.30
CA ALA L 322 -16.91 34.40 2.25
C ALA L 322 -17.91 33.36 1.77
N ASN L 323 -19.16 33.80 1.53
CA ASN L 323 -20.12 32.92 0.87
C ASN L 323 -20.46 31.74 1.79
N GLY L 324 -19.76 30.60 1.63
CA GLY L 324 -20.08 29.37 2.34
C GLY L 324 -18.84 28.57 2.79
N GLY L 325 -17.65 29.02 2.40
CA GLY L 325 -16.39 28.43 2.85
C GLY L 325 -15.25 29.45 2.91
N TRP L 326 -14.18 29.06 3.60
CA TRP L 326 -13.07 29.96 3.88
C TRP L 326 -12.25 30.24 2.64
N GLN L 327 -11.52 31.35 2.65
CA GLN L 327 -10.67 31.70 1.53
C GLN L 327 -9.48 32.51 2.05
N PRO L 328 -8.31 32.43 1.39
CA PRO L 328 -7.12 33.09 1.89
C PRO L 328 -7.11 34.60 1.68
N MET L 329 -6.76 35.32 2.75
CA MET L 329 -6.54 36.74 2.69
C MET L 329 -5.35 37.02 1.78
N PRO L 330 -5.28 38.24 1.20
CA PRO L 330 -4.14 38.59 0.36
C PRO L 330 -2.83 38.30 1.05
N ALA L 331 -1.80 38.07 0.26
CA ALA L 331 -0.45 37.92 0.76
C ALA L 331 0.48 38.49 -0.29
N PRO L 332 1.66 39.06 0.03
CA PRO L 332 2.07 39.28 1.40
C PRO L 332 1.34 40.47 2.01
N ARG L 333 1.85 40.97 3.14
CA ARG L 333 1.22 42.03 3.91
C ARG L 333 2.10 43.27 3.92
N PHE L 334 1.42 44.43 4.01
CA PHE L 334 2.08 45.73 3.90
C PHE L 334 1.78 46.51 5.18
N SER L 335 2.81 47.15 5.75
CA SER L 335 2.62 47.96 6.97
C SER L 335 1.76 49.20 6.73
N ARG L 336 2.09 49.98 5.68
CA ARG L 336 1.41 51.23 5.38
C ARG L 336 0.19 51.03 4.47
N THR L 337 0.40 50.61 3.21
CA THR L 337 -0.70 50.50 2.24
C THR L 337 -1.27 49.09 2.31
N ALA L 338 -2.16 48.87 3.27
CA ALA L 338 -2.62 47.53 3.57
C ALA L 338 -3.68 47.12 2.55
N SER L 339 -3.58 45.87 2.09
CA SER L 339 -4.62 45.25 1.28
C SER L 339 -5.91 45.17 2.10
N SER L 340 -7.03 45.02 1.42
CA SER L 340 -8.30 44.91 2.10
C SER L 340 -8.88 43.55 1.76
N GLN L 341 -10.02 43.25 2.40
CA GLN L 341 -10.70 41.99 2.16
C GLN L 341 -11.15 41.94 0.70
N PRO L 342 -10.90 40.86 -0.08
CA PRO L 342 -11.28 40.82 -1.49
C PRO L 342 -12.80 40.95 -1.73
N ARG L 343 -13.11 41.66 -2.83
CA ARG L 343 -14.48 41.80 -3.29
C ARG L 343 -14.90 40.52 -4.01
N PRO L 344 -16.09 39.94 -3.71
CA PRO L 344 -16.60 38.83 -4.49
C PRO L 344 -16.64 39.14 -5.99
N PRO L 345 -16.78 38.13 -6.87
CA PRO L 345 -16.98 38.39 -8.28
C PRO L 345 -18.29 39.14 -8.55
N ALA L 346 -18.19 40.21 -9.36
CA ALA L 346 -19.32 41.09 -9.68
C ALA L 346 -20.23 40.44 -10.71
N ALA L 347 -21.40 41.05 -10.99
CA ALA L 347 -22.08 40.76 -12.24
C ALA L 347 -21.30 41.44 -13.37
N THR L 348 -21.46 40.93 -14.60
CA THR L 348 -20.82 41.53 -15.76
C THR L 348 -21.18 43.00 -15.80
N ILE L 349 -20.32 43.79 -16.43
CA ILE L 349 -20.68 45.14 -16.79
C ILE L 349 -20.29 45.34 -18.26
N ASP L 350 -20.76 46.44 -18.83
CA ASP L 350 -20.58 46.76 -20.23
C ASP L 350 -19.26 47.51 -20.39
N ILE L 351 -18.43 47.04 -21.34
CA ILE L 351 -17.05 47.47 -21.59
C ILE L 351 -16.89 49.00 -21.81
N GLU L 352 -17.99 49.69 -22.18
CA GLU L 352 -18.03 51.15 -22.32
C GLU L 352 -18.02 51.82 -20.94
N ALA L 353 -18.88 51.35 -20.01
CA ALA L 353 -18.99 51.89 -18.65
C ALA L 353 -17.65 51.80 -17.91
N VAL L 354 -16.77 50.92 -18.37
CA VAL L 354 -15.38 50.86 -17.93
C VAL L 354 -14.60 51.95 -18.64
N LEU L 355 -14.71 52.03 -19.98
CA LEU L 355 -13.94 53.00 -20.77
C LEU L 355 -14.24 54.44 -20.31
N THR L 356 -15.48 54.71 -19.87
CA THR L 356 -15.87 55.93 -19.13
C THR L 356 -14.92 56.24 -17.98
N ASP L 357 -14.92 55.35 -16.98
CA ASP L 357 -14.25 55.52 -15.71
C ASP L 357 -12.75 55.76 -15.95
N TRP L 358 -12.15 55.07 -16.94
CA TRP L 358 -10.72 55.20 -17.22
C TRP L 358 -10.42 56.47 -18.05
C4 A1IZA M . -46.20 -18.66 -3.86
C14 A1IZA M . -38.62 -20.36 -3.69
C5 A1IZA M . -44.76 -18.66 -3.37
C6 A1IZA M . -43.80 -16.90 -4.73
C11 A1IZA M . -39.87 -19.51 -3.96
C7 A1IZA M . -43.19 -15.51 -4.77
C8 A1IZA M . -41.90 -15.36 -5.56
C9 A1IZA M . -40.39 -17.09 -4.69
C10 A1IZA M . -39.62 -18.37 -5.01
C12 A1IZA M . -40.10 -18.94 -2.55
C13 A1IZA M . -41.08 -20.35 -4.42
N1 A1IZA M . -44.11 -17.35 -3.52
N2 A1IZA M . -41.15 -16.61 -5.68
C3 A1IZA M . -47.81 -20.31 -2.37
N3 A1IZA M . -34.75 -22.30 -13.21
C1 A1IZA M . -49.44 -21.46 -1.05
C2 A1IZA M . -48.16 -21.70 -1.86
O1 A1IZA M . -47.99 -19.31 -1.65
S1 A1IZA M . -47.07 -20.26 -3.96
O2 A1IZA M . -44.04 -17.58 -5.79
O3 A1IZA M . -40.30 -16.56 -3.56
O4 A1IZA M . -39.95 -18.84 -6.33
O5 A1IZA M . -38.17 -21.10 -4.85
P1 A1IZA M . -36.61 -21.40 -5.11
O6 A1IZA M . -36.69 -22.88 -5.13
O7 A1IZA M . -35.60 -20.57 -4.39
O8 A1IZA M . -36.61 -20.84 -6.59
P2 A1IZA M . -36.20 -19.36 -7.07
O9 A1IZA M . -37.39 -18.69 -7.67
O10 A1IZA M . -35.45 -18.45 -6.14
O11 A1IZA M . -35.23 -19.83 -8.26
C15 A1IZA M . -35.66 -20.89 -9.16
C16 A1IZA M . -34.43 -21.59 -9.72
O12 A1IZA M . -34.84 -22.36 -10.87
C17 A1IZA M . -33.98 -22.06 -11.98
C18 A1IZA M . -36.01 -21.88 -13.54
N4 A1IZA M . -36.43 -22.38 -14.68
C19 A1IZA M . -35.40 -23.18 -15.09
C20 A1IZA M . -35.23 -24.00 -16.23
N5 A1IZA M . -36.16 -24.16 -17.17
N6 A1IZA M . -34.08 -24.71 -16.34
C21 A1IZA M . -33.15 -24.57 -15.37
N7 A1IZA M . -33.19 -23.83 -14.28
C22 A1IZA M . -34.35 -23.15 -14.20
C23 A1IZA M . -33.50 -20.64 -11.72
O13 A1IZA M . -32.37 -20.43 -12.53
C24 A1IZA M . -33.24 -20.72 -10.21
O14 A1IZA M . -31.98 -21.33 -9.92
P3 A1IZA M . -30.80 -20.68 -9.01
O15 A1IZA M . -30.63 -21.62 -7.84
O16 A1IZA M . -31.10 -19.25 -8.61
O17 A1IZA M . -29.59 -20.55 -9.92
C25 A1IZA M . -48.22 -22.93 -2.78
C26 A1IZA M . -49.12 -23.05 -3.83
C27 A1IZA M . -49.16 -24.22 -4.61
C28 A1IZA M . -48.32 -25.31 -4.39
C29 A1IZA M . -48.42 -26.58 -5.17
C30 A1IZA M . -49.54 -27.40 -5.01
C31 A1IZA M . -49.67 -28.60 -5.70
C32 A1IZA M . -48.65 -29.02 -6.53
C33 A1IZA M . -47.51 -28.25 -6.67
C34 A1IZA M . -47.38 -27.05 -6.00
C35 A1IZA M . -47.46 -25.15 -3.32
F1 A1IZA M . -46.62 -26.19 -3.03
C36 A1IZA M . -47.37 -24.03 -2.53
C4 A1IZA N . -72.45 -7.25 -2.44
C14 A1IZA N . -79.67 -5.06 -2.70
C5 A1IZA N . -73.98 -7.47 -2.35
C6 A1IZA N . -74.54 -7.84 -4.68
C11 A1IZA N . -78.73 -6.15 -3.25
C7 A1IZA N . -75.14 -8.76 -5.72
C8 A1IZA N . -76.01 -8.03 -6.74
C9 A1IZA N . -77.94 -7.44 -5.32
C10 A1IZA N . -78.79 -6.29 -4.81
C12 A1IZA N . -79.11 -7.49 -2.61
C13 A1IZA N . -77.31 -5.77 -2.79
N1 A1IZA N . -74.46 -8.31 -3.43
N2 A1IZA N . -76.94 -7.08 -6.12
C3 A1IZA N . -71.45 -7.50 -0.02
N3 A1IZA N . -81.83 2.75 -8.51
C1 A1IZA N . -70.27 -7.94 2.13
C2 A1IZA N . -71.36 -7.12 1.45
O1 A1IZA N . -71.39 -8.70 -0.32
S1 A1IZA N . -71.76 -6.16 -1.15
O2 A1IZA N . -74.16 -6.68 -4.98
O3 A1IZA N . -78.17 -8.63 -5.01
O4 A1IZA N . -78.36 -5.09 -5.48
O5 A1IZA N . -81.05 -5.24 -3.19
P1 A1IZA N . -81.97 -3.96 -3.50
O6 A1IZA N . -83.27 -4.61 -3.76
O7 A1IZA N . -81.75 -2.93 -2.46
O8 A1IZA N . -81.45 -3.33 -4.88
P2 A1IZA N . -81.67 -3.88 -6.36
O9 A1IZA N . -82.69 -4.94 -6.28
O10 A1IZA N . -80.41 -4.31 -7.03
O11 A1IZA N . -82.29 -2.60 -7.10
C15 A1IZA N . -81.85 -1.26 -6.70
C16 A1IZA N . -82.95 -0.25 -6.96
O12 A1IZA N . -82.38 1.07 -6.94
C17 A1IZA N . -82.84 1.79 -8.08
C18 A1IZA N . -80.49 2.53 -8.74
N4 A1IZA N . -79.84 3.60 -9.13
C19 A1IZA N . -80.82 4.58 -9.18
C20 A1IZA N . -80.76 5.94 -9.51
N5 A1IZA N . -79.65 6.56 -9.89
N6 A1IZA N . -81.92 6.64 -9.45
C21 A1IZA N . -83.04 6.01 -9.06
N7 A1IZA N . -83.21 4.74 -8.72
C22 A1IZA N . -82.04 4.07 -8.80
C23 A1IZA N . -83.09 0.75 -9.14
O13 A1IZA N . -83.95 1.32 -10.11
C24 A1IZA N . -83.72 -0.34 -8.29
O14 A1IZA N . -85.09 -0.02 -8.13
P3 A1IZA N . -86.29 -1.12 -8.11
O15 A1IZA N . -87.50 -0.28 -7.87
O16 A1IZA N . -86.14 -1.72 -6.73
O17 A1IZA N . -86.19 -2.07 -9.35
C25 A1IZA N . -71.32 -5.62 1.76
C26 A1IZA N . -70.26 -4.77 1.46
C27 A1IZA N . -70.31 -3.42 1.84
C28 A1IZA N . -71.43 -2.88 2.51
C29 A1IZA N . -71.47 -1.46 3.00
C30 A1IZA N . -70.52 -1.04 3.94
C31 A1IZA N . -70.55 0.24 4.47
C32 A1IZA N . -71.54 1.12 4.09
C33 A1IZA N . -72.51 0.71 3.19
C34 A1IZA N . -72.49 -0.57 2.66
C35 A1IZA N . -72.42 -3.78 2.81
F1 A1IZA N . -73.55 -3.35 3.47
C36 A1IZA N . -72.41 -5.11 2.45
C4 A1IZA O . 22.96 28.39 33.96
C14 A1IZA O . 22.13 28.48 26.45
C5 A1IZA O . 22.17 28.15 32.67
C6 A1IZA O . 22.84 25.90 32.02
C11 A1IZA O . 21.83 27.65 27.72
C7 A1IZA O . 22.40 24.49 31.72
C8 A1IZA O . 23.04 23.85 30.47
C9 A1IZA O . 22.09 25.23 28.67
C10 A1IZA O . 22.42 26.20 27.54
C12 A1IZA O . 22.48 28.42 28.87
C13 A1IZA O . 20.33 27.58 27.99
N1 A1IZA O . 21.89 26.75 32.45
N2 A1IZA O . 23.15 24.79 29.35
C3 A1IZA O . 22.08 30.67 35.23
N3 A1IZA O . 30.00 26.82 20.56
C1 A1IZA O . 21.69 32.46 36.85
C2 A1IZA O . 21.93 32.19 35.38
O1 A1IZA O . 21.21 29.95 35.76
S1 A1IZA O . 23.46 30.13 34.22
O2 A1IZA O . 24.03 26.25 31.88
O3 A1IZA O . 20.92 24.91 28.92
O4 A1IZA O . 23.83 26.23 27.34
O5 A1IZA O . 21.71 27.76 25.27
P1 A1IZA O . 22.34 28.02 23.82
O6 A1IZA O . 22.85 29.42 23.74
O7 A1IZA O . 21.23 27.45 23.01
O8 A1IZA O . 23.66 27.09 23.86
P2 A1IZA O . 23.89 25.53 23.74
O9 A1IZA O . 24.66 24.97 24.89
O10 A1IZA O . 22.60 24.87 23.39
O11 A1IZA O . 24.87 25.49 22.47
C15 A1IZA O . 26.07 26.32 22.48
C16 A1IZA O . 26.49 26.54 21.04
O12 A1IZA O . 27.74 27.28 21.01
C17 A1IZA O . 28.63 26.62 20.11
C18 A1IZA O . 30.48 26.62 21.82
N4 A1IZA O . 31.77 26.86 21.94
C19 A1IZA O . 32.15 27.25 20.67
C20 A1IZA O . 33.39 27.65 20.15
N5 A1IZA O . 34.50 27.71 20.86
N6 A1IZA O . 33.43 27.97 18.83
C21 A1IZA O . 32.30 27.91 18.12
N7 A1IZA O . 31.07 27.56 18.51
C22 A1IZA O . 31.07 27.23 19.81
C23 A1IZA O . 28.26 25.15 20.21
O13 A1IZA O . 28.74 24.41 19.11
C24 A1IZA O . 26.74 25.27 20.22
O14 A1IZA O . 26.40 25.51 18.88
P3 A1IZA O . 25.06 25.05 18.10
O15 A1IZA O . 24.83 26.43 17.45
O16 A1IZA O . 25.66 23.91 17.32
O17 A1IZA O . 23.97 24.40 18.93
C25 A1IZA O . 22.98 33.05 34.70
C26 A1IZA O . 24.28 33.15 35.17
C27 A1IZA O . 25.19 33.99 34.52
C28 A1IZA O . 24.85 34.74 33.39
C29 A1IZA O . 25.86 35.61 32.69
C30 A1IZA O . 27.17 35.70 33.19
C31 A1IZA O . 28.12 36.49 32.56
C32 A1IZA O . 27.80 37.18 31.42
C33 A1IZA O . 26.52 37.10 30.90
C34 A1IZA O . 25.56 36.33 31.53
C35 A1IZA O . 23.53 34.59 32.96
F1 A1IZA O . 23.07 35.27 31.84
C36 A1IZA O . 22.62 33.78 33.58
C4 A1IZA P . 25.55 24.66 62.22
C14 A1IZA P . 27.14 24.14 69.62
C5 A1IZA P . 25.87 25.37 63.57
C6 A1IZA P . 28.30 25.17 63.59
C11 A1IZA P . 27.51 24.93 68.36
C7 A1IZA P . 29.65 25.86 63.67
C8 A1IZA P . 30.58 25.11 64.60
C9 A1IZA P . 29.56 25.50 66.81
C10 A1IZA P . 29.05 24.84 68.09
C12 A1IZA P . 27.11 26.41 68.52
C13 A1IZA P . 26.72 24.37 67.17
N1 A1IZA P . 27.22 25.95 63.65
N2 A1IZA P . 29.93 24.66 65.83
C3 A1IZA P . 22.93 25.13 61.52
N3 A1IZA P . 31.73 16.32 73.13
C1 A1IZA P . 20.71 25.49 60.51
C2 A1IZA P . 21.42 24.90 61.72
O1 A1IZA P . 23.36 26.21 61.07
S1 A1IZA P . 23.94 23.81 62.11
O2 A1IZA P . 28.22 23.93 63.47
O3 A1IZA P . 29.69 26.75 66.75
O4 A1IZA P . 29.45 23.48 68.11
O5 A1IZA P . 28.02 24.51 70.73
P1 A1IZA P . 28.20 23.56 72.02
O6 A1IZA P . 26.99 22.74 72.23
O7 A1IZA P . 28.63 24.62 72.97
O8 A1IZA P . 29.40 22.60 71.56
P2 A1IZA P . 30.97 22.97 71.41
O9 A1IZA P . 31.46 22.98 70.00
O10 A1IZA P . 31.29 24.16 72.23
O11 A1IZA P . 31.61 21.69 72.11
C15 A1IZA P . 30.90 20.42 71.99
C16 A1IZA P . 30.85 19.75 73.34
O12 A1IZA P . 30.58 18.33 73.20
C17 A1IZA P . 31.60 17.58 73.84
C18 A1IZA P . 31.66 16.13 71.78
N4 A1IZA P . 31.72 14.88 71.41
C19 A1IZA P . 31.80 14.19 72.60
C20 A1IZA P . 31.88 12.82 72.87
N5 A1IZA P . 31.86 11.89 71.93
N6 A1IZA P . 31.91 12.46 74.18
C21 A1IZA P . 31.93 13.42 75.12
N7 A1IZA P . 31.87 14.74 74.97
C22 A1IZA P . 31.80 15.07 73.68
C23 A1IZA P . 32.82 18.51 73.84
O13 A1IZA P . 33.74 18.15 74.84
C24 A1IZA P . 32.12 19.83 74.18
O14 A1IZA P . 31.72 19.81 75.53
P3 A1IZA P . 32.58 20.68 76.58
O15 A1IZA P . 31.86 20.34 77.83
O16 A1IZA P . 34.01 20.15 76.45
O17 A1IZA P . 32.46 22.15 76.19
C25 A1IZA P . 21.00 23.52 62.22
C26 A1IZA P . 21.10 22.33 61.52
C27 A1IZA P . 20.65 21.12 62.10
C28 A1IZA P . 20.09 21.06 63.38
C29 A1IZA P . 19.63 19.82 64.05
C30 A1IZA P . 20.31 18.61 63.91
C31 A1IZA P . 19.89 17.46 64.57
C32 A1IZA P . 18.79 17.51 65.40
C33 A1IZA P . 18.11 18.69 65.57
C34 A1IZA P . 18.53 19.84 64.92
C35 A1IZA P . 20.04 22.27 64.03
F1 A1IZA P . 19.53 22.27 65.31
C36 A1IZA P . 20.47 23.47 63.50
C4 A1IZA Q . 8.55 -28.67 11.67
C14 A1IZA Q . 15.51 -29.59 13.43
C5 A1IZA Q . 9.95 -28.46 11.09
C6 A1IZA Q . 10.38 -30.71 10.09
C11 A1IZA Q . 14.62 -29.73 12.17
C7 A1IZA Q . 10.88 -31.48 8.88
C8 A1IZA Q . 11.96 -32.53 9.20
C9 A1IZA Q . 13.88 -31.36 10.26
C10 A1IZA Q . 14.65 -31.18 11.57
C12 A1IZA Q . 15.04 -28.73 11.07
C13 A1IZA Q . 13.20 -29.35 12.64
N1 A1IZA Q . 10.28 -29.37 9.97
N2 A1IZA Q . 12.81 -32.16 10.33
C3 A1IZA Q . 7.62 -26.12 12.12
N3 A1IZA Q . 17.41 -37.76 19.51
C1 A1IZA Q . 6.50 -23.98 12.25
C2 A1IZA Q . 7.61 -24.79 12.91
O1 A1IZA Q . 7.32 -26.11 10.91
S1 A1IZA Q . 8.13 -27.55 13.05
O2 A1IZA Q . 10.09 -31.30 11.15
O3 A1IZA Q . 14.27 -30.82 9.22
O4 A1IZA Q . 14.16 -32.12 12.55
O5 A1IZA Q . 16.88 -30.04 13.18
P1 A1IZA Q . 17.79 -30.89 14.20
O6 A1IZA Q . 19.04 -31.02 13.40
O7 A1IZA Q . 17.85 -30.29 15.56
O8 A1IZA Q . 17.10 -32.37 14.40
P2 A1IZA Q . 17.25 -33.80 13.63
O9 A1IZA Q . 15.92 -34.42 13.35
O10 A1IZA Q . 18.10 -33.58 12.44
O11 A1IZA Q . 18.01 -34.66 14.75
C15 A1IZA Q . 17.37 -34.91 16.04
C16 A1IZA Q . 18.42 -35.40 16.99
O12 A1IZA Q . 17.80 -35.81 18.24
C17 A1IZA Q . 18.35 -37.05 18.65
C18 A1IZA Q . 16.04 -37.81 19.41
N4 A1IZA Q . 15.46 -38.52 20.34
C19 A1IZA Q . 16.52 -38.97 21.12
C20 A1IZA Q . 16.56 -39.79 22.27
N5 A1IZA Q . 15.49 -40.31 22.86
N6 A1IZA Q . 17.77 -40.06 22.79
C21 A1IZA Q . 18.86 -39.53 22.20
N7 A1IZA Q . 18.93 -38.76 21.13
C22 A1IZA Q . 17.72 -38.51 20.62
C23 A1IZA Q . 18.67 -37.77 17.35
O13 A1IZA Q . 19.50 -38.83 17.72
C24 A1IZA Q . 19.27 -36.61 16.54
O14 A1IZA Q . 20.63 -36.33 16.87
P3 A1IZA Q . 21.92 -36.41 15.90
O15 A1IZA Q . 22.42 -34.98 15.74
O16 A1IZA Q . 22.83 -37.28 16.70
O17 A1IZA Q . 21.68 -37.20 14.60
C25 A1IZA Q . 7.53 -24.85 14.43
C26 A1IZA Q . 6.33 -25.15 15.04
C27 A1IZA Q . 6.23 -25.18 16.42
C28 A1IZA Q . 7.30 -24.89 17.27
C29 A1IZA Q . 7.11 -24.91 18.76
C30 A1IZA Q . 6.07 -24.16 19.33
C31 A1IZA Q . 5.84 -24.16 20.70
C32 A1IZA Q . 6.65 -24.89 21.53
C33 A1IZA Q . 7.68 -25.65 20.99
C34 A1IZA Q . 7.92 -25.65 19.62
C35 A1IZA Q . 8.48 -24.58 16.62
F1 A1IZA Q . 9.61 -24.28 17.38
C36 A1IZA Q . 8.62 -24.55 15.25
C4 A1IZA R . -18.03 -25.95 0.66
C14 A1IZA R . -25.19 -25.44 -1.35
C5 A1IZA R . -19.45 -25.41 0.84
C6 A1IZA R . -20.48 -27.21 2.13
C11 A1IZA R . -24.33 -25.54 -0.09
C7 A1IZA R . -21.11 -27.61 3.45
C8 A1IZA R . -22.45 -28.34 3.37
C9 A1IZA R . -24.00 -26.89 2.10
C10 A1IZA R . -24.75 -26.76 0.77
C12 A1IZA R . -22.86 -25.74 -0.48
C13 A1IZA R . -24.48 -24.26 0.75
N1 A1IZA R . -20.09 -25.93 2.05
N2 A1IZA R . -23.22 -27.97 2.20
C3 A1IZA R . -16.32 -24.10 -0.34
N3 A1IZA R . -29.56 -33.14 -5.51
C1 A1IZA R . -14.63 -22.46 -0.97
C2 A1IZA R . -15.93 -23.11 -1.44
O1 A1IZA R . -16.09 -23.81 0.84
S1 A1IZA R . -17.22 -25.53 -0.93
O2 A1IZA R . -20.38 -28.02 1.14
O3 A1IZA R . -24.14 -26.03 2.99
O4 A1IZA R . -24.55 -27.89 -0.08
O5 A1IZA R . -26.60 -25.33 -0.96
P1 A1IZA R . -27.77 -25.86 -1.92
O6 A1IZA R . -27.47 -25.67 -3.36
O7 A1IZA R . -29.00 -25.43 -1.22
O8 A1IZA R . -27.70 -27.45 -1.77
P2 A1IZA R . -28.22 -28.41 -0.60
O9 A1IZA R . -28.93 -27.70 0.49
O10 A1IZA R . -27.09 -29.31 -0.21
O11 A1IZA R . -29.29 -29.24 -1.46
C15 A1IZA R . -28.86 -29.88 -2.70
C16 A1IZA R . -30.06 -30.21 -3.55
O12 A1IZA R . -29.61 -30.91 -4.74
C17 A1IZA R . -30.35 -32.12 -4.84
C18 A1IZA R . -28.25 -33.51 -5.34
N4 A1IZA R . -27.86 -34.46 -6.14
C19 A1IZA R . -28.99 -34.78 -6.88
C20 A1IZA R . -29.25 -35.72 -7.89
N5 A1IZA R . -28.33 -36.56 -8.39
N6 A1IZA R . -30.50 -35.76 -8.41
C21 A1IZA R . -31.42 -34.92 -7.94
N7 A1IZA R . -31.30 -33.99 -7.00
C22 A1IZA R . -30.05 -33.97 -6.50
C23 A1IZA R . -30.68 -32.49 -3.40
O13 A1IZA R . -31.63 -33.52 -3.48
C24 A1IZA R . -31.11 -31.12 -2.88
O14 A1IZA R . -32.46 -30.73 -3.21
P3 A1IZA R . -33.49 -30.01 -2.18
O15 A1IZA R . -33.78 -28.79 -3.01
O16 A1IZA R . -34.62 -31.01 -1.78
O17 A1IZA R . -32.98 -29.71 -0.81
C25 A1IZA R . -15.96 -23.57 -2.89
C26 A1IZA R . -15.13 -24.55 -3.42
C27 A1IZA R . -15.22 -24.90 -4.78
C28 A1IZA R . -16.17 -24.33 -5.63
C29 A1IZA R . -16.23 -24.61 -7.10
C30 A1IZA R . -17.21 -25.44 -7.67
C31 A1IZA R . -17.24 -25.64 -9.04
C32 A1IZA R . -16.33 -25.00 -9.87
C33 A1IZA R . -15.37 -24.16 -9.33
C34 A1IZA R . -15.33 -23.97 -7.95
C35 A1IZA R . -16.95 -23.36 -5.05
F1 A1IZA R . -17.89 -22.72 -5.84
C36 A1IZA R . -16.88 -22.98 -3.73
C4 A1IZA S . 66.00 -24.90 9.35
C14 A1IZA S . 73.46 -24.34 8.85
C5 A1IZA S . 67.38 -25.59 9.33
C6 A1IZA S . 68.04 -25.26 11.68
C11 A1IZA S . 72.39 -25.11 9.67
C7 A1IZA S . 68.52 -25.91 12.95
C8 A1IZA S . 69.62 -25.09 13.63
C9 A1IZA S . 71.53 -25.42 12.10
C10 A1IZA S . 72.52 -24.72 11.17
C12 A1IZA S . 72.50 -26.62 9.45
C13 A1IZA S . 71.01 -24.69 9.11
N1 A1IZA S . 67.79 -26.08 10.64
N2 A1IZA S . 70.66 -24.61 12.73
C3 A1IZA S . 64.76 -25.47 7.02
N3 A1IZA S . 77.95 -16.09 11.87
C1 A1IZA S . 63.50 -26.27 5.07
C2 A1IZA S . 64.72 -25.48 5.50
O1 A1IZA S . 64.33 -26.46 7.63
S1 A1IZA S . 65.53 -24.06 7.80
O2 A1IZA S . 67.94 -24.02 11.58
O3 A1IZA S . 71.55 -26.66 12.24
O4 A1IZA S . 72.41 -23.29 11.26
O5 A1IZA S . 74.77 -24.79 9.25
P1 A1IZA S . 76.07 -23.84 9.21
O6 A1IZA S . 76.07 -23.18 7.88
O7 A1IZA S . 76.96 -24.81 9.90
O8 A1IZA S . 76.02 -22.67 10.29
P2 A1IZA S . 76.13 -22.76 11.88
O9 A1IZA S . 76.68 -24.05 12.42
O10 A1IZA S . 74.80 -22.39 12.43
O11 A1IZA S . 77.16 -21.57 12.18
C15 A1IZA S . 76.91 -20.26 11.59
C16 A1IZA S . 78.23 -19.58 11.33
O12 A1IZA S . 78.00 -18.21 10.89
C17 A1IZA S . 78.70 -17.33 11.75
C18 A1IZA S . 76.61 -15.95 12.08
N4 A1IZA S . 76.20 -14.71 12.08
C19 A1IZA S . 77.35 -13.98 11.86
C20 A1IZA S . 77.59 -12.59 11.75
N5 A1IZA S . 76.64 -11.66 11.82
N6 A1IZA S . 78.86 -12.21 11.49
C21 A1IZA S . 79.82 -13.15 11.39
N7 A1IZA S . 79.72 -14.46 11.49
C22 A1IZA S . 78.44 -14.83 11.72
C23 A1IZA S . 78.85 -18.08 13.05
O13 A1IZA S . 79.88 -17.38 13.69
C24 A1IZA S . 79.17 -19.47 12.53
O14 A1IZA S . 80.48 -19.63 12.02
P3 A1IZA S . 81.47 -20.84 12.46
O15 A1IZA S . 81.86 -21.58 11.22
O16 A1IZA S . 82.63 -20.12 13.09
O17 A1IZA S . 80.91 -21.65 13.61
C25 A1IZA S . 64.90 -24.12 4.82
C26 A1IZA S . 64.07 -23.03 5.00
C27 A1IZA S . 64.31 -21.83 4.30
C28 A1IZA S . 65.37 -21.70 3.40
C29 A1IZA S . 65.64 -20.46 2.61
C30 A1IZA S . 64.85 -20.15 1.49
C31 A1IZA S . 65.10 -19.02 0.72
C32 A1IZA S . 66.18 -18.21 1.03
C33 A1IZA S . 67.00 -18.51 2.10
C34 A1IZA S . 66.74 -19.65 2.87
C35 A1IZA S . 66.16 -22.83 3.25
F1 A1IZA S . 67.21 -22.78 2.36
C36 A1IZA S . 65.95 -24.01 3.92
C4 A1IZA T . 37.84 -28.62 14.95
C14 A1IZA T . 30.59 -28.72 15.31
C5 A1IZA T . 36.62 -28.40 14.06
C6 A1IZA T . 36.20 -26.05 14.82
C11 A1IZA T . 31.77 -27.92 14.69
C7 A1IZA T . 35.82 -24.65 14.37
C8 A1IZA T . 34.64 -23.95 15.08
C9 A1IZA T . 32.72 -25.46 14.55
C10 A1IZA T . 31.69 -26.43 15.17
C12 A1IZA T . 31.71 -27.97 13.14
C13 A1IZA T . 33.07 -28.60 15.15
N1 A1IZA T . 36.30 -26.98 13.86
N2 A1IZA T . 33.54 -24.84 15.42
C3 A1IZA T . 38.80 -30.94 13.46
N3 A1IZA T . 26.97 -26.68 24.71
C1 A1IZA T . 39.77 -32.84 12.22
C2 A1IZA T . 38.68 -32.50 13.25
O1 A1IZA T . 39.13 -30.24 12.46
S1 A1IZA T . 38.40 -30.35 15.14
O2 A1IZA T . 36.44 -26.32 16.03
O3 A1IZA T . 32.73 -25.31 13.31
O4 A1IZA T . 31.79 -26.41 16.59
O5 A1IZA T . 29.33 -27.98 15.21
P1 A1IZA T . 28.09 -28.18 16.18
O6 A1IZA T . 26.95 -27.68 15.36
O7 A1IZA T . 28.08 -29.57 16.71
O8 A1IZA T . 28.38 -27.22 17.46
P2 A1IZA T . 28.37 -25.65 17.88
O9 A1IZA T . 27.76 -24.89 16.75
O10 A1IZA T . 29.67 -25.18 18.43
O11 A1IZA T . 27.37 -25.70 19.13
C15 A1IZA T . 27.76 -26.45 20.31
C16 A1IZA T . 26.53 -26.76 21.13
O12 A1IZA T . 26.90 -27.33 22.41
C17 A1IZA T . 26.21 -26.62 23.44
C18 A1IZA T . 28.31 -26.54 24.93
N4 A1IZA T . 28.65 -26.62 26.19
C19 A1IZA T . 27.45 -26.87 26.84
C20 A1IZA T . 27.14 -27.07 28.20
N5 A1IZA T . 28.04 -27.06 29.18
N6 A1IZA T . 25.84 -27.28 28.52
C21 A1IZA T . 24.93 -27.29 27.53
N7 A1IZA T . 25.10 -27.11 26.23
C22 A1IZA T . 26.40 -26.90 25.94
C23 A1IZA T . 26.12 -25.21 22.89
O13 A1IZA T . 25.23 -24.43 23.65
C24 A1IZA T . 25.68 -25.53 21.47
O14 A1IZA T . 24.32 -25.88 21.34
P3 A1IZA T . 23.30 -24.85 20.63
O15 A1IZA T . 22.42 -24.48 21.80
O16 A1IZA T . 22.69 -25.62 19.46
O17 A1IZA T . 23.92 -23.53 20.20
C25 A1IZA T . 38.62 -33.43 14.47
C26 A1IZA T . 39.65 -33.43 15.39
C27 A1IZA T . 39.62 -34.29 16.48
C28 A1IZA T . 38.58 -35.18 16.73
C29 A1IZA T . 38.65 -36.10 17.90
C30 A1IZA T . 38.12 -35.75 19.16
C31 A1IZA T . 38.26 -36.61 20.25
C32 A1IZA T . 38.95 -37.80 20.13
C33 A1IZA T . 39.49 -38.15 18.91
C34 A1IZA T . 39.35 -37.30 17.81
C35 A1IZA T . 37.56 -35.16 15.78
F1 A1IZA T . 36.48 -36.01 15.94
C36 A1IZA T . 37.56 -34.32 14.68
C4 A1IZA U . -14.41 18.70 -43.62
C14 A1IZA U . -12.98 20.69 -36.58
C5 A1IZA U . -13.63 18.72 -42.31
C6 A1IZA U . -14.69 16.94 -41.09
C11 A1IZA U . -12.98 19.48 -37.54
C7 A1IZA U . -14.56 15.56 -40.48
C8 A1IZA U . -15.11 15.44 -39.07
C9 A1IZA U . -13.81 17.03 -37.74
C10 A1IZA U . -13.86 18.33 -36.94
C12 A1IZA U . -11.55 18.97 -37.83
C13 A1IZA U . -13.60 19.91 -38.88
N1 A1IZA U . -13.59 17.40 -41.69
N2 A1IZA U . -14.97 16.66 -38.28
C3 A1IZA U . -13.25 20.14 -45.68
N3 A1IZA U . -20.36 22.58 -30.23
C1 A1IZA U . -12.37 21.29 -47.68
C2 A1IZA U . -12.76 21.48 -46.22
O1 A1IZA U . -12.60 19.14 -46.02
S1 A1IZA U . -14.63 20.26 -44.54
O2 A1IZA U . -15.75 17.62 -41.04
O3 A1IZA U . -12.74 16.39 -37.88
O4 A1IZA U . -15.20 18.81 -36.84
O5 A1IZA U . -12.66 20.29 -35.20
P1 A1IZA U . -13.07 21.15 -33.90
O6 A1IZA U . -13.41 22.55 -34.24
O7 A1IZA U . -12.06 20.60 -32.95
O8 A1IZA U . -14.54 20.55 -33.60
P2 A1IZA U . -15.01 19.14 -33.00
O9 A1IZA U . -15.85 18.42 -34.00
O10 A1IZA U . -13.90 18.31 -32.46
O11 A1IZA U . -15.94 19.71 -31.83
C15 A1IZA U . -16.85 20.84 -32.10
C16 A1IZA U . -17.00 21.65 -30.83
O12 A1IZA U . -18.14 22.53 -30.86
C17 A1IZA U . -19.02 22.27 -29.77
C18 A1IZA U . -20.96 22.21 -31.42
N4 A1IZA U . -22.15 22.71 -31.58
C19 A1IZA U . -22.36 23.47 -30.44
C20 A1IZA U . -23.44 24.26 -30.02
N5 A1IZA U . -24.55 24.45 -30.72
N6 A1IZA U . -23.31 24.90 -28.84
C21 A1IZA U . -22.18 24.74 -28.13
N7 A1IZA U . -21.11 24.01 -28.42
C22 A1IZA U . -21.26 23.41 -29.61
C23 A1IZA U . -18.72 20.83 -29.36
O13 A1IZA U . -19.02 20.53 -28.01
C24 A1IZA U . -17.20 20.83 -29.55
O14 A1IZA U . -16.54 21.57 -28.53
P3 A1IZA U . -15.71 20.78 -27.39
O15 A1IZA U . -14.93 19.61 -27.94
O16 A1IZA U . -16.80 20.19 -26.50
O17 A1IZA U . -14.89 22.00 -26.96
C25 A1IZA U . -13.57 22.72 -45.89
C26 A1IZA U . -14.89 22.96 -46.27
C27 A1IZA U . -15.53 24.16 -45.91
C28 A1IZA U . -14.90 25.15 -45.15
C29 A1IZA U . -15.55 26.45 -44.81
C30 A1IZA U . -16.68 26.90 -45.49
C31 A1IZA U . -17.25 28.13 -45.20
C32 A1IZA U . -16.70 28.96 -44.25
C33 A1IZA U . -15.56 28.56 -43.58
C34 A1IZA U . -14.98 27.33 -43.86
C35 A1IZA U . -13.59 24.86 -44.81
F1 A1IZA U . -12.87 25.76 -44.05
C36 A1IZA U . -12.94 23.69 -45.13
C4 A1IZA V . -20.02 7.83 -69.54
C14 A1IZA V . -22.11 5.61 -76.40
C5 A1IZA V . -20.32 8.02 -71.02
C6 A1IZA V . -22.70 8.56 -71.00
C11 A1IZA V . -22.24 6.85 -75.48
C7 A1IZA V . -23.79 9.53 -71.37
C8 A1IZA V . -25.00 8.83 -72.02
C9 A1IZA V . -24.09 8.23 -74.24
C10 A1IZA V . -23.76 7.08 -75.19
C12 A1IZA V . -21.55 8.06 -76.09
C13 A1IZA V . -21.46 6.54 -74.19
N1 A1IZA V . -21.44 8.91 -71.24
N2 A1IZA V . -24.62 7.88 -73.06
C3 A1IZA V . -17.33 7.85 -69.18
N3 A1IZA V . -28.76 -1.47 -77.37
C1 A1IZA V . -14.92 8.07 -68.64
C2 A1IZA V . -15.96 7.32 -69.46
O1 A1IZA V . -17.43 9.07 -69.04
S1 A1IZA V . -18.65 6.66 -69.23
O2 A1IZA V . -22.98 7.45 -70.55
O3 A1IZA V . -23.88 9.40 -74.58
O4 A1IZA V . -24.30 5.86 -74.64
O5 A1IZA V . -23.00 5.80 -77.56
P1 A1IZA V . -23.47 4.60 -78.51
O6 A1IZA V . -22.51 3.49 -78.41
O7 A1IZA V . -23.79 5.33 -79.76
O8 A1IZA V . -24.78 4.14 -77.76
P2 A1IZA V . -26.16 4.90 -77.58
O9 A1IZA V . -26.20 6.11 -78.45
O10 A1IZA V . -26.44 5.09 -76.14
O11 A1IZA V . -27.06 3.69 -78.16
C15 A1IZA V . -26.68 2.31 -77.81
C16 A1IZA V . -27.14 1.33 -78.87
O12 A1IZA V . -27.23 0.00 -78.31
C17 A1IZA V . -28.55 -0.51 -78.46
C18 A1IZA V . -28.51 -1.28 -76.03
N4 A1IZA V . -28.69 -2.35 -75.30
C19 A1IZA V . -29.06 -3.32 -76.21
C20 A1IZA V . -29.39 -4.68 -76.06
N5 A1IZA V . -29.35 -5.32 -74.90
N6 A1IZA V . -29.69 -5.38 -77.18
C21 A1IZA V . -29.69 -4.74 -78.36
N7 A1IZA V . -29.42 -3.47 -78.62
C22 A1IZA V . -29.10 -2.80 -77.49
C23 A1IZA V . -29.40 0.74 -78.52
O13 A1IZA V . -30.66 0.38 -79.04
C24 A1IZA V . -28.54 1.59 -79.45
O14 A1IZA V . -28.55 1.35 -80.89
P3 A1IZA V . -29.31 2.51 -81.74
O15 A1IZA V . -29.66 3.78 -80.96
O16 A1IZA V . -28.43 2.79 -82.93
O17 A1IZA V . -30.74 2.08 -82.05
C25 A1IZA V . -15.83 5.81 -69.39
C26 A1IZA V . -16.03 5.04 -68.25
C27 A1IZA V . -15.85 3.66 -68.28
C28 A1IZA V . -15.48 2.98 -69.46
C29 A1IZA V . -15.23 1.51 -69.47
C30 A1IZA V . -14.71 0.87 -70.60
C31 A1IZA V . -14.42 -0.48 -70.59
C32 A1IZA V . -14.60 -1.22 -69.45
C33 A1IZA V . -15.08 -0.62 -68.31
C34 A1IZA V . -15.37 0.74 -68.31
C35 A1IZA V . -15.28 3.81 -70.55
F1 A1IZA V . -14.93 3.26 -71.75
C36 A1IZA V . -15.44 5.17 -70.56
C4 A1IZA W . 13.26 28.05 5.84
C14 A1IZA W . 16.87 29.05 12.23
C5 A1IZA W . 13.42 28.01 7.38
C6 A1IZA W . 12.66 30.21 8.01
C11 A1IZA W . 15.43 29.24 11.65
C7 A1IZA W . 11.62 31.04 8.74
C8 A1IZA W . 12.21 32.13 9.66
C9 A1IZA W . 13.51 30.94 11.34
C10 A1IZA W . 14.91 30.69 11.89
C12 A1IZA W . 14.43 28.24 12.25
C13 A1IZA W . 15.53 29.02 10.14
N1 A1IZA W . 12.47 28.90 8.05
N2 A1IZA W . 13.46 31.72 10.26
C3 A1IZA W . 13.59 25.49 4.77
N3 A1IZA W . 23.11 36.73 13.24
C1 A1IZA W . 13.60 23.37 3.47
C2 A1IZA W . 14.40 24.20 4.46
O1 A1IZA W . 12.36 25.43 4.92
S1 A1IZA W . 14.47 27.01 4.93
O2 A1IZA W . 13.65 30.75 7.41
O3 A1IZA W . 12.49 30.51 11.90
O4 A1IZA W . 15.86 31.61 11.38
O5 A1IZA W . 16.87 29.55 13.59
P1 A1IZA W . 18.15 30.08 14.39
O6 A1IZA W . 17.63 29.98 15.78
O7 A1IZA W . 19.40 29.41 13.95
O8 A1IZA W . 18.20 31.64 13.97
P2 A1IZA W . 17.30 32.92 14.29
O9 A1IZA W . 16.41 32.64 15.45
O10 A1IZA W . 16.57 33.57 13.17
O11 A1IZA W . 18.46 33.94 14.74
C15 A1IZA W . 19.65 34.09 13.90
C16 A1IZA W . 20.81 34.50 14.79
O12 A1IZA W . 21.98 34.82 14.00
C17 A1IZA W . 22.45 36.11 14.39
C18 A1IZA W . 22.64 36.88 11.97
N4 A1IZA W . 23.49 37.44 11.14
C19 A1IZA W . 24.59 37.71 11.94
C20 A1IZA W . 25.83 38.32 11.66
N5 A1IZA W . 26.19 38.77 10.45
N6 A1IZA W . 26.71 38.45 12.67
C21 A1IZA W . 26.35 37.98 13.89
N7 A1IZA W . 25.22 37.38 14.27
C22 A1IZA W . 24.37 37.28 13.24
C23 A1IZA W . 21.21 36.85 14.85
O13 A1IZA W . 21.58 37.99 15.58
C24 A1IZA W . 20.56 35.74 15.66
O14 A1IZA W . 21.28 35.59 16.86
P3 A1IZA W . 20.63 35.38 18.33
O15 A1IZA W . 19.11 35.38 18.33
O16 A1IZA W . 21.50 34.16 18.56
O17 A1IZA W . 20.99 36.71 18.94
C25 A1IZA W . 15.88 24.44 4.14
C26 A1IZA W . 16.36 25.22 3.10
C27 A1IZA W . 17.74 25.39 2.90
C28 A1IZA W . 18.69 24.76 3.73
C29 A1IZA W . 20.17 24.91 3.53
C30 A1IZA W . 20.71 25.95 2.76
C31 A1IZA W . 22.08 26.08 2.60
C32 A1IZA W . 22.95 25.20 3.21
C33 A1IZA W . 22.45 24.17 3.98
C34 A1IZA W . 21.07 24.03 4.15
C35 A1IZA W . 18.16 24.01 4.74
F1 A1IZA W . 19.01 23.38 5.61
C36 A1IZA W . 16.81 23.83 4.97
C4 A1IZA X . -2.99 25.68 -17.59
C14 A1IZA X . -6.50 25.38 -24.23
C5 A1IZA X . -3.19 25.22 -19.05
C6 A1IZA X . -1.83 26.79 -20.35
C11 A1IZA X . -5.11 25.39 -23.60
C7 A1IZA X . -0.71 27.04 -21.34
C8 A1IZA X . -1.07 27.94 -22.55
C9 A1IZA X . -2.77 26.60 -23.73
C10 A1IZA X . -4.24 26.57 -24.16
C12 A1IZA X . -5.39 25.52 -22.10
C13 A1IZA X . -4.40 24.03 -23.81
N1 A1IZA X . -2.03 25.53 -19.91
N2 A1IZA X . -2.41 27.70 -23.07
C3 A1IZA X . -3.71 23.84 -15.64
N3 A1IZA X . -10.75 33.17 -27.98
C1 A1IZA X . -4.10 22.37 -13.72
C2 A1IZA X . -4.76 22.99 -14.93
O1 A1IZA X . -2.54 23.44 -15.70
S1 A1IZA X . -4.35 25.31 -16.41
O2 A1IZA X . -2.59 27.72 -20.00
O3 A1IZA X . -1.98 25.66 -23.98
O4 A1IZA X . -4.87 27.79 -23.77
O5 A1IZA X . -6.38 25.33 -25.68
P1 A1IZA X . -7.55 25.86 -26.64
O6 A1IZA X . -8.87 25.78 -25.96
O7 A1IZA X . -7.20 25.17 -27.92
O8 A1IZA X . -7.12 27.42 -26.77
P2 A1IZA X . -5.93 28.23 -27.54
O9 A1IZA X . -5.29 27.50 -28.67
O10 A1IZA X . -4.96 28.87 -26.61
O11 A1IZA X . -6.79 29.42 -28.16
C15 A1IZA X . -7.93 29.94 -27.40
C16 A1IZA X . -9.09 30.08 -28.37
O12 A1IZA X . -10.07 30.96 -27.80
C17 A1IZA X . -10.35 32.00 -28.74
C18 A1IZA X . -10.21 33.63 -26.81
N4 A1IZA X . -10.81 34.67 -26.32
C19 A1IZA X . -11.84 34.91 -27.21
C20 A1IZA X . -12.83 35.90 -27.25
N5 A1IZA X . -12.97 36.83 -26.31
N6 A1IZA X . -13.72 35.87 -28.27
C21 A1IZA X . -13.58 34.91 -29.21
N7 A1IZA X . -12.67 33.94 -29.29
C22 A1IZA X . -11.83 33.99 -28.24
C23 A1IZA X . -9.09 32.14 -29.57
O13 A1IZA X . -9.38 32.79 -30.80
C24 A1IZA X . -8.73 30.65 -29.75
O14 A1IZA X . -9.52 29.98 -30.75
P3 A1IZA X . -9.10 29.56 -32.27
O15 A1IZA X . -10.36 28.79 -32.69
O16 A1IZA X . -7.85 28.70 -32.29
O17 A1IZA X . -8.83 30.88 -33.02
C25 A1IZA X . -6.16 23.59 -14.79
C26 A1IZA X . -6.51 24.67 -14.00
C27 A1IZA X . -7.83 25.12 -13.94
C28 A1IZA X . -8.87 24.51 -14.66
C29 A1IZA X . -10.28 25.00 -14.62
C30 A1IZA X . -11.34 24.24 -15.13
C31 A1IZA X . -12.65 24.70 -15.10
C32 A1IZA X . -12.93 25.93 -14.56
C33 A1IZA X . -11.92 26.70 -14.05
C34 A1IZA X . -10.61 26.24 -14.07
C35 A1IZA X . -8.46 23.45 -15.43
F1 A1IZA X . -9.41 22.77 -16.18
C36 A1IZA X . -7.18 22.98 -15.53
#